data_9IXI
#
_entry.id   9IXI
#
_cell.length_a   1.00
_cell.length_b   1.00
_cell.length_c   1.00
_cell.angle_alpha   90.00
_cell.angle_beta   90.00
_cell.angle_gamma   90.00
#
_symmetry.space_group_name_H-M   'P 1'
#
loop_
_entity.id
_entity.type
_entity.pdbx_description
1 polymer 'CHIKV E1'
2 polymer 'CHIKV E2'
3 polymer 'CHIKV capsid protein'
#
loop_
_entity_poly.entity_id
_entity_poly.type
_entity_poly.pdbx_seq_one_letter_code
_entity_poly.pdbx_strand_id
1 'polypeptide(L)'
;YEHVTVIPNTVGVPYKTLVNRPGYSPMVLEMELLSVTLEPTLSLDYITCEYKTVIPSPYVKCCGTAECKDKNLPDYSCKV
FTGVYPFMWGGAYCFCDAENTQLSEAHVEKSESCKTEFASAYRAHTASASAKLRVLYQGNNITVTAYANGDHAVTVKDAK
FIVGPMSSAWTPFDNKIVVYKGDVYNMDYPPFGAGRPGQFGDIQSRTPESKDVYANTQLVLQRPAAGTVHVPYSQAPSGF
KYWLKERGASLQHTAPFGCQIATNPVRAVNCAVGNMPISIDIPEAAFTRVVDAPSLTDMSCEVPACTHSSDFGGVAVIKY
AASKKGKCAVHSMTNAVTIREAEIEVEGNSQLQISFSTALASAEFRVQVCSTQVHCAAECHPPKDHIVNYPASHTTLGVQ
DISATAMSWVQKITGGVGLVVAVAALILIVVLCVSFSRH
;
A,B,C,D
2 'polypeptide(L)'
;STKDNFNVYKATRPYLAHCPDCGEGHSCHSPVALERIRNEATDGTLKIQVSLQIGIKTDDSHDWTKLRYMDNHMPADAER
AGLFVRTSAPCTITGTMGHFILARCPKGETLTVGFTDSRKISHSCTHPFHHDPPVIGREKFHSRPQHGKELPCSTYVQST
AATTEEIEVHMPPDTPDRTLMSQQSGNVKITVNGQTVRYKCNCGGSNEGLTTTDKVINNCKVDQCHAAVTNHKKWQYNSP
LVPRNAELGDRKGKIHIPFPLANVTCRVPKARNPTVTYGKNQVIMLLYPDHPTLLSYRNMGEEPNYQEEWVMHKKEVVLT
VPTEGLEVTWGNNEPYKYWPQLSTNGTAHGHPHEIILYYYELYPTMTVVVVSVASFVLLSMVGVAVGMCMCARRRCITPY
ELTPGATVPFLLSLICCIRTAKA
;
E,F,G,H
3 'polypeptide(L)'
;NDCIFEVKHEGKVTGYACLVGDKVMKPAHVKGTIDNADLAKLAFKRSSKYDLECAQIPVHMKSDASKFTHEKPEGYYNWH
HGAVQYSGGRFTIPTGAGKPGDSGRPIFDNKGRVVAIVLGGANEGARTALSVVTWNKDIVTKITPEGAEEW
;
I,J,K,L
#
# COMPACT_ATOMS: atom_id res chain seq x y z
N TYR A 1 40.97 71.96 -22.65
CA TYR A 1 40.38 71.73 -21.34
C TYR A 1 40.04 70.25 -21.17
N GLU A 2 40.59 69.63 -20.11
CA GLU A 2 40.33 68.23 -19.80
C GLU A 2 39.18 68.08 -18.82
N HIS A 3 38.16 67.34 -19.22
CA HIS A 3 37.00 67.10 -18.37
C HIS A 3 36.76 65.61 -18.17
N VAL A 4 36.60 65.20 -16.92
CA VAL A 4 36.40 63.79 -16.62
C VAL A 4 35.09 63.55 -15.88
N THR A 5 34.27 62.66 -16.43
CA THR A 5 33.01 62.29 -15.81
C THR A 5 32.78 60.79 -15.87
N VAL A 6 31.82 60.30 -15.11
CA VAL A 6 31.47 58.89 -15.13
C VAL A 6 29.96 58.70 -15.30
N ILE A 7 29.57 57.81 -16.21
CA ILE A 7 28.15 57.53 -16.38
C ILE A 7 27.90 56.03 -16.14
N PRO A 8 26.71 55.66 -15.66
CA PRO A 8 26.20 54.31 -15.52
C PRO A 8 26.14 53.59 -16.85
N ASN A 9 26.25 52.27 -16.82
CA ASN A 9 26.25 51.47 -18.05
C ASN A 9 24.84 51.13 -18.55
N THR A 10 23.82 51.66 -17.88
CA THR A 10 22.46 51.41 -18.34
C THR A 10 22.26 52.04 -19.71
N VAL A 11 21.76 51.24 -20.64
CA VAL A 11 21.59 51.66 -22.03
C VAL A 11 20.21 52.27 -22.26
N GLY A 12 20.18 53.36 -23.02
CA GLY A 12 18.92 54.03 -23.36
C GLY A 12 18.58 55.14 -22.37
N VAL A 13 19.48 55.42 -21.45
CA VAL A 13 19.28 56.47 -20.48
C VAL A 13 20.37 57.54 -20.61
N PRO A 14 20.00 58.79 -20.89
CA PRO A 14 20.88 59.94 -21.03
C PRO A 14 21.40 60.41 -19.68
N TYR A 15 22.62 60.94 -19.68
CA TYR A 15 23.20 61.54 -18.48
C TYR A 15 23.82 62.88 -18.85
N LYS A 16 23.80 63.83 -17.91
CA LYS A 16 24.36 65.13 -18.19
C LYS A 16 25.58 65.41 -17.35
N THR A 17 26.57 66.05 -17.97
CA THR A 17 27.76 66.49 -17.25
C THR A 17 28.04 67.96 -17.52
N LEU A 18 28.50 68.67 -16.49
CA LEU A 18 28.78 70.09 -16.60
C LEU A 18 30.25 70.36 -16.79
N VAL A 19 30.57 71.15 -17.82
CA VAL A 19 31.94 71.55 -18.09
C VAL A 19 32.19 72.92 -17.47
N ASN A 20 32.99 72.95 -16.42
CA ASN A 20 33.21 74.18 -15.66
C ASN A 20 34.61 74.74 -15.87
N ARG A 21 34.70 75.78 -16.69
CA ARG A 21 35.96 76.45 -16.96
C ARG A 21 35.83 77.94 -16.64
N PRO A 22 36.21 78.37 -15.44
CA PRO A 22 36.01 79.69 -14.90
C PRO A 22 36.52 80.75 -15.86
N GLY A 23 35.73 81.80 -16.05
CA GLY A 23 36.03 82.86 -16.99
C GLY A 23 35.29 82.65 -18.30
N TYR A 24 34.77 81.45 -18.49
CA TYR A 24 34.01 81.10 -19.68
C TYR A 24 32.62 80.60 -19.34
N SER A 25 31.68 80.81 -20.25
CA SER A 25 30.32 80.32 -20.08
C SER A 25 30.34 78.80 -20.00
N PRO A 26 29.57 78.22 -19.08
CA PRO A 26 29.47 76.80 -18.80
C PRO A 26 28.84 76.05 -19.96
N MET A 27 29.24 74.81 -20.14
CA MET A 27 28.61 73.96 -21.15
C MET A 27 28.08 72.69 -20.53
N VAL A 28 26.95 72.21 -21.03
CA VAL A 28 26.39 70.96 -20.58
C VAL A 28 26.34 69.96 -21.70
N LEU A 29 26.95 68.80 -21.48
CA LEU A 29 26.98 67.76 -22.48
C LEU A 29 26.06 66.63 -22.08
N GLU A 30 25.16 66.26 -22.98
CA GLU A 30 24.25 65.15 -22.71
C GLU A 30 24.73 63.90 -23.43
N MET A 31 25.03 62.86 -22.67
CA MET A 31 25.55 61.63 -23.25
C MET A 31 24.63 60.46 -22.98
N GLU A 32 24.41 59.64 -24.01
CA GLU A 32 23.59 58.45 -23.87
C GLU A 32 24.25 57.25 -24.52
N LEU A 33 24.26 56.13 -23.81
CA LEU A 33 24.74 54.90 -24.42
C LEU A 33 23.64 54.28 -25.25
N LEU A 34 23.94 54.03 -26.52
CA LEU A 34 22.95 53.42 -27.40
C LEU A 34 23.15 51.93 -27.42
N SER A 35 24.40 51.50 -27.25
CA SER A 35 24.71 50.09 -27.12
C SER A 35 26.05 49.89 -26.44
N VAL A 36 26.17 48.79 -25.70
CA VAL A 36 27.44 48.37 -25.14
C VAL A 36 27.69 46.91 -25.49
N THR A 37 28.87 46.61 -26.02
CA THR A 37 29.17 45.25 -26.43
C THR A 37 30.40 44.69 -25.73
N LEU A 38 30.27 43.48 -25.20
CA LEU A 38 31.40 42.77 -24.61
C LEU A 38 31.72 41.53 -25.44
N GLU A 39 32.83 41.57 -26.16
CA GLU A 39 33.16 40.49 -27.08
C GLU A 39 34.35 39.66 -26.58
N PRO A 40 34.11 38.42 -26.10
CA PRO A 40 35.07 37.52 -25.52
C PRO A 40 35.99 36.95 -26.58
N THR A 41 37.21 36.63 -26.17
CA THR A 41 38.12 35.89 -27.04
C THR A 41 37.89 34.41 -26.83
N LEU A 42 37.59 33.70 -27.91
CA LEU A 42 37.26 32.29 -27.81
C LEU A 42 38.27 31.41 -28.49
N SER A 43 38.66 30.34 -27.82
CA SER A 43 39.57 29.34 -28.38
C SER A 43 38.88 27.99 -28.50
N LEU A 44 38.71 27.50 -29.72
CA LEU A 44 37.99 26.26 -29.95
C LEU A 44 38.74 25.07 -29.40
N ASP A 45 38.07 24.23 -28.62
CA ASP A 45 38.67 23.00 -28.14
C ASP A 45 38.30 21.84 -29.06
N TYR A 46 37.00 21.73 -29.33
CA TYR A 46 36.52 20.70 -30.24
C TYR A 46 35.10 20.96 -30.69
N ILE A 47 34.67 20.22 -31.71
CA ILE A 47 33.32 20.29 -32.23
C ILE A 47 32.56 19.00 -32.00
N THR A 48 31.35 19.12 -31.47
CA THR A 48 30.45 18.00 -31.26
C THR A 48 29.47 17.94 -32.41
N CYS A 49 29.22 16.73 -32.92
CA CYS A 49 28.34 16.54 -34.07
C CYS A 49 27.67 15.18 -34.03
N GLU A 50 26.74 14.96 -34.96
CA GLU A 50 26.10 13.66 -35.09
C GLU A 50 27.03 12.68 -35.83
N TYR A 51 27.04 11.45 -35.37
CA TYR A 51 27.88 10.43 -36.00
C TYR A 51 27.03 9.52 -36.88
N LYS A 52 27.68 8.88 -37.84
CA LYS A 52 27.02 7.83 -38.60
C LYS A 52 27.75 6.52 -38.39
N THR A 53 27.00 5.43 -38.34
CA THR A 53 27.63 4.12 -38.20
C THR A 53 27.71 3.45 -39.55
N VAL A 54 28.92 3.08 -39.93
CA VAL A 54 29.16 2.45 -41.22
C VAL A 54 29.20 0.95 -41.07
N ILE A 55 28.35 0.27 -41.82
CA ILE A 55 28.25 -1.17 -41.75
C ILE A 55 28.37 -1.78 -43.14
N PRO A 56 29.57 -2.18 -43.54
CA PRO A 56 29.89 -2.82 -44.79
C PRO A 56 29.15 -4.14 -44.87
N SER A 57 28.86 -4.58 -46.09
CA SER A 57 28.18 -5.85 -46.27
C SER A 57 28.84 -6.93 -45.42
N PRO A 58 28.06 -7.86 -44.89
CA PRO A 58 28.49 -9.00 -44.12
C PRO A 58 29.24 -9.98 -44.99
N TYR A 59 30.19 -10.69 -44.41
CA TYR A 59 30.86 -11.75 -45.13
C TYR A 59 30.40 -13.11 -44.63
N VAL A 60 29.79 -13.87 -45.51
CA VAL A 60 29.27 -15.18 -45.12
C VAL A 60 30.15 -16.27 -45.67
N LYS A 61 30.75 -17.04 -44.77
CA LYS A 61 31.65 -18.11 -45.14
C LYS A 61 31.12 -19.42 -44.59
N CYS A 62 30.58 -20.27 -45.47
CA CYS A 62 29.99 -21.54 -45.05
C CYS A 62 30.97 -22.68 -45.28
N CYS A 63 30.86 -23.71 -44.42
CA CYS A 63 31.88 -24.76 -44.38
C CYS A 63 33.25 -24.16 -44.11
N GLY A 64 33.33 -23.26 -43.13
CA GLY A 64 34.61 -22.66 -42.76
C GLY A 64 34.43 -21.51 -41.78
N THR A 65 35.54 -21.07 -41.20
CA THR A 65 35.51 -19.99 -40.21
C THR A 65 36.08 -18.69 -40.74
N ALA A 66 35.27 -17.64 -40.65
CA ALA A 66 35.70 -16.29 -41.04
C ALA A 66 36.61 -15.70 -39.98
N GLU A 67 37.50 -14.81 -40.39
CA GLU A 67 38.41 -14.12 -39.48
C GLU A 67 38.51 -12.64 -39.82
N CYS A 68 38.90 -11.82 -38.82
CA CYS A 68 39.06 -10.40 -39.01
C CYS A 68 40.21 -9.85 -38.17
N LYS A 69 40.67 -8.66 -38.51
CA LYS A 69 41.78 -8.02 -37.82
C LYS A 69 41.38 -6.66 -37.27
N ASP A 70 42.06 -6.24 -36.21
CA ASP A 70 41.80 -4.94 -35.60
C ASP A 70 42.15 -3.79 -36.53
N LYS A 71 41.35 -2.74 -36.48
CA LYS A 71 41.59 -1.54 -37.26
C LYS A 71 41.78 -0.33 -36.35
N ASN A 72 42.31 0.75 -36.90
CA ASN A 72 42.60 1.96 -36.12
C ASN A 72 41.52 3.02 -36.29
N LEU A 73 40.34 2.58 -36.70
CA LEU A 73 39.21 3.47 -36.90
C LEU A 73 38.68 3.96 -35.55
N PRO A 74 38.05 5.15 -35.49
CA PRO A 74 37.66 5.87 -34.29
C PRO A 74 36.92 5.01 -33.26
N ASP A 75 36.04 4.15 -33.76
CA ASP A 75 35.30 3.22 -32.91
C ASP A 75 34.91 2.03 -33.77
N TYR A 76 35.69 0.96 -33.69
CA TYR A 76 35.51 -0.17 -34.59
C TYR A 76 35.54 -1.51 -33.87
N SER A 77 34.67 -2.41 -34.31
CA SER A 77 34.69 -3.78 -33.82
C SER A 77 34.24 -4.75 -34.90
N CYS A 78 34.66 -6.01 -34.76
CA CYS A 78 34.25 -7.09 -35.65
C CYS A 78 34.02 -8.36 -34.83
N LYS A 79 33.04 -9.15 -35.25
CA LYS A 79 32.74 -10.39 -34.57
C LYS A 79 32.36 -11.49 -35.54
N VAL A 80 32.75 -12.71 -35.21
CA VAL A 80 32.41 -13.86 -36.04
C VAL A 80 31.38 -14.73 -35.34
N PHE A 81 30.23 -14.91 -35.99
CA PHE A 81 29.16 -15.70 -35.42
C PHE A 81 29.12 -17.07 -36.07
N THR A 82 28.85 -18.11 -35.27
CA THR A 82 28.85 -19.47 -35.78
C THR A 82 27.44 -20.04 -35.82
N GLY A 83 27.26 -21.09 -36.63
CA GLY A 83 25.97 -21.78 -36.69
C GLY A 83 24.96 -20.98 -37.51
N VAL A 84 25.46 -20.21 -38.46
CA VAL A 84 24.59 -19.36 -39.27
C VAL A 84 24.11 -20.08 -40.53
N TYR A 85 22.82 -19.97 -40.82
CA TYR A 85 22.27 -20.55 -42.04
C TYR A 85 21.33 -19.56 -42.74
N PRO A 86 21.89 -18.52 -43.34
CA PRO A 86 21.20 -17.39 -43.96
C PRO A 86 20.50 -17.79 -45.24
N PHE A 87 19.43 -17.08 -45.57
CA PHE A 87 18.70 -17.29 -46.81
C PHE A 87 18.65 -16.06 -47.68
N MET A 88 18.58 -16.30 -48.98
CA MET A 88 18.35 -15.28 -49.99
C MET A 88 16.97 -15.47 -50.58
N TRP A 89 16.51 -14.51 -51.36
CA TRP A 89 15.16 -14.57 -51.92
C TRP A 89 14.90 -15.85 -52.70
N GLY A 90 15.94 -16.42 -53.31
CA GLY A 90 15.78 -17.60 -54.15
C GLY A 90 16.09 -18.91 -53.43
N GLY A 91 16.39 -18.86 -52.14
CA GLY A 91 16.75 -20.07 -51.41
C GLY A 91 17.92 -19.85 -50.45
N ALA A 92 18.44 -20.95 -49.89
CA ALA A 92 19.52 -20.86 -48.92
C ALA A 92 20.75 -20.23 -49.55
N TYR A 93 21.49 -19.47 -48.77
CA TYR A 93 22.65 -18.74 -49.27
C TYR A 93 23.67 -19.61 -49.99
N CYS A 94 23.99 -20.77 -49.41
CA CYS A 94 25.00 -21.67 -50.01
C CYS A 94 24.71 -23.13 -49.72
N PHE A 95 25.48 -23.99 -50.35
CA PHE A 95 25.35 -25.44 -50.27
C PHE A 95 25.41 -25.98 -48.84
N CYS A 96 26.38 -25.51 -48.06
CA CYS A 96 26.65 -26.03 -46.72
C CYS A 96 25.63 -25.56 -45.69
N ASP A 97 25.13 -26.50 -44.89
CA ASP A 97 24.18 -26.20 -43.83
C ASP A 97 24.78 -26.44 -42.45
N ALA A 98 26.10 -26.54 -42.39
CA ALA A 98 26.78 -26.81 -41.13
C ALA A 98 28.17 -26.21 -41.11
N GLU A 99 28.68 -25.95 -39.91
CA GLU A 99 30.01 -25.37 -39.74
C GLU A 99 30.12 -24.05 -40.49
N ASN A 100 29.06 -23.27 -40.47
CA ASN A 100 29.01 -21.99 -41.15
C ASN A 100 29.29 -20.85 -40.20
N THR A 101 29.99 -19.84 -40.69
CA THR A 101 30.24 -18.65 -39.90
C THR A 101 29.95 -17.37 -40.68
N GLN A 102 29.67 -16.29 -39.95
CA GLN A 102 29.47 -14.99 -40.56
C GLN A 102 30.31 -13.93 -39.87
N LEU A 103 30.98 -13.10 -40.66
CA LEU A 103 31.75 -12.00 -40.13
C LEU A 103 31.01 -10.68 -40.28
N SER A 104 30.77 -10.03 -39.15
CA SER A 104 30.14 -8.72 -39.14
C SER A 104 31.12 -7.69 -38.61
N GLU A 105 31.14 -6.51 -39.22
CA GLU A 105 32.02 -5.44 -38.76
C GLU A 105 31.38 -4.08 -38.98
N ALA A 106 31.76 -3.12 -38.15
CA ALA A 106 31.23 -1.76 -38.28
C ALA A 106 32.15 -0.75 -37.61
N HIS A 107 32.07 0.51 -38.06
CA HIS A 107 32.81 1.58 -37.42
C HIS A 107 32.04 2.89 -37.39
N VAL A 108 32.43 3.78 -36.48
CA VAL A 108 31.80 5.10 -36.36
C VAL A 108 32.66 6.20 -36.96
N GLU A 109 32.02 7.05 -37.76
CA GLU A 109 32.70 8.22 -38.33
C GLU A 109 31.74 9.41 -38.39
N LYS A 110 32.30 10.61 -38.53
CA LYS A 110 31.48 11.81 -38.61
C LYS A 110 30.61 11.80 -39.85
N SER A 111 29.36 12.21 -39.69
CA SER A 111 28.45 12.30 -40.82
C SER A 111 28.78 13.52 -41.69
N GLU A 112 28.28 13.52 -42.92
CA GLU A 112 28.50 14.62 -43.85
C GLU A 112 27.79 15.89 -43.40
N SER A 113 26.78 15.70 -42.55
CA SER A 113 25.97 16.81 -42.05
C SER A 113 26.73 17.73 -41.10
N CYS A 114 27.91 17.31 -40.62
CA CYS A 114 28.71 18.06 -39.67
C CYS A 114 29.23 19.37 -40.25
N LYS A 115 29.09 19.54 -41.55
CA LYS A 115 29.49 20.78 -42.19
C LYS A 115 28.44 21.86 -41.93
N THR A 116 27.23 21.44 -41.57
CA THR A 116 26.13 22.37 -41.35
C THR A 116 25.60 22.33 -39.92
N GLU A 117 25.40 21.12 -39.39
CA GLU A 117 24.80 20.96 -38.07
C GLU A 117 25.82 20.47 -37.04
N PHE A 118 26.27 21.39 -36.19
CA PHE A 118 27.27 21.05 -35.18
C PHE A 118 27.26 22.05 -34.04
N ALA A 119 27.89 21.69 -32.92
CA ALA A 119 28.06 22.61 -31.82
C ALA A 119 29.54 22.75 -31.47
N SER A 120 29.99 23.99 -31.31
CA SER A 120 31.40 24.26 -31.05
C SER A 120 31.66 24.54 -29.58
N ALA A 121 32.65 23.83 -29.02
CA ALA A 121 33.03 24.01 -27.63
C ALA A 121 34.26 24.91 -27.52
N TYR A 122 34.08 26.09 -26.91
CA TYR A 122 35.13 27.09 -26.82
C TYR A 122 35.57 27.36 -25.37
N ARG A 123 36.82 27.75 -25.21
CA ARG A 123 37.27 28.31 -23.95
C ARG A 123 37.21 29.83 -24.02
N ALA A 124 36.67 30.44 -22.97
CA ALA A 124 36.60 31.90 -22.87
C ALA A 124 37.65 32.40 -21.89
N HIS A 125 38.17 33.60 -22.13
CA HIS A 125 39.19 34.15 -21.27
C HIS A 125 38.90 35.59 -20.87
N THR A 126 39.08 36.50 -21.81
CA THR A 126 38.85 37.92 -21.60
C THR A 126 37.97 38.47 -22.70
N ALA A 127 37.50 39.71 -22.55
CA ALA A 127 36.64 40.32 -23.55
C ALA A 127 37.03 41.76 -23.81
N SER A 128 36.88 42.18 -25.06
CA SER A 128 37.12 43.56 -25.44
C SER A 128 35.81 44.33 -25.41
N ALA A 129 35.80 45.47 -24.73
CA ALA A 129 34.58 46.25 -24.62
C ALA A 129 34.52 47.33 -25.69
N SER A 130 33.31 47.63 -26.15
CA SER A 130 33.08 48.72 -27.08
C SER A 130 31.69 49.31 -26.84
N ALA A 131 31.48 50.53 -27.29
CA ALA A 131 30.17 51.16 -27.08
C ALA A 131 29.84 52.16 -28.17
N LYS A 132 28.55 52.32 -28.40
CA LYS A 132 28.02 53.32 -29.32
C LYS A 132 27.42 54.46 -28.51
N LEU A 133 28.04 55.64 -28.59
CA LEU A 133 27.68 56.73 -27.71
C LEU A 133 27.05 57.91 -28.45
N ARG A 134 25.92 58.39 -27.96
CA ARG A 134 25.27 59.57 -28.49
C ARG A 134 25.65 60.79 -27.66
N VAL A 135 26.25 61.79 -28.29
CA VAL A 135 26.67 62.97 -27.56
C VAL A 135 26.01 64.24 -28.10
N LEU A 136 25.40 65.01 -27.21
CA LEU A 136 24.86 66.30 -27.57
C LEU A 136 25.90 67.38 -27.29
N TYR A 137 26.54 67.85 -28.35
CA TYR A 137 27.64 68.79 -28.23
C TYR A 137 27.26 70.13 -28.86
N GLN A 138 27.10 71.15 -28.03
CA GLN A 138 26.74 72.47 -28.52
C GLN A 138 25.49 72.45 -29.40
N GLY A 139 24.51 71.65 -29.01
CA GLY A 139 23.24 71.59 -29.72
C GLY A 139 23.20 70.53 -30.82
N ASN A 140 24.34 69.92 -31.11
CA ASN A 140 24.42 68.92 -32.17
C ASN A 140 24.43 67.50 -31.61
N ASN A 141 23.51 66.66 -32.09
CA ASN A 141 23.47 65.26 -31.69
C ASN A 141 24.33 64.40 -32.61
N ILE A 142 25.51 64.05 -32.12
CA ILE A 142 26.45 63.27 -32.91
C ILE A 142 26.66 61.90 -32.31
N THR A 143 26.51 60.86 -33.13
CA THR A 143 26.71 59.51 -32.66
C THR A 143 28.08 59.00 -33.07
N VAL A 144 28.86 58.54 -32.11
CA VAL A 144 30.21 58.07 -32.38
C VAL A 144 30.44 56.67 -31.79
N THR A 145 31.10 55.81 -32.56
CA THR A 145 31.40 54.46 -32.10
C THR A 145 32.87 54.37 -31.70
N ALA A 146 33.12 53.80 -30.53
CA ALA A 146 34.49 53.70 -30.02
C ALA A 146 34.66 52.47 -29.15
N TYR A 147 35.90 52.03 -29.00
CA TYR A 147 36.20 50.96 -28.04
C TYR A 147 36.11 51.53 -26.64
N ALA A 148 35.77 50.68 -25.68
CA ALA A 148 35.52 51.13 -24.32
C ALA A 148 36.56 50.58 -23.36
N ASN A 149 37.78 50.37 -23.86
CA ASN A 149 38.84 49.85 -23.02
C ASN A 149 39.74 50.97 -22.50
N GLY A 150 39.38 52.21 -22.82
CA GLY A 150 40.16 53.37 -22.41
C GLY A 150 41.34 53.62 -23.35
N ASP A 151 41.45 52.81 -24.38
CA ASP A 151 42.56 52.87 -25.33
C ASP A 151 42.25 53.69 -26.57
N HIS A 152 40.98 53.71 -26.95
CA HIS A 152 40.56 54.32 -28.21
C HIS A 152 39.94 55.69 -28.02
N ALA A 153 40.51 56.68 -28.69
CA ALA A 153 39.96 58.03 -28.67
C ALA A 153 39.31 58.34 -30.01
N VAL A 154 38.16 59.00 -29.96
CA VAL A 154 37.46 59.41 -31.18
C VAL A 154 37.18 60.90 -31.16
N THR A 155 37.00 61.48 -32.34
CA THR A 155 36.80 62.93 -32.44
C THR A 155 35.38 63.31 -32.81
N VAL A 156 34.78 64.16 -31.98
CA VAL A 156 33.46 64.71 -32.22
C VAL A 156 33.52 66.24 -32.21
N LYS A 157 33.30 66.86 -33.35
CA LYS A 157 33.37 68.32 -33.45
C LYS A 157 34.70 68.83 -32.89
N ASP A 158 35.77 68.14 -33.25
CA ASP A 158 37.14 68.48 -32.87
C ASP A 158 37.44 68.24 -31.39
N ALA A 159 36.49 67.67 -30.65
CA ALA A 159 36.73 67.28 -29.27
C ALA A 159 37.05 65.80 -29.21
N LYS A 160 37.97 65.41 -28.34
CA LYS A 160 38.35 64.00 -28.26
C LYS A 160 37.67 63.30 -27.09
N PHE A 161 37.05 62.16 -27.38
CA PHE A 161 36.36 61.37 -26.38
C PHE A 161 37.05 60.04 -26.13
N ILE A 162 37.46 59.81 -24.89
CA ILE A 162 38.03 58.53 -24.49
C ILE A 162 37.05 57.79 -23.60
N VAL A 163 36.70 56.57 -23.99
CA VAL A 163 35.70 55.80 -23.28
C VAL A 163 36.30 54.59 -22.59
N GLY A 164 36.02 54.45 -21.30
CA GLY A 164 36.49 53.31 -20.53
C GLY A 164 37.84 53.60 -19.87
N PRO A 165 38.42 52.58 -19.24
CA PRO A 165 37.99 51.20 -19.17
C PRO A 165 36.74 51.07 -18.30
N MET A 166 35.96 50.03 -18.55
CA MET A 166 34.76 49.79 -17.76
C MET A 166 35.14 49.32 -16.36
N SER A 167 34.37 49.76 -15.37
CA SER A 167 34.66 49.41 -13.98
C SER A 167 34.32 47.97 -13.66
N SER A 168 33.48 47.35 -14.49
CA SER A 168 33.06 45.98 -14.26
C SER A 168 33.81 44.99 -15.12
N ALA A 169 34.29 43.92 -14.49
CA ALA A 169 34.95 42.84 -15.20
C ALA A 169 33.99 41.67 -15.39
N TRP A 170 32.73 41.89 -15.04
CA TRP A 170 31.72 40.84 -15.11
C TRP A 170 31.31 40.52 -16.54
N THR A 171 31.13 39.22 -16.80
CA THR A 171 30.65 38.76 -18.09
C THR A 171 29.63 37.64 -17.87
N PRO A 172 28.60 37.55 -18.72
CA PRO A 172 27.58 36.50 -18.72
C PRO A 172 28.15 35.16 -19.18
N PHE A 173 29.32 35.20 -19.80
CA PHE A 173 29.94 34.01 -20.35
C PHE A 173 30.85 33.33 -19.34
N ASP A 174 30.68 32.03 -19.18
CA ASP A 174 31.56 31.26 -18.30
C ASP A 174 32.81 30.83 -19.05
N ASN A 175 33.70 30.12 -18.38
CA ASN A 175 34.95 29.70 -19.01
C ASN A 175 34.71 28.71 -20.13
N LYS A 176 33.66 27.89 -20.00
CA LYS A 176 33.33 26.92 -21.03
C LYS A 176 32.06 27.30 -21.78
N ILE A 177 32.21 27.59 -23.06
CA ILE A 177 31.11 28.05 -23.89
C ILE A 177 30.78 27.08 -25.02
N VAL A 178 29.50 26.75 -25.15
CA VAL A 178 29.07 25.92 -26.27
C VAL A 178 28.10 26.69 -27.17
N VAL A 179 28.43 26.76 -28.46
CA VAL A 179 27.64 27.53 -29.40
C VAL A 179 27.06 26.63 -30.49
N TYR A 180 25.73 26.64 -30.59
CA TYR A 180 25.04 25.92 -31.63
C TYR A 180 24.66 27.14 -32.36
N LYS A 181 24.01 27.02 -33.50
CA LYS A 181 23.79 28.21 -34.27
C LYS A 181 22.95 29.18 -33.55
N GLY A 182 23.44 30.39 -33.36
CA GLY A 182 22.63 31.42 -32.77
C GLY A 182 22.25 31.33 -31.30
N ASP A 183 22.84 30.42 -30.55
CA ASP A 183 22.44 30.21 -29.19
C ASP A 183 23.63 29.83 -28.43
N VAL A 184 23.88 30.52 -27.33
CA VAL A 184 25.09 30.25 -26.58
C VAL A 184 24.74 29.68 -25.21
N TYR A 185 25.40 28.59 -24.83
CA TYR A 185 25.13 27.95 -23.55
C TYR A 185 26.36 27.90 -22.65
N ASN A 186 26.13 28.04 -21.35
CA ASN A 186 27.18 27.83 -20.36
C ASN A 186 27.11 26.42 -19.80
N MET A 187 27.98 25.54 -20.29
CA MET A 187 27.96 24.15 -19.84
C MET A 187 29.36 23.59 -19.70
N ASP A 188 29.54 22.67 -18.77
CA ASP A 188 30.84 22.08 -18.54
C ASP A 188 31.07 20.91 -19.47
N TYR A 189 31.39 21.22 -20.73
CA TYR A 189 31.64 20.17 -21.71
C TYR A 189 32.89 19.39 -21.30
N PRO A 190 32.94 18.08 -21.58
CA PRO A 190 34.02 17.18 -21.25
C PRO A 190 35.28 17.54 -22.03
N PRO A 191 36.46 17.24 -21.49
CA PRO A 191 37.76 17.36 -22.12
C PRO A 191 37.82 16.55 -23.40
N PHE A 192 38.60 17.01 -24.36
CA PHE A 192 38.69 16.29 -25.61
C PHE A 192 39.24 14.90 -25.37
N GLY A 193 38.59 13.90 -25.95
CA GLY A 193 39.01 12.52 -25.81
C GLY A 193 38.40 11.85 -24.58
N ALA A 194 37.58 12.59 -23.84
CA ALA A 194 36.97 12.07 -22.62
C ALA A 194 35.44 12.06 -22.73
N GLY A 195 34.92 11.93 -23.94
CA GLY A 195 33.48 11.92 -24.16
C GLY A 195 32.85 10.60 -23.74
N ARG A 196 31.56 10.65 -23.45
CA ARG A 196 30.79 9.48 -23.01
C ARG A 196 29.56 9.28 -23.89
N PRO A 197 29.15 8.04 -24.10
CA PRO A 197 28.05 7.62 -24.95
C PRO A 197 26.73 8.16 -24.46
N GLY A 198 25.89 8.61 -25.40
CA GLY A 198 24.56 9.09 -25.06
C GLY A 198 24.58 10.51 -24.50
N GLN A 199 25.77 11.10 -24.44
CA GLN A 199 25.92 12.43 -23.87
C GLN A 199 26.61 13.37 -24.84
N PHE A 200 26.42 14.67 -24.64
CA PHE A 200 27.05 15.65 -25.49
C PHE A 200 28.56 15.44 -25.49
N GLY A 201 29.15 15.43 -26.68
CA GLY A 201 30.59 15.25 -26.80
C GLY A 201 30.99 13.79 -26.96
N ASP A 202 30.03 12.92 -27.25
CA ASP A 202 30.31 11.50 -27.45
C ASP A 202 31.20 11.28 -28.66
N ILE A 203 31.02 12.10 -29.68
CA ILE A 203 31.92 12.12 -30.84
C ILE A 203 32.54 13.50 -30.96
N GLN A 204 33.86 13.56 -31.12
CA GLN A 204 34.56 14.83 -31.11
C GLN A 204 35.59 14.96 -32.22
N SER A 205 35.79 16.18 -32.70
CA SER A 205 36.91 16.50 -33.58
C SER A 205 37.43 17.89 -33.28
N ARG A 206 38.73 18.11 -33.51
CA ARG A 206 39.32 19.41 -33.21
C ARG A 206 38.87 20.51 -34.15
N THR A 207 38.74 20.18 -35.44
CA THR A 207 38.33 21.15 -36.43
C THR A 207 37.31 20.52 -37.38
N PRO A 208 36.51 21.32 -38.10
CA PRO A 208 35.52 20.90 -39.08
C PRO A 208 36.14 20.08 -40.21
N GLU A 209 37.43 20.29 -40.45
CA GLU A 209 38.12 19.61 -41.54
C GLU A 209 39.05 18.49 -41.06
N SER A 210 39.06 18.23 -39.76
CA SER A 210 39.98 17.25 -39.20
C SER A 210 39.58 15.82 -39.54
N LYS A 211 40.58 14.98 -39.72
CA LYS A 211 40.34 13.55 -39.91
C LYS A 211 40.62 12.79 -38.62
N ASP A 212 41.00 13.54 -37.58
CA ASP A 212 41.27 12.98 -36.27
C ASP A 212 40.00 12.99 -35.44
N VAL A 213 39.34 11.84 -35.35
CA VAL A 213 38.04 11.77 -34.71
C VAL A 213 38.04 10.84 -33.51
N TYR A 214 37.50 11.34 -32.40
CA TYR A 214 37.31 10.55 -31.20
C TYR A 214 35.85 10.14 -31.11
N ALA A 215 35.60 8.88 -30.76
CA ALA A 215 34.22 8.44 -30.62
C ALA A 215 34.11 7.39 -29.53
N ASN A 216 33.02 7.48 -28.76
CA ASN A 216 32.71 6.50 -27.74
C ASN A 216 31.22 6.21 -27.75
N THR A 217 30.80 5.26 -28.57
CA THR A 217 29.37 5.01 -28.75
C THR A 217 28.94 3.66 -28.17
N GLN A 218 29.90 2.91 -27.65
CA GLN A 218 29.64 1.57 -27.14
C GLN A 218 28.94 0.70 -28.17
N LEU A 219 29.49 0.68 -29.38
CA LEU A 219 28.92 -0.11 -30.45
C LEU A 219 29.23 -1.60 -30.26
N VAL A 220 28.18 -2.38 -30.13
CA VAL A 220 28.29 -3.82 -29.94
C VAL A 220 27.54 -4.58 -31.01
N LEU A 221 28.22 -5.49 -31.69
CA LEU A 221 27.59 -6.29 -32.73
C LEU A 221 26.81 -7.44 -32.13
N GLN A 222 25.62 -7.68 -32.66
CA GLN A 222 24.75 -8.74 -32.17
C GLN A 222 24.60 -9.85 -33.19
N ARG A 223 24.16 -11.03 -32.74
CA ARG A 223 23.93 -12.14 -33.63
C ARG A 223 22.74 -11.86 -34.56
N PRO A 224 22.89 -12.10 -35.86
CA PRO A 224 21.85 -12.03 -36.89
C PRO A 224 20.70 -12.98 -36.59
N ALA A 225 19.49 -12.57 -36.94
CA ALA A 225 18.34 -13.45 -36.78
C ALA A 225 18.49 -14.66 -37.69
N ALA A 226 18.03 -15.81 -37.22
CA ALA A 226 18.16 -17.02 -38.02
C ALA A 226 17.44 -16.87 -39.34
N GLY A 227 18.07 -17.32 -40.41
CA GLY A 227 17.48 -17.30 -41.73
C GLY A 227 17.65 -15.97 -42.45
N THR A 228 18.40 -15.05 -41.83
CA THR A 228 18.60 -13.73 -42.41
C THR A 228 20.07 -13.38 -42.56
N VAL A 229 20.34 -12.31 -43.29
CA VAL A 229 21.71 -11.84 -43.52
C VAL A 229 21.98 -10.46 -42.95
N HIS A 230 21.06 -9.95 -42.15
CA HIS A 230 21.20 -8.59 -41.61
C HIS A 230 22.24 -8.55 -40.50
N VAL A 231 22.77 -7.36 -40.24
CA VAL A 231 23.74 -7.16 -39.18
C VAL A 231 23.20 -6.22 -38.09
N PRO A 232 22.69 -6.78 -36.98
CA PRO A 232 22.12 -6.09 -35.85
C PRO A 232 23.23 -5.54 -34.97
N TYR A 233 22.93 -4.47 -34.24
CA TYR A 233 23.88 -3.94 -33.29
C TYR A 233 23.20 -3.13 -32.20
N SER A 234 23.90 -2.95 -31.09
CA SER A 234 23.44 -2.10 -30.01
C SER A 234 24.40 -0.93 -29.83
N GLN A 235 23.89 0.28 -30.02
CA GLN A 235 24.72 1.47 -29.95
C GLN A 235 23.98 2.61 -29.26
N ALA A 236 24.69 3.39 -28.46
CA ALA A 236 24.09 4.57 -27.85
C ALA A 236 23.80 5.61 -28.92
N PRO A 237 22.57 6.13 -29.02
CA PRO A 237 22.15 7.16 -29.95
C PRO A 237 22.96 8.41 -29.74
N SER A 238 23.13 9.19 -30.81
CA SER A 238 23.97 10.37 -30.75
C SER A 238 23.60 11.28 -29.61
N GLY A 239 24.62 11.69 -28.84
CA GLY A 239 24.42 12.57 -27.72
C GLY A 239 24.16 13.98 -28.21
N PHE A 240 24.50 14.24 -29.47
CA PHE A 240 24.28 15.54 -30.06
C PHE A 240 22.80 15.75 -30.28
N LYS A 241 22.12 14.74 -30.83
CA LYS A 241 20.70 14.84 -31.08
C LYS A 241 19.93 14.95 -29.77
N TYR A 242 20.37 14.20 -28.76
CA TYR A 242 19.73 14.28 -27.45
C TYR A 242 19.93 15.67 -26.87
N TRP A 243 21.13 16.21 -27.01
CA TRP A 243 21.43 17.52 -26.48
C TRP A 243 20.54 18.57 -27.11
N LEU A 244 20.32 18.47 -28.42
CA LEU A 244 19.50 19.46 -29.12
C LEU A 244 18.08 19.48 -28.56
N LYS A 245 17.57 18.32 -28.19
CA LYS A 245 16.23 18.23 -27.62
C LYS A 245 16.20 18.67 -26.16
N GLU A 246 17.34 18.55 -25.48
CA GLU A 246 17.43 18.86 -24.06
C GLU A 246 18.27 20.10 -23.78
N ARG A 247 18.42 20.97 -24.78
CA ARG A 247 19.27 22.15 -24.62
C ARG A 247 18.82 23.05 -23.49
N GLY A 248 17.51 23.23 -23.36
CA GLY A 248 16.97 24.15 -22.37
C GLY A 248 17.12 25.58 -22.86
N ALA A 249 16.97 26.54 -21.95
CA ALA A 249 17.07 27.95 -22.31
C ALA A 249 18.52 28.34 -22.55
N SER A 250 18.74 29.20 -23.54
CA SER A 250 20.06 29.73 -23.84
C SER A 250 20.32 30.99 -23.03
N LEU A 251 21.56 31.47 -23.05
CA LEU A 251 21.95 32.62 -22.25
C LEU A 251 21.16 33.86 -22.65
N GLN A 252 20.66 33.88 -23.88
CA GLN A 252 19.87 35.01 -24.35
C GLN A 252 18.66 35.22 -23.46
N HIS A 253 18.20 34.15 -22.82
CA HIS A 253 17.00 34.23 -21.99
C HIS A 253 17.29 34.10 -20.50
N THR A 254 18.47 33.59 -20.15
CA THR A 254 18.77 33.32 -18.74
C THR A 254 19.80 34.27 -18.14
N ALA A 255 20.51 35.02 -18.98
CA ALA A 255 21.59 35.86 -18.48
C ALA A 255 21.06 36.93 -17.51
N PRO A 256 21.82 37.24 -16.46
CA PRO A 256 21.66 38.35 -15.52
C PRO A 256 21.80 39.71 -16.19
N PHE A 257 21.26 40.74 -15.53
CA PHE A 257 21.41 42.14 -15.93
C PHE A 257 20.80 42.46 -17.29
N GLY A 258 19.91 41.60 -17.76
CA GLY A 258 19.19 41.85 -18.99
C GLY A 258 20.07 41.78 -20.23
N CYS A 259 21.15 40.99 -20.17
CA CYS A 259 22.08 40.88 -21.28
C CYS A 259 21.45 40.22 -22.50
N GLN A 260 21.71 40.79 -23.67
CA GLN A 260 21.30 40.18 -24.92
C GLN A 260 22.48 39.41 -25.49
N ILE A 261 22.24 38.21 -25.97
CA ILE A 261 23.32 37.39 -26.49
C ILE A 261 23.19 37.17 -27.98
N ALA A 262 24.28 37.41 -28.70
CA ALA A 262 24.32 37.26 -30.14
C ALA A 262 25.55 36.46 -30.54
N THR A 263 25.48 35.80 -31.70
CA THR A 263 26.60 35.00 -32.19
C THR A 263 27.09 35.49 -33.55
N ASN A 264 28.23 34.95 -33.97
CA ASN A 264 28.83 35.32 -35.24
C ASN A 264 29.12 36.82 -35.35
N PRO A 265 30.06 37.32 -34.53
CA PRO A 265 30.79 36.69 -33.44
C PRO A 265 29.98 36.59 -32.17
N VAL A 266 30.44 35.77 -31.23
CA VAL A 266 29.80 35.68 -29.93
C VAL A 266 30.04 36.94 -29.13
N ARG A 267 28.97 37.53 -28.62
CA ARG A 267 29.09 38.76 -27.84
C ARG A 267 27.92 38.98 -26.91
N ALA A 268 28.16 39.69 -25.81
CA ALA A 268 27.10 40.11 -24.91
C ALA A 268 26.77 41.56 -25.16
N VAL A 269 25.48 41.87 -25.21
CA VAL A 269 25.05 43.22 -25.56
C VAL A 269 24.17 43.87 -24.49
N ASN A 270 24.48 45.12 -24.19
CA ASN A 270 23.71 45.96 -23.27
C ASN A 270 23.53 45.39 -21.87
N CYS A 271 24.60 44.87 -21.28
CA CYS A 271 24.57 44.39 -19.90
C CYS A 271 24.66 45.59 -18.95
N ALA A 272 23.66 45.73 -18.08
CA ALA A 272 23.59 46.91 -17.22
C ALA A 272 24.42 46.70 -15.96
N VAL A 273 25.74 46.63 -16.11
CA VAL A 273 26.60 46.36 -14.98
C VAL A 273 27.65 47.44 -14.78
N GLY A 274 27.69 48.01 -13.58
CA GLY A 274 28.72 48.98 -13.22
C GLY A 274 28.55 50.29 -13.99
N ASN A 275 29.68 50.93 -14.27
CA ASN A 275 29.68 52.22 -14.95
C ASN A 275 30.85 52.34 -15.92
N MET A 276 30.86 53.42 -16.68
CA MET A 276 31.84 53.66 -17.74
C MET A 276 32.35 55.10 -17.72
N PRO A 277 33.58 55.32 -17.23
CA PRO A 277 34.28 56.58 -17.20
C PRO A 277 34.48 57.14 -18.61
N ILE A 278 34.27 58.45 -18.75
CA ILE A 278 34.50 59.14 -20.01
C ILE A 278 35.36 60.38 -19.82
N SER A 279 36.42 60.49 -20.61
CA SER A 279 37.30 61.65 -20.55
C SER A 279 37.19 62.46 -21.83
N ILE A 280 36.88 63.75 -21.69
CA ILE A 280 36.64 64.59 -22.84
C ILE A 280 37.65 65.73 -22.95
N ASP A 281 38.30 65.82 -24.11
CA ASP A 281 39.24 66.91 -24.40
C ASP A 281 38.56 67.98 -25.23
N ILE A 282 38.27 69.12 -24.59
CA ILE A 282 37.51 70.19 -25.24
C ILE A 282 38.43 71.33 -25.69
N PRO A 283 38.47 71.64 -26.99
CA PRO A 283 39.24 72.72 -27.61
C PRO A 283 38.90 74.07 -26.99
N GLU A 284 39.90 74.93 -26.89
CA GLU A 284 39.71 76.26 -26.33
C GLU A 284 38.75 77.09 -27.18
N ALA A 285 38.70 76.78 -28.47
CA ALA A 285 37.84 77.49 -29.40
C ALA A 285 36.37 77.19 -29.13
N ALA A 286 36.11 76.12 -28.40
CA ALA A 286 34.74 75.71 -28.11
C ALA A 286 34.16 76.50 -26.95
N PHE A 287 35.00 77.27 -26.27
CA PHE A 287 34.55 78.03 -25.11
C PHE A 287 34.25 79.47 -25.47
N THR A 288 33.19 80.00 -24.86
CA THR A 288 32.81 81.39 -25.04
C THR A 288 32.99 82.16 -23.74
N ARG A 289 33.62 83.32 -23.81
CA ARG A 289 33.90 84.12 -22.63
C ARG A 289 32.60 84.63 -22.01
N VAL A 290 32.58 84.74 -20.69
CA VAL A 290 31.38 85.19 -19.97
C VAL A 290 30.97 86.61 -20.35
N VAL A 291 31.92 87.39 -20.85
CA VAL A 291 31.63 88.75 -21.26
C VAL A 291 30.84 88.79 -22.57
N ASP A 292 30.98 87.76 -23.38
CA ASP A 292 30.27 87.68 -24.66
C ASP A 292 28.96 86.92 -24.49
N ALA A 293 28.94 85.98 -23.55
CA ALA A 293 27.76 85.18 -23.27
C ALA A 293 26.69 86.03 -22.61
N PRO A 294 25.41 85.66 -22.74
CA PRO A 294 24.28 86.16 -21.99
C PRO A 294 24.47 85.94 -20.50
N SER A 295 24.04 86.91 -19.71
CA SER A 295 24.11 86.82 -18.25
C SER A 295 22.75 87.05 -17.64
N LEU A 296 22.42 86.27 -16.61
CA LEU A 296 21.10 86.37 -16.00
C LEU A 296 21.17 86.86 -14.56
N THR A 297 20.32 87.81 -14.22
CA THR A 297 20.23 88.33 -12.86
C THR A 297 18.78 88.38 -12.39
N ASP A 298 18.58 88.76 -11.13
CA ASP A 298 17.24 88.88 -10.55
C ASP A 298 16.44 87.61 -10.79
N MET A 299 17.07 86.47 -10.55
CA MET A 299 16.47 85.17 -10.82
C MET A 299 15.69 84.62 -9.64
N SER A 300 14.54 84.01 -9.92
CA SER A 300 13.73 83.35 -8.89
C SER A 300 13.02 82.12 -9.48
N CYS A 301 12.75 81.13 -8.63
CA CYS A 301 12.17 79.86 -9.09
C CYS A 301 10.83 79.57 -8.42
N GLU A 302 9.86 79.15 -9.23
CA GLU A 302 8.55 78.70 -8.77
C GLU A 302 8.27 77.32 -9.36
N VAL A 303 7.77 76.41 -8.54
CA VAL A 303 7.50 75.06 -9.00
C VAL A 303 6.04 74.68 -8.84
N PRO A 304 5.21 74.89 -9.86
CA PRO A 304 3.76 74.78 -9.85
C PRO A 304 3.29 73.33 -9.68
N ALA A 305 4.14 72.37 -10.01
CA ALA A 305 3.76 70.97 -9.89
C ALA A 305 4.97 70.06 -9.76
N CYS A 306 4.80 68.92 -9.08
CA CYS A 306 5.84 67.90 -9.00
C CYS A 306 5.23 66.53 -8.74
N THR A 307 5.63 65.56 -9.55
CA THR A 307 5.26 64.16 -9.35
C THR A 307 6.52 63.32 -9.40
N HIS A 308 6.73 62.47 -8.41
CA HIS A 308 7.93 61.63 -8.43
C HIS A 308 7.71 60.36 -9.23
N SER A 309 7.48 60.55 -10.52
CA SER A 309 7.27 59.46 -11.48
C SER A 309 8.56 59.12 -12.19
N SER A 310 8.57 58.01 -12.94
CA SER A 310 9.77 57.59 -13.66
C SER A 310 10.12 58.56 -14.78
N ASP A 311 9.12 59.22 -15.35
CA ASP A 311 9.33 60.20 -16.41
C ASP A 311 9.53 61.60 -15.83
N PHE A 312 9.74 62.58 -16.70
CA PHE A 312 9.95 63.95 -16.25
C PHE A 312 8.63 64.63 -15.96
N GLY A 313 7.99 64.20 -14.87
CA GLY A 313 6.67 64.69 -14.51
C GLY A 313 6.70 66.02 -13.77
N GLY A 314 7.88 66.44 -13.33
CA GLY A 314 8.01 67.69 -12.62
C GLY A 314 8.14 68.86 -13.58
N VAL A 315 7.64 70.02 -13.17
CA VAL A 315 7.78 71.24 -13.95
C VAL A 315 8.24 72.39 -13.08
N ALA A 316 9.21 73.16 -13.56
CA ALA A 316 9.66 74.33 -12.83
C ALA A 316 9.73 75.54 -13.74
N VAL A 317 9.38 76.70 -13.19
CA VAL A 317 9.43 77.95 -13.95
C VAL A 317 10.34 78.94 -13.27
N ILE A 318 11.35 79.41 -14.00
CA ILE A 318 12.32 80.33 -13.43
C ILE A 318 12.26 81.70 -14.11
N LYS A 319 12.06 82.73 -13.30
CA LYS A 319 12.03 84.10 -13.79
C LYS A 319 13.44 84.64 -13.91
N TYR A 320 13.73 85.34 -14.98
CA TYR A 320 15.07 85.87 -15.20
C TYR A 320 15.10 87.23 -15.87
N ALA A 321 16.17 87.97 -15.63
CA ALA A 321 16.45 89.18 -16.39
C ALA A 321 17.74 88.99 -17.18
N ALA A 322 17.63 88.94 -18.50
CA ALA A 322 18.79 88.68 -19.35
C ALA A 322 19.42 89.97 -19.84
N SER A 323 20.74 90.00 -19.86
CA SER A 323 21.49 91.15 -20.36
C SER A 323 21.44 91.24 -21.88
N LYS A 324 21.33 90.09 -22.54
CA LYS A 324 21.27 90.04 -23.99
C LYS A 324 20.62 88.75 -24.45
N LYS A 325 20.13 88.74 -25.68
CA LYS A 325 19.54 87.55 -26.29
C LYS A 325 20.60 86.52 -26.66
N GLY A 326 20.34 85.26 -26.34
CA GLY A 326 21.23 84.17 -26.72
C GLY A 326 20.81 82.86 -26.07
N LYS A 327 21.63 81.83 -26.26
CA LYS A 327 21.36 80.53 -25.67
C LYS A 327 22.06 80.42 -24.32
N CYS A 328 21.51 79.58 -23.42
CA CYS A 328 22.03 79.43 -22.07
C CYS A 328 22.02 77.97 -21.63
N ALA A 329 23.10 77.55 -20.97
CA ALA A 329 23.20 76.19 -20.43
C ALA A 329 22.43 76.05 -19.12
N VAL A 330 21.80 74.90 -18.93
CA VAL A 330 21.07 74.61 -17.70
C VAL A 330 21.56 73.30 -17.06
N HIS A 331 21.87 73.34 -15.76
CA HIS A 331 22.31 72.13 -15.09
C HIS A 331 21.84 72.05 -13.64
N SER A 332 21.47 70.85 -13.23
CA SER A 332 21.09 70.57 -11.84
C SER A 332 22.31 70.60 -10.94
N MET A 333 22.14 71.13 -9.73
CA MET A 333 23.23 71.17 -8.77
C MET A 333 23.14 70.05 -7.75
N THR A 334 22.23 69.12 -8.00
CA THR A 334 22.06 67.97 -7.12
C THR A 334 21.97 66.68 -7.91
N ASN A 335 22.27 65.57 -7.27
CA ASN A 335 22.19 64.27 -7.93
C ASN A 335 20.85 63.60 -7.67
N ALA A 336 19.98 64.28 -6.95
CA ALA A 336 18.66 63.74 -6.64
C ALA A 336 17.61 64.21 -7.64
N VAL A 337 17.94 65.24 -8.41
CA VAL A 337 17.01 65.80 -9.37
C VAL A 337 17.64 65.93 -10.76
N THR A 338 16.99 65.34 -11.76
CA THR A 338 17.47 65.38 -13.12
C THR A 338 16.65 66.33 -13.98
N ILE A 339 17.33 67.23 -14.68
CA ILE A 339 16.66 68.17 -15.58
C ILE A 339 16.75 67.68 -17.02
N ARG A 340 15.60 67.68 -17.70
CA ARG A 340 15.52 67.14 -19.06
C ARG A 340 16.26 68.00 -20.08
N GLU A 341 16.13 69.32 -19.98
CA GLU A 341 16.73 70.24 -20.94
C GLU A 341 18.19 70.52 -20.63
N ALA A 342 19.04 70.45 -21.66
CA ALA A 342 20.45 70.79 -21.49
C ALA A 342 20.68 72.28 -21.71
N GLU A 343 19.87 72.87 -22.58
CA GLU A 343 20.03 74.27 -22.93
C GLU A 343 18.68 74.94 -23.21
N ILE A 344 18.63 76.25 -22.97
CA ILE A 344 17.43 77.04 -23.21
C ILE A 344 17.76 78.32 -23.96
N GLU A 345 16.73 78.97 -24.51
CA GLU A 345 16.90 80.29 -25.11
C GLU A 345 16.35 81.37 -24.18
N VAL A 346 17.16 82.38 -23.90
CA VAL A 346 16.76 83.45 -22.99
C VAL A 346 16.94 84.84 -23.59
N GLU A 347 15.99 85.73 -23.32
CA GLU A 347 16.12 87.13 -23.70
C GLU A 347 15.24 88.05 -22.86
N GLY A 348 15.71 89.26 -22.62
CA GLY A 348 14.91 90.30 -21.98
C GLY A 348 14.46 89.90 -20.58
N ASN A 349 13.29 90.37 -20.19
CA ASN A 349 12.70 90.05 -18.89
C ASN A 349 11.55 89.07 -19.07
N SER A 350 11.79 87.82 -18.71
CA SER A 350 10.82 86.77 -18.95
C SER A 350 11.02 85.59 -18.03
N GLN A 351 10.38 84.48 -18.35
CA GLN A 351 10.52 83.26 -17.55
C GLN A 351 10.76 82.06 -18.44
N LEU A 352 11.53 81.10 -17.92
CA LEU A 352 11.84 79.89 -18.64
C LEU A 352 11.16 78.70 -17.98
N GLN A 353 10.83 77.69 -18.77
CA GLN A 353 10.21 76.48 -18.22
C GLN A 353 11.03 75.25 -18.52
N ILE A 354 11.31 74.47 -17.48
CA ILE A 354 12.06 73.23 -17.61
C ILE A 354 11.34 72.07 -16.94
N SER A 355 11.65 70.85 -17.37
CA SER A 355 11.04 69.67 -16.77
C SER A 355 12.08 68.86 -16.01
N PHE A 356 11.64 68.13 -14.99
CA PHE A 356 12.58 67.36 -14.19
C PHE A 356 11.96 66.09 -13.60
N SER A 357 12.82 65.19 -13.16
CA SER A 357 12.39 63.96 -12.51
C SER A 357 13.15 63.75 -11.21
N THR A 358 12.47 63.18 -10.22
CA THR A 358 13.10 62.90 -8.93
C THR A 358 12.37 61.79 -8.19
N ALA A 359 13.09 61.13 -7.29
CA ALA A 359 12.49 60.11 -6.43
C ALA A 359 12.07 60.71 -5.10
N LEU A 360 12.36 61.99 -4.91
CA LEU A 360 12.11 62.66 -3.64
C LEU A 360 10.65 62.94 -3.39
N ALA A 361 10.22 62.72 -2.14
CA ALA A 361 8.89 63.14 -1.71
C ALA A 361 8.82 64.66 -1.66
N SER A 362 9.94 65.27 -1.29
CA SER A 362 10.08 66.72 -1.26
C SER A 362 11.29 67.12 -2.08
N ALA A 363 11.06 67.88 -3.14
CA ALA A 363 12.13 68.22 -4.05
C ALA A 363 12.74 69.55 -3.69
N GLU A 364 13.94 69.52 -3.12
CA GLU A 364 14.67 70.74 -2.78
C GLU A 364 16.00 70.73 -3.51
N PHE A 365 16.14 71.63 -4.47
CA PHE A 365 17.31 71.61 -5.33
C PHE A 365 17.66 72.97 -5.88
N ARG A 366 18.90 73.11 -6.31
CA ARG A 366 19.33 74.35 -6.95
C ARG A 366 19.55 74.11 -8.44
N VAL A 367 19.25 75.12 -9.24
CA VAL A 367 19.44 75.05 -10.67
C VAL A 367 20.37 76.15 -11.13
N GLN A 368 21.40 75.78 -11.89
CA GLN A 368 22.35 76.76 -12.37
C GLN A 368 22.09 77.09 -13.84
N VAL A 369 21.75 78.34 -14.10
CA VAL A 369 21.49 78.79 -15.47
C VAL A 369 22.41 79.97 -15.79
N CYS A 370 23.31 79.78 -16.77
CA CYS A 370 24.32 80.79 -17.13
C CYS A 370 25.15 81.22 -15.91
N SER A 371 25.51 80.24 -15.08
CA SER A 371 26.32 80.46 -13.88
C SER A 371 25.57 81.16 -12.76
N THR A 372 24.28 81.41 -12.96
CA THR A 372 23.46 81.98 -11.90
C THR A 372 22.60 80.89 -11.26
N GLN A 373 22.73 80.74 -9.94
CA GLN A 373 22.02 79.67 -9.26
C GLN A 373 20.77 80.18 -8.56
N VAL A 374 19.70 79.41 -8.69
CA VAL A 374 18.43 79.71 -8.02
C VAL A 374 17.93 78.49 -7.28
N HIS A 375 17.34 78.69 -6.11
CA HIS A 375 16.82 77.59 -5.32
C HIS A 375 15.36 77.32 -5.63
N CYS A 376 15.04 76.05 -5.93
CA CYS A 376 13.68 75.59 -6.22
C CYS A 376 13.23 74.62 -5.14
N ALA A 377 11.95 74.66 -4.78
CA ALA A 377 11.43 73.69 -3.82
C ALA A 377 9.96 73.40 -4.07
N ALA A 378 9.57 72.13 -3.88
CA ALA A 378 8.17 71.74 -4.02
C ALA A 378 7.86 70.46 -3.28
N GLU A 379 6.59 70.30 -2.90
CA GLU A 379 6.10 69.02 -2.41
C GLU A 379 5.64 68.17 -3.59
N CYS A 380 6.14 66.94 -3.68
CA CYS A 380 5.86 66.06 -4.80
C CYS A 380 4.82 65.00 -4.44
N HIS A 381 4.05 64.60 -5.43
CA HIS A 381 3.02 63.58 -5.26
C HIS A 381 3.37 62.33 -6.04
N PRO A 382 2.91 61.15 -5.61
CA PRO A 382 3.09 59.88 -6.26
C PRO A 382 2.26 59.78 -7.53
N PRO A 383 2.68 58.93 -8.47
CA PRO A 383 2.00 58.52 -9.67
C PRO A 383 0.86 57.55 -9.38
N LYS A 384 -0.07 57.42 -10.33
CA LYS A 384 -1.15 56.45 -10.20
C LYS A 384 -0.88 55.18 -10.98
N ASP A 385 -0.02 55.27 -11.99
CA ASP A 385 0.30 54.14 -12.85
C ASP A 385 1.37 53.27 -12.21
N HIS A 386 1.01 52.05 -11.86
CA HIS A 386 1.91 51.17 -11.12
C HIS A 386 3.09 50.72 -11.97
N ILE A 387 2.85 50.45 -13.25
CA ILE A 387 3.86 49.89 -14.13
C ILE A 387 4.08 50.73 -15.38
N VAL A 388 5.35 50.90 -15.76
CA VAL A 388 5.72 51.58 -16.99
C VAL A 388 6.65 50.72 -17.83
N ASN A 389 6.79 51.06 -19.10
CA ASN A 389 7.61 50.29 -20.03
C ASN A 389 8.98 50.91 -20.25
N TYR A 390 9.36 51.85 -19.40
CA TYR A 390 10.66 52.50 -19.49
C TYR A 390 11.30 52.64 -18.11
N PRO A 391 12.63 52.64 -18.04
CA PRO A 391 13.43 52.85 -16.84
C PRO A 391 13.31 54.29 -16.37
N ALA A 392 13.46 54.50 -15.07
CA ALA A 392 13.39 55.85 -14.51
C ALA A 392 14.55 56.69 -15.00
N SER A 393 14.27 57.96 -15.29
CA SER A 393 15.30 58.90 -15.71
C SER A 393 16.00 59.50 -14.49
N HIS A 394 15.38 59.34 -13.33
CA HIS A 394 15.92 59.88 -12.09
C HIS A 394 16.76 58.85 -11.36
N THR A 395 17.62 59.32 -10.46
CA THR A 395 18.48 58.42 -9.70
C THR A 395 17.77 57.91 -8.50
N THR A 396 18.30 56.87 -7.89
CA THR A 396 17.61 56.26 -6.76
C THR A 396 17.67 57.17 -5.59
N LEU A 397 16.68 57.06 -4.73
CA LEU A 397 16.62 57.89 -3.54
C LEU A 397 17.22 56.98 -2.57
N GLY A 398 18.44 56.59 -2.86
CA GLY A 398 19.06 55.60 -2.03
C GLY A 398 19.17 56.10 -0.62
N VAL A 399 19.48 57.37 -0.48
CA VAL A 399 19.73 57.86 0.86
C VAL A 399 18.49 57.73 1.72
N GLN A 400 18.68 57.26 2.94
CA GLN A 400 17.58 57.20 3.88
C GLN A 400 17.57 58.55 4.51
N ASP A 401 18.54 59.37 4.16
CA ASP A 401 18.62 60.67 4.77
C ASP A 401 17.59 61.60 4.22
N ILE A 402 17.24 61.47 2.95
CA ILE A 402 16.35 62.46 2.39
C ILE A 402 14.92 62.60 2.94
N SER A 403 14.22 61.51 3.15
CA SER A 403 12.90 61.61 3.77
C SER A 403 11.98 62.64 3.11
N ALA A 404 11.24 63.42 3.90
CA ALA A 404 10.27 64.36 3.36
C ALA A 404 10.30 65.59 4.20
N THR A 405 9.86 66.71 3.70
CA THR A 405 9.98 67.90 4.51
C THR A 405 9.22 67.76 5.81
N ALA A 406 8.17 66.95 5.83
CA ALA A 406 7.44 66.73 7.07
C ALA A 406 8.17 65.66 7.83
N MET A 407 9.39 65.97 8.23
CA MET A 407 10.15 65.06 9.07
C MET A 407 10.35 65.85 10.33
N SER A 408 9.65 66.97 10.47
CA SER A 408 9.76 67.68 11.73
C SER A 408 9.29 66.79 12.85
N TRP A 409 8.50 65.78 12.51
CA TRP A 409 8.02 64.80 13.47
C TRP A 409 9.19 64.02 14.04
N VAL A 410 10.21 63.79 13.21
CA VAL A 410 11.38 63.06 13.64
C VAL A 410 12.18 63.91 14.63
N GLN A 411 12.31 65.19 14.30
CA GLN A 411 13.03 66.11 15.15
C GLN A 411 12.29 66.37 16.46
N LYS A 412 10.97 66.44 16.40
CA LYS A 412 10.16 66.68 17.58
C LYS A 412 10.23 65.50 18.55
N ILE A 413 10.18 64.29 18.01
CA ILE A 413 10.26 63.10 18.85
C ILE A 413 11.67 62.91 19.38
N THR A 414 12.66 63.09 18.53
CA THR A 414 14.05 62.94 18.93
C THR A 414 14.42 64.00 19.96
N GLY A 415 13.97 65.23 19.72
CA GLY A 415 14.24 66.32 20.64
C GLY A 415 13.55 66.12 21.97
N GLY A 416 12.31 65.61 21.92
CA GLY A 416 11.55 65.37 23.14
C GLY A 416 12.24 64.33 24.02
N VAL A 417 12.68 63.23 23.42
CA VAL A 417 13.36 62.20 24.17
C VAL A 417 14.73 62.67 24.62
N GLY A 418 15.44 63.38 23.75
CA GLY A 418 16.75 63.91 24.09
C GLY A 418 16.65 64.90 25.25
N LEU A 419 15.56 65.66 25.29
CA LEU A 419 15.35 66.61 26.36
C LEU A 419 15.13 65.90 27.69
N VAL A 420 14.37 64.80 27.65
CA VAL A 420 14.12 64.02 28.86
C VAL A 420 15.44 63.48 29.41
N VAL A 421 16.31 63.04 28.52
CA VAL A 421 17.62 62.55 28.93
C VAL A 421 18.48 63.69 29.48
N ALA A 422 18.46 64.82 28.78
CA ALA A 422 19.27 65.97 29.20
C ALA A 422 18.86 66.46 30.58
N VAL A 423 17.56 66.43 30.85
CA VAL A 423 17.06 66.87 32.15
C VAL A 423 17.41 65.86 33.23
N ALA A 424 17.20 64.58 32.93
CA ALA A 424 17.52 63.55 33.90
C ALA A 424 19.02 63.54 34.20
N ALA A 425 19.82 63.79 33.17
CA ALA A 425 21.27 63.82 33.36
C ALA A 425 21.65 64.99 34.24
N LEU A 426 20.99 66.12 34.06
CA LEU A 426 21.28 67.29 34.86
C LEU A 426 20.89 67.07 36.31
N ILE A 427 19.75 66.41 36.53
CA ILE A 427 19.30 66.15 37.88
C ILE A 427 20.29 65.27 38.61
N LEU A 428 20.77 64.22 37.94
CA LEU A 428 21.73 63.32 38.56
C LEU A 428 23.05 64.02 38.83
N ILE A 429 23.50 64.86 37.90
CA ILE A 429 24.75 65.57 38.07
C ILE A 429 24.69 66.51 39.25
N VAL A 430 23.58 67.23 39.40
CA VAL A 430 23.41 68.14 40.53
C VAL A 430 23.38 67.38 41.84
N VAL A 431 22.68 66.26 41.88
CA VAL A 431 22.61 65.44 43.08
C VAL A 431 23.97 64.88 43.44
N LEU A 432 24.73 64.42 42.44
CA LEU A 432 26.06 63.92 42.69
C LEU A 432 26.98 65.02 43.20
N CYS A 433 26.82 66.23 42.67
CA CYS A 433 27.63 67.36 43.11
C CYS A 433 27.38 67.68 44.58
N VAL A 434 26.11 67.59 44.99
CA VAL A 434 25.77 67.84 46.39
C VAL A 434 26.36 66.78 47.30
N SER A 435 26.25 65.52 46.89
CA SER A 435 26.80 64.42 47.67
C SER A 435 28.33 64.44 47.67
N PHE A 436 28.91 64.96 46.60
CA PHE A 436 30.37 65.10 46.52
C PHE A 436 30.88 66.15 47.49
N SER A 437 30.21 67.30 47.53
CA SER A 437 30.61 68.40 48.41
C SER A 437 30.34 68.11 49.88
N ARG A 438 29.30 67.33 50.17
CA ARG A 438 28.99 66.94 51.54
C ARG A 438 29.96 65.88 52.05
N HIS A 439 30.31 65.97 53.34
CA HIS A 439 31.15 64.99 54.02
C HIS A 439 30.57 64.65 55.38
N TYR B 1 -66.97 23.97 6.12
CA TYR B 1 -65.96 23.92 7.17
C TYR B 1 -64.57 24.21 6.59
N GLU B 2 -63.89 25.22 7.15
CA GLU B 2 -62.55 25.59 6.69
C GLU B 2 -61.48 24.86 7.50
N HIS B 3 -60.69 24.05 6.82
CA HIS B 3 -59.62 23.29 7.46
C HIS B 3 -58.25 23.78 7.00
N VAL B 4 -57.41 24.15 7.95
CA VAL B 4 -56.09 24.67 7.61
C VAL B 4 -54.97 23.82 8.18
N THR B 5 -54.08 23.37 7.30
CA THR B 5 -52.93 22.58 7.70
C THR B 5 -51.68 23.02 6.96
N VAL B 6 -50.52 22.54 7.41
CA VAL B 6 -49.26 22.83 6.74
C VAL B 6 -48.51 21.56 6.42
N ILE B 7 -48.02 21.44 5.19
CA ILE B 7 -47.22 20.28 4.83
C ILE B 7 -45.85 20.72 4.32
N PRO B 8 -44.82 19.89 4.46
CA PRO B 8 -43.48 20.05 3.91
C PRO B 8 -43.52 20.16 2.40
N ASN B 9 -42.54 20.85 1.84
CA ASN B 9 -42.50 21.06 0.39
C ASN B 9 -41.83 19.92 -0.36
N THR B 10 -41.46 18.87 0.38
CA THR B 10 -40.87 17.71 -0.27
C THR B 10 -41.89 17.09 -1.22
N VAL B 11 -41.47 16.88 -2.46
CA VAL B 11 -42.36 16.38 -3.51
C VAL B 11 -42.28 14.86 -3.63
N GLY B 12 -43.45 14.22 -3.80
CA GLY B 12 -43.51 12.78 -3.94
C GLY B 12 -43.76 12.08 -2.61
N VAL B 13 -44.03 12.86 -1.58
CA VAL B 13 -44.31 12.32 -0.26
C VAL B 13 -45.70 12.74 0.21
N PRO B 14 -46.58 11.78 0.52
CA PRO B 14 -47.93 11.99 1.01
C PRO B 14 -47.92 12.42 2.47
N TYR B 15 -48.90 13.23 2.85
CA TYR B 15 -49.07 13.64 4.23
C TYR B 15 -50.53 13.48 4.65
N LYS B 16 -50.74 13.12 5.91
CA LYS B 16 -52.09 12.94 6.41
C LYS B 16 -52.50 14.07 7.32
N THR B 17 -53.67 14.64 7.06
CA THR B 17 -54.22 15.67 7.92
C THR B 17 -55.59 15.25 8.45
N LEU B 18 -55.78 15.41 9.75
CA LEU B 18 -57.03 15.00 10.38
C LEU B 18 -57.98 16.18 10.51
N VAL B 19 -59.18 16.02 9.94
CA VAL B 19 -60.20 17.05 10.01
C VAL B 19 -61.15 16.77 11.16
N ASN B 20 -61.14 17.65 12.15
CA ASN B 20 -61.93 17.43 13.36
C ASN B 20 -63.03 18.46 13.49
N ARG B 21 -64.25 18.07 13.12
CA ARG B 21 -65.41 18.93 13.21
C ARG B 21 -66.40 18.35 14.21
N PRO B 22 -66.50 18.91 15.41
CA PRO B 22 -67.27 18.41 16.53
C PRO B 22 -68.70 18.12 16.12
N GLY B 23 -69.20 16.96 16.53
CA GLY B 23 -70.54 16.51 16.17
C GLY B 23 -70.51 15.59 14.96
N TYR B 24 -69.37 15.55 14.28
CA TYR B 24 -69.21 14.72 13.09
C TYR B 24 -68.06 13.72 13.25
N SER B 25 -68.15 12.61 12.57
CA SER B 25 -67.09 11.61 12.57
C SER B 25 -65.83 12.22 11.98
N PRO B 26 -64.65 11.95 12.59
CA PRO B 26 -63.35 12.38 12.14
C PRO B 26 -63.08 11.95 10.70
N MET B 27 -62.49 12.85 9.93
CA MET B 27 -62.17 12.57 8.54
C MET B 27 -60.69 12.79 8.27
N VAL B 28 -60.10 11.94 7.44
CA VAL B 28 -58.69 12.07 7.11
C VAL B 28 -58.48 12.33 5.64
N LEU B 29 -57.75 13.40 5.34
CA LEU B 29 -57.43 13.73 3.96
C LEU B 29 -55.97 13.45 3.69
N GLU B 30 -55.69 12.82 2.56
CA GLU B 30 -54.31 12.54 2.18
C GLU B 30 -53.87 13.49 1.08
N MET B 31 -52.79 14.21 1.32
CA MET B 31 -52.31 15.16 0.33
C MET B 31 -50.87 14.88 -0.06
N GLU B 32 -50.58 15.00 -1.35
CA GLU B 32 -49.22 14.82 -1.85
C GLU B 32 -48.89 15.85 -2.89
N LEU B 33 -47.72 16.48 -2.77
CA LEU B 33 -47.28 17.40 -3.81
C LEU B 33 -46.77 16.60 -4.98
N LEU B 34 -47.24 16.92 -6.17
CA LEU B 34 -46.77 16.23 -7.37
C LEU B 34 -45.70 17.06 -8.06
N SER B 35 -45.85 18.37 -7.97
CA SER B 35 -44.88 19.28 -8.56
C SER B 35 -44.92 20.65 -7.92
N VAL B 36 -43.76 21.21 -7.64
CA VAL B 36 -43.65 22.58 -7.18
C VAL B 36 -42.72 23.36 -8.09
N THR B 37 -43.21 24.46 -8.65
CA THR B 37 -42.42 25.22 -9.60
C THR B 37 -42.17 26.65 -9.14
N LEU B 38 -40.91 27.06 -9.17
CA LEU B 38 -40.53 28.43 -8.86
C LEU B 38 -40.07 29.12 -10.14
N GLU B 39 -40.92 29.99 -10.68
CA GLU B 39 -40.63 30.62 -11.96
C GLU B 39 -40.33 32.12 -11.81
N PRO B 40 -39.06 32.52 -11.89
CA PRO B 40 -38.57 33.87 -11.68
C PRO B 40 -38.99 34.78 -12.82
N THR B 41 -39.23 36.05 -12.51
CA THR B 41 -39.44 37.04 -13.55
C THR B 41 -38.09 37.48 -14.08
N LEU B 42 -37.92 37.42 -15.40
CA LEU B 42 -36.65 37.77 -16.00
C LEU B 42 -36.74 39.00 -16.89
N SER B 43 -35.67 39.77 -16.88
CA SER B 43 -35.51 40.90 -17.78
C SER B 43 -34.19 40.81 -18.51
N LEU B 44 -34.24 40.71 -19.83
CA LEU B 44 -33.03 40.53 -20.62
C LEU B 44 -32.16 41.76 -20.59
N ASP B 45 -30.87 41.57 -20.30
CA ASP B 45 -29.93 42.67 -20.34
C ASP B 45 -29.26 42.74 -21.70
N TYR B 46 -28.68 41.61 -22.12
CA TYR B 46 -28.04 41.55 -23.43
C TYR B 46 -27.77 40.13 -23.90
N ILE B 47 -27.42 40.02 -25.18
CA ILE B 47 -27.07 38.76 -25.81
C ILE B 47 -25.58 38.69 -26.11
N THR B 48 -24.96 37.58 -25.73
CA THR B 48 -23.56 37.32 -26.04
C THR B 48 -23.48 36.20 -27.08
N CYS B 49 -22.68 36.42 -28.12
CA CYS B 49 -22.54 35.46 -29.21
C CYS B 49 -21.18 35.60 -29.89
N GLU B 50 -20.92 34.75 -30.87
CA GLU B 50 -19.65 34.80 -31.57
C GLU B 50 -19.59 35.99 -32.53
N TYR B 51 -18.44 36.65 -32.58
CA TYR B 51 -18.26 37.78 -33.47
C TYR B 51 -17.54 37.38 -34.74
N LYS B 52 -17.74 38.15 -35.81
CA LYS B 52 -16.96 37.96 -37.03
C LYS B 52 -16.16 39.21 -37.34
N THR B 53 -14.95 39.03 -37.86
CA THR B 53 -14.11 40.17 -38.23
C THR B 53 -14.21 40.41 -39.71
N VAL B 54 -14.52 41.64 -40.08
CA VAL B 54 -14.70 42.01 -41.46
C VAL B 54 -13.51 42.78 -41.99
N ILE B 55 -12.89 42.27 -43.04
CA ILE B 55 -11.72 42.89 -43.64
C ILE B 55 -11.90 43.04 -45.15
N PRO B 56 -12.27 44.23 -45.61
CA PRO B 56 -12.36 44.63 -47.01
C PRO B 56 -10.99 44.55 -47.66
N SER B 57 -10.96 44.34 -48.97
CA SER B 57 -9.69 44.27 -49.66
C SER B 57 -8.86 45.50 -49.33
N PRO B 58 -7.57 45.34 -49.04
CA PRO B 58 -6.63 46.38 -48.73
C PRO B 58 -6.40 47.24 -49.94
N TYR B 59 -6.23 48.53 -49.74
CA TYR B 59 -5.96 49.41 -50.85
C TYR B 59 -4.47 49.65 -50.99
N VAL B 60 -3.92 49.25 -52.11
CA VAL B 60 -2.49 49.41 -52.32
C VAL B 60 -2.25 50.61 -53.21
N LYS B 61 -1.63 51.63 -52.64
CA LYS B 61 -1.36 52.85 -53.38
C LYS B 61 0.13 53.07 -53.46
N CYS B 62 0.70 52.81 -54.62
CA CYS B 62 2.13 52.94 -54.82
C CYS B 62 2.49 54.28 -55.43
N CYS B 63 3.71 54.71 -55.23
CA CYS B 63 4.23 56.01 -55.67
C CYS B 63 3.66 57.13 -54.81
N GLY B 64 2.35 57.12 -54.59
CA GLY B 64 1.70 58.12 -53.74
C GLY B 64 1.51 57.60 -52.31
N THR B 65 0.82 58.39 -51.48
CA THR B 65 0.59 58.02 -50.09
C THR B 65 -0.91 57.84 -49.79
N ALA B 66 -1.24 56.70 -49.19
CA ALA B 66 -2.62 56.39 -48.80
C ALA B 66 -2.98 57.04 -47.47
N GLU B 67 -4.28 57.27 -47.27
CA GLU B 67 -4.81 57.80 -46.01
C GLU B 67 -6.22 57.26 -45.78
N CYS B 68 -6.69 57.35 -44.54
CA CYS B 68 -8.05 56.93 -44.19
C CYS B 68 -8.65 57.80 -43.09
N LYS B 69 -9.96 57.73 -42.94
CA LYS B 69 -10.67 58.51 -41.95
C LYS B 69 -11.36 57.61 -40.94
N ASP B 70 -11.60 58.13 -39.75
CA ASP B 70 -12.26 57.37 -38.70
C ASP B 70 -13.69 57.01 -39.08
N LYS B 71 -14.09 55.79 -38.73
CA LYS B 71 -15.46 55.33 -38.93
C LYS B 71 -16.08 54.96 -37.59
N ASN B 72 -17.40 54.86 -37.56
CA ASN B 72 -18.12 54.62 -36.31
C ASN B 72 -18.56 53.16 -36.16
N LEU B 73 -17.90 52.27 -36.88
CA LEU B 73 -18.20 50.85 -36.81
C LEU B 73 -17.70 50.28 -35.46
N PRO B 74 -18.33 49.21 -34.94
CA PRO B 74 -18.31 48.76 -33.56
C PRO B 74 -16.91 48.64 -32.96
N ASP B 75 -15.94 48.22 -33.76
CA ASP B 75 -14.57 48.10 -33.27
C ASP B 75 -13.61 48.42 -34.40
N TYR B 76 -13.86 49.55 -35.06
CA TYR B 76 -13.10 49.94 -36.24
C TYR B 76 -11.64 50.26 -35.94
N SER B 77 -10.77 49.76 -36.80
CA SER B 77 -9.35 50.07 -36.73
C SER B 77 -8.79 50.27 -38.15
N CYS B 78 -7.92 51.27 -38.31
CA CYS B 78 -7.31 51.58 -39.61
C CYS B 78 -5.85 51.97 -39.44
N LYS B 79 -5.02 51.47 -40.34
CA LYS B 79 -3.60 51.83 -40.34
C LYS B 79 -3.02 51.84 -41.74
N VAL B 80 -2.06 52.72 -41.97
CA VAL B 80 -1.37 52.76 -43.25
C VAL B 80 0.10 52.37 -43.06
N PHE B 81 0.53 51.40 -43.85
CA PHE B 81 1.91 50.91 -43.78
C PHE B 81 2.71 51.42 -44.95
N THR B 82 3.98 51.75 -44.72
CA THR B 82 4.82 52.28 -45.77
C THR B 82 5.93 51.33 -46.16
N GLY B 83 6.51 51.54 -47.34
CA GLY B 83 7.66 50.74 -47.78
C GLY B 83 7.21 49.37 -48.27
N VAL B 84 5.99 49.28 -48.77
CA VAL B 84 5.43 48.01 -49.22
C VAL B 84 5.67 47.78 -50.71
N TYR B 85 6.12 46.57 -51.06
CA TYR B 85 6.31 46.22 -52.45
C TYR B 85 5.73 44.84 -52.75
N PRO B 86 4.40 44.73 -52.78
CA PRO B 86 3.63 43.50 -52.91
C PRO B 86 3.73 42.93 -54.31
N PHE B 87 3.59 41.60 -54.39
CA PHE B 87 3.56 40.91 -55.67
C PHE B 87 2.27 40.14 -55.87
N MET B 88 1.87 40.01 -57.11
CA MET B 88 0.75 39.16 -57.50
C MET B 88 1.28 37.99 -58.32
N TRP B 89 0.39 37.08 -58.68
CA TRP B 89 0.82 35.87 -59.37
C TRP B 89 1.59 36.15 -60.66
N GLY B 90 1.27 37.27 -61.32
CA GLY B 90 1.91 37.58 -62.60
C GLY B 90 3.11 38.50 -62.48
N GLY B 91 3.48 38.88 -61.25
CA GLY B 91 4.60 39.80 -61.07
C GLY B 91 4.29 40.91 -60.06
N ALA B 92 5.16 41.90 -60.01
CA ALA B 92 5.02 42.99 -59.04
C ALA B 92 3.72 43.75 -59.27
N TYR B 93 3.11 44.19 -58.17
CA TYR B 93 1.81 44.87 -58.22
C TYR B 93 1.78 46.08 -59.15
N CYS B 94 2.81 46.94 -59.09
CA CYS B 94 2.82 48.16 -59.89
C CYS B 94 4.22 48.60 -60.28
N PHE B 95 4.29 49.70 -61.02
CA PHE B 95 5.50 50.21 -61.65
C PHE B 95 6.64 50.56 -60.68
N CYS B 96 6.34 51.29 -59.61
CA CYS B 96 7.38 51.79 -58.70
C CYS B 96 7.54 50.90 -57.46
N ASP B 97 8.79 50.77 -57.01
CA ASP B 97 9.13 49.91 -55.89
C ASP B 97 9.57 50.67 -54.64
N ALA B 98 9.22 51.95 -54.58
CA ALA B 98 9.64 52.77 -53.45
C ALA B 98 8.58 53.79 -53.07
N GLU B 99 8.56 54.17 -51.81
CA GLU B 99 7.63 55.16 -51.28
C GLU B 99 6.19 54.73 -51.53
N ASN B 100 5.93 53.43 -51.40
CA ASN B 100 4.59 52.88 -51.57
C ASN B 100 3.92 52.70 -50.22
N THR B 101 2.59 52.75 -50.20
CA THR B 101 1.87 52.49 -48.95
C THR B 101 0.72 51.52 -49.15
N GLN B 102 0.34 50.85 -48.06
CA GLN B 102 -0.83 49.98 -48.05
C GLN B 102 -1.81 50.40 -46.98
N LEU B 103 -3.06 50.55 -47.38
CA LEU B 103 -4.13 50.90 -46.46
C LEU B 103 -4.93 49.69 -46.02
N SER B 104 -4.89 49.39 -44.73
CA SER B 104 -5.62 48.27 -44.17
C SER B 104 -6.67 48.76 -43.18
N GLU B 105 -7.84 48.15 -43.23
CA GLU B 105 -8.91 48.49 -42.28
C GLU B 105 -9.68 47.25 -41.88
N ALA B 106 -10.25 47.28 -40.69
CA ALA B 106 -11.07 46.16 -40.23
C ALA B 106 -12.06 46.60 -39.16
N HIS B 107 -13.15 45.85 -39.03
CA HIS B 107 -14.11 46.10 -37.96
C HIS B 107 -14.81 44.81 -37.55
N VAL B 108 -15.48 44.84 -36.40
CA VAL B 108 -16.16 43.67 -35.87
C VAL B 108 -17.67 43.77 -35.95
N GLU B 109 -18.30 42.71 -36.46
CA GLU B 109 -19.75 42.62 -36.56
C GLU B 109 -20.24 41.35 -35.88
N LYS B 110 -21.51 41.32 -35.49
CA LYS B 110 -22.07 40.10 -34.93
C LYS B 110 -22.20 39.05 -36.03
N SER B 111 -21.90 37.80 -35.71
CA SER B 111 -22.05 36.72 -36.67
C SER B 111 -23.52 36.46 -36.97
N GLU B 112 -23.80 35.96 -38.16
CA GLU B 112 -25.16 35.57 -38.53
C GLU B 112 -25.64 34.44 -37.63
N SER B 113 -24.70 33.67 -37.12
CA SER B 113 -25.00 32.55 -36.25
C SER B 113 -25.60 32.98 -34.91
N CYS B 114 -25.50 34.27 -34.57
CA CYS B 114 -25.98 34.81 -33.30
C CYS B 114 -27.49 34.67 -33.18
N LYS B 115 -28.16 34.37 -34.29
CA LYS B 115 -29.59 34.17 -34.29
C LYS B 115 -29.96 32.79 -33.77
N THR B 116 -28.98 31.89 -33.76
CA THR B 116 -29.20 30.51 -33.33
C THR B 116 -28.35 30.15 -32.11
N GLU B 117 -27.07 30.49 -32.16
CA GLU B 117 -26.14 30.15 -31.09
C GLU B 117 -25.74 31.36 -30.28
N PHE B 118 -26.35 31.51 -29.12
CA PHE B 118 -26.09 32.66 -28.25
C PHE B 118 -26.44 32.36 -26.81
N ALA B 119 -25.91 33.18 -25.90
CA ALA B 119 -26.30 33.09 -24.50
C ALA B 119 -26.97 34.37 -24.07
N SER B 120 -28.07 34.24 -23.34
CA SER B 120 -28.83 35.41 -22.90
C SER B 120 -28.52 35.76 -21.45
N ALA B 121 -28.15 37.02 -21.23
CA ALA B 121 -27.87 37.51 -19.88
C ALA B 121 -29.11 38.17 -19.30
N TYR B 122 -29.65 37.58 -18.24
CA TYR B 122 -30.90 38.06 -17.63
C TYR B 122 -30.71 38.57 -16.21
N ARG B 123 -31.56 39.53 -15.83
CA ARG B 123 -31.71 39.88 -14.43
C ARG B 123 -32.94 39.20 -13.86
N ALA B 124 -32.78 38.54 -12.72
CA ALA B 124 -33.89 37.79 -12.11
C ALA B 124 -34.45 38.54 -10.92
N HIS B 125 -35.77 38.47 -10.75
CA HIS B 125 -36.44 39.10 -9.63
C HIS B 125 -37.13 38.07 -8.73
N THR B 126 -38.43 38.25 -8.52
CA THR B 126 -39.22 37.34 -7.69
C THR B 126 -39.77 36.19 -8.52
N ALA B 127 -40.24 35.15 -7.85
CA ALA B 127 -40.77 34.00 -8.57
C ALA B 127 -42.26 33.79 -8.30
N SER B 128 -42.99 33.50 -9.37
CA SER B 128 -44.41 33.21 -9.27
C SER B 128 -44.62 31.75 -8.94
N ALA B 129 -44.33 31.40 -7.69
CA ALA B 129 -44.36 30.00 -7.26
C ALA B 129 -45.77 29.42 -7.41
N SER B 130 -45.82 28.18 -7.89
CA SER B 130 -47.09 27.46 -8.05
C SER B 130 -46.86 25.97 -7.84
N ALA B 131 -47.93 25.23 -7.59
CA ALA B 131 -47.77 23.80 -7.36
C ALA B 131 -48.99 22.99 -7.78
N LYS B 132 -48.73 21.73 -8.11
CA LYS B 132 -49.77 20.76 -8.41
C LYS B 132 -49.91 19.80 -7.24
N LEU B 133 -51.09 19.77 -6.65
CA LEU B 133 -51.32 18.98 -5.44
C LEU B 133 -52.33 17.86 -5.67
N ARG B 134 -51.98 16.66 -5.20
CA ARG B 134 -52.91 15.54 -5.22
C ARG B 134 -53.62 15.43 -3.88
N VAL B 135 -54.94 15.34 -3.93
CA VAL B 135 -55.72 15.23 -2.71
C VAL B 135 -56.65 14.02 -2.75
N LEU B 136 -56.65 13.24 -1.68
CA LEU B 136 -57.58 12.13 -1.55
C LEU B 136 -58.79 12.62 -0.77
N TYR B 137 -59.88 12.87 -1.49
CA TYR B 137 -61.06 13.49 -0.91
C TYR B 137 -62.27 12.58 -1.03
N GLN B 138 -62.82 12.18 0.12
CA GLN B 138 -63.95 11.25 0.15
C GLN B 138 -63.64 9.98 -0.63
N GLY B 139 -62.39 9.53 -0.55
CA GLY B 139 -61.96 8.30 -1.20
C GLY B 139 -61.59 8.51 -2.67
N ASN B 140 -61.78 9.72 -3.18
CA ASN B 140 -61.50 10.01 -4.58
C ASN B 140 -60.17 10.71 -4.77
N ASN B 141 -59.46 10.34 -5.84
CA ASN B 141 -58.20 10.99 -6.17
C ASN B 141 -58.41 12.18 -7.10
N ILE B 142 -58.21 13.37 -6.58
CA ILE B 142 -58.40 14.60 -7.35
C ILE B 142 -57.14 15.45 -7.29
N THR B 143 -56.98 16.35 -8.25
CA THR B 143 -55.82 17.23 -8.25
C THR B 143 -56.21 18.68 -8.44
N VAL B 144 -55.36 19.57 -7.92
CA VAL B 144 -55.53 21.00 -8.13
C VAL B 144 -54.21 21.65 -8.54
N THR B 145 -54.31 22.77 -9.22
CA THR B 145 -53.13 23.54 -9.61
C THR B 145 -53.36 25.02 -9.35
N ALA B 146 -52.53 25.61 -8.50
CA ALA B 146 -52.72 27.00 -8.11
C ALA B 146 -51.39 27.63 -7.70
N TYR B 147 -51.35 28.97 -7.73
CA TYR B 147 -50.19 29.71 -7.30
C TYR B 147 -50.04 29.67 -5.79
N ALA B 148 -48.82 29.48 -5.33
CA ALA B 148 -48.53 29.39 -3.91
C ALA B 148 -48.34 30.78 -3.31
N ASN B 149 -49.40 31.57 -3.33
CA ASN B 149 -49.35 32.93 -2.82
C ASN B 149 -50.51 33.24 -1.88
N GLY B 150 -51.30 32.22 -1.53
CA GLY B 150 -52.44 32.43 -0.66
C GLY B 150 -53.61 33.06 -1.43
N ASP B 151 -53.57 32.96 -2.75
CA ASP B 151 -54.56 33.57 -3.64
C ASP B 151 -54.82 32.64 -4.82
N HIS B 152 -55.68 33.08 -5.73
CA HIS B 152 -56.00 32.26 -6.90
C HIS B 152 -56.56 30.91 -6.49
N ALA B 153 -57.56 30.94 -5.64
CA ALA B 153 -58.20 29.72 -5.16
C ALA B 153 -58.82 28.94 -6.29
N VAL B 154 -58.70 27.61 -6.22
CA VAL B 154 -59.30 26.74 -7.21
C VAL B 154 -60.28 25.77 -6.56
N THR B 155 -61.49 25.70 -7.12
CA THR B 155 -62.51 24.83 -6.55
C THR B 155 -62.74 23.58 -7.38
N VAL B 156 -62.59 22.43 -6.75
CA VAL B 156 -62.85 21.14 -7.39
C VAL B 156 -63.75 20.31 -6.50
N LYS B 157 -64.76 19.68 -7.10
CA LYS B 157 -65.71 18.88 -6.32
C LYS B 157 -66.32 19.72 -5.22
N ASP B 158 -66.58 20.99 -5.52
CA ASP B 158 -67.18 21.94 -4.58
C ASP B 158 -66.27 22.26 -3.40
N ALA B 159 -65.03 21.80 -3.42
CA ALA B 159 -64.08 22.10 -2.36
C ALA B 159 -63.10 23.16 -2.82
N LYS B 160 -63.01 24.24 -2.06
CA LYS B 160 -62.14 25.36 -2.44
C LYS B 160 -60.75 25.21 -1.85
N PHE B 161 -59.74 25.18 -2.72
CA PHE B 161 -58.36 24.99 -2.28
C PHE B 161 -57.51 26.24 -2.43
N ILE B 162 -56.88 26.65 -1.32
CA ILE B 162 -55.93 27.74 -1.32
C ILE B 162 -54.58 27.26 -0.85
N VAL B 163 -53.54 27.55 -1.62
CA VAL B 163 -52.19 27.12 -1.27
C VAL B 163 -51.23 28.29 -1.11
N GLY B 164 -50.34 28.18 -0.13
CA GLY B 164 -49.34 29.21 0.09
C GLY B 164 -49.87 30.30 1.01
N PRO B 165 -49.07 31.34 1.22
CA PRO B 165 -47.80 31.66 0.60
C PRO B 165 -46.70 30.70 1.06
N MET B 166 -45.64 30.62 0.26
CA MET B 166 -44.50 29.76 0.59
C MET B 166 -43.82 30.22 1.86
N SER B 167 -43.40 29.27 2.69
CA SER B 167 -42.72 29.59 3.95
C SER B 167 -41.30 30.08 3.72
N SER B 168 -40.78 29.88 2.51
CA SER B 168 -39.43 30.31 2.18
C SER B 168 -39.39 30.97 0.82
N ALA B 169 -38.59 32.02 0.72
CA ALA B 169 -38.44 32.77 -0.53
C ALA B 169 -37.16 32.38 -1.23
N TRP B 170 -36.52 31.30 -0.76
CA TRP B 170 -35.26 30.87 -1.34
C TRP B 170 -35.43 30.38 -2.76
N THR B 171 -34.48 30.76 -3.61
CA THR B 171 -34.46 30.34 -5.00
C THR B 171 -33.02 30.00 -5.40
N PRO B 172 -32.82 29.00 -6.26
CA PRO B 172 -31.54 28.58 -6.81
C PRO B 172 -30.96 29.62 -7.75
N PHE B 173 -31.80 30.55 -8.20
CA PHE B 173 -31.36 31.57 -9.15
C PHE B 173 -30.99 32.85 -8.42
N ASP B 174 -29.78 33.34 -8.67
CA ASP B 174 -29.38 34.61 -8.09
C ASP B 174 -29.79 35.75 -9.01
N ASN B 175 -29.36 36.96 -8.70
CA ASN B 175 -29.83 38.13 -9.43
C ASN B 175 -29.39 38.13 -10.89
N LYS B 176 -28.22 37.58 -11.18
CA LYS B 176 -27.70 37.58 -12.53
C LYS B 176 -27.50 36.16 -13.07
N ILE B 177 -28.27 35.80 -14.09
CA ILE B 177 -28.15 34.47 -14.66
C ILE B 177 -27.90 34.52 -16.16
N VAL B 178 -27.28 33.48 -16.67
CA VAL B 178 -27.04 33.36 -18.10
C VAL B 178 -27.63 32.05 -18.62
N VAL B 179 -28.43 32.08 -19.67
CA VAL B 179 -29.10 30.88 -20.14
C VAL B 179 -28.72 30.44 -21.53
N TYR B 180 -27.86 29.45 -21.66
CA TYR B 180 -27.40 29.03 -22.95
C TYR B 180 -28.50 28.39 -23.74
N LYS B 181 -28.69 27.10 -23.65
CA LYS B 181 -29.81 26.53 -24.34
C LYS B 181 -30.73 25.96 -23.33
N GLY B 182 -30.37 24.81 -22.80
CA GLY B 182 -31.17 24.19 -21.76
C GLY B 182 -30.47 24.32 -20.45
N ASP B 183 -29.44 25.14 -20.40
CA ASP B 183 -28.64 25.24 -19.21
C ASP B 183 -28.70 26.62 -18.63
N VAL B 184 -28.79 26.72 -17.32
CA VAL B 184 -28.79 28.03 -16.69
C VAL B 184 -27.61 28.15 -15.73
N TYR B 185 -26.87 29.24 -15.84
CA TYR B 185 -25.71 29.46 -14.98
C TYR B 185 -25.85 30.72 -14.14
N ASN B 186 -25.34 30.67 -12.91
CA ASN B 186 -25.25 31.86 -12.06
C ASN B 186 -23.89 32.50 -12.22
N MET B 187 -23.85 33.68 -12.83
CA MET B 187 -22.59 34.37 -13.04
C MET B 187 -22.76 35.88 -13.11
N ASP B 188 -21.76 36.59 -12.61
CA ASP B 188 -21.80 38.05 -12.62
C ASP B 188 -21.30 38.59 -13.95
N TYR B 189 -22.16 38.50 -14.97
CA TYR B 189 -21.79 38.99 -16.29
C TYR B 189 -21.57 40.49 -16.24
N PRO B 190 -20.65 41.02 -17.05
CA PRO B 190 -20.24 42.41 -17.09
C PRO B 190 -21.38 43.30 -17.57
N PRO B 191 -21.41 44.57 -17.17
CA PRO B 191 -22.35 45.59 -17.58
C PRO B 191 -22.36 45.76 -19.09
N PHE B 192 -23.52 46.06 -19.65
CA PHE B 192 -23.60 46.26 -21.08
C PHE B 192 -22.75 47.45 -21.48
N GLY B 193 -21.94 47.26 -22.50
CA GLY B 193 -21.07 48.32 -22.99
C GLY B 193 -19.73 48.33 -22.28
N ALA B 194 -19.55 47.40 -21.34
CA ALA B 194 -18.32 47.32 -20.56
C ALA B 194 -17.71 45.92 -20.65
N GLY B 195 -17.86 45.27 -21.79
CA GLY B 195 -17.31 43.93 -21.98
C GLY B 195 -15.80 43.99 -22.17
N ARG B 196 -15.14 42.86 -21.92
CA ARG B 196 -13.69 42.76 -22.02
C ARG B 196 -13.29 41.63 -22.98
N PRO B 197 -12.17 41.81 -23.70
CA PRO B 197 -11.66 40.93 -24.72
C PRO B 197 -11.26 39.58 -24.15
N GLY B 198 -11.61 38.52 -24.87
CA GLY B 198 -11.22 37.16 -24.47
C GLY B 198 -12.12 36.62 -23.36
N GLN B 199 -13.12 37.40 -22.98
CA GLN B 199 -14.01 37.02 -21.89
C GLN B 199 -15.46 37.07 -22.33
N PHE B 200 -16.32 36.35 -21.62
CA PHE B 200 -17.74 36.36 -21.94
C PHE B 200 -18.24 37.78 -21.93
N GLY B 201 -18.98 38.16 -22.97
CA GLY B 201 -19.53 39.50 -23.07
C GLY B 201 -18.63 40.46 -23.86
N ASP B 202 -17.60 39.93 -24.52
CA ASP B 202 -16.72 40.77 -25.33
C ASP B 202 -17.49 41.44 -26.46
N ILE B 203 -18.48 40.74 -26.99
CA ILE B 203 -19.41 41.32 -27.97
C ILE B 203 -20.83 41.25 -27.42
N GLN B 204 -21.54 42.36 -27.46
CA GLN B 204 -22.86 42.44 -26.86
C GLN B 204 -23.90 43.13 -27.73
N SER B 205 -25.14 42.68 -27.64
CA SER B 205 -26.26 43.39 -28.24
C SER B 205 -27.49 43.25 -27.37
N ARG B 206 -28.39 44.22 -27.40
CA ARG B 206 -29.57 44.16 -26.54
C ARG B 206 -30.54 43.04 -26.95
N THR B 207 -30.71 42.86 -28.24
CA THR B 207 -31.54 41.79 -28.76
C THR B 207 -30.83 41.13 -29.95
N PRO B 208 -31.12 39.85 -30.24
CA PRO B 208 -30.53 39.08 -31.33
C PRO B 208 -30.64 39.79 -32.68
N GLU B 209 -31.73 40.51 -32.88
CA GLU B 209 -31.99 41.20 -34.14
C GLU B 209 -31.47 42.63 -34.18
N SER B 210 -30.93 43.11 -33.06
CA SER B 210 -30.51 44.50 -32.97
C SER B 210 -29.29 44.79 -33.85
N LYS B 211 -29.25 46.02 -34.38
CA LYS B 211 -28.09 46.47 -35.15
C LYS B 211 -27.10 47.21 -34.27
N ASP B 212 -27.47 47.40 -33.00
CA ASP B 212 -26.63 48.11 -32.05
C ASP B 212 -25.70 47.15 -31.34
N VAL B 213 -24.45 47.09 -31.79
CA VAL B 213 -23.51 46.09 -31.30
C VAL B 213 -22.29 46.72 -30.65
N TYR B 214 -22.00 46.28 -29.43
CA TYR B 214 -20.80 46.67 -28.72
C TYR B 214 -19.75 45.61 -28.90
N ALA B 215 -18.50 46.01 -29.15
CA ALA B 215 -17.44 45.03 -29.28
C ALA B 215 -16.13 45.57 -28.74
N ASN B 216 -15.41 44.71 -28.03
CA ASN B 216 -14.09 45.04 -27.53
C ASN B 216 -13.17 43.84 -27.69
N THR B 217 -12.51 43.74 -28.84
CA THR B 217 -11.72 42.56 -29.15
C THR B 217 -10.22 42.87 -29.19
N GLN B 218 -9.87 44.13 -28.96
CA GLN B 218 -8.49 44.57 -29.08
C GLN B 218 -7.91 44.23 -30.43
N LEU B 219 -8.65 44.55 -31.47
CA LEU B 219 -8.21 44.28 -32.83
C LEU B 219 -7.13 45.26 -33.26
N VAL B 220 -5.95 44.72 -33.54
CA VAL B 220 -4.81 45.52 -33.96
C VAL B 220 -4.28 45.06 -35.31
N LEU B 221 -4.17 46.00 -36.25
CA LEU B 221 -3.67 45.67 -37.57
C LEU B 221 -2.15 45.59 -37.57
N GLN B 222 -1.61 44.58 -38.24
CA GLN B 222 -0.17 44.37 -38.30
C GLN B 222 0.37 44.60 -39.70
N ARG B 223 1.67 44.82 -39.80
CA ARG B 223 2.32 44.99 -41.10
C ARG B 223 2.31 43.67 -41.86
N PRO B 224 1.95 43.68 -43.15
CA PRO B 224 1.89 42.55 -44.05
C PRO B 224 3.27 41.99 -44.34
N ALA B 225 3.34 40.69 -44.63
CA ALA B 225 4.61 40.08 -45.00
C ALA B 225 5.12 40.68 -46.30
N ALA B 226 6.42 40.87 -46.39
CA ALA B 226 6.98 41.47 -47.59
C ALA B 226 6.61 40.66 -48.81
N GLY B 227 6.21 41.35 -49.88
CA GLY B 227 5.89 40.71 -51.14
C GLY B 227 4.45 40.23 -51.22
N THR B 228 3.68 40.46 -50.16
CA THR B 228 2.30 39.98 -50.13
C THR B 228 1.30 41.12 -49.91
N VAL B 229 0.02 40.82 -50.12
CA VAL B 229 -1.04 41.81 -49.94
C VAL B 229 -2.03 41.41 -48.84
N HIS B 230 -1.69 40.39 -48.06
CA HIS B 230 -2.60 39.92 -47.01
C HIS B 230 -2.66 40.93 -45.87
N VAL B 231 -3.72 40.87 -45.07
CA VAL B 231 -3.86 41.78 -43.94
C VAL B 231 -3.88 41.04 -42.61
N PRO B 232 -2.75 40.99 -41.91
CA PRO B 232 -2.55 40.32 -40.64
C PRO B 232 -3.12 41.17 -39.52
N TYR B 233 -3.53 40.53 -38.44
CA TYR B 233 -3.99 41.26 -37.27
C TYR B 233 -3.88 40.43 -36.01
N SER B 234 -3.88 41.11 -34.87
CA SER B 234 -3.92 40.45 -33.58
C SER B 234 -5.24 40.77 -32.89
N GLN B 235 -6.03 39.75 -32.62
CA GLN B 235 -7.35 39.94 -32.03
C GLN B 235 -7.64 38.84 -31.02
N ALA B 236 -8.23 39.21 -29.88
CA ALA B 236 -8.61 38.21 -28.91
C ALA B 236 -9.70 37.30 -29.51
N PRO B 237 -9.59 35.98 -29.38
CA PRO B 237 -10.56 35.00 -29.79
C PRO B 237 -11.87 35.22 -29.05
N SER B 238 -12.97 34.84 -29.68
CA SER B 238 -14.28 35.08 -29.11
C SER B 238 -14.39 34.56 -27.69
N GLY B 239 -14.88 35.41 -26.80
CA GLY B 239 -15.05 35.05 -25.40
C GLY B 239 -16.24 34.12 -25.25
N PHE B 240 -17.08 34.09 -26.27
CA PHE B 240 -18.24 33.22 -26.26
C PHE B 240 -17.80 31.78 -26.43
N LYS B 241 -16.89 31.56 -27.37
CA LYS B 241 -16.38 30.21 -27.61
C LYS B 241 -15.58 29.72 -26.42
N TYR B 242 -14.81 30.61 -25.81
CA TYR B 242 -14.07 30.23 -24.62
C TYR B 242 -15.03 29.85 -23.50
N TRP B 243 -16.09 30.64 -23.35
CA TRP B 243 -17.06 30.38 -22.32
C TRP B 243 -17.72 29.03 -22.51
N LEU B 244 -18.06 28.70 -23.75
CA LEU B 244 -18.74 27.44 -24.04
C LEU B 244 -17.88 26.25 -23.63
N LYS B 245 -16.56 26.38 -23.80
CA LYS B 245 -15.64 25.31 -23.43
C LYS B 245 -15.40 25.27 -21.92
N GLU B 246 -15.54 26.42 -21.27
CA GLU B 246 -15.26 26.55 -19.84
C GLU B 246 -16.51 26.79 -19.01
N ARG B 247 -17.67 26.41 -19.53
CA ARG B 247 -18.94 26.67 -18.83
C ARG B 247 -18.98 26.06 -17.44
N GLY B 248 -18.47 24.85 -17.31
CA GLY B 248 -18.55 24.14 -16.05
C GLY B 248 -19.95 23.56 -15.88
N ALA B 249 -20.27 23.13 -14.66
CA ALA B 249 -21.58 22.54 -14.39
C ALA B 249 -22.65 23.62 -14.33
N SER B 250 -23.83 23.30 -14.83
CA SER B 250 -24.98 24.19 -14.77
C SER B 250 -25.77 23.97 -13.50
N LEU B 251 -26.73 24.85 -13.22
CA LEU B 251 -27.50 24.77 -11.99
C LEU B 251 -28.25 23.45 -11.90
N GLN B 252 -28.55 22.86 -13.04
CA GLN B 252 -29.26 21.59 -13.08
C GLN B 252 -28.50 20.53 -12.30
N HIS B 253 -27.19 20.69 -12.20
CA HIS B 253 -26.34 19.71 -11.54
C HIS B 253 -25.76 20.21 -10.22
N THR B 254 -25.77 21.52 -10.01
CA THR B 254 -25.13 22.10 -8.83
C THR B 254 -26.09 22.67 -7.80
N ALA B 255 -27.35 22.86 -8.16
CA ALA B 255 -28.29 23.52 -7.28
C ALA B 255 -28.48 22.72 -5.98
N PRO B 256 -28.62 23.42 -4.83
CA PRO B 256 -29.01 22.91 -3.52
C PRO B 256 -30.43 22.37 -3.50
N PHE B 257 -30.72 21.54 -2.49
CA PHE B 257 -32.05 21.03 -2.20
C PHE B 257 -32.63 20.17 -3.32
N GLY B 258 -31.76 19.67 -4.19
CA GLY B 258 -32.19 18.73 -5.23
C GLY B 258 -33.07 19.39 -6.29
N CYS B 259 -32.89 20.69 -6.52
CA CYS B 259 -33.72 21.43 -7.48
C CYS B 259 -33.45 20.95 -8.91
N GLN B 260 -34.52 20.76 -9.67
CA GLN B 260 -34.40 20.47 -11.09
C GLN B 260 -34.53 21.77 -11.86
N ILE B 261 -33.66 21.99 -12.81
CA ILE B 261 -33.69 23.24 -13.57
C ILE B 261 -34.10 23.02 -15.01
N ALA B 262 -35.08 23.79 -15.46
CA ALA B 262 -35.59 23.71 -16.81
C ALA B 262 -35.64 25.09 -17.43
N THR B 263 -35.60 25.15 -18.76
CA THR B 263 -35.65 26.43 -19.46
C THR B 263 -36.82 26.50 -20.41
N ASN B 264 -37.07 27.70 -20.95
CA ASN B 264 -38.16 27.92 -21.88
C ASN B 264 -39.52 27.52 -21.30
N PRO B 265 -39.99 28.24 -20.28
CA PRO B 265 -39.37 29.31 -19.51
C PRO B 265 -38.39 28.80 -18.47
N VAL B 266 -37.55 29.69 -17.95
CA VAL B 266 -36.64 29.31 -16.88
C VAL B 266 -37.40 29.10 -15.59
N ARG B 267 -37.18 27.95 -14.97
CA ARG B 267 -37.88 27.62 -13.74
C ARG B 267 -37.14 26.58 -12.92
N ALA B 268 -37.33 26.63 -11.59
CA ALA B 268 -36.81 25.60 -10.71
C ALA B 268 -37.95 24.68 -10.30
N VAL B 269 -37.69 23.38 -10.31
CA VAL B 269 -38.74 22.42 -10.04
C VAL B 269 -38.43 21.49 -8.87
N ASN B 270 -39.42 21.31 -8.01
CA ASN B 270 -39.38 20.41 -6.87
C ASN B 270 -38.22 20.65 -5.90
N CYS B 271 -37.97 21.91 -5.55
CA CYS B 271 -36.97 22.25 -4.53
C CYS B 271 -37.51 21.89 -3.14
N ALA B 272 -36.75 21.10 -2.38
CA ALA B 272 -37.22 20.65 -1.08
C ALA B 272 -36.92 21.69 0.00
N VAL B 273 -37.56 22.84 -0.12
CA VAL B 273 -37.29 23.94 0.81
C VAL B 273 -38.54 24.43 1.51
N GLY B 274 -38.49 24.44 2.84
CA GLY B 274 -39.57 25.00 3.65
C GLY B 274 -40.84 24.16 3.59
N ASN B 275 -41.98 24.83 3.73
CA ASN B 275 -43.28 24.16 3.74
C ASN B 275 -44.35 25.02 3.07
N MET B 276 -45.53 24.44 2.88
CA MET B 276 -46.63 25.09 2.18
C MET B 276 -47.96 24.93 2.92
N PRO B 277 -48.48 26.01 3.50
CA PRO B 277 -49.80 26.11 4.10
C PRO B 277 -50.89 25.80 3.08
N ILE B 278 -51.86 24.99 3.50
CA ILE B 278 -53.00 24.64 2.65
C ILE B 278 -54.32 24.85 3.38
N SER B 279 -55.23 25.57 2.74
CA SER B 279 -56.55 25.82 3.33
C SER B 279 -57.66 25.25 2.44
N ILE B 280 -58.48 24.38 3.02
CA ILE B 280 -59.53 23.72 2.25
C ILE B 280 -60.92 24.05 2.79
N ASP B 281 -61.80 24.53 1.92
CA ASP B 281 -63.19 24.75 2.28
C ASP B 281 -64.00 23.50 1.95
N ILE B 282 -64.37 22.75 2.98
CA ILE B 282 -65.02 21.45 2.81
C ILE B 282 -66.53 21.55 2.96
N PRO B 283 -67.29 21.15 1.93
CA PRO B 283 -68.75 21.08 1.90
C PRO B 283 -69.31 20.22 3.03
N GLU B 284 -70.45 20.64 3.56
CA GLU B 284 -71.08 19.93 4.68
C GLU B 284 -71.46 18.51 4.29
N ALA B 285 -71.63 18.27 3.00
CA ALA B 285 -72.01 16.97 2.48
C ALA B 285 -70.91 15.95 2.74
N ALA B 286 -69.69 16.42 2.97
CA ALA B 286 -68.54 15.55 3.18
C ALA B 286 -68.45 15.10 4.62
N PHE B 287 -69.31 15.62 5.49
CA PHE B 287 -69.26 15.28 6.90
C PHE B 287 -70.43 14.40 7.31
N THR B 288 -70.13 13.34 8.04
CA THR B 288 -71.15 12.44 8.57
C THR B 288 -71.26 12.60 10.07
N ARG B 289 -72.48 12.81 10.56
CA ARG B 289 -72.71 13.02 11.98
C ARG B 289 -72.36 11.78 12.78
N VAL B 290 -71.86 11.97 13.99
CA VAL B 290 -71.44 10.85 14.83
C VAL B 290 -72.59 9.91 15.14
N VAL B 291 -73.81 10.42 15.10
CA VAL B 291 -74.99 9.60 15.33
C VAL B 291 -75.30 8.70 14.12
N ASP B 292 -74.87 9.14 12.94
CA ASP B 292 -75.09 8.37 11.71
C ASP B 292 -73.92 7.47 11.42
N ALA B 293 -72.73 7.88 11.87
CA ALA B 293 -71.52 7.10 11.67
C ALA B 293 -71.57 5.82 12.49
N PRO B 294 -70.88 4.76 12.04
CA PRO B 294 -70.59 3.54 12.77
C PRO B 294 -69.82 3.82 14.05
N SER B 295 -70.11 3.06 15.10
CA SER B 295 -69.39 3.16 16.35
C SER B 295 -68.72 1.84 16.67
N LEU B 296 -67.50 1.88 17.18
CA LEU B 296 -66.76 0.66 17.46
C LEU B 296 -66.49 0.51 18.95
N THR B 297 -66.57 -0.72 19.44
CA THR B 297 -66.26 -1.01 20.83
C THR B 297 -65.38 -2.25 20.95
N ASP B 298 -64.95 -2.53 22.17
CA ASP B 298 -64.15 -3.72 22.45
C ASP B 298 -62.98 -3.85 21.50
N MET B 299 -62.29 -2.73 21.28
CA MET B 299 -61.18 -2.69 20.33
C MET B 299 -59.84 -3.05 20.98
N SER B 300 -59.03 -3.80 20.24
CA SER B 300 -57.69 -4.16 20.69
C SER B 300 -56.73 -4.26 19.50
N CYS B 301 -55.43 -4.08 19.76
CA CYS B 301 -54.41 -4.05 18.70
C CYS B 301 -53.23 -4.95 19.01
N GLU B 302 -52.75 -5.64 17.98
CA GLU B 302 -51.54 -6.44 18.06
C GLU B 302 -50.66 -6.17 16.84
N VAL B 303 -49.36 -6.38 16.99
CA VAL B 303 -48.41 -6.14 15.91
C VAL B 303 -47.61 -7.39 15.58
N PRO B 304 -48.03 -8.16 14.59
CA PRO B 304 -47.40 -9.37 14.11
C PRO B 304 -45.94 -9.15 13.76
N ALA B 305 -45.63 -7.98 13.21
CA ALA B 305 -44.26 -7.65 12.85
C ALA B 305 -44.05 -6.15 12.78
N CYS B 306 -42.80 -5.72 13.02
CA CYS B 306 -42.40 -4.32 12.82
C CYS B 306 -40.94 -4.22 12.44
N THR B 307 -40.68 -3.59 11.30
CA THR B 307 -39.33 -3.25 10.88
C THR B 307 -39.29 -1.78 10.50
N HIS B 308 -38.35 -1.03 11.06
CA HIS B 308 -38.24 0.38 10.70
C HIS B 308 -37.43 0.54 9.41
N SER B 309 -38.01 0.05 8.32
CA SER B 309 -37.38 -0.01 7.01
C SER B 309 -37.50 1.29 6.24
N SER B 310 -38.30 2.22 6.76
CA SER B 310 -38.60 3.49 6.10
C SER B 310 -39.59 3.33 4.95
N ASP B 311 -40.15 2.14 4.79
CA ASP B 311 -41.16 1.91 3.76
C ASP B 311 -42.31 1.05 4.27
N PHE B 312 -43.02 1.55 5.27
CA PHE B 312 -44.17 0.84 5.81
C PHE B 312 -43.84 -0.61 6.15
N GLY B 313 -42.77 -0.79 6.92
CA GLY B 313 -42.31 -2.12 7.29
C GLY B 313 -43.06 -2.66 8.50
N GLY B 314 -43.95 -1.86 9.07
CA GLY B 314 -44.73 -2.31 10.21
C GLY B 314 -46.13 -2.71 9.79
N VAL B 315 -46.67 -3.72 10.45
CA VAL B 315 -48.06 -4.13 10.23
C VAL B 315 -48.79 -4.28 11.55
N ALA B 316 -50.01 -3.78 11.61
CA ALA B 316 -50.79 -3.90 12.83
C ALA B 316 -52.18 -4.43 12.52
N VAL B 317 -52.70 -5.24 13.44
CA VAL B 317 -54.03 -5.80 13.29
C VAL B 317 -54.91 -5.38 14.44
N ILE B 318 -56.03 -4.75 14.12
CA ILE B 318 -56.92 -4.24 15.14
C ILE B 318 -58.27 -4.93 15.12
N LYS B 319 -58.62 -5.55 16.24
CA LYS B 319 -59.91 -6.22 16.38
C LYS B 319 -60.95 -5.22 16.83
N TYR B 320 -62.15 -5.32 16.27
CA TYR B 320 -63.21 -4.38 16.62
C TYR B 320 -64.59 -5.03 16.60
N ALA B 321 -65.51 -4.46 17.39
CA ALA B 321 -66.92 -4.81 17.30
C ALA B 321 -67.71 -3.60 16.80
N ALA B 322 -68.25 -3.72 15.59
CA ALA B 322 -68.94 -2.60 14.97
C ALA B 322 -70.44 -2.65 15.26
N SER B 323 -71.01 -1.48 15.52
CA SER B 323 -72.45 -1.35 15.74
C SER B 323 -73.21 -1.58 14.44
N LYS B 324 -72.60 -1.20 13.33
CA LYS B 324 -73.20 -1.38 12.02
C LYS B 324 -72.15 -1.29 10.92
N LYS B 325 -72.49 -1.78 9.74
CA LYS B 325 -71.61 -1.71 8.58
C LYS B 325 -71.44 -0.28 8.10
N GLY B 326 -70.20 0.09 7.77
CA GLY B 326 -69.91 1.41 7.25
C GLY B 326 -68.41 1.65 7.16
N LYS B 327 -68.01 2.89 6.88
CA LYS B 327 -66.60 3.23 6.75
C LYS B 327 -66.13 4.11 7.91
N CYS B 328 -64.87 3.93 8.31
CA CYS B 328 -64.26 4.70 9.40
C CYS B 328 -62.88 5.21 9.00
N ALA B 329 -62.59 6.46 9.35
CA ALA B 329 -61.28 7.05 9.10
C ALA B 329 -60.26 6.53 10.11
N VAL B 330 -59.01 6.43 9.68
CA VAL B 330 -57.93 5.98 10.55
C VAL B 330 -56.81 7.01 10.62
N HIS B 331 -56.39 7.37 11.84
CA HIS B 331 -55.32 8.35 11.99
C HIS B 331 -54.43 8.05 13.19
N SER B 332 -53.13 8.23 13.01
CA SER B 332 -52.17 8.07 14.10
C SER B 332 -52.26 9.23 15.08
N MET B 333 -52.11 8.94 16.36
CA MET B 333 -52.14 9.97 17.39
C MET B 333 -50.74 10.41 17.80
N THR B 334 -49.74 9.97 17.04
CA THR B 334 -48.37 10.38 17.27
C THR B 334 -47.70 10.75 15.96
N ASN B 335 -46.65 11.55 16.04
CA ASN B 335 -45.92 11.94 14.84
C ASN B 335 -44.82 10.94 14.51
N ALA B 336 -44.54 10.05 15.46
CA ALA B 336 -43.48 9.06 15.29
C ALA B 336 -43.91 7.92 14.38
N VAL B 337 -45.22 7.70 14.29
CA VAL B 337 -45.75 6.59 13.51
C VAL B 337 -46.77 7.07 12.49
N THR B 338 -46.54 6.75 11.22
CA THR B 338 -47.46 7.12 10.16
C THR B 338 -48.17 5.90 9.60
N ILE B 339 -49.49 6.02 9.42
CA ILE B 339 -50.29 4.92 8.90
C ILE B 339 -50.61 5.11 7.43
N ARG B 340 -50.34 4.09 6.64
CA ARG B 340 -50.49 4.20 5.19
C ARG B 340 -51.94 4.42 4.77
N GLU B 341 -52.86 3.67 5.37
CA GLU B 341 -54.28 3.76 5.02
C GLU B 341 -54.95 4.97 5.66
N ALA B 342 -55.73 5.70 4.87
CA ALA B 342 -56.47 6.85 5.37
C ALA B 342 -57.80 6.41 5.99
N GLU B 343 -58.37 5.34 5.45
CA GLU B 343 -59.67 4.85 5.92
C GLU B 343 -59.79 3.34 5.76
N ILE B 344 -60.63 2.75 6.59
CA ILE B 344 -60.94 1.32 6.52
C ILE B 344 -62.44 1.08 6.56
N GLU B 345 -62.85 -0.13 6.20
CA GLU B 345 -64.26 -0.53 6.30
C GLU B 345 -64.50 -1.40 7.52
N VAL B 346 -65.62 -1.18 8.20
CA VAL B 346 -65.97 -1.97 9.38
C VAL B 346 -67.30 -2.70 9.22
N GLU B 347 -67.33 -3.96 9.63
CA GLU B 347 -68.58 -4.73 9.61
C GLU B 347 -68.61 -5.80 10.69
N GLY B 348 -69.63 -5.74 11.54
CA GLY B 348 -69.87 -6.77 12.56
C GLY B 348 -68.67 -6.94 13.49
N ASN B 349 -68.35 -8.20 13.79
CA ASN B 349 -67.21 -8.53 14.64
C ASN B 349 -66.07 -9.06 13.79
N SER B 350 -65.03 -8.26 13.63
CA SER B 350 -63.94 -8.60 12.74
C SER B 350 -62.66 -7.86 13.09
N GLN B 351 -61.66 -7.97 12.23
CA GLN B 351 -60.40 -7.28 12.45
C GLN B 351 -59.94 -6.59 11.18
N LEU B 352 -59.26 -5.47 11.35
CA LEU B 352 -58.70 -4.74 10.22
C LEU B 352 -57.18 -4.78 10.24
N GLN B 353 -56.57 -4.73 9.07
CA GLN B 353 -55.11 -4.72 9.00
C GLN B 353 -54.61 -3.46 8.33
N ILE B 354 -53.68 -2.77 8.99
CA ILE B 354 -53.08 -1.56 8.45
C ILE B 354 -51.58 -1.62 8.50
N SER B 355 -50.92 -0.83 7.66
CA SER B 355 -49.46 -0.78 7.67
C SER B 355 -48.98 0.56 8.18
N PHE B 356 -47.79 0.57 8.76
CA PHE B 356 -47.26 1.80 9.33
C PHE B 356 -45.74 1.88 9.20
N SER B 357 -45.23 3.09 9.31
CA SER B 357 -43.80 3.34 9.20
C SER B 357 -43.31 4.19 10.36
N THR B 358 -42.22 3.78 10.98
CA THR B 358 -41.69 4.53 12.11
C THR B 358 -40.18 4.49 12.17
N ALA B 359 -39.59 5.50 12.80
CA ALA B 359 -38.15 5.54 13.03
C ALA B 359 -37.81 4.91 14.36
N LEU B 360 -38.83 4.52 15.11
CA LEU B 360 -38.65 4.01 16.46
C LEU B 360 -38.10 2.60 16.48
N ALA B 361 -37.19 2.34 17.42
CA ALA B 361 -36.68 0.99 17.65
C ALA B 361 -37.76 0.13 18.29
N SER B 362 -38.70 0.80 18.95
CA SER B 362 -39.87 0.13 19.51
C SER B 362 -41.06 1.05 19.35
N ALA B 363 -42.17 0.52 18.87
CA ALA B 363 -43.30 1.36 18.54
C ALA B 363 -44.29 1.41 19.69
N GLU B 364 -44.59 2.62 20.14
CA GLU B 364 -45.63 2.85 21.13
C GLU B 364 -46.53 3.98 20.66
N PHE B 365 -47.74 3.64 20.24
CA PHE B 365 -48.61 4.63 19.62
C PHE B 365 -50.08 4.28 19.81
N ARG B 366 -50.93 5.27 19.61
CA ARG B 366 -52.36 5.05 19.64
C ARG B 366 -52.95 5.26 18.26
N VAL B 367 -53.90 4.40 17.90
CA VAL B 367 -54.56 4.51 16.60
C VAL B 367 -55.99 4.94 16.78
N GLN B 368 -56.35 6.05 16.14
CA GLN B 368 -57.72 6.53 16.23
C GLN B 368 -58.55 6.04 15.06
N VAL B 369 -59.70 5.48 15.39
CA VAL B 369 -60.67 5.02 14.41
C VAL B 369 -61.97 5.73 14.76
N CYS B 370 -62.94 5.76 13.84
CA CYS B 370 -64.20 6.48 14.05
C CYS B 370 -64.70 6.43 15.50
N SER B 371 -64.54 7.57 16.19
CA SER B 371 -64.99 7.77 17.57
C SER B 371 -64.44 6.73 18.56
N THR B 372 -63.21 6.29 18.36
CA THR B 372 -62.57 5.36 19.30
C THR B 372 -61.06 5.38 19.17
N GLN B 373 -60.36 5.01 20.25
CA GLN B 373 -58.91 4.90 20.20
C GLN B 373 -58.42 3.60 20.83
N VAL B 374 -57.38 3.02 20.24
CA VAL B 374 -56.74 1.83 20.79
C VAL B 374 -55.24 2.01 20.92
N HIS B 375 -54.69 1.68 22.09
CA HIS B 375 -53.24 1.73 22.28
C HIS B 375 -52.61 0.47 21.71
N CYS B 376 -51.53 0.64 20.95
CA CYS B 376 -50.85 -0.46 20.28
C CYS B 376 -49.32 -0.31 20.41
N ALA B 377 -48.61 -1.41 20.67
CA ALA B 377 -47.17 -1.31 20.78
C ALA B 377 -46.46 -2.63 20.49
N ALA B 378 -45.23 -2.55 20.00
CA ALA B 378 -44.38 -3.72 19.79
C ALA B 378 -42.93 -3.31 19.54
N GLU B 379 -42.02 -4.24 19.73
CA GLU B 379 -40.61 -4.06 19.37
C GLU B 379 -40.45 -4.08 17.86
N CYS B 380 -39.56 -3.21 17.34
CA CYS B 380 -39.29 -3.15 15.90
C CYS B 380 -37.84 -3.56 15.60
N HIS B 381 -37.64 -4.16 14.45
CA HIS B 381 -36.31 -4.59 14.02
C HIS B 381 -35.75 -3.62 12.98
N PRO B 382 -34.42 -3.53 12.88
CA PRO B 382 -33.70 -2.81 11.84
C PRO B 382 -33.80 -3.54 10.52
N PRO B 383 -33.69 -2.80 9.40
CA PRO B 383 -33.61 -3.29 8.04
C PRO B 383 -32.28 -3.97 7.77
N LYS B 384 -32.27 -4.91 6.82
CA LYS B 384 -31.04 -5.56 6.42
C LYS B 384 -30.27 -4.70 5.42
N ASP B 385 -31.00 -3.94 4.61
CA ASP B 385 -30.41 -3.12 3.57
C ASP B 385 -29.88 -1.81 4.15
N HIS B 386 -28.88 -1.23 3.49
CA HIS B 386 -28.32 0.04 3.96
C HIS B 386 -28.83 1.23 3.17
N ILE B 387 -29.07 1.01 1.88
CA ILE B 387 -29.42 2.10 0.97
C ILE B 387 -30.70 1.80 0.19
N VAL B 388 -31.54 2.82 0.04
CA VAL B 388 -32.76 2.72 -0.76
C VAL B 388 -32.87 3.84 -1.77
N ASN B 389 -33.75 3.67 -2.75
CA ASN B 389 -33.92 4.65 -3.81
C ASN B 389 -35.11 5.57 -3.56
N TYR B 390 -35.64 5.55 -2.35
CA TYR B 390 -36.77 6.38 -1.97
C TYR B 390 -36.53 7.06 -0.63
N PRO B 391 -37.13 8.22 -0.40
CA PRO B 391 -37.15 8.95 0.85
C PRO B 391 -37.99 8.22 1.88
N ALA B 392 -37.67 8.40 3.15
CA ALA B 392 -38.42 7.73 4.20
C ALA B 392 -39.85 8.23 4.25
N SER B 393 -40.78 7.32 4.48
CA SER B 393 -42.19 7.67 4.60
C SER B 393 -42.51 8.26 5.97
N HIS B 394 -41.64 8.02 6.93
CA HIS B 394 -41.84 8.52 8.30
C HIS B 394 -41.01 9.76 8.56
N THR B 395 -41.18 10.33 9.74
CA THR B 395 -40.43 11.50 10.16
C THR B 395 -39.17 11.11 10.90
N THR B 396 -38.39 12.10 11.32
CA THR B 396 -37.14 11.84 12.00
C THR B 396 -37.37 11.33 13.41
N LEU B 397 -36.34 10.76 14.01
CA LEU B 397 -36.46 10.25 15.37
C LEU B 397 -36.68 11.39 16.34
N GLY B 398 -36.00 12.51 16.10
CA GLY B 398 -36.15 13.69 16.94
C GLY B 398 -35.22 13.66 18.15
N VAL B 399 -35.52 14.52 19.12
CA VAL B 399 -34.69 14.67 20.31
C VAL B 399 -34.89 13.48 21.25
N GLN B 400 -33.79 12.97 21.79
CA GLN B 400 -33.86 11.77 22.62
C GLN B 400 -34.90 11.94 23.71
N ASP B 401 -35.79 10.95 23.80
CA ASP B 401 -36.95 10.93 24.68
C ASP B 401 -37.86 9.83 24.19
N ILE B 402 -37.61 9.44 22.95
CA ILE B 402 -38.39 8.46 22.20
C ILE B 402 -37.57 7.21 21.93
N SER B 403 -36.51 7.04 22.73
CA SER B 403 -35.57 5.94 22.56
C SER B 403 -36.23 4.59 22.85
N ALA B 404 -35.52 3.52 22.50
CA ALA B 404 -36.04 2.17 22.57
C ALA B 404 -36.52 1.81 23.96
N THR B 405 -37.58 1.01 24.03
CA THR B 405 -38.00 0.46 25.29
C THR B 405 -36.99 -0.58 25.70
N ALA B 406 -37.24 -1.24 26.83
CA ALA B 406 -36.20 -2.05 27.46
C ALA B 406 -35.04 -1.14 27.79
N MET B 407 -35.38 0.08 28.18
CA MET B 407 -34.43 1.09 28.62
C MET B 407 -34.51 1.24 30.13
N SER B 408 -35.12 0.23 30.76
CA SER B 408 -35.30 0.23 32.20
C SER B 408 -33.94 0.23 32.88
N TRP B 409 -32.91 -0.12 32.12
CA TRP B 409 -31.55 -0.05 32.62
C TRP B 409 -31.20 1.38 32.99
N VAL B 410 -31.73 2.33 32.22
CA VAL B 410 -31.49 3.74 32.49
C VAL B 410 -32.21 4.15 33.76
N GLN B 411 -33.44 3.69 33.90
CA GLN B 411 -34.24 4.00 35.07
C GLN B 411 -33.69 3.33 36.32
N LYS B 412 -33.20 2.10 36.17
CA LYS B 412 -32.63 1.36 37.28
C LYS B 412 -31.34 2.00 37.79
N ILE B 413 -30.50 2.45 36.85
CA ILE B 413 -29.26 3.11 37.23
C ILE B 413 -29.54 4.48 37.81
N THR B 414 -30.42 5.22 37.16
CA THR B 414 -30.78 6.55 37.64
C THR B 414 -31.45 6.46 39.00
N GLY B 415 -32.34 5.49 39.15
CA GLY B 415 -33.04 5.27 40.41
C GLY B 415 -32.08 4.83 41.51
N GLY B 416 -31.14 3.94 41.16
CA GLY B 416 -30.18 3.45 42.11
C GLY B 416 -29.30 4.58 42.64
N VAL B 417 -28.88 5.46 41.74
CA VAL B 417 -28.07 6.60 42.15
C VAL B 417 -28.90 7.63 42.90
N GLY B 418 -30.11 7.89 42.42
CA GLY B 418 -31.01 8.82 43.07
C GLY B 418 -31.36 8.36 44.48
N LEU B 419 -31.49 7.04 44.64
CA LEU B 419 -31.80 6.47 45.95
C LEU B 419 -30.64 6.65 46.92
N VAL B 420 -29.42 6.45 46.43
CA VAL B 420 -28.24 6.64 47.27
C VAL B 420 -28.13 8.09 47.72
N VAL B 421 -28.45 9.01 46.83
CA VAL B 421 -28.46 10.43 47.18
C VAL B 421 -29.55 10.73 48.20
N ALA B 422 -30.73 10.18 47.97
CA ALA B 422 -31.86 10.41 48.86
C ALA B 422 -31.57 9.90 50.27
N VAL B 423 -30.91 8.76 50.34
CA VAL B 423 -30.57 8.18 51.64
C VAL B 423 -29.47 8.98 52.32
N ALA B 424 -28.43 9.33 51.56
CA ALA B 424 -27.34 10.11 52.12
C ALA B 424 -27.86 11.46 52.59
N ALA B 425 -28.80 12.04 51.84
CA ALA B 425 -29.37 13.32 52.22
C ALA B 425 -30.16 13.19 53.51
N LEU B 426 -30.88 12.08 53.65
CA LEU B 426 -31.67 11.86 54.86
C LEU B 426 -30.78 11.70 56.07
N ILE B 427 -29.66 10.99 55.90
CA ILE B 427 -28.73 10.77 57.01
C ILE B 427 -28.17 12.10 57.49
N LEU B 428 -27.79 12.96 56.54
CA LEU B 428 -27.26 14.26 56.89
C LEU B 428 -28.31 15.13 57.56
N ILE B 429 -29.54 15.07 57.05
CA ILE B 429 -30.62 15.87 57.63
C ILE B 429 -30.90 15.46 59.06
N VAL B 430 -30.92 14.16 59.33
CA VAL B 430 -31.16 13.68 60.68
C VAL B 430 -30.04 14.12 61.63
N VAL B 431 -28.80 14.02 61.17
CA VAL B 431 -27.68 14.46 62.00
C VAL B 431 -27.72 15.95 62.24
N LEU B 432 -28.05 16.73 61.22
CA LEU B 432 -28.14 18.18 61.38
C LEU B 432 -29.25 18.55 62.34
N CYS B 433 -30.35 17.81 62.31
CA CYS B 433 -31.47 18.07 63.22
C CYS B 433 -31.05 17.81 64.67
N VAL B 434 -30.34 16.72 64.90
CA VAL B 434 -29.87 16.40 66.24
C VAL B 434 -28.81 17.40 66.69
N SER B 435 -27.91 17.74 65.79
CA SER B 435 -26.86 18.71 66.09
C SER B 435 -27.46 20.07 66.38
N PHE B 436 -28.52 20.43 65.65
CA PHE B 436 -29.19 21.71 65.86
C PHE B 436 -29.79 21.82 67.25
N SER B 437 -30.47 20.76 67.70
CA SER B 437 -31.12 20.76 69.00
C SER B 437 -30.12 20.78 70.15
N ARG B 438 -28.96 20.16 69.95
CA ARG B 438 -27.92 20.14 70.98
C ARG B 438 -27.14 21.44 71.05
N HIS B 439 -26.95 21.97 72.26
CA HIS B 439 -26.19 23.20 72.49
C HIS B 439 -25.27 23.06 73.70
N TYR C 1 32.32 -46.54 1.20
CA TYR C 1 32.42 -45.47 2.19
C TYR C 1 31.28 -44.47 2.02
N GLU C 2 30.49 -44.27 3.08
CA GLU C 2 29.39 -43.31 3.05
C GLU C 2 29.85 -41.95 3.55
N HIS C 3 29.68 -40.93 2.73
CA HIS C 3 30.05 -39.58 3.09
C HIS C 3 28.86 -38.64 2.99
N VAL C 4 28.61 -37.88 4.04
CA VAL C 4 27.48 -36.97 4.05
C VAL C 4 27.91 -35.53 4.22
N THR C 5 27.46 -34.68 3.31
CA THR C 5 27.78 -33.26 3.35
C THR C 5 26.53 -32.42 3.12
N VAL C 6 26.61 -31.14 3.44
CA VAL C 6 25.51 -30.23 3.18
C VAL C 6 26.00 -29.00 2.44
N ILE C 7 25.31 -28.64 1.36
CA ILE C 7 25.67 -27.43 0.63
C ILE C 7 24.49 -26.46 0.62
N PRO C 8 24.76 -25.15 0.57
CA PRO C 8 23.79 -24.08 0.41
C PRO C 8 22.98 -24.30 -0.85
N ASN C 9 21.70 -23.96 -0.80
CA ASN C 9 20.84 -24.17 -1.95
C ASN C 9 20.99 -23.03 -2.94
N THR C 10 22.14 -22.98 -3.58
CA THR C 10 22.46 -21.96 -4.56
C THR C 10 22.80 -22.61 -5.88
N VAL C 11 22.73 -21.85 -6.96
CA VAL C 11 22.99 -22.41 -8.27
C VAL C 11 24.13 -21.69 -8.98
N GLY C 12 25.03 -22.47 -9.55
CA GLY C 12 26.18 -21.92 -10.27
C GLY C 12 27.39 -21.72 -9.36
N VAL C 13 27.27 -22.13 -8.12
CA VAL C 13 28.37 -22.00 -7.16
C VAL C 13 28.84 -23.37 -6.69
N PRO C 14 30.11 -23.71 -6.91
CA PRO C 14 30.75 -24.95 -6.50
C PRO C 14 31.06 -24.94 -5.02
N TYR C 15 31.01 -26.10 -4.40
CA TYR C 15 31.40 -26.27 -3.01
C TYR C 15 32.35 -27.45 -2.87
N LYS C 16 33.29 -27.36 -1.94
CA LYS C 16 34.26 -28.42 -1.73
C LYS C 16 33.99 -29.19 -0.45
N THR C 17 34.00 -30.51 -0.55
CA THR C 17 33.88 -31.36 0.62
C THR C 17 35.05 -32.33 0.69
N LEU C 18 35.63 -32.46 1.88
CA LEU C 18 36.78 -33.32 2.08
C LEU C 18 36.37 -34.68 2.64
N VAL C 19 36.76 -35.74 1.94
CA VAL C 19 36.44 -37.09 2.36
C VAL C 19 37.65 -37.73 3.02
N ASN C 20 37.53 -38.01 4.32
CA ASN C 20 38.65 -38.54 5.07
C ASN C 20 38.43 -40.00 5.45
N ARG C 21 39.07 -40.89 4.71
CA ARG C 21 38.98 -42.32 4.98
C ARG C 21 40.35 -42.87 5.38
N PRO C 22 40.58 -43.11 6.67
CA PRO C 22 41.86 -43.49 7.24
C PRO C 22 42.47 -44.66 6.51
N GLY C 23 43.77 -44.54 6.20
CA GLY C 23 44.49 -45.55 5.45
C GLY C 23 44.57 -45.18 3.98
N TYR C 24 43.76 -44.20 3.57
CA TYR C 24 43.73 -43.77 2.18
C TYR C 24 44.02 -42.28 2.07
N SER C 25 44.58 -41.88 0.93
CA SER C 25 44.83 -40.47 0.64
C SER C 25 43.50 -39.72 0.63
N PRO C 26 43.42 -38.54 1.25
CA PRO C 26 42.25 -37.69 1.31
C PRO C 26 41.70 -37.38 -0.08
N MET C 27 40.39 -37.44 -0.20
CA MET C 27 39.71 -37.17 -1.46
C MET C 27 38.91 -35.89 -1.36
N VAL C 28 38.94 -35.08 -2.41
CA VAL C 28 38.15 -33.86 -2.43
C VAL C 28 37.16 -33.85 -3.57
N LEU C 29 35.89 -33.68 -3.23
CA LEU C 29 34.84 -33.66 -4.22
C LEU C 29 34.32 -32.25 -4.41
N GLU C 30 34.24 -31.82 -5.66
CA GLU C 30 33.67 -30.53 -5.99
C GLU C 30 32.24 -30.70 -6.45
N MET C 31 31.31 -30.10 -5.71
CA MET C 31 29.90 -30.22 -6.03
C MET C 31 29.28 -28.89 -6.42
N GLU C 32 28.50 -28.89 -7.48
CA GLU C 32 27.82 -27.68 -7.92
C GLU C 32 26.39 -27.99 -8.35
N LEU C 33 25.45 -27.17 -7.90
CA LEU C 33 24.08 -27.33 -8.36
C LEU C 33 23.89 -26.55 -9.65
N LEU C 34 23.43 -27.24 -10.69
CA LEU C 34 23.24 -26.62 -11.98
C LEU C 34 21.81 -26.15 -12.13
N SER C 35 20.90 -26.87 -11.49
CA SER C 35 19.49 -26.50 -11.52
C SER C 35 18.74 -27.09 -10.34
N VAL C 36 17.88 -26.28 -9.73
CA VAL C 36 17.01 -26.75 -8.66
C VAL C 36 15.57 -26.40 -8.99
N THR C 37 14.69 -27.40 -9.00
CA THR C 37 13.30 -27.17 -9.36
C THR C 37 12.32 -27.62 -8.30
N LEU C 38 11.38 -26.74 -7.99
CA LEU C 38 10.27 -27.09 -7.11
C LEU C 38 8.98 -27.13 -7.93
N GLU C 39 8.46 -28.32 -8.16
CA GLU C 39 7.29 -28.47 -9.01
C GLU C 39 6.04 -28.76 -8.19
N PRO C 40 5.12 -27.79 -8.08
CA PRO C 40 3.91 -27.84 -7.29
C PRO C 40 2.94 -28.83 -7.89
N THR C 41 2.18 -29.50 -7.05
CA THR C 41 1.11 -30.36 -7.52
C THR C 41 -0.15 -29.54 -7.61
N LEU C 42 -0.72 -29.47 -8.81
CA LEU C 42 -1.87 -28.62 -9.04
C LEU C 42 -3.14 -29.39 -9.34
N SER C 43 -4.26 -28.82 -8.92
CA SER C 43 -5.56 -29.33 -9.27
C SER C 43 -6.42 -28.20 -9.81
N LEU C 44 -6.93 -28.36 -11.03
CA LEU C 44 -7.68 -27.29 -11.67
C LEU C 44 -9.01 -27.04 -10.98
N ASP C 45 -9.28 -25.78 -10.65
CA ASP C 45 -10.54 -25.41 -10.06
C ASP C 45 -11.53 -25.02 -11.15
N TYR C 46 -11.13 -24.08 -11.99
CA TYR C 46 -11.96 -23.69 -13.13
C TYR C 46 -11.21 -22.88 -14.18
N ILE C 47 -11.83 -22.76 -15.34
CA ILE C 47 -11.34 -21.96 -16.45
C ILE C 47 -12.21 -20.73 -16.65
N THR C 48 -11.58 -19.58 -16.82
CA THR C 48 -12.32 -18.37 -17.15
C THR C 48 -11.79 -17.78 -18.44
N CYS C 49 -12.69 -17.21 -19.25
CA CYS C 49 -12.39 -16.73 -20.58
C CYS C 49 -13.38 -15.66 -21.01
N GLU C 50 -13.27 -15.19 -22.25
CA GLU C 50 -14.21 -14.19 -22.74
C GLU C 50 -15.56 -14.82 -23.04
N TYR C 51 -16.63 -14.14 -22.63
CA TYR C 51 -17.97 -14.63 -22.89
C TYR C 51 -18.52 -14.09 -24.20
N LYS C 52 -19.45 -14.83 -24.79
CA LYS C 52 -20.15 -14.40 -25.98
C LYS C 52 -21.63 -14.20 -25.69
N THR C 53 -22.15 -13.02 -26.05
CA THR C 53 -23.57 -12.74 -25.88
C THR C 53 -24.32 -13.07 -27.17
N VAL C 54 -25.33 -13.90 -27.05
CA VAL C 54 -26.09 -14.33 -28.21
C VAL C 54 -27.47 -13.69 -28.24
N ILE C 55 -27.76 -13.01 -29.33
CA ILE C 55 -29.04 -12.33 -29.51
C ILE C 55 -29.71 -12.73 -30.82
N PRO C 56 -30.66 -13.67 -30.76
CA PRO C 56 -31.50 -14.12 -31.86
C PRO C 56 -32.37 -12.98 -32.37
N SER C 57 -32.75 -13.05 -33.63
CA SER C 57 -33.61 -12.01 -34.21
C SER C 57 -34.82 -11.78 -33.31
N PRO C 58 -35.18 -10.52 -33.08
CA PRO C 58 -36.31 -10.08 -32.27
C PRO C 58 -37.61 -10.44 -32.95
N TYR C 59 -38.61 -10.82 -32.17
CA TYR C 59 -39.90 -11.15 -32.77
C TYR C 59 -40.90 -10.02 -32.58
N VAL C 60 -41.49 -9.58 -33.70
CA VAL C 60 -42.45 -8.51 -33.63
C VAL C 60 -43.86 -9.02 -33.87
N LYS C 61 -44.71 -8.84 -32.86
CA LYS C 61 -46.11 -9.22 -32.98
C LYS C 61 -46.94 -7.96 -33.16
N CYS C 62 -47.38 -7.72 -34.40
CA CYS C 62 -48.01 -6.46 -34.77
C CYS C 62 -49.32 -6.20 -34.05
N CYS C 63 -50.12 -7.24 -33.91
CA CYS C 63 -51.46 -7.03 -33.37
C CYS C 63 -51.72 -7.99 -32.21
N GLY C 64 -51.29 -7.59 -31.02
CA GLY C 64 -51.36 -8.44 -29.84
C GLY C 64 -50.03 -8.45 -29.09
N THR C 65 -50.05 -8.87 -27.84
CA THR C 65 -48.85 -8.86 -27.01
C THR C 65 -48.05 -10.14 -27.13
N ALA C 66 -46.76 -10.00 -27.39
CA ALA C 66 -45.84 -11.14 -27.46
C ALA C 66 -45.52 -11.66 -26.06
N GLU C 67 -45.23 -12.94 -25.96
CA GLU C 67 -44.90 -13.56 -24.67
C GLU C 67 -43.73 -14.53 -24.82
N CYS C 68 -43.04 -14.81 -23.70
CA CYS C 68 -41.94 -15.77 -23.66
C CYS C 68 -41.90 -16.50 -22.33
N LYS C 69 -41.17 -17.60 -22.30
CA LYS C 69 -41.03 -18.41 -21.10
C LYS C 69 -39.58 -18.46 -20.65
N ASP C 70 -39.37 -18.69 -19.36
CA ASP C 70 -38.02 -18.78 -18.83
C ASP C 70 -37.25 -19.94 -19.42
N LYS C 71 -35.98 -19.71 -19.70
CA LYS C 71 -35.08 -20.75 -20.21
C LYS C 71 -33.95 -20.96 -19.22
N ASN C 72 -33.26 -22.09 -19.34
CA ASN C 72 -32.23 -22.47 -18.38
C ASN C 72 -30.82 -22.15 -18.88
N LEU C 73 -30.72 -21.25 -19.84
CA LEU C 73 -29.43 -20.86 -20.37
C LEU C 73 -28.70 -19.97 -19.35
N PRO C 74 -27.36 -19.97 -19.35
CA PRO C 74 -26.48 -19.54 -18.27
C PRO C 74 -26.81 -18.16 -17.69
N ASP C 75 -27.24 -17.23 -18.55
CA ASP C 75 -27.59 -15.90 -18.07
C ASP C 75 -28.74 -15.36 -18.93
N TYR C 76 -29.78 -16.16 -19.07
CA TYR C 76 -30.90 -15.84 -19.94
C TYR C 76 -31.71 -14.66 -19.45
N SER C 77 -32.08 -13.78 -20.38
CA SER C 77 -32.96 -12.66 -20.10
C SER C 77 -33.95 -12.45 -21.25
N CYS C 78 -35.20 -12.12 -20.90
CA CYS C 78 -36.26 -11.88 -21.89
C CYS C 78 -37.17 -10.74 -21.45
N LYS C 79 -37.53 -9.89 -22.40
CA LYS C 79 -38.43 -8.78 -22.11
C LYS C 79 -39.30 -8.43 -23.32
N VAL C 80 -40.52 -7.97 -23.04
CA VAL C 80 -41.43 -7.53 -24.10
C VAL C 80 -41.62 -6.02 -24.06
N PHE C 81 -41.38 -5.37 -25.19
CA PHE C 81 -41.49 -3.93 -25.28
C PHE C 81 -42.70 -3.52 -26.11
N THR C 82 -43.58 -2.74 -25.51
CA THR C 82 -44.81 -2.33 -26.18
C THR C 82 -44.66 -0.96 -26.84
N GLY C 83 -45.56 -0.64 -27.75
CA GLY C 83 -45.58 0.67 -28.39
C GLY C 83 -44.47 0.83 -29.44
N VAL C 84 -44.09 -0.27 -30.06
CA VAL C 84 -43.03 -0.24 -31.06
C VAL C 84 -43.60 -0.15 -32.46
N TYR C 85 -42.95 0.64 -33.32
CA TYR C 85 -43.40 0.77 -34.71
C TYR C 85 -42.23 0.72 -35.68
N PRO C 86 -41.63 -0.45 -35.89
CA PRO C 86 -40.38 -0.69 -36.59
C PRO C 86 -40.47 -0.41 -38.08
N PHE C 87 -39.37 0.05 -38.66
CA PHE C 87 -39.28 0.31 -40.10
C PHE C 87 -38.18 -0.49 -40.78
N MET C 88 -38.41 -0.84 -42.03
CA MET C 88 -37.40 -1.45 -42.88
C MET C 88 -37.05 -0.52 -44.03
N TRP C 89 -36.12 -0.95 -44.88
CA TRP C 89 -35.65 -0.13 -45.99
C TRP C 89 -36.79 0.26 -46.93
N GLY C 90 -37.82 -0.57 -47.00
CA GLY C 90 -38.91 -0.35 -47.94
C GLY C 90 -40.09 0.39 -47.30
N GLY C 91 -39.94 0.79 -46.04
CA GLY C 91 -41.02 1.46 -45.33
C GLY C 91 -41.40 0.73 -44.05
N ALA C 92 -42.46 1.19 -43.41
CA ALA C 92 -42.87 0.64 -42.12
C ALA C 92 -43.07 -0.86 -42.23
N TYR C 93 -42.58 -1.59 -41.24
CA TYR C 93 -42.68 -3.04 -41.24
C TYR C 93 -44.03 -3.56 -40.78
N CYS C 94 -44.59 -2.93 -39.77
CA CYS C 94 -45.79 -3.40 -39.12
C CYS C 94 -47.02 -2.61 -39.56
N PHE C 95 -48.10 -3.33 -39.84
CA PHE C 95 -49.37 -2.72 -40.22
C PHE C 95 -50.03 -1.96 -39.06
N CYS C 96 -50.15 -2.62 -37.91
CA CYS C 96 -50.79 -2.04 -36.72
C CYS C 96 -49.87 -1.01 -36.05
N ASP C 97 -50.42 0.15 -35.73
CA ASP C 97 -49.67 1.20 -35.03
C ASP C 97 -50.00 1.20 -33.54
N ALA C 98 -50.69 0.16 -33.10
CA ALA C 98 -51.08 0.00 -31.71
C ALA C 98 -51.16 -1.48 -31.38
N GLU C 99 -50.95 -1.81 -30.10
CA GLU C 99 -50.91 -3.19 -29.67
C GLU C 99 -49.78 -3.94 -30.38
N ASN C 100 -48.76 -3.18 -30.77
CA ASN C 100 -47.58 -3.69 -31.45
C ASN C 100 -46.44 -3.88 -30.46
N THR C 101 -46.01 -5.12 -30.29
CA THR C 101 -44.98 -5.41 -29.30
C THR C 101 -43.78 -6.13 -29.89
N GLN C 102 -42.61 -5.87 -29.30
CA GLN C 102 -41.38 -6.56 -29.70
C GLN C 102 -40.86 -7.46 -28.58
N LEU C 103 -40.58 -8.70 -28.95
CA LEU C 103 -40.03 -9.67 -28.01
C LEU C 103 -38.53 -9.80 -28.17
N SER C 104 -37.79 -9.44 -27.14
CA SER C 104 -36.34 -9.52 -27.17
C SER C 104 -35.83 -10.55 -26.17
N GLU C 105 -34.86 -11.35 -26.58
CA GLU C 105 -34.26 -12.32 -25.69
C GLU C 105 -32.77 -12.44 -25.95
N ALA C 106 -32.02 -12.84 -24.93
CA ALA C 106 -30.58 -13.03 -25.09
C ALA C 106 -30.04 -13.98 -24.03
N HIS C 107 -28.91 -14.60 -24.34
CA HIS C 107 -28.23 -15.45 -23.37
C HIS C 107 -26.72 -15.37 -23.52
N VAL C 108 -26.01 -15.85 -22.52
CA VAL C 108 -24.55 -15.80 -22.51
C VAL C 108 -23.95 -17.19 -22.51
N GLU C 109 -22.99 -17.41 -23.41
CA GLU C 109 -22.29 -18.68 -23.50
C GLU C 109 -20.81 -18.44 -23.71
N LYS C 110 -19.99 -19.43 -23.40
CA LYS C 110 -18.55 -19.29 -23.57
C LYS C 110 -18.21 -19.11 -25.04
N SER C 111 -17.27 -18.21 -25.34
CA SER C 111 -16.81 -18.01 -26.70
C SER C 111 -16.01 -19.21 -27.19
N GLU C 112 -15.99 -19.40 -28.51
CA GLU C 112 -15.20 -20.47 -29.11
C GLU C 112 -13.72 -20.24 -28.84
N SER C 113 -13.35 -18.97 -28.67
CA SER C 113 -11.97 -18.58 -28.42
C SER C 113 -11.43 -19.11 -27.10
N CYS C 114 -12.32 -19.56 -26.21
CA CYS C 114 -11.97 -20.04 -24.87
C CYS C 114 -11.08 -21.28 -24.94
N LYS C 115 -11.01 -21.90 -26.11
CA LYS C 115 -10.17 -23.07 -26.29
C LYS C 115 -8.72 -22.68 -26.48
N THR C 116 -8.48 -21.41 -26.79
CA THR C 116 -7.13 -20.91 -27.03
C THR C 116 -6.74 -19.84 -26.02
N GLU C 117 -7.64 -18.89 -25.78
CA GLU C 117 -7.38 -17.78 -24.88
C GLU C 117 -8.16 -17.89 -23.59
N PHE C 118 -7.50 -18.34 -22.54
CA PHE C 118 -8.16 -18.52 -21.25
C PHE C 118 -7.16 -18.47 -20.11
N ALA C 119 -7.68 -18.25 -18.91
CA ALA C 119 -6.86 -18.31 -17.71
C ALA C 119 -7.32 -19.46 -16.83
N SER C 120 -6.38 -20.24 -16.34
CA SER C 120 -6.69 -21.40 -15.52
C SER C 120 -6.49 -21.12 -14.04
N ALA C 121 -7.54 -21.36 -13.25
CA ALA C 121 -7.48 -21.20 -11.81
C ALA C 121 -7.09 -22.51 -11.15
N TYR C 122 -5.90 -22.56 -10.59
CA TYR C 122 -5.37 -23.80 -10.00
C TYR C 122 -5.24 -23.74 -8.49
N ARG C 123 -5.33 -24.89 -7.86
CA ARG C 123 -5.03 -25.03 -6.45
C ARG C 123 -3.69 -25.74 -6.27
N ALA C 124 -2.79 -25.11 -5.52
CA ALA C 124 -1.49 -25.70 -5.25
C ALA C 124 -1.50 -26.31 -3.85
N HIS C 125 -0.88 -27.47 -3.71
CA HIS C 125 -0.85 -28.15 -2.42
C HIS C 125 0.57 -28.26 -1.89
N THR C 126 1.33 -29.16 -2.49
CA THR C 126 2.72 -29.40 -2.11
C THR C 126 3.58 -29.40 -3.35
N ALA C 127 4.90 -29.39 -3.18
CA ALA C 127 5.79 -29.40 -4.34
C ALA C 127 6.82 -30.50 -4.24
N SER C 128 7.13 -31.10 -5.39
CA SER C 128 8.17 -32.12 -5.47
C SER C 128 9.48 -31.49 -5.91
N ALA C 129 10.47 -31.54 -5.03
CA ALA C 129 11.76 -30.93 -5.33
C ALA C 129 12.65 -31.89 -6.09
N SER C 130 13.42 -31.35 -7.02
CA SER C 130 14.42 -32.12 -7.74
C SER C 130 15.59 -31.22 -8.10
N ALA C 131 16.74 -31.83 -8.41
CA ALA C 131 17.90 -31.02 -8.74
C ALA C 131 18.87 -31.74 -9.67
N LYS C 132 19.61 -30.94 -10.43
CA LYS C 132 20.70 -31.43 -11.26
C LYS C 132 22.02 -31.04 -10.64
N LEU C 133 22.80 -32.04 -10.23
CA LEU C 133 24.03 -31.82 -9.49
C LEU C 133 25.26 -32.23 -10.30
N ARG C 134 26.24 -31.34 -10.37
CA ARG C 134 27.52 -31.67 -10.99
C ARG C 134 28.51 -32.09 -9.93
N VAL C 135 29.10 -33.26 -10.10
CA VAL C 135 30.09 -33.74 -9.14
C VAL C 135 31.42 -34.06 -9.81
N LEU C 136 32.50 -33.51 -9.28
CA LEU C 136 33.82 -33.78 -9.83
C LEU C 136 34.40 -35.06 -9.23
N TYR C 137 33.79 -36.18 -9.59
CA TYR C 137 34.16 -37.48 -9.04
C TYR C 137 35.28 -38.12 -9.85
N GLN C 138 36.38 -38.43 -9.18
CA GLN C 138 37.55 -39.03 -9.82
C GLN C 138 38.10 -38.15 -10.94
N GLY C 139 37.98 -36.84 -10.78
CA GLY C 139 38.55 -35.90 -11.74
C GLY C 139 37.64 -35.67 -12.94
N ASN C 140 36.51 -36.38 -12.99
CA ASN C 140 35.60 -36.28 -14.12
C ASN C 140 34.39 -35.41 -13.78
N ASN C 141 33.82 -34.76 -14.78
CA ASN C 141 32.60 -33.99 -14.58
C ASN C 141 31.37 -34.84 -14.87
N ILE C 142 30.71 -35.29 -13.81
CA ILE C 142 29.56 -36.17 -13.95
C ILE C 142 28.28 -35.47 -13.50
N THR C 143 27.26 -35.50 -14.36
CA THR C 143 25.99 -34.88 -14.03
C THR C 143 25.03 -35.89 -13.41
N VAL C 144 24.54 -35.55 -12.22
CA VAL C 144 23.64 -36.41 -11.49
C VAL C 144 22.26 -35.79 -11.35
N THR C 145 21.24 -36.46 -11.89
CA THR C 145 19.88 -35.96 -11.78
C THR C 145 19.07 -36.82 -10.84
N ALA C 146 18.47 -36.19 -9.83
CA ALA C 146 17.71 -36.93 -8.83
C ALA C 146 16.70 -36.03 -8.15
N TYR C 147 15.72 -36.65 -7.51
CA TYR C 147 14.76 -35.93 -6.69
C TYR C 147 15.42 -35.52 -5.39
N ALA C 148 14.97 -34.40 -4.83
CA ALA C 148 15.62 -33.82 -3.66
C ALA C 148 14.80 -34.03 -2.41
N ASN C 149 14.10 -35.16 -2.34
CA ASN C 149 13.27 -35.47 -1.19
C ASN C 149 13.83 -36.63 -0.36
N GLY C 150 15.12 -36.90 -0.48
CA GLY C 150 15.74 -37.98 0.29
C GLY C 150 15.35 -39.34 -0.25
N ASP C 151 15.09 -39.39 -1.56
CA ASP C 151 14.61 -40.60 -2.23
C ASP C 151 15.14 -40.63 -3.65
N HIS C 152 14.78 -41.65 -4.41
CA HIS C 152 15.22 -41.76 -5.80
C HIS C 152 16.73 -41.74 -5.93
N ALA C 153 17.40 -42.62 -5.20
CA ALA C 153 18.84 -42.72 -5.28
C ALA C 153 19.27 -43.08 -6.70
N VAL C 154 20.33 -42.47 -7.17
CA VAL C 154 20.84 -42.77 -8.50
C VAL C 154 22.30 -43.15 -8.45
N THR C 155 22.73 -44.01 -9.36
CA THR C 155 24.11 -44.46 -9.35
C THR C 155 24.85 -44.09 -10.63
N VAL C 156 25.97 -43.41 -10.47
CA VAL C 156 26.84 -43.07 -11.59
C VAL C 156 28.26 -43.54 -11.32
N LYS C 157 28.82 -44.32 -12.23
CA LYS C 157 30.16 -44.86 -12.03
C LYS C 157 30.25 -45.59 -10.70
N ASP C 158 29.19 -46.33 -10.38
CA ASP C 158 29.09 -47.12 -9.15
C ASP C 158 29.01 -46.27 -7.89
N ALA C 159 28.88 -44.96 -8.03
CA ALA C 159 28.69 -44.08 -6.88
C ALA C 159 27.23 -43.72 -6.73
N LYS C 160 26.66 -44.02 -5.57
CA LYS C 160 25.24 -43.79 -5.35
C LYS C 160 24.98 -42.45 -4.66
N PHE C 161 24.05 -41.67 -5.22
CA PHE C 161 23.74 -40.36 -4.69
C PHE C 161 22.32 -40.22 -4.18
N ILE C 162 22.19 -39.70 -2.96
CA ILE C 162 20.90 -39.34 -2.41
C ILE C 162 20.87 -37.85 -2.10
N VAL C 163 19.85 -37.16 -2.63
CA VAL C 163 19.76 -35.72 -2.46
C VAL C 163 18.55 -35.31 -1.63
N GLY C 164 18.78 -34.45 -0.65
CA GLY C 164 17.69 -33.96 0.19
C GLY C 164 17.47 -34.89 1.37
N PRO C 165 16.40 -34.65 2.12
CA PRO C 165 15.31 -33.71 1.89
C PRO C 165 15.77 -32.27 2.05
N MET C 166 15.01 -31.35 1.47
CA MET C 166 15.32 -29.93 1.53
C MET C 166 15.14 -29.39 2.94
N SER C 167 16.00 -28.45 3.33
CA SER C 167 15.91 -27.84 4.65
C SER C 167 14.75 -26.86 4.75
N SER C 168 14.19 -26.49 3.61
CA SER C 168 13.07 -25.57 3.58
C SER C 168 11.98 -26.06 2.62
N ALA C 169 10.74 -25.91 3.06
CA ALA C 169 9.59 -26.32 2.25
C ALA C 169 8.91 -25.11 1.63
N TRP C 170 9.60 -23.98 1.65
CA TRP C 170 9.05 -22.74 1.11
C TRP C 170 8.91 -22.77 -0.40
N THR C 171 7.80 -22.25 -0.90
CA THR C 171 7.58 -22.08 -2.33
C THR C 171 7.08 -20.67 -2.61
N PRO C 172 7.37 -20.12 -3.80
CA PRO C 172 6.91 -18.84 -4.29
C PRO C 172 5.42 -18.83 -4.60
N PHE C 173 4.84 -20.02 -4.73
CA PHE C 173 3.43 -20.14 -5.08
C PHE C 173 2.54 -20.20 -3.85
N ASP C 174 1.43 -19.48 -3.90
CA ASP C 174 0.42 -19.55 -2.85
C ASP C 174 -0.56 -20.69 -3.14
N ASN C 175 -1.52 -20.88 -2.26
CA ASN C 175 -2.49 -21.96 -2.43
C ASN C 175 -3.33 -21.76 -3.68
N LYS C 176 -3.61 -20.50 -4.01
CA LYS C 176 -4.38 -20.20 -5.20
C LYS C 176 -3.52 -19.47 -6.22
N ILE C 177 -3.40 -20.05 -7.41
CA ILE C 177 -2.64 -19.40 -8.47
C ILE C 177 -3.45 -19.36 -9.75
N VAL C 178 -3.14 -18.39 -10.60
CA VAL C 178 -3.75 -18.28 -11.91
C VAL C 178 -2.70 -18.36 -13.01
N VAL C 179 -2.92 -19.24 -13.97
CA VAL C 179 -1.97 -19.42 -15.05
C VAL C 179 -2.58 -19.03 -16.38
N TYR C 180 -1.96 -18.09 -17.08
CA TYR C 180 -2.49 -17.63 -18.36
C TYR C 180 -1.70 -18.24 -19.51
N LYS C 181 -0.43 -17.85 -19.62
CA LYS C 181 0.47 -18.45 -20.60
C LYS C 181 1.77 -18.86 -19.91
N GLY C 182 2.79 -18.01 -20.04
CA GLY C 182 4.06 -18.22 -19.35
C GLY C 182 4.07 -17.49 -18.02
N ASP C 183 2.95 -16.85 -17.70
CA ASP C 183 2.84 -16.02 -16.51
C ASP C 183 1.94 -16.63 -15.45
N VAL C 184 2.48 -16.79 -14.25
CA VAL C 184 1.73 -17.31 -13.12
C VAL C 184 1.55 -16.23 -12.06
N TYR C 185 0.32 -16.08 -11.57
CA TYR C 185 0.02 -15.06 -10.58
C TYR C 185 -0.51 -15.67 -9.28
N ASN C 186 -0.14 -15.07 -8.14
CA ASN C 186 -0.70 -15.48 -6.87
C ASN C 186 -1.99 -14.72 -6.60
N MET C 187 -3.04 -15.13 -7.29
CA MET C 187 -4.32 -14.44 -7.23
C MET C 187 -5.36 -15.22 -6.45
N ASP C 188 -6.07 -14.53 -5.56
CA ASP C 188 -7.14 -15.15 -4.81
C ASP C 188 -8.43 -15.14 -5.62
N TYR C 189 -8.50 -16.03 -6.60
CA TYR C 189 -9.65 -16.06 -7.50
C TYR C 189 -10.92 -16.43 -6.73
N PRO C 190 -12.07 -15.91 -7.16
CA PRO C 190 -13.38 -16.12 -6.57
C PRO C 190 -13.81 -17.57 -6.72
N PRO C 191 -14.68 -18.03 -5.81
CA PRO C 191 -15.22 -19.38 -5.72
C PRO C 191 -16.05 -19.72 -6.94
N PHE C 192 -16.01 -20.99 -7.33
CA PHE C 192 -16.73 -21.43 -8.51
C PHE C 192 -18.22 -21.33 -8.31
N GLY C 193 -18.91 -20.78 -9.29
CA GLY C 193 -20.36 -20.68 -9.25
C GLY C 193 -20.81 -19.38 -8.57
N ALA C 194 -19.85 -18.57 -8.16
CA ALA C 194 -20.18 -17.30 -7.50
C ALA C 194 -19.23 -16.18 -7.94
N GLY C 195 -19.05 -16.05 -9.25
CA GLY C 195 -18.25 -14.96 -9.80
C GLY C 195 -19.07 -13.68 -9.88
N ARG C 196 -18.38 -12.56 -10.11
CA ARG C 196 -19.02 -11.25 -10.18
C ARG C 196 -18.75 -10.55 -11.52
N PRO C 197 -19.70 -9.77 -12.02
CA PRO C 197 -19.70 -9.08 -13.29
C PRO C 197 -18.59 -8.03 -13.34
N GLY C 198 -17.92 -7.94 -14.48
CA GLY C 198 -16.89 -6.94 -14.68
C GLY C 198 -15.58 -7.32 -14.01
N GLN C 199 -15.55 -8.50 -13.41
CA GLN C 199 -14.37 -8.95 -12.69
C GLN C 199 -13.93 -10.32 -13.15
N PHE C 200 -12.67 -10.64 -12.89
CA PHE C 200 -12.13 -11.94 -13.26
C PHE C 200 -13.00 -13.04 -12.67
N GLY C 201 -13.37 -14.01 -13.50
CA GLY C 201 -14.21 -15.11 -13.05
C GLY C 201 -15.70 -14.86 -13.26
N ASP C 202 -16.04 -13.82 -14.01
CA ASP C 202 -17.44 -13.52 -14.31
C ASP C 202 -18.10 -14.66 -15.07
N ILE C 203 -17.31 -15.31 -15.93
CA ILE C 203 -17.74 -16.52 -16.61
C ILE C 203 -16.81 -17.68 -16.25
N GLN C 204 -17.38 -18.81 -15.87
CA GLN C 204 -16.58 -19.94 -15.41
C GLN C 204 -17.05 -21.28 -15.98
N SER C 205 -16.08 -22.17 -16.20
CA SER C 205 -16.39 -23.57 -16.52
C SER C 205 -15.31 -24.46 -15.92
N ARG C 206 -15.63 -25.72 -15.64
CA ARG C 206 -14.65 -26.59 -15.00
C ARG C 206 -13.52 -26.97 -15.94
N THR C 207 -13.86 -27.22 -17.19
CA THR C 207 -12.85 -27.53 -18.21
C THR C 207 -13.18 -26.78 -19.50
N PRO C 208 -12.19 -26.50 -20.37
CA PRO C 208 -12.34 -25.77 -21.61
C PRO C 208 -13.41 -26.37 -22.51
N GLU C 209 -13.56 -27.69 -22.47
CA GLU C 209 -14.51 -28.40 -23.33
C GLU C 209 -15.89 -28.56 -22.68
N SER C 210 -16.02 -28.18 -21.42
CA SER C 210 -17.27 -28.40 -20.69
C SER C 210 -18.42 -27.58 -21.23
N LYS C 211 -19.62 -28.14 -21.16
CA LYS C 211 -20.84 -27.43 -21.55
C LYS C 211 -21.50 -26.76 -20.35
N ASP C 212 -20.93 -27.01 -19.16
CA ASP C 212 -21.46 -26.46 -17.92
C ASP C 212 -20.83 -25.11 -17.64
N VAL C 213 -21.57 -24.04 -17.95
CA VAL C 213 -21.02 -22.70 -17.85
C VAL C 213 -21.79 -21.81 -16.88
N TYR C 214 -21.06 -21.21 -15.96
CA TYR C 214 -21.61 -20.23 -15.04
C TYR C 214 -21.38 -18.84 -15.61
N ALA C 215 -22.39 -17.99 -15.57
CA ALA C 215 -22.20 -16.64 -16.07
C ALA C 215 -22.97 -15.63 -15.23
N ASN C 216 -22.33 -14.51 -14.93
CA ASN C 216 -22.96 -13.41 -14.23
C ASN C 216 -22.50 -12.10 -14.85
N THR C 217 -23.23 -11.63 -15.85
CA THR C 217 -22.82 -10.45 -16.60
C THR C 217 -23.77 -9.28 -16.39
N GLN C 218 -24.83 -9.52 -15.62
CA GLN C 218 -25.86 -8.51 -15.42
C GLN C 218 -26.42 -8.02 -16.74
N LEU C 219 -26.76 -8.95 -17.62
CA LEU C 219 -27.30 -8.59 -18.91
C LEU C 219 -28.73 -8.10 -18.79
N VAL C 220 -28.95 -6.87 -19.20
CA VAL C 220 -30.27 -6.26 -19.15
C VAL C 220 -30.70 -5.78 -20.53
N LEU C 221 -31.85 -6.22 -20.98
CA LEU C 221 -32.36 -5.82 -22.29
C LEU C 221 -32.97 -4.43 -22.21
N GLN C 222 -32.67 -3.60 -23.20
CA GLN C 222 -33.18 -2.23 -23.25
C GLN C 222 -34.22 -2.07 -24.34
N ARG C 223 -35.04 -1.04 -24.21
CA ARG C 223 -36.08 -0.75 -25.19
C ARG C 223 -35.48 -0.19 -26.48
N PRO C 224 -35.98 -0.61 -27.65
CA PRO C 224 -35.70 -0.07 -28.97
C PRO C 224 -36.37 1.29 -29.15
N ALA C 225 -35.90 2.08 -30.10
CA ALA C 225 -36.46 3.42 -30.27
C ALA C 225 -36.34 3.93 -31.70
N ALA C 226 -37.16 4.93 -32.01
CA ALA C 226 -37.10 5.65 -33.28
C ALA C 226 -37.35 4.75 -34.49
N GLY C 227 -38.17 3.72 -34.32
CA GLY C 227 -38.59 2.90 -35.45
C GLY C 227 -37.53 1.89 -35.86
N THR C 228 -36.48 1.73 -35.07
CA THR C 228 -35.44 0.78 -35.41
C THR C 228 -35.82 -0.62 -34.94
N VAL C 229 -35.08 -1.61 -35.43
CA VAL C 229 -35.37 -3.00 -35.11
C VAL C 229 -34.24 -3.68 -34.34
N HIS C 230 -33.37 -2.88 -33.75
CA HIS C 230 -32.24 -3.40 -33.01
C HIS C 230 -32.65 -3.91 -31.64
N VAL C 231 -31.74 -4.62 -30.98
CA VAL C 231 -31.98 -5.13 -29.64
C VAL C 231 -30.88 -4.68 -28.70
N PRO C 232 -31.00 -3.48 -28.13
CA PRO C 232 -30.03 -2.82 -27.29
C PRO C 232 -29.99 -3.50 -25.93
N TYR C 233 -28.84 -3.45 -25.28
CA TYR C 233 -28.71 -4.04 -23.96
C TYR C 233 -27.57 -3.42 -23.17
N SER C 234 -27.63 -3.59 -21.85
CA SER C 234 -26.55 -3.17 -20.98
C SER C 234 -25.95 -4.40 -20.30
N GLN C 235 -24.66 -4.61 -20.52
CA GLN C 235 -23.98 -5.78 -20.00
C GLN C 235 -22.58 -5.43 -19.54
N ALA C 236 -22.15 -5.99 -18.41
CA ALA C 236 -20.79 -5.75 -17.96
C ALA C 236 -19.81 -6.35 -18.97
N PRO C 237 -18.76 -5.62 -19.34
CA PRO C 237 -17.65 -6.06 -20.18
C PRO C 237 -16.96 -7.25 -19.56
N SER C 238 -16.40 -8.10 -20.40
CA SER C 238 -15.73 -9.30 -19.92
C SER C 238 -14.67 -8.97 -18.89
N GLY C 239 -14.70 -9.70 -17.78
CA GLY C 239 -13.73 -9.51 -16.72
C GLY C 239 -12.39 -10.12 -17.11
N PHE C 240 -12.42 -10.97 -18.13
CA PHE C 240 -11.22 -11.60 -18.62
C PHE C 240 -10.35 -10.58 -19.35
N LYS C 241 -10.99 -9.81 -20.22
CA LYS C 241 -10.27 -8.79 -20.98
C LYS C 241 -9.75 -7.70 -20.04
N TYR C 242 -10.55 -7.38 -19.04
CA TYR C 242 -10.15 -6.37 -18.07
C TYR C 242 -8.96 -6.86 -17.27
N TRP C 243 -9.02 -8.12 -16.84
CA TRP C 243 -7.91 -8.71 -16.10
C TRP C 243 -6.63 -8.72 -16.93
N LEU C 244 -6.75 -9.05 -18.21
CA LEU C 244 -5.56 -9.13 -19.05
C LEU C 244 -4.84 -7.80 -19.14
N LYS C 245 -5.60 -6.71 -19.17
CA LYS C 245 -5.03 -5.37 -19.23
C LYS C 245 -4.41 -4.95 -17.90
N GLU C 246 -4.98 -5.45 -16.80
CA GLU C 246 -4.56 -5.06 -15.45
C GLU C 246 -3.85 -6.17 -14.70
N ARG C 247 -3.26 -7.13 -15.42
CA ARG C 247 -2.61 -8.27 -14.78
C ARG C 247 -1.52 -7.85 -13.80
N GLY C 248 -0.74 -6.86 -14.19
CA GLY C 248 0.39 -6.43 -13.38
C GLY C 248 1.55 -7.40 -13.57
N ALA C 249 2.54 -7.31 -12.69
CA ALA C 249 3.71 -8.17 -12.79
C ALA C 249 3.38 -9.59 -12.37
N SER C 250 3.97 -10.56 -13.06
CA SER C 250 3.81 -11.97 -12.72
C SER C 250 4.89 -12.40 -11.74
N LEU C 251 4.74 -13.60 -11.18
CA LEU C 251 5.68 -14.09 -10.17
C LEU C 251 7.09 -14.19 -10.72
N GLN C 252 7.20 -14.32 -12.03
CA GLN C 252 8.51 -14.41 -12.66
C GLN C 252 9.34 -13.18 -12.35
N HIS C 253 8.68 -12.05 -12.10
CA HIS C 253 9.36 -10.79 -11.86
C HIS C 253 9.25 -10.31 -10.42
N THR C 254 8.29 -10.86 -9.66
CA THR C 254 8.07 -10.37 -8.30
C THR C 254 8.52 -11.35 -7.21
N ALA C 255 8.74 -12.61 -7.57
CA ALA C 255 9.08 -13.62 -6.58
C ALA C 255 10.41 -13.30 -5.91
N PRO C 256 10.55 -13.62 -4.62
CA PRO C 256 11.73 -13.48 -3.78
C PRO C 256 12.78 -14.54 -4.07
N PHE C 257 13.97 -14.34 -3.54
CA PHE C 257 15.08 -15.30 -3.62
C PHE C 257 15.53 -15.56 -5.04
N GLY C 258 15.16 -14.68 -5.96
CA GLY C 258 15.58 -14.80 -7.35
C GLY C 258 14.94 -15.97 -8.08
N CYS C 259 13.75 -16.39 -7.65
CA CYS C 259 13.05 -17.53 -8.25
C CYS C 259 12.66 -17.26 -9.69
N GLN C 260 12.91 -18.21 -10.56
CA GLN C 260 12.45 -18.15 -11.93
C GLN C 260 11.17 -18.95 -12.07
N ILE C 261 10.21 -18.42 -12.81
CA ILE C 261 8.93 -19.11 -12.95
C ILE C 261 8.70 -19.56 -14.39
N ALA C 262 8.34 -20.83 -14.54
CA ALA C 262 8.08 -21.41 -15.84
C ALA C 262 6.73 -22.13 -15.83
N THR C 263 6.11 -22.28 -17.00
CA THR C 263 4.83 -22.96 -17.09
C THR C 263 4.87 -24.13 -18.07
N ASN C 264 3.81 -24.92 -18.06
CA ASN C 264 3.69 -26.09 -18.93
C ASN C 264 4.83 -27.09 -18.74
N PRO C 265 4.90 -27.73 -17.58
CA PRO C 265 4.15 -27.55 -16.35
C PRO C 265 4.68 -26.36 -15.54
N VAL C 266 3.95 -25.99 -14.49
CA VAL C 266 4.38 -24.90 -13.61
C VAL C 266 5.55 -25.31 -12.74
N ARG C 267 6.60 -24.49 -12.72
CA ARG C 267 7.78 -24.75 -11.90
C ARG C 267 8.33 -23.50 -11.24
N ALA C 268 8.91 -23.68 -10.06
CA ALA C 268 9.78 -22.66 -9.47
C ALA C 268 11.22 -23.11 -9.62
N VAL C 269 12.04 -22.29 -10.25
CA VAL C 269 13.38 -22.71 -10.60
C VAL C 269 14.49 -21.87 -9.97
N ASN C 270 15.49 -22.55 -9.44
CA ASN C 270 16.68 -21.93 -8.87
C ASN C 270 16.41 -20.92 -7.75
N CYS C 271 15.50 -21.26 -6.83
CA CYS C 271 15.23 -20.43 -5.66
C CYS C 271 16.35 -20.58 -4.63
N ALA C 272 16.93 -19.46 -4.21
CA ALA C 272 18.04 -19.51 -3.27
C ALA C 272 17.56 -19.62 -1.83
N VAL C 273 16.96 -20.76 -1.50
CA VAL C 273 16.35 -20.92 -0.18
C VAL C 273 16.88 -22.14 0.58
N GLY C 274 17.36 -21.90 1.80
CA GLY C 274 17.80 -22.98 2.69
C GLY C 274 19.03 -23.69 2.15
N ASN C 275 19.08 -25.01 2.37
CA ASN C 275 20.23 -25.82 1.95
C ASN C 275 19.79 -27.21 1.52
N MET C 276 20.73 -27.94 0.94
CA MET C 276 20.46 -29.27 0.38
C MET C 276 21.51 -30.29 0.80
N PRO C 277 21.19 -31.19 1.73
CA PRO C 277 21.98 -32.33 2.16
C PRO C 277 22.25 -33.28 1.00
N ILE C 278 23.48 -33.75 0.90
CA ILE C 278 23.87 -34.72 -0.12
C ILE C 278 24.62 -35.90 0.49
N SER C 279 24.18 -37.11 0.17
CA SER C 279 24.85 -38.32 0.65
C SER C 279 25.42 -39.12 -0.50
N ILE C 280 26.73 -39.34 -0.48
CA ILE C 280 27.39 -40.06 -1.56
C ILE C 280 28.01 -41.38 -1.08
N ASP C 281 27.71 -42.45 -1.80
CA ASP C 281 28.30 -43.76 -1.54
C ASP C 281 29.49 -43.99 -2.46
N ILE C 282 30.69 -43.91 -1.89
CA ILE C 282 31.92 -43.97 -2.67
C ILE C 282 32.54 -45.37 -2.64
N PRO C 283 32.72 -46.01 -3.80
CA PRO C 283 33.35 -47.31 -3.99
C PRO C 283 34.77 -47.30 -3.44
N GLU C 284 35.20 -48.44 -2.91
CA GLU C 284 36.54 -48.54 -2.34
C GLU C 284 37.59 -48.41 -3.43
N ALA C 285 37.20 -48.68 -4.67
CA ALA C 285 38.09 -48.60 -5.81
C ALA C 285 38.44 -47.15 -6.13
N ALA C 286 37.65 -46.23 -5.58
CA ALA C 286 37.83 -44.82 -5.83
C ALA C 286 38.93 -44.23 -4.95
N PHE C 287 39.40 -45.01 -3.98
CA PHE C 287 40.39 -44.52 -3.04
C PHE C 287 41.78 -45.07 -3.32
N THR C 288 42.78 -44.22 -3.09
CA THR C 288 44.18 -44.63 -3.21
C THR C 288 44.83 -44.72 -1.84
N ARG C 289 45.50 -45.84 -1.57
CA ARG C 289 46.12 -46.05 -0.27
C ARG C 289 47.27 -45.07 -0.05
N VAL C 290 47.47 -44.66 1.20
CA VAL C 290 48.49 -43.68 1.52
C VAL C 290 49.89 -44.17 1.18
N VAL C 291 50.06 -45.49 1.16
CA VAL C 291 51.35 -46.07 0.81
C VAL C 291 51.65 -45.94 -0.68
N ASP C 292 50.60 -45.91 -1.51
CA ASP C 292 50.77 -45.79 -2.95
C ASP C 292 50.81 -44.32 -3.37
N ALA C 293 50.12 -43.48 -2.61
CA ALA C 293 50.07 -42.06 -2.89
C ALA C 293 51.44 -41.42 -2.64
N PRO C 294 51.75 -40.30 -3.31
CA PRO C 294 52.85 -39.41 -3.03
C PRO C 294 52.77 -38.85 -1.62
N SER C 295 53.93 -38.65 -1.00
CA SER C 295 54.02 -38.05 0.32
C SER C 295 55.01 -36.91 0.28
N LEU C 296 54.50 -35.69 0.49
CA LEU C 296 55.33 -34.50 0.32
C LEU C 296 56.05 -34.13 1.60
N THR C 297 57.28 -33.64 1.45
CA THR C 297 58.07 -33.18 2.58
C THR C 297 58.70 -31.82 2.30
N ASP C 298 59.20 -31.19 3.36
CA ASP C 298 59.94 -29.93 3.24
C ASP C 298 59.16 -28.88 2.45
N MET C 299 57.88 -28.76 2.75
CA MET C 299 57.02 -27.83 2.04
C MET C 299 57.03 -26.44 2.67
N SER C 300 56.88 -25.42 1.82
CA SER C 300 56.76 -24.04 2.29
C SER C 300 55.83 -23.25 1.38
N CYS C 301 55.13 -22.25 1.94
CA CYS C 301 54.14 -21.47 1.20
C CYS C 301 54.57 -20.01 1.06
N GLU C 302 54.33 -19.46 -0.13
CA GLU C 302 54.51 -18.05 -0.42
C GLU C 302 53.28 -17.51 -1.14
N VAL C 303 53.00 -16.22 -0.98
CA VAL C 303 51.85 -15.60 -1.61
C VAL C 303 52.23 -14.33 -2.36
N PRO C 304 52.60 -14.46 -3.64
CA PRO C 304 53.10 -13.42 -4.52
C PRO C 304 52.19 -12.19 -4.54
N ALA C 305 50.89 -12.42 -4.49
CA ALA C 305 49.92 -11.33 -4.49
C ALA C 305 48.59 -11.80 -3.91
N CYS C 306 47.81 -10.86 -3.37
CA CYS C 306 46.46 -11.16 -2.90
C CYS C 306 45.55 -9.94 -2.93
N THR C 307 44.37 -10.13 -3.49
CA THR C 307 43.29 -9.15 -3.42
C THR C 307 42.08 -9.80 -2.77
N HIS C 308 41.53 -9.19 -1.73
CA HIS C 308 40.39 -9.78 -1.03
C HIS C 308 39.10 -9.49 -1.76
N SER C 309 38.94 -10.14 -2.91
CA SER C 309 37.81 -9.91 -3.79
C SER C 309 37.29 -11.20 -4.38
N SER C 310 36.17 -11.11 -5.08
CA SER C 310 35.53 -12.27 -5.68
C SER C 310 36.31 -12.76 -6.90
N ASP C 311 35.98 -13.97 -7.35
CA ASP C 311 36.63 -14.60 -8.49
C ASP C 311 38.11 -14.89 -8.24
N PHE C 312 38.42 -15.33 -7.03
CA PHE C 312 39.76 -15.82 -6.70
C PHE C 312 40.85 -14.79 -6.98
N GLY C 313 40.83 -13.71 -6.21
CA GLY C 313 41.80 -12.63 -6.39
C GLY C 313 43.15 -12.94 -5.74
N GLY C 314 43.23 -14.05 -5.00
CA GLY C 314 44.49 -14.43 -4.38
C GLY C 314 45.22 -15.52 -5.14
N VAL C 315 46.55 -15.48 -5.10
CA VAL C 315 47.38 -16.53 -5.68
C VAL C 315 48.43 -17.00 -4.68
N ALA C 316 48.63 -18.30 -4.58
CA ALA C 316 49.63 -18.84 -3.67
C ALA C 316 50.50 -19.86 -4.37
N VAL C 317 51.78 -19.87 -3.99
CA VAL C 317 52.74 -20.81 -4.55
C VAL C 317 53.40 -21.62 -3.43
N ILE C 318 53.30 -22.94 -3.53
CA ILE C 318 53.85 -23.81 -2.49
C ILE C 318 54.92 -24.74 -3.04
N LYS C 319 56.10 -24.68 -2.43
CA LYS C 319 57.21 -25.53 -2.84
C LYS C 319 57.10 -26.88 -2.14
N TYR C 320 57.36 -27.96 -2.88
CA TYR C 320 57.26 -29.29 -2.29
C TYR C 320 58.33 -30.25 -2.78
N ALA C 321 58.65 -31.23 -1.94
CA ALA C 321 59.45 -32.37 -2.36
C ALA C 321 58.52 -33.53 -2.70
N ALA C 322 58.42 -33.86 -3.98
CA ALA C 322 57.43 -34.81 -4.48
C ALA C 322 57.63 -36.22 -3.95
N SER C 323 58.88 -36.63 -3.77
CA SER C 323 59.15 -38.03 -3.51
C SER C 323 58.69 -38.84 -4.73
N LYS C 324 57.70 -39.71 -4.53
CA LYS C 324 57.15 -40.46 -5.64
C LYS C 324 56.28 -39.57 -6.52
N LYS C 325 56.36 -39.78 -7.83
CA LYS C 325 55.53 -39.03 -8.77
C LYS C 325 54.09 -39.49 -8.69
N GLY C 326 53.16 -38.55 -8.79
CA GLY C 326 51.74 -38.86 -8.76
C GLY C 326 50.89 -37.62 -8.53
N LYS C 327 49.63 -37.83 -8.18
CA LYS C 327 48.71 -36.72 -7.96
C LYS C 327 47.99 -36.87 -6.63
N CYS C 328 47.55 -35.75 -6.05
CA CYS C 328 46.81 -35.74 -4.79
C CYS C 328 45.86 -34.56 -4.70
N ALA C 329 44.93 -34.65 -3.74
CA ALA C 329 43.94 -33.60 -3.52
C ALA C 329 44.51 -32.43 -2.75
N VAL C 330 43.91 -31.26 -2.97
CA VAL C 330 44.24 -30.05 -2.24
C VAL C 330 43.01 -29.49 -1.54
N HIS C 331 43.13 -29.19 -0.25
CA HIS C 331 41.98 -28.67 0.48
C HIS C 331 42.37 -27.60 1.51
N SER C 332 41.55 -26.56 1.59
CA SER C 332 41.73 -25.52 2.60
C SER C 332 41.36 -26.03 3.98
N MET C 333 42.11 -25.61 4.99
CA MET C 333 41.84 -26.02 6.37
C MET C 333 41.03 -24.99 7.12
N THR C 334 40.54 -23.98 6.40
CA THR C 334 39.70 -22.95 7.00
C THR C 334 38.52 -22.65 6.10
N ASN C 335 37.44 -22.12 6.69
CA ASN C 335 36.28 -21.77 5.91
C ASN C 335 36.36 -20.34 5.41
N ALA C 336 37.38 -19.61 5.86
CA ALA C 336 37.55 -18.23 5.46
C ALA C 336 38.19 -18.12 4.09
N VAL C 337 38.91 -19.17 3.68
CA VAL C 337 39.61 -19.16 2.40
C VAL C 337 39.25 -20.38 1.56
N THR C 338 38.79 -20.14 0.33
CA THR C 338 38.44 -21.23 -0.56
C THR C 338 39.44 -21.36 -1.70
N ILE C 339 39.86 -22.59 -1.97
CA ILE C 339 40.84 -22.87 -3.02
C ILE C 339 40.14 -23.40 -4.27
N ARG C 340 40.44 -22.79 -5.41
CA ARG C 340 39.75 -23.15 -6.65
C ARG C 340 40.06 -24.57 -7.11
N GLU C 341 41.33 -24.95 -7.09
CA GLU C 341 41.75 -26.27 -7.54
C GLU C 341 41.40 -27.37 -6.56
N ALA C 342 40.86 -28.47 -7.06
CA ALA C 342 40.54 -29.61 -6.20
C ALA C 342 41.73 -30.55 -6.04
N GLU C 343 42.55 -30.65 -7.08
CA GLU C 343 43.69 -31.55 -7.09
C GLU C 343 44.82 -31.04 -7.95
N ILE C 344 46.04 -31.49 -7.63
CA ILE C 344 47.22 -31.15 -8.42
C ILE C 344 48.09 -32.38 -8.69
N GLU C 345 48.98 -32.27 -9.66
CA GLU C 345 49.98 -33.30 -9.88
C GLU C 345 51.32 -32.86 -9.30
N VAL C 346 52.01 -33.78 -8.63
CA VAL C 346 53.28 -33.46 -7.98
C VAL C 346 54.45 -34.26 -8.56
N GLU C 347 55.52 -33.57 -8.90
CA GLU C 347 56.73 -34.22 -9.44
C GLU C 347 58.00 -33.48 -9.03
N GLY C 348 59.05 -34.24 -8.76
CA GLY C 348 60.37 -33.68 -8.48
C GLY C 348 60.34 -32.74 -7.27
N ASN C 349 60.92 -31.55 -7.45
CA ASN C 349 60.95 -30.55 -6.40
C ASN C 349 60.40 -29.22 -6.89
N SER C 350 59.40 -29.30 -7.77
CA SER C 350 58.79 -28.11 -8.37
C SER C 350 57.84 -27.43 -7.39
N GLN C 351 57.39 -26.24 -7.76
CA GLN C 351 56.41 -25.52 -6.96
C GLN C 351 55.02 -25.66 -7.56
N LEU C 352 54.01 -25.76 -6.71
CA LEU C 352 52.63 -25.81 -7.18
C LEU C 352 52.00 -24.43 -7.05
N GLN C 353 51.09 -24.11 -7.96
CA GLN C 353 50.38 -22.84 -7.85
C GLN C 353 48.89 -23.02 -7.81
N ILE C 354 48.25 -22.40 -6.83
CA ILE C 354 46.80 -22.45 -6.67
C ILE C 354 46.23 -21.06 -6.49
N SER C 355 44.93 -20.91 -6.77
CA SER C 355 44.26 -19.64 -6.57
C SER C 355 43.22 -19.75 -5.47
N PHE C 356 42.95 -18.64 -4.80
CA PHE C 356 42.00 -18.67 -3.70
C PHE C 356 41.20 -17.38 -3.58
N SER C 357 40.05 -17.50 -2.91
CA SER C 357 39.17 -16.35 -2.69
C SER C 357 38.87 -16.18 -1.22
N THR C 358 39.01 -14.96 -0.73
CA THR C 358 38.71 -14.68 0.66
C THR C 358 38.22 -13.27 0.87
N ALA C 359 37.44 -13.08 1.93
CA ALA C 359 36.99 -11.75 2.32
C ALA C 359 37.94 -11.14 3.34
N LEU C 360 38.96 -11.92 3.71
CA LEU C 360 39.89 -11.49 4.73
C LEU C 360 40.82 -10.40 4.24
N ALA C 361 41.02 -9.37 5.06
CA ALA C 361 42.03 -8.37 4.77
C ALA C 361 43.40 -9.01 4.92
N SER C 362 43.50 -9.95 5.85
CA SER C 362 44.72 -10.72 6.06
C SER C 362 44.42 -12.20 5.89
N ALA C 363 45.02 -12.80 4.86
CA ALA C 363 44.72 -14.18 4.54
C ALA C 363 45.59 -15.10 5.35
N GLU C 364 45.04 -15.62 6.44
CA GLU C 364 45.74 -16.54 7.33
C GLU C 364 45.10 -17.92 7.23
N PHE C 365 45.77 -18.83 6.55
CA PHE C 365 45.16 -20.13 6.30
C PHE C 365 46.20 -21.22 6.13
N ARG C 366 45.76 -22.46 6.28
CA ARG C 366 46.61 -23.61 6.04
C ARG C 366 46.10 -24.39 4.85
N VAL C 367 47.00 -25.00 4.11
CA VAL C 367 46.64 -25.77 2.93
C VAL C 367 47.11 -27.20 3.06
N GLN C 368 46.21 -28.15 2.88
CA GLN C 368 46.57 -29.55 2.97
C GLN C 368 46.76 -30.15 1.60
N VAL C 369 47.96 -30.63 1.34
CA VAL C 369 48.30 -31.25 0.06
C VAL C 369 48.93 -32.61 0.30
N CYS C 370 48.39 -33.67 -0.31
CA CYS C 370 48.96 -35.03 -0.18
C CYS C 370 49.08 -35.43 1.30
N SER C 371 48.06 -35.13 2.08
CA SER C 371 48.00 -35.50 3.50
C SER C 371 48.98 -34.75 4.41
N THR C 372 49.62 -33.69 3.91
CA THR C 372 50.44 -32.85 4.77
C THR C 372 50.04 -31.39 4.62
N GLN C 373 50.50 -30.54 5.54
CA GLN C 373 50.01 -29.16 5.56
C GLN C 373 51.10 -28.10 5.60
N VAL C 374 50.79 -26.94 5.04
CA VAL C 374 51.64 -25.76 5.13
C VAL C 374 50.85 -24.56 5.64
N HIS C 375 51.58 -23.56 6.13
CA HIS C 375 50.97 -22.34 6.62
C HIS C 375 51.21 -21.18 5.66
N CYS C 376 50.13 -20.61 5.13
CA CYS C 376 50.18 -19.48 4.19
C CYS C 376 49.70 -18.21 4.88
N ALA C 377 50.34 -17.09 4.59
CA ALA C 377 49.90 -15.81 5.15
C ALA C 377 50.19 -14.67 4.18
N ALA C 378 49.24 -13.74 4.07
CA ALA C 378 49.44 -12.58 3.21
C ALA C 378 48.54 -11.41 3.59
N GLU C 379 48.97 -10.21 3.23
CA GLU C 379 48.13 -9.02 3.33
C GLU C 379 47.43 -8.80 1.99
N CYS C 380 46.10 -8.79 1.99
CA CYS C 380 45.31 -8.72 0.76
C CYS C 380 44.75 -7.32 0.52
N HIS C 381 44.95 -6.82 -0.69
CA HIS C 381 44.45 -5.52 -1.11
C HIS C 381 42.95 -5.59 -1.41
N PRO C 382 42.24 -4.48 -1.30
CA PRO C 382 40.86 -4.30 -1.70
C PRO C 382 40.74 -4.27 -3.23
N PRO C 383 39.57 -4.59 -3.76
CA PRO C 383 39.17 -4.49 -5.16
C PRO C 383 38.99 -3.04 -5.59
N LYS C 384 39.07 -2.80 -6.89
CA LYS C 384 38.83 -1.48 -7.43
C LYS C 384 37.42 -1.37 -8.00
N ASP C 385 36.86 -2.50 -8.42
CA ASP C 385 35.52 -2.55 -8.97
C ASP C 385 34.49 -2.68 -7.86
N HIS C 386 33.63 -1.68 -7.73
CA HIS C 386 32.65 -1.67 -6.66
C HIS C 386 31.60 -2.75 -6.82
N ILE C 387 31.22 -3.03 -8.06
CA ILE C 387 30.17 -3.99 -8.35
C ILE C 387 30.56 -4.97 -9.46
N VAL C 388 30.14 -6.21 -9.29
CA VAL C 388 30.36 -7.27 -10.28
C VAL C 388 29.05 -7.95 -10.63
N ASN C 389 29.04 -8.68 -11.74
CA ASN C 389 27.84 -9.36 -12.19
C ASN C 389 27.82 -10.84 -11.83
N TYR C 390 28.66 -11.24 -10.88
CA TYR C 390 28.71 -12.61 -10.40
C TYR C 390 28.76 -12.64 -8.88
N PRO C 391 28.21 -13.68 -8.25
CA PRO C 391 28.17 -13.90 -6.82
C PRO C 391 29.56 -14.17 -6.26
N ALA C 392 29.77 -13.80 -5.00
CA ALA C 392 31.05 -14.01 -4.34
C ALA C 392 31.34 -15.50 -4.20
N SER C 393 32.59 -15.87 -4.39
CA SER C 393 33.02 -17.26 -4.24
C SER C 393 33.49 -17.56 -2.82
N HIS C 394 33.83 -16.52 -2.07
CA HIS C 394 34.30 -16.72 -0.70
C HIS C 394 33.13 -17.06 0.22
N THR C 395 33.43 -17.78 1.29
CA THR C 395 32.41 -18.34 2.15
C THR C 395 31.50 -17.30 2.77
N THR C 396 32.08 -16.24 3.31
CA THR C 396 31.29 -15.26 4.03
C THR C 396 31.95 -13.89 4.10
N LEU C 397 31.34 -13.01 4.89
CA LEU C 397 31.85 -11.67 5.13
C LEU C 397 32.56 -11.61 6.47
N GLY C 398 33.28 -10.51 6.71
CA GLY C 398 34.00 -10.36 7.97
C GLY C 398 33.02 -10.32 9.14
N VAL C 399 33.47 -10.87 10.26
CA VAL C 399 32.66 -10.95 11.48
C VAL C 399 33.45 -10.40 12.66
N GLN C 400 32.78 -10.20 13.79
CA GLN C 400 33.44 -9.64 14.96
C GLN C 400 34.60 -10.50 15.45
N ASP C 401 34.57 -11.79 15.11
CA ASP C 401 35.61 -12.73 15.54
C ASP C 401 36.74 -12.84 14.53
N ILE C 402 36.65 -12.09 13.44
CA ILE C 402 37.67 -12.12 12.39
C ILE C 402 38.15 -10.71 12.06
N SER C 403 39.45 -10.53 12.00
CA SER C 403 40.00 -9.20 11.75
C SER C 403 41.25 -9.25 10.87
N ALA C 404 41.68 -8.07 10.43
CA ALA C 404 42.86 -7.88 9.59
C ALA C 404 44.12 -8.11 10.41
N THR C 405 45.28 -7.97 9.78
CA THR C 405 46.52 -8.11 10.55
C THR C 405 46.95 -6.74 11.03
N ALA C 406 48.07 -6.69 11.74
CA ALA C 406 48.51 -5.43 12.34
C ALA C 406 47.41 -4.89 13.25
N MET C 407 46.73 -5.79 13.96
CA MET C 407 45.68 -5.43 14.89
C MET C 407 46.21 -5.51 16.32
N SER C 408 47.53 -5.49 16.43
CA SER C 408 48.18 -5.53 17.73
C SER C 408 47.83 -4.27 18.51
N TRP C 409 47.31 -3.26 17.80
CA TRP C 409 46.84 -2.05 18.45
C TRP C 409 45.73 -2.38 19.43
N VAL C 410 44.88 -3.34 19.07
CA VAL C 410 43.78 -3.74 19.93
C VAL C 410 44.31 -4.45 21.15
N GLN C 411 45.29 -5.33 20.93
CA GLN C 411 45.89 -6.08 22.02
C GLN C 411 46.71 -5.18 22.94
N LYS C 412 47.38 -4.19 22.35
CA LYS C 412 48.20 -3.26 23.13
C LYS C 412 47.34 -2.38 24.01
N ILE C 413 46.21 -1.91 23.48
CA ILE C 413 45.31 -1.08 24.26
C ILE C 413 44.62 -1.91 25.33
N THR C 414 44.15 -3.09 24.95
CA THR C 414 43.46 -3.96 25.89
C THR C 414 44.42 -4.39 27.00
N GLY C 415 45.64 -4.74 26.62
CA GLY C 415 46.65 -5.15 27.58
C GLY C 415 47.03 -4.01 28.52
N GLY C 416 47.19 -2.82 27.97
CA GLY C 416 47.56 -1.66 28.75
C GLY C 416 46.50 -1.33 29.79
N VAL C 417 45.24 -1.36 29.38
CA VAL C 417 44.15 -1.08 30.29
C VAL C 417 43.99 -2.20 31.31
N GLY C 418 44.13 -3.44 30.87
CA GLY C 418 44.04 -4.59 31.76
C GLY C 418 45.14 -4.55 32.81
N LEU C 419 46.31 -4.06 32.43
CA LEU C 419 47.43 -3.95 33.36
C LEU C 419 47.13 -2.92 34.43
N VAL C 420 46.54 -1.81 34.03
CA VAL C 420 46.19 -0.76 34.98
C VAL C 420 45.18 -1.28 36.00
N VAL C 421 44.22 -2.07 35.54
CA VAL C 421 43.24 -2.67 36.45
C VAL C 421 43.90 -3.69 37.36
N ALA C 422 44.77 -4.52 36.81
CA ALA C 422 45.42 -5.56 37.59
C ALA C 422 46.28 -4.96 38.70
N VAL C 423 46.93 -3.85 38.39
CA VAL C 423 47.76 -3.18 39.39
C VAL C 423 46.90 -2.51 40.45
N ALA C 424 45.83 -1.83 40.02
CA ALA C 424 44.95 -1.16 40.96
C ALA C 424 44.31 -2.18 41.89
N ALA C 425 43.94 -3.34 41.34
CA ALA C 425 43.32 -4.38 42.14
C ALA C 425 44.32 -4.92 43.16
N LEU C 426 45.57 -5.07 42.74
CA LEU C 426 46.60 -5.58 43.65
C LEU C 426 46.86 -4.60 44.78
N ILE C 427 46.89 -3.32 44.47
CA ILE C 427 47.14 -2.31 45.48
C ILE C 427 46.06 -2.33 46.54
N LEU C 428 44.81 -2.41 46.11
CA LEU C 428 43.70 -2.46 47.05
C LEU C 428 43.73 -3.72 47.88
N ILE C 429 44.07 -4.85 47.26
CA ILE C 429 44.15 -6.12 47.97
C ILE C 429 45.23 -6.08 49.05
N VAL C 430 46.39 -5.52 48.71
CA VAL C 430 47.48 -5.42 49.67
C VAL C 430 47.11 -4.52 50.83
N VAL C 431 46.47 -3.40 50.55
CA VAL C 431 46.04 -2.49 51.60
C VAL C 431 45.00 -3.14 52.49
N LEU C 432 44.07 -3.87 51.89
CA LEU C 432 43.06 -4.57 52.67
C LEU C 432 43.69 -5.65 53.54
N CYS C 433 44.69 -6.35 53.00
CA CYS C 433 45.38 -7.38 53.78
C CYS C 433 46.02 -6.78 55.02
N VAL C 434 46.54 -5.57 54.88
CA VAL C 434 47.10 -4.86 56.03
C VAL C 434 45.99 -4.42 56.98
N SER C 435 44.90 -3.92 56.42
CA SER C 435 43.76 -3.47 57.23
C SER C 435 43.22 -4.60 58.08
N PHE C 436 43.19 -5.81 57.52
CA PHE C 436 42.67 -6.96 58.23
C PHE C 436 43.71 -7.57 59.16
N SER C 437 44.91 -6.99 59.16
CA SER C 437 45.98 -7.44 60.05
C SER C 437 45.99 -6.62 61.33
N ARG C 438 45.11 -5.62 61.40
CA ARG C 438 45.03 -4.76 62.57
C ARG C 438 44.18 -5.40 63.66
N HIS C 439 44.48 -5.09 64.92
CA HIS C 439 43.78 -5.59 66.12
C HIS C 439 44.27 -6.99 66.48
N TYR D 1 -31.79 -13.92 2.40
CA TYR D 1 -31.35 -14.16 3.76
C TYR D 1 -30.25 -15.24 3.79
N GLU D 2 -29.11 -14.91 4.39
CA GLU D 2 -28.00 -15.86 4.52
C GLU D 2 -28.04 -16.55 5.87
N HIS D 3 -28.19 -17.88 5.84
CA HIS D 3 -28.27 -18.66 7.06
C HIS D 3 -27.06 -19.57 7.20
N VAL D 4 -26.35 -19.46 8.32
CA VAL D 4 -25.13 -20.22 8.51
C VAL D 4 -25.24 -21.19 9.68
N THR D 5 -24.99 -22.46 9.41
CA THR D 5 -25.07 -23.50 10.43
C THR D 5 -23.87 -24.43 10.37
N VAL D 6 -23.69 -25.23 11.41
CA VAL D 6 -22.67 -26.26 11.41
C VAL D 6 -23.28 -27.60 11.80
N ILE D 7 -23.01 -28.63 11.01
CA ILE D 7 -23.49 -29.97 11.35
C ILE D 7 -22.32 -30.93 11.45
N PRO D 8 -22.44 -31.99 12.26
CA PRO D 8 -21.52 -33.10 12.38
C PRO D 8 -21.32 -33.80 11.04
N ASN D 9 -20.15 -34.41 10.86
CA ASN D 9 -19.83 -35.09 9.61
C ASN D 9 -20.34 -36.52 9.58
N THR D 10 -21.08 -36.91 10.61
CA THR D 10 -21.66 -38.25 10.64
C THR D 10 -22.64 -38.39 9.49
N VAL D 11 -22.47 -39.45 8.70
CA VAL D 11 -23.28 -39.67 7.52
C VAL D 11 -24.50 -40.53 7.83
N GLY D 12 -25.65 -40.13 7.29
CA GLY D 12 -26.89 -40.87 7.48
C GLY D 12 -27.70 -40.37 8.67
N VAL D 13 -27.26 -39.28 9.27
CA VAL D 13 -27.96 -38.69 10.41
C VAL D 13 -28.42 -37.27 10.08
N PRO D 14 -29.74 -37.04 10.01
CA PRO D 14 -30.37 -35.77 9.69
C PRO D 14 -30.24 -34.78 10.83
N TYR D 15 -30.03 -33.51 10.50
CA TYR D 15 -30.01 -32.45 11.48
C TYR D 15 -30.94 -31.33 11.05
N LYS D 16 -31.60 -30.69 12.01
CA LYS D 16 -32.52 -29.62 11.68
C LYS D 16 -32.03 -28.27 12.18
N THR D 17 -32.30 -27.23 11.39
CA THR D 17 -31.93 -25.88 11.76
C THR D 17 -33.10 -24.93 11.60
N LEU D 18 -33.21 -23.99 12.53
CA LEU D 18 -34.28 -23.01 12.49
C LEU D 18 -33.80 -21.70 11.89
N VAL D 19 -34.50 -21.23 10.86
CA VAL D 19 -34.16 -19.98 10.22
C VAL D 19 -35.06 -18.88 10.77
N ASN D 20 -34.48 -17.97 11.53
CA ASN D 20 -35.25 -16.91 12.17
C ASN D 20 -35.06 -15.58 11.46
N ARG D 21 -36.03 -15.22 10.65
CA ARG D 21 -35.99 -13.96 9.90
C ARG D 21 -37.17 -13.10 10.31
N PRO D 22 -36.98 -12.12 11.19
CA PRO D 22 -38.00 -11.31 11.81
C PRO D 22 -38.93 -10.72 10.77
N GLY D 23 -40.23 -10.82 11.04
CA GLY D 23 -41.24 -10.35 10.11
C GLY D 23 -41.80 -11.51 9.28
N TYR D 24 -41.10 -12.62 9.28
CA TYR D 24 -41.51 -13.79 8.52
C TYR D 24 -41.72 -15.00 9.42
N SER D 25 -42.61 -15.89 9.01
CA SER D 25 -42.84 -17.12 9.74
C SER D 25 -41.56 -17.93 9.79
N PRO D 26 -41.19 -18.49 10.93
CA PRO D 26 -40.02 -19.30 11.16
C PRO D 26 -39.97 -20.46 10.17
N MET D 27 -38.80 -20.70 9.60
CA MET D 27 -38.61 -21.77 8.63
C MET D 27 -37.69 -22.83 9.20
N VAL D 28 -38.01 -24.09 8.95
CA VAL D 28 -37.14 -25.17 9.42
C VAL D 28 -36.64 -26.00 8.25
N LEU D 29 -35.32 -26.13 8.18
CA LEU D 29 -34.70 -26.92 7.13
C LEU D 29 -34.10 -28.18 7.72
N GLU D 30 -34.15 -29.27 6.97
CA GLU D 30 -33.53 -30.50 7.41
C GLU D 30 -32.41 -30.89 6.46
N MET D 31 -31.23 -31.12 7.03
CA MET D 31 -30.08 -31.49 6.21
C MET D 31 -29.49 -32.81 6.64
N GLU D 32 -29.15 -33.65 5.67
CA GLU D 32 -28.52 -34.93 5.95
C GLU D 32 -27.38 -35.19 4.98
N LEU D 33 -26.24 -35.58 5.50
CA LEU D 33 -25.15 -35.97 4.63
C LEU D 33 -25.41 -37.37 4.11
N LEU D 34 -25.32 -37.54 2.80
CA LEU D 34 -25.51 -38.85 2.20
C LEU D 34 -24.17 -39.50 1.94
N SER D 35 -23.18 -38.66 1.63
CA SER D 35 -21.83 -39.15 1.39
C SER D 35 -20.82 -38.03 1.57
N VAL D 36 -19.70 -38.36 2.23
CA VAL D 36 -18.58 -37.45 2.33
C VAL D 36 -17.32 -38.14 1.82
N THR D 37 -16.66 -37.54 0.84
CA THR D 37 -15.50 -38.19 0.25
C THR D 37 -14.24 -37.36 0.43
N LEU D 38 -13.19 -38.01 0.92
CA LEU D 38 -11.88 -37.39 1.03
C LEU D 38 -10.96 -38.01 -0.01
N GLU D 39 -10.70 -37.28 -1.08
CA GLU D 39 -9.93 -37.84 -2.18
C GLU D 39 -8.53 -37.21 -2.26
N PRO D 40 -7.49 -37.94 -1.85
CA PRO D 40 -6.12 -37.49 -1.76
C PRO D 40 -5.55 -37.29 -3.14
N THR D 41 -4.68 -36.30 -3.27
CA THR D 41 -3.93 -36.13 -4.50
C THR D 41 -2.68 -36.99 -4.43
N LEU D 42 -2.50 -37.85 -5.42
CA LEU D 42 -1.39 -38.80 -5.39
C LEU D 42 -0.36 -38.52 -6.48
N SER D 43 0.88 -38.84 -6.17
CA SER D 43 1.97 -38.80 -7.14
C SER D 43 2.71 -40.13 -7.13
N LEU D 44 2.72 -40.81 -8.26
CA LEU D 44 3.32 -42.13 -8.33
C LEU D 44 4.83 -42.07 -8.19
N ASP D 45 5.37 -42.88 -7.30
CA ASP D 45 6.81 -42.97 -7.14
C ASP D 45 7.37 -44.09 -8.00
N TYR D 46 6.82 -45.29 -7.83
CA TYR D 46 7.24 -46.42 -8.65
C TYR D 46 6.26 -47.59 -8.62
N ILE D 47 6.44 -48.49 -9.58
CA ILE D 47 5.69 -49.72 -9.67
C ILE D 47 6.58 -50.91 -9.34
N THR D 48 6.09 -51.80 -8.49
CA THR D 48 6.82 -53.02 -8.20
C THR D 48 5.98 -54.23 -8.52
N CYS D 49 6.62 -55.29 -9.01
CA CYS D 49 5.96 -56.49 -9.50
C CYS D 49 6.90 -57.69 -9.45
N GLU D 50 6.44 -58.83 -9.96
CA GLU D 50 7.29 -60.01 -9.96
C GLU D 50 8.37 -59.91 -11.03
N TYR D 51 9.60 -60.27 -10.66
CA TYR D 51 10.71 -60.25 -11.60
C TYR D 51 10.81 -61.57 -12.36
N LYS D 52 11.38 -61.50 -13.55
CA LYS D 52 11.67 -62.70 -14.34
C LYS D 52 13.17 -62.85 -14.56
N THR D 53 13.72 -63.98 -14.13
CA THR D 53 15.13 -64.23 -14.34
C THR D 53 15.34 -64.84 -15.71
N VAL D 54 16.24 -64.24 -16.47
CA VAL D 54 16.50 -64.69 -17.83
C VAL D 54 17.84 -65.39 -17.92
N ILE D 55 17.80 -66.66 -18.31
CA ILE D 55 19.02 -67.44 -18.45
C ILE D 55 19.09 -68.08 -19.83
N PRO D 56 19.97 -67.60 -20.70
CA PRO D 56 20.20 -68.05 -22.04
C PRO D 56 20.99 -69.36 -22.01
N SER D 57 20.96 -70.09 -23.10
CA SER D 57 21.75 -71.31 -23.17
C SER D 57 23.20 -70.99 -22.79
N PRO D 58 23.83 -71.85 -21.99
CA PRO D 58 25.20 -71.75 -21.53
C PRO D 58 26.16 -72.02 -22.66
N TYR D 59 27.38 -71.52 -22.55
CA TYR D 59 28.36 -71.83 -23.57
C TYR D 59 29.44 -72.74 -23.02
N VAL D 60 29.69 -73.83 -23.73
CA VAL D 60 30.71 -74.76 -23.31
C VAL D 60 31.88 -74.74 -24.27
N LYS D 61 33.06 -74.42 -23.75
CA LYS D 61 34.26 -74.43 -24.55
C LYS D 61 34.94 -75.78 -24.36
N CYS D 62 34.92 -76.61 -25.40
CA CYS D 62 35.31 -78.01 -25.29
C CYS D 62 36.76 -78.18 -24.87
N CYS D 63 37.63 -77.28 -25.30
CA CYS D 63 39.03 -77.40 -24.93
C CYS D 63 39.68 -76.02 -24.85
N GLY D 64 39.44 -75.33 -23.74
CA GLY D 64 39.93 -73.98 -23.55
C GLY D 64 39.09 -73.24 -22.50
N THR D 65 39.55 -72.07 -22.09
CA THR D 65 38.86 -71.31 -21.06
C THR D 65 38.06 -70.15 -21.65
N ALA D 66 36.77 -70.13 -21.35
CA ALA D 66 35.86 -69.07 -21.79
C ALA D 66 36.04 -67.82 -20.91
N GLU D 67 35.68 -66.67 -21.45
CA GLU D 67 35.74 -65.42 -20.68
C GLU D 67 34.42 -64.67 -20.72
N CYS D 68 34.07 -64.01 -19.61
CA CYS D 68 32.85 -63.22 -19.50
C CYS D 68 33.05 -61.79 -20.00
N LYS D 69 31.98 -61.23 -20.55
CA LYS D 69 31.97 -59.83 -20.95
C LYS D 69 31.00 -59.05 -20.07
N ASP D 70 31.35 -57.82 -19.73
CA ASP D 70 30.48 -56.99 -18.91
C ASP D 70 29.26 -56.52 -19.68
N LYS D 71 28.12 -56.46 -19.00
CA LYS D 71 26.89 -55.96 -19.58
C LYS D 71 26.18 -55.04 -18.60
N ASN D 72 25.30 -54.17 -19.11
CA ASN D 72 24.62 -53.18 -18.28
C ASN D 72 23.19 -53.56 -17.96
N LEU D 73 22.88 -54.84 -18.04
CA LEU D 73 21.54 -55.33 -17.74
C LEU D 73 21.30 -55.26 -16.23
N PRO D 74 20.04 -55.10 -15.79
CA PRO D 74 19.62 -54.66 -14.47
C PRO D 74 20.29 -55.38 -13.31
N ASP D 75 20.55 -56.67 -13.47
CA ASP D 75 21.22 -57.44 -12.43
C ASP D 75 22.08 -58.52 -13.07
N TYR D 76 22.91 -58.11 -14.03
CA TYR D 76 23.72 -59.04 -14.78
C TYR D 76 24.79 -59.72 -13.94
N SER D 77 24.93 -61.03 -14.14
CA SER D 77 25.99 -61.81 -13.52
C SER D 77 26.52 -62.86 -14.48
N CYS D 78 27.84 -63.07 -14.48
CA CYS D 78 28.49 -64.04 -15.34
C CYS D 78 29.66 -64.71 -14.61
N LYS D 79 29.77 -66.02 -14.77
CA LYS D 79 30.86 -66.75 -14.17
C LYS D 79 31.32 -67.90 -15.06
N VAL D 80 32.63 -68.18 -15.03
CA VAL D 80 33.16 -69.29 -15.79
C VAL D 80 33.64 -70.40 -14.87
N PHE D 81 33.18 -71.61 -15.13
CA PHE D 81 33.52 -72.76 -14.31
C PHE D 81 34.44 -73.69 -15.09
N THR D 82 35.41 -74.28 -14.39
CA THR D 82 36.37 -75.18 -15.02
C THR D 82 36.23 -76.59 -14.46
N GLY D 83 36.83 -77.56 -15.16
CA GLY D 83 36.80 -78.93 -14.70
C GLY D 83 35.42 -79.56 -14.94
N VAL D 84 34.76 -79.14 -16.00
CA VAL D 84 33.41 -79.63 -16.29
C VAL D 84 33.40 -80.51 -17.53
N TYR D 85 32.77 -81.67 -17.41
CA TYR D 85 32.68 -82.59 -18.53
C TYR D 85 31.25 -83.09 -18.74
N PRO D 86 30.39 -82.26 -19.33
CA PRO D 86 28.95 -82.44 -19.47
C PRO D 86 28.62 -83.53 -20.46
N PHE D 87 27.47 -84.17 -20.28
CA PHE D 87 27.00 -85.20 -21.19
C PHE D 87 25.66 -84.85 -21.84
N MET D 88 25.51 -85.28 -23.08
CA MET D 88 24.27 -85.18 -23.82
C MET D 88 23.60 -86.56 -23.86
N TRP D 89 22.37 -86.61 -24.30
CA TRP D 89 21.65 -87.88 -24.33
C TRP D 89 22.38 -88.95 -25.13
N GLY D 90 23.16 -88.55 -26.11
CA GLY D 90 23.86 -89.50 -26.97
C GLY D 90 25.31 -89.76 -26.56
N GLY D 91 25.74 -89.18 -25.44
CA GLY D 91 27.13 -89.34 -25.01
C GLY D 91 27.78 -88.04 -24.58
N ALA D 92 29.08 -88.08 -24.31
CA ALA D 92 29.82 -86.92 -23.82
C ALA D 92 29.77 -85.78 -24.83
N TYR D 93 29.74 -84.56 -24.33
CA TYR D 93 29.65 -83.38 -25.20
C TYR D 93 30.84 -83.24 -26.16
N CYS D 94 32.06 -83.51 -25.68
CA CYS D 94 33.27 -83.36 -26.48
C CYS D 94 34.39 -84.32 -26.08
N PHE D 95 35.37 -84.42 -26.96
CA PHE D 95 36.55 -85.28 -26.75
C PHE D 95 37.45 -84.81 -25.60
N CYS D 96 37.75 -83.51 -25.58
CA CYS D 96 38.63 -82.92 -24.57
C CYS D 96 37.88 -82.71 -23.25
N ASP D 97 38.49 -83.14 -22.15
CA ASP D 97 37.84 -83.07 -20.85
C ASP D 97 38.50 -82.07 -19.89
N ALA D 98 39.80 -82.20 -19.69
CA ALA D 98 40.49 -81.44 -18.64
C ALA D 98 40.53 -79.94 -18.91
N GLU D 99 40.47 -79.55 -20.18
CA GLU D 99 40.51 -78.13 -20.53
C GLU D 99 39.10 -77.64 -20.85
N ASN D 100 38.10 -78.45 -20.56
CA ASN D 100 36.71 -78.10 -20.84
C ASN D 100 36.16 -77.15 -19.77
N THR D 101 35.66 -76.00 -20.22
CA THR D 101 35.12 -75.00 -19.31
C THR D 101 33.74 -74.52 -19.75
N GLN D 102 32.96 -73.99 -18.82
CA GLN D 102 31.62 -73.51 -19.13
C GLN D 102 31.38 -72.09 -18.67
N LEU D 103 30.74 -71.31 -19.53
CA LEU D 103 30.36 -69.95 -19.19
C LEU D 103 28.86 -69.84 -18.98
N SER D 104 28.49 -69.36 -17.81
CA SER D 104 27.09 -69.16 -17.48
C SER D 104 26.82 -67.69 -17.23
N GLU D 105 25.69 -67.20 -17.74
CA GLU D 105 25.32 -65.81 -17.53
C GLU D 105 23.82 -65.68 -17.29
N ALA D 106 23.43 -64.64 -16.57
CA ALA D 106 22.02 -64.41 -16.30
C ALA D 106 21.74 -62.95 -15.98
N HIS D 107 20.51 -62.53 -16.19
CA HIS D 107 20.08 -61.19 -15.81
C HIS D 107 18.60 -61.16 -15.47
N VAL D 108 18.14 -60.04 -14.92
CA VAL D 108 16.78 -59.92 -14.45
C VAL D 108 15.99 -58.85 -15.20
N GLU D 109 14.80 -59.22 -15.66
CA GLU D 109 13.89 -58.29 -16.33
C GLU D 109 12.55 -58.32 -15.62
N LYS D 110 11.79 -57.23 -15.70
CA LYS D 110 10.46 -57.27 -15.13
C LYS D 110 9.55 -58.12 -16.00
N SER D 111 8.70 -58.92 -15.37
CA SER D 111 7.82 -59.83 -16.09
C SER D 111 6.78 -59.09 -16.91
N GLU D 112 6.35 -59.70 -18.01
CA GLU D 112 5.29 -59.14 -18.84
C GLU D 112 3.96 -59.14 -18.09
N SER D 113 3.89 -59.98 -17.06
CA SER D 113 2.71 -60.06 -16.21
C SER D 113 2.50 -58.79 -15.38
N CYS D 114 3.54 -57.96 -15.27
CA CYS D 114 3.53 -56.73 -14.48
C CYS D 114 2.51 -55.74 -15.03
N LYS D 115 2.02 -56.00 -16.24
CA LYS D 115 1.00 -55.15 -16.82
C LYS D 115 -0.31 -55.25 -16.06
N THR D 116 -0.62 -56.43 -15.50
CA THR D 116 -1.88 -56.60 -14.79
C THR D 116 -1.68 -56.88 -13.30
N GLU D 117 -0.52 -57.42 -12.94
CA GLU D 117 -0.25 -57.75 -11.54
C GLU D 117 0.90 -56.94 -10.99
N PHE D 118 0.56 -55.84 -10.32
CA PHE D 118 1.57 -54.96 -9.77
C PHE D 118 1.02 -54.14 -8.62
N ALA D 119 1.91 -53.62 -7.79
CA ALA D 119 1.52 -52.70 -6.73
C ALA D 119 2.12 -51.33 -6.99
N SER D 120 1.30 -50.30 -6.82
CA SER D 120 1.75 -48.94 -7.07
C SER D 120 2.12 -48.22 -5.79
N ALA D 121 3.33 -47.66 -5.75
CA ALA D 121 3.79 -46.90 -4.61
C ALA D 121 3.55 -45.41 -4.84
N TYR D 122 2.65 -44.83 -4.05
CA TYR D 122 2.25 -43.44 -4.22
C TYR D 122 2.63 -42.57 -3.03
N ARG D 123 2.82 -41.29 -3.29
CA ARG D 123 2.89 -40.31 -2.21
C ARG D 123 1.62 -39.48 -2.19
N ALA D 124 1.06 -39.30 -0.99
CA ALA D 124 -0.18 -38.54 -0.83
C ALA D 124 0.12 -37.16 -0.31
N HIS D 125 -0.66 -36.18 -0.74
CA HIS D 125 -0.45 -34.81 -0.30
C HIS D 125 -1.65 -34.31 0.51
N THR D 126 -2.66 -33.79 -0.18
CA THR D 126 -3.84 -33.25 0.46
C THR D 126 -5.10 -33.86 -0.16
N ALA D 127 -6.24 -33.70 0.51
CA ALA D 127 -7.48 -34.28 0.01
C ALA D 127 -8.46 -33.23 -0.47
N SER D 128 -8.98 -33.44 -1.67
CA SER D 128 -10.00 -32.58 -2.24
C SER D 128 -11.37 -33.02 -1.76
N ALA D 129 -11.69 -32.69 -0.51
CA ALA D 129 -12.91 -33.17 0.13
C ALA D 129 -14.15 -32.65 -0.60
N SER D 130 -15.15 -33.51 -0.70
CA SER D 130 -16.43 -33.17 -1.30
C SER D 130 -17.56 -33.90 -0.60
N ALA D 131 -18.79 -33.43 -0.77
CA ALA D 131 -19.90 -34.08 -0.10
C ALA D 131 -21.20 -34.00 -0.87
N LYS D 132 -22.04 -35.01 -0.66
CA LYS D 132 -23.39 -35.07 -1.22
C LYS D 132 -24.40 -34.84 -0.11
N LEU D 133 -25.12 -33.73 -0.18
CA LEU D 133 -26.02 -33.33 0.88
C LEU D 133 -27.49 -33.41 0.48
N ARG D 134 -28.31 -33.99 1.34
CA ARG D 134 -29.75 -34.01 1.12
C ARG D 134 -30.38 -32.89 1.94
N VAL D 135 -31.20 -32.07 1.29
CA VAL D 135 -31.82 -30.95 1.98
C VAL D 135 -33.34 -30.95 1.80
N LEU D 136 -34.05 -30.76 2.90
CA LEU D 136 -35.50 -30.57 2.82
C LEU D 136 -35.79 -29.09 2.74
N TYR D 137 -36.19 -28.66 1.56
CA TYR D 137 -36.36 -27.24 1.26
C TYR D 137 -37.73 -26.99 0.64
N GLN D 138 -38.51 -26.11 1.26
CA GLN D 138 -39.84 -25.79 0.77
C GLN D 138 -40.69 -27.05 0.66
N GLY D 139 -40.49 -28.00 1.57
CA GLY D 139 -41.28 -29.22 1.62
C GLY D 139 -40.78 -30.29 0.65
N ASN D 140 -39.74 -29.99 -0.12
CA ASN D 140 -39.23 -30.93 -1.11
C ASN D 140 -37.83 -31.42 -0.78
N ASN D 141 -37.54 -32.65 -1.20
CA ASN D 141 -36.21 -33.22 -1.02
C ASN D 141 -35.33 -32.93 -2.23
N ILE D 142 -34.29 -32.13 -2.01
CA ILE D 142 -33.37 -31.76 -3.07
C ILE D 142 -31.96 -32.20 -2.74
N THR D 143 -31.16 -32.51 -3.76
CA THR D 143 -29.81 -32.99 -3.53
C THR D 143 -28.76 -31.99 -4.02
N VAL D 144 -27.83 -31.66 -3.14
CA VAL D 144 -26.75 -30.74 -3.47
C VAL D 144 -25.40 -31.44 -3.43
N THR D 145 -24.71 -31.44 -4.56
CA THR D 145 -23.37 -32.03 -4.62
C THR D 145 -22.35 -30.91 -4.78
N ALA D 146 -21.41 -30.83 -3.86
CA ALA D 146 -20.44 -29.75 -3.88
C ALA D 146 -19.13 -30.14 -3.23
N TYR D 147 -18.07 -29.41 -3.57
CA TYR D 147 -16.80 -29.58 -2.87
C TYR D 147 -16.91 -28.98 -1.48
N ALA D 148 -16.19 -29.55 -0.53
CA ALA D 148 -16.33 -29.16 0.87
C ALA D 148 -15.19 -28.26 1.31
N ASN D 149 -14.59 -27.56 0.36
CA ASN D 149 -13.49 -26.65 0.66
C ASN D 149 -13.94 -25.21 0.89
N GLY D 150 -15.26 -24.99 0.84
CA GLY D 150 -15.82 -23.67 1.10
C GLY D 150 -15.77 -22.74 -0.11
N ASP D 151 -15.23 -23.23 -1.22
CA ASP D 151 -15.06 -22.42 -2.43
C ASP D 151 -15.95 -22.86 -3.59
N HIS D 152 -16.99 -23.61 -3.30
CA HIS D 152 -17.86 -24.09 -4.37
C HIS D 152 -19.31 -23.76 -4.09
N ALA D 153 -19.90 -22.93 -4.96
CA ALA D 153 -21.28 -22.54 -4.81
C ALA D 153 -22.17 -23.32 -5.75
N VAL D 154 -23.20 -23.95 -5.19
CA VAL D 154 -24.17 -24.68 -5.98
C VAL D 154 -25.57 -24.12 -5.76
N THR D 155 -26.25 -23.76 -6.83
CA THR D 155 -27.58 -23.19 -6.70
C THR D 155 -28.65 -24.15 -7.16
N VAL D 156 -29.58 -24.45 -6.25
CA VAL D 156 -30.72 -25.31 -6.52
C VAL D 156 -31.99 -24.65 -6.05
N LYS D 157 -33.01 -24.62 -6.91
CA LYS D 157 -34.26 -23.97 -6.55
C LYS D 157 -34.01 -22.53 -6.11
N ASP D 158 -33.09 -21.87 -6.79
CA ASP D 158 -32.72 -20.47 -6.53
C ASP D 158 -32.06 -20.27 -5.16
N ALA D 159 -31.71 -21.35 -4.49
CA ALA D 159 -31.01 -21.26 -3.21
C ALA D 159 -29.55 -21.66 -3.38
N LYS D 160 -28.65 -20.80 -2.94
CA LYS D 160 -27.21 -21.05 -3.11
C LYS D 160 -26.62 -21.70 -1.87
N PHE D 161 -25.96 -22.83 -2.07
CA PHE D 161 -25.35 -23.57 -0.97
C PHE D 161 -23.83 -23.53 -1.01
N ILE D 162 -23.23 -23.18 0.13
CA ILE D 162 -21.79 -23.24 0.29
C ILE D 162 -21.44 -24.31 1.32
N VAL D 163 -20.58 -25.24 0.95
CA VAL D 163 -20.23 -26.33 1.85
C VAL D 163 -18.75 -26.28 2.24
N GLY D 164 -18.48 -26.33 3.53
CA GLY D 164 -17.12 -26.32 4.04
C GLY D 164 -16.67 -24.90 4.37
N PRO D 165 -15.40 -24.75 4.73
CA PRO D 165 -14.33 -25.74 4.77
C PRO D 165 -14.52 -26.74 5.89
N MET D 166 -13.87 -27.89 5.76
CA MET D 166 -13.95 -28.94 6.77
C MET D 166 -13.26 -28.50 8.05
N SER D 167 -13.83 -28.89 9.18
CA SER D 167 -13.28 -28.54 10.49
C SER D 167 -12.03 -29.38 10.82
N SER D 168 -11.82 -30.45 10.07
CA SER D 168 -10.68 -31.32 10.29
C SER D 168 -10.00 -31.70 8.99
N ALA D 169 -8.68 -31.78 9.03
CA ALA D 169 -7.89 -32.15 7.86
C ALA D 169 -7.34 -33.56 8.01
N TRP D 170 -7.91 -34.33 8.94
CA TRP D 170 -7.46 -35.70 9.17
C TRP D 170 -7.86 -36.62 8.02
N THR D 171 -6.93 -37.48 7.62
CA THR D 171 -7.21 -38.51 6.62
C THR D 171 -6.68 -39.85 7.12
N PRO D 172 -7.28 -40.97 6.70
CA PRO D 172 -6.88 -42.32 6.98
C PRO D 172 -5.60 -42.70 6.24
N PHE D 173 -5.25 -41.92 5.23
CA PHE D 173 -4.07 -42.20 4.41
C PHE D 173 -2.84 -41.54 4.97
N ASP D 174 -1.72 -42.23 4.93
CA ASP D 174 -0.45 -41.66 5.33
C ASP D 174 0.23 -40.99 4.14
N ASN D 175 1.40 -40.42 4.37
CA ASN D 175 2.12 -39.72 3.30
C ASN D 175 2.58 -40.69 2.22
N LYS D 176 2.87 -41.92 2.61
CA LYS D 176 3.30 -42.94 1.68
C LYS D 176 2.37 -44.14 1.71
N ILE D 177 1.76 -44.45 0.58
CA ILE D 177 0.82 -45.56 0.51
C ILE D 177 1.13 -46.49 -0.65
N VAL D 178 0.65 -47.72 -0.55
CA VAL D 178 0.78 -48.69 -1.63
C VAL D 178 -0.59 -49.21 -2.03
N VAL D 179 -0.87 -49.19 -3.33
CA VAL D 179 -2.17 -49.60 -3.81
C VAL D 179 -2.09 -50.83 -4.70
N TYR D 180 -2.81 -51.88 -4.29
CA TYR D 180 -2.92 -53.10 -5.09
C TYR D 180 -4.39 -53.42 -5.30
N LYS D 181 -4.81 -53.46 -6.55
CA LYS D 181 -6.21 -53.72 -6.85
C LYS D 181 -7.12 -52.78 -6.06
N GLY D 182 -7.94 -53.36 -5.18
CA GLY D 182 -8.88 -52.58 -4.37
C GLY D 182 -8.37 -52.34 -2.97
N ASP D 183 -7.14 -52.73 -2.69
CA ASP D 183 -6.59 -52.69 -1.34
C ASP D 183 -5.50 -51.63 -1.18
N VAL D 184 -5.76 -50.65 -0.32
CA VAL D 184 -4.78 -49.61 -0.04
C VAL D 184 -4.12 -49.85 1.31
N TYR D 185 -2.80 -49.78 1.34
CA TYR D 185 -2.05 -49.99 2.58
C TYR D 185 -1.20 -48.78 2.93
N ASN D 186 -1.06 -48.52 4.23
CA ASN D 186 -0.13 -47.50 4.71
C ASN D 186 1.20 -48.14 5.08
N MET D 187 2.19 -48.01 4.21
CA MET D 187 3.49 -48.61 4.49
C MET D 187 4.63 -47.74 3.99
N ASP D 188 5.74 -47.77 4.72
CA ASP D 188 6.91 -47.00 4.34
C ASP D 188 7.74 -47.75 3.32
N TYR D 189 7.25 -47.77 2.08
CA TYR D 189 7.95 -48.48 1.02
C TYR D 189 9.34 -47.88 0.81
N PRO D 190 10.33 -48.71 0.47
CA PRO D 190 11.71 -48.36 0.29
C PRO D 190 11.88 -47.40 -0.87
N PRO D 191 12.89 -46.53 -0.80
CA PRO D 191 13.21 -45.49 -1.75
C PRO D 191 13.59 -46.07 -3.10
N PHE D 192 13.23 -45.36 -4.15
CA PHE D 192 13.52 -45.83 -5.50
C PHE D 192 15.02 -45.89 -5.74
N GLY D 193 15.47 -46.98 -6.35
CA GLY D 193 16.87 -47.15 -6.68
C GLY D 193 17.65 -47.79 -5.53
N ALA D 194 16.97 -48.09 -4.43
CA ALA D 194 17.64 -48.69 -3.29
C ALA D 194 16.74 -49.71 -2.59
N GLY D 195 16.30 -50.72 -3.33
CA GLY D 195 15.46 -51.77 -2.76
C GLY D 195 16.29 -52.87 -2.12
N ARG D 196 15.60 -53.87 -1.57
CA ARG D 196 16.27 -54.99 -0.90
C ARG D 196 15.66 -56.32 -1.35
N PRO D 197 16.50 -57.36 -1.48
CA PRO D 197 16.16 -58.69 -1.95
C PRO D 197 15.19 -59.39 -1.00
N GLY D 198 14.19 -60.04 -1.56
CA GLY D 198 13.24 -60.81 -0.75
C GLY D 198 12.22 -59.90 -0.08
N GLN D 199 12.29 -58.60 -0.35
CA GLN D 199 11.42 -57.63 0.29
C GLN D 199 10.64 -56.84 -0.75
N PHE D 200 9.53 -56.26 -0.34
CA PHE D 200 8.73 -55.45 -1.24
C PHE D 200 9.60 -54.38 -1.87
N GLY D 201 9.48 -54.22 -3.18
CA GLY D 201 10.26 -53.21 -3.89
C GLY D 201 11.66 -53.70 -4.25
N ASP D 202 11.82 -55.01 -4.41
CA ASP D 202 13.11 -55.58 -4.81
C ASP D 202 13.38 -55.27 -6.28
N ILE D 203 12.31 -55.28 -7.07
CA ILE D 203 12.36 -54.85 -8.46
C ILE D 203 11.44 -53.66 -8.66
N GLN D 204 11.94 -52.61 -9.30
CA GLN D 204 11.16 -51.39 -9.44
C GLN D 204 11.27 -50.76 -10.83
N SER D 205 10.20 -50.11 -11.25
CA SER D 205 10.22 -49.27 -12.45
C SER D 205 9.32 -48.06 -12.22
N ARG D 206 9.62 -46.95 -12.87
CA ARG D 206 8.84 -45.74 -12.63
C ARG D 206 7.42 -45.86 -13.16
N THR D 207 7.27 -46.49 -14.32
CA THR D 207 5.95 -46.73 -14.90
C THR D 207 5.89 -48.16 -15.44
N PRO D 208 4.69 -48.76 -15.56
CA PRO D 208 4.47 -50.12 -16.04
C PRO D 208 5.07 -50.37 -17.42
N GLU D 209 5.12 -49.32 -18.25
CA GLU D 209 5.62 -49.44 -19.60
C GLU D 209 7.11 -49.11 -19.73
N SER D 210 7.74 -48.68 -18.63
CA SER D 210 9.12 -48.23 -18.69
C SER D 210 10.10 -49.36 -18.97
N LYS D 211 11.17 -49.03 -19.69
CA LYS D 211 12.23 -49.98 -19.95
C LYS D 211 13.35 -49.82 -18.92
N ASP D 212 13.23 -48.81 -18.07
CA ASP D 212 14.23 -48.53 -17.05
C ASP D 212 13.89 -49.28 -15.78
N VAL D 213 14.58 -50.39 -15.54
CA VAL D 213 14.24 -51.27 -14.44
C VAL D 213 15.39 -51.43 -13.45
N TYR D 214 15.07 -51.22 -12.17
CA TYR D 214 16.02 -51.44 -11.10
C TYR D 214 15.74 -52.78 -10.45
N ALA D 215 16.78 -53.54 -10.15
CA ALA D 215 16.57 -54.81 -9.49
C ALA D 215 17.70 -55.15 -8.54
N ASN D 216 17.34 -55.72 -7.39
CA ASN D 216 18.30 -56.22 -6.43
C ASN D 216 17.84 -57.57 -5.91
N THR D 217 18.23 -58.63 -6.60
CA THR D 217 17.76 -59.97 -6.26
C THR D 217 18.89 -60.81 -5.67
N GLN D 218 20.09 -60.25 -5.63
CA GLN D 218 21.26 -60.96 -5.16
C GLN D 218 21.45 -62.27 -5.90
N LEU D 219 21.39 -62.21 -7.22
CA LEU D 219 21.53 -63.39 -8.06
C LEU D 219 22.98 -63.83 -8.15
N VAL D 220 23.23 -65.07 -7.73
CA VAL D 220 24.56 -65.66 -7.77
C VAL D 220 24.56 -66.95 -8.55
N LEU D 221 25.44 -67.06 -9.54
CA LEU D 221 25.52 -68.27 -10.33
C LEU D 221 26.31 -69.36 -9.61
N GLN D 222 25.88 -70.60 -9.77
CA GLN D 222 26.51 -71.72 -9.09
C GLN D 222 27.08 -72.72 -10.08
N ARG D 223 28.00 -73.55 -9.61
CA ARG D 223 28.59 -74.60 -10.43
C ARG D 223 27.54 -75.66 -10.76
N PRO D 224 27.48 -76.12 -12.02
CA PRO D 224 26.57 -77.14 -12.53
C PRO D 224 26.92 -78.51 -11.97
N ALA D 225 25.91 -79.38 -11.88
CA ALA D 225 26.15 -80.75 -11.44
C ALA D 225 27.04 -81.46 -12.44
N ALA D 226 27.92 -82.32 -11.95
CA ALA D 226 28.83 -83.02 -12.85
C ALA D 226 28.04 -83.83 -13.86
N GLY D 227 28.47 -83.75 -15.11
CA GLY D 227 27.87 -84.51 -16.19
C GLY D 227 26.65 -83.82 -16.81
N THR D 228 26.33 -82.63 -16.33
CA THR D 228 25.16 -81.91 -16.82
C THR D 228 25.50 -80.54 -17.36
N VAL D 229 24.55 -79.93 -18.06
CA VAL D 229 24.74 -78.60 -18.64
C VAL D 229 23.79 -77.56 -18.06
N HIS D 230 23.08 -77.90 -16.99
CA HIS D 230 22.11 -76.98 -16.41
C HIS D 230 22.81 -75.83 -15.72
N VAL D 231 22.12 -74.71 -15.57
CA VAL D 231 22.70 -73.54 -14.89
C VAL D 231 21.97 -73.22 -13.59
N PRO D 232 22.51 -73.65 -12.45
CA PRO D 232 21.98 -73.44 -11.12
C PRO D 232 22.29 -72.04 -10.66
N TYR D 233 21.47 -71.51 -9.77
CA TYR D 233 21.74 -70.20 -9.19
C TYR D 233 21.04 -70.02 -7.86
N SER D 234 21.55 -69.08 -7.07
CA SER D 234 20.91 -68.67 -5.83
C SER D 234 20.35 -67.28 -5.98
N GLN D 235 19.06 -67.13 -5.77
CA GLN D 235 18.41 -65.84 -5.94
C GLN D 235 17.31 -65.65 -4.92
N ALA D 236 17.16 -64.44 -4.41
CA ALA D 236 16.06 -64.15 -3.51
C ALA D 236 14.74 -64.26 -4.27
N PRO D 237 13.74 -64.96 -3.73
CA PRO D 237 12.39 -65.06 -4.23
C PRO D 237 11.76 -63.68 -4.31
N SER D 238 10.85 -63.50 -5.26
CA SER D 238 10.25 -62.19 -5.47
C SER D 238 9.64 -61.64 -4.19
N GLY D 239 9.98 -60.39 -3.89
CA GLY D 239 9.46 -59.72 -2.71
C GLY D 239 8.02 -59.33 -2.92
N PHE D 240 7.59 -59.31 -4.17
CA PHE D 240 6.22 -58.98 -4.51
C PHE D 240 5.31 -60.11 -4.09
N LYS D 241 5.72 -61.34 -4.39
CA LYS D 241 4.92 -62.50 -4.04
C LYS D 241 4.86 -62.67 -2.53
N TYR D 242 5.96 -62.41 -1.85
CA TYR D 242 5.95 -62.48 -0.40
C TYR D 242 5.02 -61.43 0.18
N TRP D 243 5.07 -60.23 -0.37
CA TRP D 243 4.20 -59.17 0.10
C TRP D 243 2.75 -59.52 -0.06
N LEU D 244 2.39 -60.12 -1.19
CA LEU D 244 1.00 -60.48 -1.45
C LEU D 244 0.49 -61.46 -0.42
N LYS D 245 1.34 -62.37 0.02
CA LYS D 245 0.96 -63.36 1.03
C LYS D 245 0.93 -62.76 2.43
N GLU D 246 1.74 -61.74 2.65
CA GLU D 246 1.88 -61.12 3.97
C GLU D 246 1.32 -59.70 4.02
N ARG D 247 0.38 -59.39 3.13
CA ARG D 247 -0.16 -58.03 3.04
C ARG D 247 -0.78 -57.56 4.36
N GLY D 248 -1.49 -58.45 5.03
CA GLY D 248 -2.18 -58.07 6.25
C GLY D 248 -3.50 -57.39 5.92
N ALA D 249 -4.10 -56.73 6.91
CA ALA D 249 -5.38 -56.08 6.72
C ALA D 249 -5.23 -54.79 5.92
N SER D 250 -6.23 -54.52 5.08
CA SER D 250 -6.27 -53.30 4.28
C SER D 250 -6.90 -52.16 5.08
N LEU D 251 -6.74 -50.93 4.60
CA LEU D 251 -7.24 -49.77 5.33
C LEU D 251 -8.75 -49.76 5.50
N GLN D 252 -9.49 -50.37 4.58
CA GLN D 252 -10.94 -50.39 4.72
C GLN D 252 -11.34 -51.25 5.91
N HIS D 253 -10.40 -52.01 6.47
CA HIS D 253 -10.67 -52.83 7.62
C HIS D 253 -10.02 -52.30 8.89
N THR D 254 -8.98 -51.48 8.74
CA THR D 254 -8.22 -51.00 9.90
C THR D 254 -8.39 -49.51 10.18
N ALA D 255 -8.91 -48.75 9.22
CA ALA D 255 -8.98 -47.30 9.35
C ALA D 255 -9.86 -46.90 10.55
N PRO D 256 -9.47 -45.85 11.28
CA PRO D 256 -10.21 -45.14 12.30
C PRO D 256 -11.47 -44.46 11.77
N PHE D 257 -12.42 -44.21 12.66
CA PHE D 257 -13.63 -43.43 12.39
C PHE D 257 -14.55 -44.07 11.36
N GLY D 258 -14.38 -45.37 11.15
CA GLY D 258 -15.28 -46.12 10.28
C GLY D 258 -15.13 -45.77 8.79
N CYS D 259 -13.94 -45.31 8.39
CA CYS D 259 -13.70 -44.90 7.01
C CYS D 259 -13.79 -46.08 6.04
N GLN D 260 -14.47 -45.87 4.93
CA GLN D 260 -14.51 -46.85 3.86
C GLN D 260 -13.47 -46.47 2.80
N ILE D 261 -12.67 -47.43 2.37
CA ILE D 261 -11.62 -47.12 1.42
C ILE D 261 -11.86 -47.79 0.08
N ALA D 262 -11.75 -47.01 -0.97
CA ALA D 262 -11.96 -47.50 -2.34
C ALA D 262 -10.84 -47.03 -3.24
N THR D 263 -10.60 -47.77 -4.32
CA THR D 263 -9.57 -47.39 -5.28
C THR D 263 -10.16 -47.07 -6.64
N ASN D 264 -9.34 -46.52 -7.52
CA ASN D 264 -9.77 -46.16 -8.86
C ASN D 264 -10.97 -45.21 -8.87
N PRO D 265 -10.77 -43.97 -8.42
CA PRO D 265 -9.61 -43.38 -7.77
C PRO D 265 -9.52 -43.76 -6.29
N VAL D 266 -8.36 -43.54 -5.70
CA VAL D 266 -8.20 -43.79 -4.27
C VAL D 266 -8.92 -42.71 -3.48
N ARG D 267 -9.78 -43.14 -2.57
CA ARG D 267 -10.55 -42.19 -1.77
C ARG D 267 -11.03 -42.81 -0.46
N ALA D 268 -11.25 -41.95 0.54
CA ALA D 268 -11.86 -42.37 1.78
C ALA D 268 -13.29 -41.86 1.84
N VAL D 269 -14.21 -42.72 2.26
CA VAL D 269 -15.61 -42.37 2.24
C VAL D 269 -16.28 -42.45 3.62
N ASN D 270 -17.05 -41.41 3.93
CA ASN D 270 -17.86 -41.33 5.14
C ASN D 270 -17.08 -41.46 6.45
N CYS D 271 -15.95 -40.77 6.55
CA CYS D 271 -15.18 -40.72 7.80
C CYS D 271 -15.89 -39.81 8.80
N ALA D 272 -16.18 -40.32 9.99
CA ALA D 272 -16.93 -39.56 10.97
C ALA D 272 -16.02 -38.67 11.79
N VAL D 273 -15.41 -37.68 11.13
CA VAL D 273 -14.46 -36.81 11.81
C VAL D 273 -14.83 -35.34 11.71
N GLY D 274 -14.94 -34.69 12.87
CA GLY D 274 -15.19 -33.25 12.91
C GLY D 274 -16.58 -32.88 12.44
N ASN D 275 -16.70 -31.69 11.87
CA ASN D 275 -17.98 -31.15 11.42
C ASN D 275 -17.83 -30.35 10.14
N MET D 276 -18.96 -29.95 9.56
CA MET D 276 -19.01 -29.27 8.28
C MET D 276 -19.95 -28.08 8.30
N PRO D 277 -19.42 -26.86 8.27
CA PRO D 277 -20.13 -25.60 8.11
C PRO D 277 -20.89 -25.55 6.79
N ILE D 278 -22.13 -25.09 6.85
CA ILE D 278 -22.97 -24.91 5.67
C ILE D 278 -23.61 -23.53 5.66
N SER D 279 -23.53 -22.85 4.53
CA SER D 279 -24.16 -21.54 4.40
C SER D 279 -25.17 -21.53 3.25
N ILE D 280 -26.41 -21.17 3.58
CA ILE D 280 -27.47 -21.21 2.58
C ILE D 280 -28.04 -19.82 2.30
N ASP D 281 -28.06 -19.45 1.03
CA ASP D 281 -28.68 -18.20 0.60
C ASP D 281 -30.13 -18.45 0.20
N ILE D 282 -31.06 -18.05 1.07
CA ILE D 282 -32.47 -18.34 0.87
C ILE D 282 -33.20 -17.12 0.30
N PRO D 283 -33.82 -17.26 -0.88
CA PRO D 283 -34.47 -16.20 -1.62
C PRO D 283 -35.73 -15.74 -0.89
N GLU D 284 -36.10 -14.47 -1.10
CA GLU D 284 -37.25 -13.89 -0.41
C GLU D 284 -38.55 -14.61 -0.74
N ALA D 285 -38.60 -15.19 -1.93
CA ALA D 285 -39.79 -15.90 -2.39
C ALA D 285 -40.05 -17.14 -1.55
N ALA D 286 -39.03 -17.61 -0.85
CA ALA D 286 -39.13 -18.82 -0.05
C ALA D 286 -39.77 -18.55 1.31
N PHE D 287 -39.91 -17.27 1.65
CA PHE D 287 -40.42 -16.90 2.98
C PHE D 287 -41.88 -16.50 2.96
N THR D 288 -42.58 -16.87 4.02
CA THR D 288 -43.97 -16.52 4.24
C THR D 288 -44.07 -15.53 5.41
N ARG D 289 -44.85 -14.45 5.24
CA ARG D 289 -44.91 -13.44 6.28
C ARG D 289 -45.70 -13.93 7.48
N VAL D 290 -45.44 -13.36 8.65
CA VAL D 290 -46.14 -13.77 9.86
C VAL D 290 -47.65 -13.51 9.76
N VAL D 291 -48.03 -12.55 8.94
CA VAL D 291 -49.43 -12.24 8.73
C VAL D 291 -50.07 -13.22 7.74
N ASP D 292 -49.25 -13.92 6.98
CA ASP D 292 -49.74 -14.90 6.03
C ASP D 292 -49.89 -16.25 6.71
N ALA D 293 -49.03 -16.50 7.68
CA ALA D 293 -49.03 -17.75 8.44
C ALA D 293 -50.24 -17.81 9.38
N PRO D 294 -50.72 -19.01 9.70
CA PRO D 294 -51.67 -19.31 10.75
C PRO D 294 -51.16 -18.90 12.12
N SER D 295 -52.03 -18.34 12.93
CA SER D 295 -51.69 -18.02 14.32
C SER D 295 -52.26 -19.09 15.24
N LEU D 296 -51.41 -19.67 16.08
CA LEU D 296 -51.84 -20.72 16.98
C LEU D 296 -51.90 -20.25 18.43
N THR D 297 -53.08 -20.39 19.04
CA THR D 297 -53.28 -19.96 20.41
C THR D 297 -53.90 -21.06 21.27
N ASP D 298 -53.87 -20.84 22.59
CA ASP D 298 -54.52 -21.74 23.54
C ASP D 298 -54.11 -23.19 23.32
N MET D 299 -52.81 -23.42 23.14
CA MET D 299 -52.32 -24.77 22.89
C MET D 299 -51.61 -25.37 24.08
N SER D 300 -51.73 -26.69 24.23
CA SER D 300 -51.11 -27.41 25.33
C SER D 300 -50.57 -28.75 24.86
N CYS D 301 -49.51 -29.23 25.54
CA CYS D 301 -48.82 -30.46 25.14
C CYS D 301 -49.08 -31.60 26.12
N GLU D 302 -49.42 -32.75 25.56
CA GLU D 302 -49.60 -33.98 26.32
C GLU D 302 -48.68 -35.06 25.76
N VAL D 303 -47.99 -35.78 26.63
CA VAL D 303 -47.05 -36.79 26.16
C VAL D 303 -47.43 -38.19 26.67
N PRO D 304 -48.20 -38.96 25.90
CA PRO D 304 -48.80 -40.23 26.26
C PRO D 304 -47.77 -41.32 26.46
N ALA D 305 -46.59 -41.16 25.85
CA ALA D 305 -45.54 -42.16 26.00
C ALA D 305 -44.17 -41.56 25.73
N CYS D 306 -43.14 -42.14 26.38
CA CYS D 306 -41.75 -41.77 26.10
C CYS D 306 -40.80 -42.91 26.47
N THR D 307 -39.95 -43.27 25.53
CA THR D 307 -38.87 -44.22 25.77
C THR D 307 -37.62 -43.68 25.11
N HIS D 308 -36.49 -43.68 25.82
CA HIS D 308 -35.27 -43.18 25.19
C HIS D 308 -34.56 -44.28 24.40
N SER D 309 -35.22 -44.73 23.33
CA SER D 309 -34.72 -45.82 22.49
C SER D 309 -33.86 -45.32 21.33
N SER D 310 -33.77 -44.01 21.19
CA SER D 310 -32.95 -43.40 20.13
C SER D 310 -33.52 -43.63 18.73
N ASP D 311 -34.77 -44.08 18.67
CA ASP D 311 -35.44 -44.37 17.41
C ASP D 311 -36.66 -43.49 17.19
N PHE D 312 -36.69 -42.32 17.83
CA PHE D 312 -37.87 -41.45 17.79
C PHE D 312 -39.09 -42.17 18.35
N GLY D 313 -38.89 -42.92 19.42
CA GLY D 313 -39.95 -43.67 20.05
C GLY D 313 -40.85 -42.81 20.93
N GLY D 314 -40.43 -41.58 21.19
CA GLY D 314 -41.24 -40.67 21.99
C GLY D 314 -42.39 -40.12 21.15
N VAL D 315 -43.53 -39.91 21.79
CA VAL D 315 -44.68 -39.33 21.10
C VAL D 315 -45.28 -38.18 21.89
N ALA D 316 -45.59 -37.10 21.22
CA ALA D 316 -46.24 -35.97 21.87
C ALA D 316 -47.44 -35.49 21.05
N VAL D 317 -48.49 -35.11 21.74
CA VAL D 317 -49.69 -34.59 21.09
C VAL D 317 -50.00 -33.18 21.57
N ILE D 318 -50.10 -32.26 20.63
CA ILE D 318 -50.35 -30.87 20.99
C ILE D 318 -51.70 -30.38 20.49
N LYS D 319 -52.54 -29.95 21.43
CA LYS D 319 -53.84 -29.40 21.10
C LYS D 319 -53.69 -27.93 20.76
N TYR D 320 -54.33 -27.48 19.69
CA TYR D 320 -54.18 -26.10 19.25
C TYR D 320 -55.45 -25.50 18.68
N ALA D 321 -55.54 -24.16 18.75
CA ALA D 321 -56.57 -23.43 18.02
C ALA D 321 -55.92 -22.58 16.94
N ALA D 322 -56.24 -22.88 15.68
CA ALA D 322 -55.64 -22.15 14.57
C ALA D 322 -56.58 -21.08 14.05
N SER D 323 -56.03 -19.92 13.74
CA SER D 323 -56.80 -18.82 13.19
C SER D 323 -57.27 -19.13 11.77
N LYS D 324 -56.51 -19.94 11.04
CA LYS D 324 -56.86 -20.32 9.69
C LYS D 324 -56.08 -21.56 9.26
N LYS D 325 -56.54 -22.20 8.19
CA LYS D 325 -55.85 -23.35 7.61
C LYS D 325 -54.52 -22.93 6.99
N GLY D 326 -53.48 -23.72 7.25
CA GLY D 326 -52.17 -23.48 6.66
C GLY D 326 -51.12 -24.37 7.29
N LYS D 327 -49.85 -24.12 6.97
CA LYS D 327 -48.77 -24.94 7.52
C LYS D 327 -47.85 -24.11 8.40
N CYS D 328 -47.34 -24.74 9.46
CA CYS D 328 -46.37 -24.13 10.37
C CYS D 328 -45.16 -25.05 10.58
N ALA D 329 -43.98 -24.46 10.65
CA ALA D 329 -42.77 -25.22 10.93
C ALA D 329 -42.68 -25.56 12.40
N VAL D 330 -42.12 -26.73 12.72
CA VAL D 330 -41.98 -27.16 14.10
C VAL D 330 -40.52 -27.38 14.47
N HIS D 331 -40.11 -26.83 15.61
CA HIS D 331 -38.72 -26.96 16.04
C HIS D 331 -38.59 -27.08 17.55
N SER D 332 -37.70 -27.97 17.99
CA SER D 332 -37.39 -28.12 19.41
C SER D 332 -36.62 -26.92 19.92
N MET D 333 -36.89 -26.53 21.16
CA MET D 333 -36.20 -25.39 21.77
C MET D 333 -35.05 -25.85 22.65
N THR D 334 -34.75 -27.14 22.59
CA THR D 334 -33.63 -27.70 23.35
C THR D 334 -32.83 -28.64 22.48
N ASN D 335 -31.56 -28.84 22.83
CA ASN D 335 -30.72 -29.75 22.07
C ASN D 335 -30.87 -31.18 22.57
N ALA D 336 -31.52 -31.34 23.70
CA ALA D 336 -31.69 -32.66 24.31
C ALA D 336 -32.79 -33.45 23.62
N VAL D 337 -33.68 -32.75 22.94
CA VAL D 337 -34.82 -33.40 22.29
C VAL D 337 -34.90 -33.04 20.81
N THR D 338 -34.89 -34.05 19.95
CA THR D 338 -35.02 -33.80 18.51
C THR D 338 -36.36 -34.30 17.99
N ILE D 339 -37.02 -33.45 17.20
CA ILE D 339 -38.34 -33.76 16.65
C ILE D 339 -38.22 -34.19 15.20
N ARG D 340 -38.82 -35.35 14.88
CA ARG D 340 -38.68 -35.92 13.55
C ARG D 340 -39.32 -35.07 12.46
N GLU D 341 -40.50 -34.54 12.74
CA GLU D 341 -41.23 -33.75 11.75
C GLU D 341 -40.69 -32.32 11.64
N ALA D 342 -40.49 -31.85 10.41
CA ALA D 342 -40.01 -30.50 10.19
C ALA D 342 -41.16 -29.49 10.18
N GLU D 343 -42.32 -29.94 9.71
CA GLU D 343 -43.49 -29.07 9.63
C GLU D 343 -44.78 -29.83 9.83
N ILE D 344 -45.80 -29.14 10.31
CA ILE D 344 -47.12 -29.72 10.52
C ILE D 344 -48.22 -28.86 9.92
N GLU D 345 -49.20 -29.49 9.27
CA GLU D 345 -50.36 -28.78 8.76
C GLU D 345 -51.38 -28.57 9.88
N VAL D 346 -51.86 -27.34 10.01
CA VAL D 346 -52.80 -26.99 11.08
C VAL D 346 -54.11 -26.43 10.53
N GLU D 347 -55.22 -26.85 11.13
CA GLU D 347 -56.53 -26.33 10.72
C GLU D 347 -57.54 -26.31 11.86
N GLY D 348 -58.20 -25.17 12.04
CA GLY D 348 -59.30 -25.04 12.98
C GLY D 348 -58.90 -25.39 14.40
N ASN D 349 -59.75 -26.17 15.07
CA ASN D 349 -59.49 -26.60 16.44
C ASN D 349 -59.26 -28.10 16.47
N SER D 350 -58.00 -28.48 16.68
CA SER D 350 -57.61 -29.89 16.58
C SER D 350 -56.33 -30.15 17.35
N GLN D 351 -55.76 -31.32 17.13
CA GLN D 351 -54.49 -31.68 17.75
C GLN D 351 -53.54 -32.28 16.74
N LEU D 352 -52.25 -32.04 16.93
CA LEU D 352 -51.24 -32.60 16.06
C LEU D 352 -50.35 -33.57 16.83
N GLN D 353 -49.82 -34.57 16.13
CA GLN D 353 -48.95 -35.53 16.76
C GLN D 353 -47.56 -35.52 16.14
N ILE D 354 -46.55 -35.46 16.99
CA ILE D 354 -45.16 -35.48 16.55
C ILE D 354 -44.37 -36.54 17.31
N SER D 355 -43.27 -36.98 16.71
CA SER D 355 -42.41 -37.96 17.37
C SER D 355 -41.06 -37.34 17.70
N PHE D 356 -40.43 -37.81 18.77
CA PHE D 356 -39.17 -37.24 19.19
C PHE D 356 -38.23 -38.26 19.80
N SER D 357 -36.94 -37.91 19.81
CA SER D 357 -35.91 -38.77 20.37
C SER D 357 -35.07 -38.03 21.39
N THR D 358 -34.96 -38.60 22.58
CA THR D 358 -34.18 -37.98 23.64
C THR D 358 -33.47 -39.03 24.48
N ALA D 359 -32.43 -38.60 25.19
CA ALA D 359 -31.76 -39.47 26.14
C ALA D 359 -32.08 -39.03 27.56
N LEU D 360 -33.02 -38.09 27.67
CA LEU D 360 -33.41 -37.57 28.97
C LEU D 360 -34.21 -38.60 29.77
N ALA D 361 -33.92 -38.68 31.07
CA ALA D 361 -34.74 -39.50 31.95
C ALA D 361 -36.11 -38.85 32.08
N SER D 362 -36.11 -37.52 32.09
CA SER D 362 -37.35 -36.74 32.14
C SER D 362 -37.39 -35.77 30.97
N ALA D 363 -38.36 -35.95 30.09
CA ALA D 363 -38.41 -35.18 28.86
C ALA D 363 -39.07 -33.84 29.07
N GLU D 364 -38.39 -32.95 29.77
CA GLU D 364 -38.90 -31.59 29.97
C GLU D 364 -38.30 -30.68 28.92
N PHE D 365 -39.13 -30.23 27.99
CA PHE D 365 -38.67 -29.42 26.87
C PHE D 365 -39.76 -28.53 26.33
N ARG D 366 -39.36 -27.51 25.58
CA ARG D 366 -40.33 -26.64 24.92
C ARG D 366 -40.34 -26.88 23.43
N VAL D 367 -41.52 -26.75 22.83
CA VAL D 367 -41.68 -26.94 21.40
C VAL D 367 -42.26 -25.71 20.74
N GLN D 368 -41.61 -25.24 19.69
CA GLN D 368 -42.17 -24.15 18.93
C GLN D 368 -42.99 -24.73 17.79
N VAL D 369 -44.29 -24.51 17.84
CA VAL D 369 -45.20 -25.11 16.87
C VAL D 369 -45.36 -24.25 15.63
N CYS D 370 -45.31 -22.93 15.81
CA CYS D 370 -45.42 -21.98 14.71
C CYS D 370 -44.78 -20.66 15.10
N SER D 371 -45.58 -19.72 15.56
CA SER D 371 -45.06 -18.46 16.08
C SER D 371 -45.11 -18.48 17.61
N THR D 372 -45.65 -19.56 18.15
CA THR D 372 -45.82 -19.72 19.60
C THR D 372 -45.21 -21.02 20.10
N GLN D 373 -45.02 -21.10 21.41
CA GLN D 373 -44.37 -22.26 22.04
C GLN D 373 -45.25 -22.93 23.09
N VAL D 374 -45.06 -24.23 23.25
CA VAL D 374 -45.75 -25.01 24.29
C VAL D 374 -44.75 -25.86 25.06
N HIS D 375 -44.97 -26.02 26.37
CA HIS D 375 -44.08 -26.82 27.19
C HIS D 375 -44.58 -28.26 27.35
N CYS D 376 -43.68 -29.23 27.15
CA CYS D 376 -43.96 -30.66 27.26
C CYS D 376 -43.18 -31.26 28.42
N ALA D 377 -43.75 -32.28 29.07
CA ALA D 377 -43.02 -33.01 30.11
C ALA D 377 -43.48 -34.46 30.19
N ALA D 378 -42.54 -35.37 30.46
CA ALA D 378 -42.87 -36.78 30.60
C ALA D 378 -41.78 -37.54 31.34
N GLU D 379 -42.16 -38.66 31.95
CA GLU D 379 -41.18 -39.59 32.50
C GLU D 379 -40.88 -40.65 31.44
N CYS D 380 -39.60 -40.75 31.03
CA CYS D 380 -39.21 -41.63 29.95
C CYS D 380 -38.63 -42.94 30.47
N HIS D 381 -38.99 -44.03 29.81
CA HIS D 381 -38.50 -45.35 30.16
C HIS D 381 -37.28 -45.70 29.31
N PRO D 382 -36.42 -46.59 29.80
CA PRO D 382 -35.33 -47.20 29.08
C PRO D 382 -35.86 -48.22 28.07
N PRO D 383 -35.10 -48.49 27.02
CA PRO D 383 -35.32 -49.50 26.01
C PRO D 383 -35.06 -50.89 26.57
N LYS D 384 -35.69 -51.90 25.97
CA LYS D 384 -35.46 -53.28 26.38
C LYS D 384 -34.24 -53.87 25.70
N ASP D 385 -33.97 -53.44 24.47
CA ASP D 385 -32.88 -53.98 23.68
C ASP D 385 -31.56 -53.34 24.08
N HIS D 386 -30.51 -54.13 24.15
CA HIS D 386 -29.19 -53.60 24.50
C HIS D 386 -28.47 -53.01 23.30
N ILE D 387 -28.66 -53.62 22.13
CA ILE D 387 -27.92 -53.27 20.93
C ILE D 387 -28.84 -52.96 19.75
N VAL D 388 -28.50 -51.94 18.99
CA VAL D 388 -29.21 -51.59 17.76
C VAL D 388 -28.27 -51.51 16.58
N ASN D 389 -28.84 -51.51 15.38
CA ASN D 389 -28.03 -51.51 14.15
C ASN D 389 -27.98 -50.12 13.50
N TYR D 390 -28.27 -49.10 14.28
CA TYR D 390 -28.25 -47.73 13.79
C TYR D 390 -27.76 -46.77 14.88
N PRO D 391 -27.13 -45.66 14.49
CA PRO D 391 -26.64 -44.61 15.37
C PRO D 391 -27.81 -43.88 16.01
N ALA D 392 -27.61 -43.39 17.22
CA ALA D 392 -28.66 -42.69 17.93
C ALA D 392 -29.02 -41.37 17.25
N SER D 393 -30.30 -41.05 17.22
CA SER D 393 -30.75 -39.78 16.67
C SER D 393 -30.66 -38.65 17.67
N HIS D 394 -30.54 -38.99 18.95
CA HIS D 394 -30.42 -37.98 20.00
C HIS D 394 -28.97 -37.55 20.20
N THR D 395 -28.78 -36.41 20.85
CA THR D 395 -27.44 -35.92 21.13
C THR D 395 -26.93 -36.43 22.47
N THR D 396 -25.67 -36.10 22.77
CA THR D 396 -25.05 -36.47 24.03
C THR D 396 -25.44 -35.49 25.13
N LEU D 397 -25.81 -36.00 26.29
CA LEU D 397 -26.24 -35.16 27.40
C LEU D 397 -25.15 -34.99 28.46
N GLY D 398 -25.13 -33.82 29.10
CA GLY D 398 -24.17 -33.55 30.17
C GLY D 398 -24.74 -33.97 31.53
N VAL D 399 -23.97 -33.71 32.59
CA VAL D 399 -24.38 -34.13 33.93
C VAL D 399 -25.67 -33.47 34.36
N GLN D 400 -25.84 -32.21 34.00
CA GLN D 400 -27.02 -31.45 34.39
C GLN D 400 -28.24 -31.83 33.56
N ASP D 401 -28.01 -32.51 32.44
CA ASP D 401 -29.09 -32.83 31.51
C ASP D 401 -29.70 -34.20 31.78
N ILE D 402 -28.86 -35.15 32.15
CA ILE D 402 -29.31 -36.53 32.34
C ILE D 402 -30.18 -36.69 33.58
N SER D 403 -30.10 -35.74 34.50
CA SER D 403 -30.83 -35.81 35.75
C SER D 403 -32.33 -35.82 35.53
N ALA D 404 -33.02 -36.69 36.27
CA ALA D 404 -34.47 -36.79 36.24
C ALA D 404 -35.10 -35.78 37.17
N THR D 405 -36.42 -35.68 37.14
CA THR D 405 -37.14 -34.82 38.07
C THR D 405 -37.03 -35.37 39.49
N ALA D 406 -36.53 -36.60 39.58
CA ALA D 406 -36.30 -37.26 40.86
C ALA D 406 -35.05 -36.68 41.51
N MET D 407 -34.37 -35.79 40.80
CA MET D 407 -33.18 -35.10 41.31
C MET D 407 -33.54 -34.18 42.45
N SER D 408 -34.84 -34.04 42.73
CA SER D 408 -35.28 -33.21 43.83
C SER D 408 -34.68 -33.74 45.13
N TRP D 409 -34.27 -35.00 45.11
CA TRP D 409 -33.57 -35.59 46.24
C TRP D 409 -32.25 -34.86 46.50
N VAL D 410 -31.60 -34.44 45.42
CA VAL D 410 -30.33 -33.73 45.52
C VAL D 410 -30.56 -32.36 46.13
N GLN D 411 -31.64 -31.72 45.70
CA GLN D 411 -31.97 -30.39 46.20
C GLN D 411 -32.36 -30.44 47.67
N LYS D 412 -33.09 -31.49 48.06
CA LYS D 412 -33.50 -31.64 49.45
C LYS D 412 -32.30 -31.89 50.36
N ILE D 413 -31.38 -32.71 49.90
CA ILE D 413 -30.18 -33.01 50.68
C ILE D 413 -29.24 -31.83 50.72
N THR D 414 -29.03 -31.20 49.56
CA THR D 414 -28.14 -30.05 49.48
C THR D 414 -28.69 -28.89 50.27
N GLY D 415 -30.00 -28.67 50.16
CA GLY D 415 -30.65 -27.59 50.89
C GLY D 415 -30.57 -27.83 52.39
N GLY D 416 -30.74 -29.08 52.81
CA GLY D 416 -30.67 -29.43 54.22
C GLY D 416 -29.28 -29.14 54.78
N VAL D 417 -28.25 -29.55 54.06
CA VAL D 417 -26.89 -29.30 54.49
C VAL D 417 -26.56 -27.82 54.44
N GLY D 418 -27.02 -27.14 53.39
CA GLY D 418 -26.79 -25.71 53.25
C GLY D 418 -27.45 -24.93 54.39
N LEU D 419 -28.61 -25.42 54.83
CA LEU D 419 -29.32 -24.78 55.94
C LEU D 419 -28.54 -24.93 57.24
N VAL D 420 -27.97 -26.11 57.44
CA VAL D 420 -27.16 -26.36 58.64
C VAL D 420 -25.97 -25.42 58.67
N VAL D 421 -25.34 -25.21 57.51
CA VAL D 421 -24.22 -24.29 57.42
C VAL D 421 -24.67 -22.86 57.67
N ALA D 422 -25.78 -22.47 57.06
CA ALA D 422 -26.29 -21.11 57.20
C ALA D 422 -26.62 -20.80 58.66
N VAL D 423 -27.17 -21.78 59.37
CA VAL D 423 -27.50 -21.59 60.77
C VAL D 423 -26.25 -21.54 61.62
N ALA D 424 -25.31 -22.44 61.38
CA ALA D 424 -24.07 -22.44 62.14
C ALA D 424 -23.30 -21.16 61.91
N ALA D 425 -23.35 -20.65 60.68
CA ALA D 425 -22.68 -19.39 60.36
C ALA D 425 -23.34 -18.25 61.11
N LEU D 426 -24.67 -18.29 61.19
CA LEU D 426 -25.40 -17.23 61.89
C LEU D 426 -25.09 -17.24 63.37
N ILE D 427 -24.97 -18.44 63.94
CA ILE D 427 -24.68 -18.56 65.36
C ILE D 427 -23.31 -17.96 65.67
N LEU D 428 -22.33 -18.27 64.83
CA LEU D 428 -21.00 -17.73 65.03
C LEU D 428 -20.97 -16.22 64.85
N ILE D 429 -21.71 -15.72 63.88
CA ILE D 429 -21.77 -14.29 63.64
C ILE D 429 -22.39 -13.55 64.81
N VAL D 430 -23.47 -14.09 65.35
CA VAL D 430 -24.13 -13.48 66.49
C VAL D 430 -23.23 -13.49 67.72
N VAL D 431 -22.55 -14.62 67.95
CA VAL D 431 -21.65 -14.72 69.09
C VAL D 431 -20.49 -13.73 68.96
N LEU D 432 -19.94 -13.60 67.76
CA LEU D 432 -18.85 -12.65 67.55
C LEU D 432 -19.33 -11.21 67.74
N CYS D 433 -20.55 -10.92 67.30
CA CYS D 433 -21.10 -9.58 67.48
C CYS D 433 -21.24 -9.25 68.96
N VAL D 434 -21.70 -10.23 69.73
CA VAL D 434 -21.81 -10.09 71.17
C VAL D 434 -20.44 -10.05 71.82
N SER D 435 -19.53 -10.87 71.32
CA SER D 435 -18.18 -10.98 71.87
C SER D 435 -17.48 -9.64 71.90
N PHE D 436 -17.72 -8.82 70.87
CA PHE D 436 -17.08 -7.51 70.79
C PHE D 436 -17.94 -6.42 71.41
N SER D 437 -19.12 -6.80 71.91
CA SER D 437 -20.02 -5.85 72.56
C SER D 437 -19.75 -5.82 74.06
N ARG D 438 -19.03 -6.84 74.52
CA ARG D 438 -18.74 -7.01 75.94
C ARG D 438 -17.25 -6.95 76.26
N HIS D 439 -16.46 -6.33 75.37
CA HIS D 439 -15.00 -6.28 75.51
C HIS D 439 -14.44 -5.01 74.86
N LYS E 3 20.69 14.91 -66.02
CA LYS E 3 20.84 13.70 -66.80
C LYS E 3 22.25 13.23 -66.68
N ASP E 4 23.16 14.17 -66.68
CA ASP E 4 24.56 13.83 -66.52
C ASP E 4 24.75 13.21 -65.16
N ASN E 5 24.04 13.73 -64.18
CA ASN E 5 24.18 13.23 -62.83
C ASN E 5 23.78 11.76 -62.79
N PHE E 6 22.75 11.39 -63.53
CA PHE E 6 22.26 10.00 -63.51
C PHE E 6 23.24 8.95 -64.02
N ASN E 7 24.22 9.35 -64.81
CA ASN E 7 25.19 8.42 -65.40
C ASN E 7 25.76 7.35 -64.48
N VAL E 8 26.00 7.67 -63.23
CA VAL E 8 26.60 6.77 -62.26
C VAL E 8 25.78 5.50 -62.05
N TYR E 9 24.55 5.49 -62.57
CA TYR E 9 23.68 4.34 -62.41
C TYR E 9 23.72 3.41 -63.62
N LYS E 10 24.51 3.77 -64.62
CA LYS E 10 24.56 2.97 -65.84
C LYS E 10 25.19 1.58 -65.60
N ALA E 11 26.10 1.50 -64.64
CA ALA E 11 26.80 0.25 -64.37
C ALA E 11 26.28 -0.47 -63.13
N THR E 12 25.12 -0.05 -62.64
CA THR E 12 24.59 -0.63 -61.42
C THR E 12 23.15 -1.12 -61.58
N ARG E 13 22.67 -1.88 -60.62
CA ARG E 13 21.32 -2.41 -60.66
C ARG E 13 20.63 -2.31 -59.30
N PRO E 14 19.29 -2.32 -59.28
CA PRO E 14 18.43 -2.52 -58.12
C PRO E 14 18.68 -3.89 -57.51
N TYR E 15 18.41 -4.01 -56.22
CA TYR E 15 18.62 -5.29 -55.57
C TYR E 15 17.48 -5.67 -54.63
N LEU E 16 17.31 -6.97 -54.43
CA LEU E 16 16.35 -7.49 -53.47
C LEU E 16 16.98 -7.55 -52.08
N ALA E 17 16.18 -7.31 -51.06
CA ALA E 17 16.68 -7.34 -49.69
C ALA E 17 15.58 -7.73 -48.72
N HIS E 18 15.99 -8.20 -47.55
CA HIS E 18 15.03 -8.62 -46.54
C HIS E 18 14.31 -7.42 -45.93
N CYS E 19 13.01 -7.60 -45.68
CA CYS E 19 12.16 -6.60 -45.05
C CYS E 19 11.33 -7.22 -43.93
N PRO E 20 11.39 -6.65 -42.71
CA PRO E 20 10.79 -7.18 -41.50
C PRO E 20 9.26 -7.23 -41.58
N ASP E 21 8.68 -6.38 -42.41
CA ASP E 21 7.23 -6.38 -42.58
C ASP E 21 6.83 -5.94 -43.98
N CYS E 22 6.29 -6.88 -44.76
CA CYS E 22 5.95 -6.65 -46.16
C CYS E 22 4.49 -6.21 -46.30
N GLY E 23 3.90 -5.79 -45.18
CA GLY E 23 2.55 -5.24 -45.16
C GLY E 23 1.52 -6.23 -44.62
N GLU E 24 1.90 -7.49 -44.55
CA GLU E 24 1.02 -8.53 -44.04
C GLU E 24 1.25 -8.81 -42.56
N GLY E 25 2.23 -8.11 -41.97
CA GLY E 25 2.60 -8.38 -40.58
C GLY E 25 3.66 -9.47 -40.54
N HIS E 26 4.14 -9.87 -41.72
CA HIS E 26 5.16 -10.90 -41.86
C HIS E 26 6.30 -10.40 -42.72
N SER E 27 7.50 -10.89 -42.42
CA SER E 27 8.69 -10.51 -43.19
C SER E 27 8.79 -11.29 -44.49
N CYS E 28 9.52 -10.74 -45.45
CA CYS E 28 9.82 -11.40 -46.73
C CYS E 28 10.96 -10.68 -47.43
N HIS E 29 11.45 -11.26 -48.52
CA HIS E 29 12.37 -10.55 -49.39
C HIS E 29 11.56 -9.73 -50.38
N SER E 30 11.98 -8.48 -50.59
CA SER E 30 11.19 -7.56 -51.39
C SER E 30 12.07 -6.64 -52.24
N PRO E 31 11.56 -6.19 -53.40
CA PRO E 31 12.11 -5.16 -54.26
C PRO E 31 12.10 -3.83 -53.55
N VAL E 32 11.26 -3.71 -52.53
CA VAL E 32 11.21 -2.51 -51.73
C VAL E 32 11.87 -2.78 -50.39
N ALA E 33 12.88 -2.01 -50.07
CA ALA E 33 13.55 -2.16 -48.79
C ALA E 33 14.15 -0.82 -48.39
N LEU E 34 14.19 -0.57 -47.09
CA LEU E 34 14.77 0.66 -46.58
C LEU E 34 16.11 0.38 -45.94
N GLU E 35 17.14 1.09 -46.39
CA GLU E 35 18.47 0.90 -45.84
C GLU E 35 18.75 1.92 -44.74
N ARG E 36 18.41 3.17 -45.00
CA ARG E 36 18.67 4.25 -44.06
C ARG E 36 17.56 5.29 -44.10
N ILE E 37 17.21 5.81 -42.93
CA ILE E 37 16.35 6.96 -42.86
C ILE E 37 17.12 8.12 -42.24
N ARG E 38 17.35 9.16 -43.02
CA ARG E 38 18.16 10.27 -42.57
C ARG E 38 17.30 11.49 -42.24
N ASN E 39 17.47 12.02 -41.04
CA ASN E 39 16.68 13.15 -40.58
C ASN E 39 17.55 14.26 -39.99
N GLU E 40 18.68 14.53 -40.64
CA GLU E 40 19.58 15.59 -40.16
C GLU E 40 18.94 16.95 -40.30
N ALA E 41 18.08 17.11 -41.30
CA ALA E 41 17.39 18.37 -41.54
C ALA E 41 16.53 18.73 -40.34
N THR E 42 16.46 20.02 -40.04
CA THR E 42 15.70 20.50 -38.89
C THR E 42 14.33 21.02 -39.31
N ASP E 43 14.09 21.05 -40.61
CA ASP E 43 12.79 21.49 -41.11
C ASP E 43 11.81 20.33 -41.20
N GLY E 44 12.26 19.15 -40.78
CA GLY E 44 11.40 17.97 -40.72
C GLY E 44 11.41 17.12 -41.98
N THR E 45 12.19 17.51 -42.98
CA THR E 45 12.25 16.73 -44.21
C THR E 45 13.00 15.42 -44.00
N LEU E 46 12.45 14.33 -44.53
CA LEU E 46 13.12 13.04 -44.43
C LEU E 46 13.82 12.67 -45.73
N LYS E 47 15.02 12.10 -45.60
CA LYS E 47 15.78 11.60 -46.74
C LYS E 47 15.92 10.08 -46.63
N ILE E 48 15.21 9.37 -47.50
CA ILE E 48 15.09 7.92 -47.37
C ILE E 48 15.89 7.18 -48.44
N GLN E 49 16.72 6.24 -48.02
CA GLN E 49 17.51 5.44 -48.95
C GLN E 49 16.89 4.06 -49.13
N VAL E 50 16.58 3.72 -50.38
CA VAL E 50 15.91 2.46 -50.70
C VAL E 50 16.64 1.65 -51.77
N SER E 51 16.28 0.38 -51.88
CA SER E 51 16.89 -0.53 -52.85
C SER E 51 16.43 -0.28 -54.29
N LEU E 52 15.37 0.52 -54.45
CA LEU E 52 14.86 0.90 -55.76
C LEU E 52 15.71 1.98 -56.39
N GLN E 53 15.73 2.05 -57.71
CA GLN E 53 16.40 3.14 -58.40
C GLN E 53 15.39 3.97 -59.20
N ILE E 54 15.24 5.23 -58.81
CA ILE E 54 14.23 6.10 -59.41
C ILE E 54 14.84 6.99 -60.48
N GLY E 55 14.23 7.01 -61.65
CA GLY E 55 14.69 7.84 -62.76
C GLY E 55 15.53 7.06 -63.76
N ILE E 56 15.88 5.83 -63.40
CA ILE E 56 16.68 5.00 -64.27
C ILE E 56 15.85 3.86 -64.85
N LYS E 57 15.87 3.71 -66.16
CA LYS E 57 15.17 2.61 -66.83
C LYS E 57 16.08 1.39 -66.99
N THR E 58 15.49 0.27 -67.37
CA THR E 58 16.25 -0.97 -67.52
C THR E 58 17.19 -0.91 -68.72
N ASP E 59 17.00 0.09 -69.58
CA ASP E 59 17.89 0.30 -70.72
C ASP E 59 18.95 1.34 -70.38
N ASP E 60 19.03 1.70 -69.10
CA ASP E 60 20.00 2.64 -68.57
C ASP E 60 19.78 4.08 -69.04
N SER E 61 18.62 4.34 -69.64
CA SER E 61 18.27 5.70 -70.03
C SER E 61 17.70 6.47 -68.85
N HIS E 62 17.63 7.79 -68.98
CA HIS E 62 17.06 8.64 -67.94
C HIS E 62 15.61 9.00 -68.23
N ASP E 63 14.72 8.63 -67.32
CA ASP E 63 13.30 8.92 -67.45
C ASP E 63 12.70 9.18 -66.07
N TRP E 64 12.38 10.44 -65.81
CA TRP E 64 11.92 10.85 -64.49
C TRP E 64 10.55 10.27 -64.12
N THR E 65 9.86 9.70 -65.11
CA THR E 65 8.54 9.14 -64.86
C THR E 65 8.60 7.65 -64.54
N LYS E 66 9.80 7.07 -64.59
CA LYS E 66 9.95 5.63 -64.38
C LYS E 66 10.93 5.28 -63.27
N LEU E 67 10.68 4.15 -62.62
CA LEU E 67 11.62 3.56 -61.68
C LEU E 67 11.96 2.15 -62.13
N ARG E 68 13.13 1.66 -61.72
CA ARG E 68 13.44 0.27 -62.01
C ARG E 68 13.72 -0.50 -60.72
N TYR E 69 13.26 -1.74 -60.71
CA TYR E 69 13.34 -2.61 -59.55
C TYR E 69 13.84 -3.99 -59.95
N MET E 70 14.35 -4.74 -58.99
CA MET E 70 14.83 -6.08 -59.29
C MET E 70 13.70 -7.09 -59.23
N ASP E 71 13.52 -7.82 -60.32
CA ASP E 71 12.51 -8.87 -60.40
C ASP E 71 13.22 -10.21 -60.61
N ASN E 72 13.31 -10.99 -59.54
CA ASN E 72 14.10 -12.21 -59.58
C ASN E 72 15.55 -11.93 -59.97
N HIS E 73 15.94 -12.32 -61.18
CA HIS E 73 17.31 -12.14 -61.63
C HIS E 73 17.48 -10.94 -62.57
N MET E 74 16.38 -10.31 -62.95
CA MET E 74 16.44 -9.23 -63.93
C MET E 74 15.78 -7.95 -63.40
N PRO E 75 16.33 -6.79 -63.74
CA PRO E 75 15.73 -5.48 -63.58
C PRO E 75 14.43 -5.37 -64.37
N ALA E 76 13.48 -4.60 -63.84
CA ALA E 76 12.20 -4.37 -64.50
C ALA E 76 11.73 -2.95 -64.21
N ASP E 77 10.96 -2.38 -65.14
CA ASP E 77 10.49 -1.01 -65.00
C ASP E 77 9.07 -0.91 -64.44
N ALA E 78 8.79 0.22 -63.80
CA ALA E 78 7.47 0.55 -63.28
C ALA E 78 7.28 2.06 -63.23
N GLU E 79 6.04 2.52 -63.25
CA GLU E 79 5.76 3.95 -63.22
C GLU E 79 6.09 4.57 -61.88
N ARG E 80 6.71 5.75 -61.91
CA ARG E 80 7.02 6.50 -60.70
C ARG E 80 5.76 6.99 -60.02
N ALA E 81 4.69 7.11 -60.79
CA ALA E 81 3.42 7.59 -60.29
C ALA E 81 2.88 6.67 -59.19
N GLY E 82 3.31 5.41 -59.19
CA GLY E 82 2.83 4.45 -58.21
C GLY E 82 3.67 4.46 -56.94
N LEU E 83 4.73 5.27 -56.91
CA LEU E 83 5.62 5.32 -55.76
C LEU E 83 5.00 6.14 -54.64
N PHE E 84 5.04 5.61 -53.43
CA PHE E 84 4.50 6.35 -52.29
C PHE E 84 5.35 6.19 -51.04
N VAL E 85 5.25 7.19 -50.16
CA VAL E 85 5.85 7.17 -48.84
C VAL E 85 4.78 7.49 -47.81
N ARG E 86 4.74 6.72 -46.72
CA ARG E 86 3.71 6.93 -45.70
C ARG E 86 4.23 6.72 -44.29
N THR E 87 3.68 7.48 -43.34
CA THR E 87 3.95 7.24 -41.91
C THR E 87 2.64 6.97 -41.19
N SER E 88 2.14 7.98 -40.51
CA SER E 88 0.82 7.90 -39.88
C SER E 88 -0.23 8.31 -40.89
N ALA E 89 0.24 8.96 -41.94
CA ALA E 89 -0.59 9.44 -43.04
C ALA E 89 0.32 9.64 -44.24
N PRO E 90 -0.21 9.65 -45.47
CA PRO E 90 0.54 9.77 -46.71
C PRO E 90 1.46 10.98 -46.69
N CYS E 91 2.70 10.78 -47.15
CA CYS E 91 3.73 11.82 -47.18
C CYS E 91 3.77 12.50 -48.54
N THR E 92 4.23 13.74 -48.56
CA THR E 92 4.41 14.43 -49.83
C THR E 92 5.85 14.33 -50.29
N ILE E 93 6.05 13.74 -51.46
CA ILE E 93 7.39 13.59 -52.01
C ILE E 93 7.82 14.88 -52.68
N THR E 94 9.00 15.37 -52.30
CA THR E 94 9.47 16.64 -52.82
C THR E 94 10.38 16.42 -54.02
N GLY E 95 10.92 15.21 -54.11
CA GLY E 95 11.75 14.83 -55.25
C GLY E 95 12.39 13.47 -55.02
N THR E 96 12.88 12.88 -56.10
CA THR E 96 13.55 11.58 -56.04
C THR E 96 14.74 11.54 -56.98
N MET E 97 15.73 10.74 -56.64
CA MET E 97 16.83 10.48 -57.56
C MET E 97 17.59 9.22 -57.15
N GLY E 98 17.63 8.23 -58.03
CA GLY E 98 18.37 7.01 -57.74
C GLY E 98 17.79 6.29 -56.53
N HIS E 99 18.64 6.05 -55.54
CA HIS E 99 18.24 5.31 -54.34
C HIS E 99 17.67 6.22 -53.25
N PHE E 100 17.60 7.52 -53.52
CA PHE E 100 17.20 8.43 -52.46
C PHE E 100 15.90 9.17 -52.74
N ILE E 101 15.02 9.20 -51.73
CA ILE E 101 13.73 9.87 -51.81
C ILE E 101 13.60 10.96 -50.76
N LEU E 102 13.18 12.16 -51.19
CA LEU E 102 12.87 13.23 -50.24
C LEU E 102 11.37 13.35 -50.04
N ALA E 103 10.93 13.34 -48.80
CA ALA E 103 9.51 13.49 -48.52
C ALA E 103 9.27 14.23 -47.21
N ARG E 104 8.16 14.95 -47.16
CA ARG E 104 7.71 15.61 -45.95
C ARG E 104 6.57 14.83 -45.32
N CYS E 105 6.85 14.14 -44.21
CA CYS E 105 5.89 13.24 -43.57
C CYS E 105 5.26 13.86 -42.31
N PRO E 106 3.98 13.56 -42.08
CA PRO E 106 3.24 13.72 -40.84
C PRO E 106 3.87 12.91 -39.73
N LYS E 107 3.75 13.40 -38.50
CA LYS E 107 4.34 12.73 -37.34
C LYS E 107 3.77 11.32 -37.20
N GLY E 108 4.65 10.39 -36.84
CA GLY E 108 4.23 8.99 -36.68
C GLY E 108 5.36 8.15 -36.11
N GLU E 109 5.07 6.89 -35.82
CA GLU E 109 6.04 5.99 -35.20
C GLU E 109 6.61 4.98 -36.17
N THR E 110 6.07 4.95 -37.39
CA THR E 110 6.53 4.03 -38.42
C THR E 110 6.71 4.74 -39.75
N LEU E 111 7.48 4.13 -40.64
CA LEU E 111 7.66 4.65 -41.98
C LEU E 111 7.64 3.53 -43.00
N THR E 112 6.86 3.70 -44.06
CA THR E 112 6.81 2.69 -45.10
C THR E 112 6.93 3.30 -46.50
N VAL E 113 7.44 2.50 -47.42
CA VAL E 113 7.59 2.87 -48.82
C VAL E 113 7.06 1.75 -49.69
N GLY E 114 6.55 2.08 -50.87
CA GLY E 114 6.10 1.03 -51.78
C GLY E 114 5.78 1.54 -53.18
N PHE E 115 5.49 0.62 -54.09
CA PHE E 115 5.18 0.94 -55.48
C PHE E 115 4.39 -0.20 -56.13
N THR E 116 3.81 0.08 -57.29
CA THR E 116 3.13 -0.95 -58.06
C THR E 116 4.04 -1.45 -59.18
N ASP E 117 4.21 -2.76 -59.27
CA ASP E 117 5.15 -3.34 -60.25
C ASP E 117 4.50 -3.53 -61.62
N SER E 118 5.25 -4.16 -62.53
CA SER E 118 4.84 -4.32 -63.92
C SER E 118 3.69 -5.31 -64.07
N ARG E 119 3.41 -6.07 -63.02
CA ARG E 119 2.34 -7.06 -63.02
C ARG E 119 1.14 -6.56 -62.25
N LYS E 120 1.17 -5.27 -61.90
CA LYS E 120 0.12 -4.63 -61.14
C LYS E 120 -0.02 -5.23 -59.75
N ILE E 121 1.10 -5.63 -59.17
CA ILE E 121 1.14 -6.13 -57.80
C ILE E 121 1.77 -5.09 -56.89
N SER E 122 1.11 -4.76 -55.80
CA SER E 122 1.63 -3.77 -54.87
C SER E 122 2.74 -4.35 -54.01
N HIS E 123 3.83 -3.62 -53.88
CA HIS E 123 4.93 -4.00 -53.03
C HIS E 123 5.25 -2.89 -52.05
N SER E 124 5.50 -3.27 -50.80
CA SER E 124 5.83 -2.26 -49.78
C SER E 124 6.73 -2.85 -48.71
N CYS E 125 7.40 -1.97 -47.96
CA CYS E 125 8.23 -2.36 -46.83
C CYS E 125 8.03 -1.38 -45.69
N THR E 126 7.80 -1.91 -44.49
CA THR E 126 7.58 -1.07 -43.32
C THR E 126 8.63 -1.27 -42.26
N HIS E 127 9.18 -0.16 -41.78
CA HIS E 127 10.14 -0.17 -40.68
C HIS E 127 9.67 0.76 -39.58
N PRO E 128 10.03 0.47 -38.32
CA PRO E 128 9.85 1.31 -37.18
C PRO E 128 10.70 2.55 -37.34
N PHE E 129 10.13 3.71 -37.04
CA PHE E 129 10.87 4.96 -37.13
C PHE E 129 10.15 6.07 -36.39
N HIS E 130 10.83 6.66 -35.42
CA HIS E 130 10.22 7.73 -34.66
C HIS E 130 10.38 9.04 -35.40
N HIS E 131 9.26 9.61 -35.84
CA HIS E 131 9.30 10.84 -36.60
C HIS E 131 8.55 11.94 -35.89
N ASP E 132 9.31 12.89 -35.35
CA ASP E 132 8.76 14.00 -34.60
C ASP E 132 9.76 15.15 -34.62
N PRO E 133 9.71 15.99 -35.65
CA PRO E 133 10.65 17.05 -35.95
C PRO E 133 10.81 17.98 -34.75
N PRO E 134 12.00 18.56 -34.58
CA PRO E 134 12.39 19.45 -33.51
C PRO E 134 11.61 20.74 -33.60
N VAL E 135 11.41 21.39 -32.46
CA VAL E 135 10.71 22.66 -32.44
C VAL E 135 11.63 23.79 -32.82
N ILE E 136 11.21 24.60 -33.78
CA ILE E 136 11.98 25.75 -34.20
C ILE E 136 11.38 27.00 -33.59
N GLY E 137 12.19 27.73 -32.84
CA GLY E 137 11.68 28.90 -32.13
C GLY E 137 11.04 28.49 -30.82
N ARG E 138 10.17 29.33 -30.30
CA ARG E 138 9.58 29.11 -28.99
C ARG E 138 8.09 28.78 -29.07
N GLU E 139 7.62 28.43 -30.27
CA GLU E 139 6.23 28.03 -30.46
C GLU E 139 6.14 26.71 -31.20
N LYS E 140 5.18 25.88 -30.82
CA LYS E 140 4.97 24.60 -31.49
C LYS E 140 3.84 24.70 -32.48
N PHE E 141 4.16 24.82 -33.76
CA PHE E 141 3.14 25.02 -34.78
C PHE E 141 3.06 23.83 -35.73
N HIS E 142 1.90 23.65 -36.34
CA HIS E 142 1.66 22.46 -37.15
C HIS E 142 1.72 22.72 -38.65
N SER E 143 1.73 23.99 -39.04
CA SER E 143 1.82 24.34 -40.45
C SER E 143 2.45 25.71 -40.63
N ARG E 144 2.97 25.96 -41.83
CA ARG E 144 3.59 27.25 -42.12
C ARG E 144 2.52 28.35 -42.19
N PRO E 145 2.70 29.44 -41.43
CA PRO E 145 1.85 30.60 -41.34
C PRO E 145 2.05 31.53 -42.52
N GLN E 146 1.10 32.44 -42.71
CA GLN E 146 1.25 33.46 -43.74
C GLN E 146 2.05 34.65 -43.22
N HIS E 147 1.97 34.87 -41.92
CA HIS E 147 2.67 35.98 -41.28
C HIS E 147 3.46 35.49 -40.08
N GLY E 148 4.72 35.92 -39.97
CA GLY E 148 5.57 35.47 -38.86
C GLY E 148 7.02 35.89 -39.01
N LYS E 149 7.87 35.30 -38.17
CA LYS E 149 9.30 35.60 -38.12
C LYS E 149 10.09 34.55 -38.89
N GLU E 150 11.25 34.93 -39.42
CA GLU E 150 12.10 33.97 -40.10
C GLU E 150 13.31 33.58 -39.26
N LEU E 151 13.44 32.28 -38.99
CA LEU E 151 14.53 31.74 -38.19
C LEU E 151 15.42 30.82 -39.04
N PRO E 152 16.67 30.59 -38.63
CA PRO E 152 17.59 29.62 -39.18
C PRO E 152 17.03 28.19 -39.14
N CYS E 153 17.24 27.45 -40.23
CA CYS E 153 16.83 26.06 -40.38
C CYS E 153 17.77 25.30 -41.30
N SER E 154 17.66 23.99 -41.30
CA SER E 154 18.47 23.15 -42.20
C SER E 154 17.59 22.22 -43.01
N THR E 155 17.79 22.22 -44.32
CA THR E 155 16.97 21.42 -45.22
C THR E 155 17.80 20.63 -46.21
N TYR E 156 17.14 19.77 -46.97
CA TYR E 156 17.79 19.08 -48.06
C TYR E 156 17.42 19.76 -49.37
N VAL E 157 18.41 20.16 -50.14
CA VAL E 157 18.16 20.86 -51.39
C VAL E 157 17.81 19.87 -52.48
N GLN E 158 17.26 20.36 -53.58
CA GLN E 158 16.84 19.49 -54.67
C GLN E 158 17.99 19.20 -55.63
N SER E 159 19.13 19.82 -55.38
CA SER E 159 20.32 19.63 -56.22
C SER E 159 20.85 18.21 -56.15
N THR E 160 21.35 17.73 -57.28
CA THR E 160 21.91 16.39 -57.38
C THR E 160 23.43 16.43 -57.54
N ALA E 161 24.02 17.60 -57.30
CA ALA E 161 25.47 17.75 -57.42
C ALA E 161 26.20 16.80 -56.48
N ALA E 162 25.61 16.58 -55.30
CA ALA E 162 26.13 15.59 -54.36
C ALA E 162 27.62 15.77 -54.08
N THR E 163 28.02 16.99 -53.78
CA THR E 163 29.43 17.25 -53.52
C THR E 163 29.92 16.41 -52.35
N THR E 164 31.01 15.68 -52.58
CA THR E 164 31.64 14.81 -51.60
C THR E 164 30.67 14.04 -50.71
N GLU E 165 29.61 13.49 -51.30
CA GLU E 165 28.77 12.52 -50.60
C GLU E 165 28.61 11.28 -51.48
N GLU E 166 29.07 10.12 -51.01
CA GLU E 166 29.09 8.93 -51.86
C GLU E 166 28.72 7.64 -51.12
N ILE E 167 28.19 6.67 -51.88
CA ILE E 167 27.99 5.31 -51.40
C ILE E 167 28.75 4.33 -52.30
N GLU E 168 29.31 3.28 -51.70
CA GLU E 168 30.06 2.28 -52.46
C GLU E 168 29.14 1.31 -53.18
N VAL E 169 29.56 0.91 -54.39
CA VAL E 169 28.89 -0.14 -55.13
C VAL E 169 29.90 -1.18 -55.61
N HIS E 170 29.47 -2.44 -55.69
CA HIS E 170 30.37 -3.48 -56.17
C HIS E 170 29.63 -4.72 -56.65
N MET E 171 30.37 -5.62 -57.27
CA MET E 171 29.81 -6.86 -57.79
C MET E 171 29.08 -7.62 -56.67
N PRO E 172 27.84 -8.04 -56.92
CA PRO E 172 26.97 -8.76 -56.02
C PRO E 172 27.44 -10.19 -55.81
N PRO E 173 26.98 -10.84 -54.75
CA PRO E 173 27.20 -12.23 -54.38
C PRO E 173 26.45 -13.18 -55.29
N ASP E 174 26.88 -14.43 -55.32
CA ASP E 174 26.15 -15.44 -56.07
C ASP E 174 24.71 -15.47 -55.57
N THR E 175 23.76 -15.55 -56.49
CA THR E 175 22.35 -15.54 -56.13
C THR E 175 21.71 -16.92 -56.25
N PRO E 176 21.38 -17.56 -55.12
CA PRO E 176 20.74 -18.86 -55.02
C PRO E 176 19.39 -18.85 -55.70
N ASP E 177 19.07 -19.95 -56.36
CA ASP E 177 17.76 -20.09 -56.99
C ASP E 177 17.35 -21.55 -57.08
N ARG E 178 16.37 -21.93 -56.27
CA ARG E 178 15.95 -23.32 -56.19
C ARG E 178 15.25 -23.81 -57.45
N THR E 179 14.86 -22.89 -58.32
CA THR E 179 14.12 -23.27 -59.51
C THR E 179 15.06 -23.66 -60.65
N LEU E 180 16.35 -23.41 -60.49
CA LEU E 180 17.33 -23.80 -61.50
C LEU E 180 17.46 -25.31 -61.53
N MET E 181 17.42 -25.91 -60.35
CA MET E 181 17.64 -27.34 -60.21
C MET E 181 16.37 -28.13 -60.40
N SER E 182 15.84 -28.10 -61.61
CA SER E 182 14.67 -28.89 -61.94
C SER E 182 15.02 -30.37 -61.90
N GLN E 183 14.11 -31.18 -61.39
CA GLN E 183 14.37 -32.62 -61.32
C GLN E 183 13.60 -33.37 -62.40
N GLN E 184 14.33 -33.99 -63.31
CA GLN E 184 13.73 -34.70 -64.44
C GLN E 184 14.39 -36.06 -64.63
N SER E 185 13.57 -37.06 -64.91
CA SER E 185 14.05 -38.42 -65.13
C SER E 185 14.86 -38.91 -63.94
N GLY E 186 14.53 -38.44 -62.75
CA GLY E 186 15.19 -38.88 -61.53
C GLY E 186 16.53 -38.19 -61.30
N ASN E 187 16.81 -37.13 -62.07
CA ASN E 187 18.09 -36.43 -61.94
C ASN E 187 17.94 -34.92 -61.96
N VAL E 188 19.06 -34.20 -61.81
CA VAL E 188 19.02 -32.74 -61.70
C VAL E 188 19.57 -32.05 -62.94
N LYS E 189 18.79 -31.14 -63.51
CA LYS E 189 19.13 -30.48 -64.77
C LYS E 189 19.94 -29.18 -64.65
N ILE E 190 19.92 -28.55 -63.47
CA ILE E 190 20.57 -27.24 -63.30
C ILE E 190 20.48 -26.37 -64.55
N THR E 191 19.26 -25.99 -64.91
CA THR E 191 19.01 -25.21 -66.11
C THR E 191 19.74 -23.88 -66.03
N VAL E 192 20.44 -23.52 -67.10
CA VAL E 192 21.24 -22.30 -67.11
C VAL E 192 20.39 -21.03 -67.23
N ASN E 193 19.35 -21.10 -68.04
CA ASN E 193 18.43 -19.97 -68.22
C ASN E 193 19.14 -18.67 -68.62
N GLY E 194 20.17 -18.78 -69.46
CA GLY E 194 20.81 -17.61 -70.03
C GLY E 194 21.96 -17.02 -69.19
N GLN E 195 22.16 -17.53 -67.98
CA GLN E 195 23.23 -16.98 -67.13
C GLN E 195 24.09 -18.08 -66.53
N THR E 196 25.38 -17.81 -66.38
CA THR E 196 26.29 -18.77 -65.79
C THR E 196 25.84 -19.14 -64.38
N VAL E 197 25.79 -20.45 -64.12
CA VAL E 197 25.34 -20.98 -62.84
C VAL E 197 26.41 -21.82 -62.15
N ARG E 198 26.60 -21.58 -60.86
CA ARG E 198 27.47 -22.41 -60.05
C ARG E 198 26.64 -23.48 -59.36
N TYR E 199 27.11 -24.72 -59.41
CA TYR E 199 26.37 -25.81 -58.78
C TYR E 199 27.27 -26.73 -57.96
N LYS E 200 26.70 -27.28 -56.89
CA LYS E 200 27.36 -28.27 -56.05
C LYS E 200 26.32 -29.26 -55.53
N CYS E 201 26.65 -30.57 -55.55
CA CYS E 201 25.71 -31.60 -55.11
C CYS E 201 26.40 -32.61 -54.20
N ASN E 202 25.66 -33.08 -53.18
CA ASN E 202 26.16 -34.11 -52.29
C ASN E 202 25.89 -35.49 -52.89
N CYS E 203 26.43 -35.72 -54.08
CA CYS E 203 26.20 -36.94 -54.86
C CYS E 203 27.50 -37.47 -55.43
N GLY E 204 28.62 -37.09 -54.83
CA GLY E 204 29.92 -37.43 -55.41
C GLY E 204 30.14 -36.57 -56.64
N GLY E 205 29.61 -35.35 -56.60
CA GLY E 205 29.63 -34.43 -57.72
C GLY E 205 31.03 -33.89 -58.00
N SER E 206 31.88 -34.74 -58.56
CA SER E 206 33.23 -34.36 -58.93
C SER E 206 33.19 -33.38 -60.10
N ASN E 207 32.02 -33.25 -60.71
CA ASN E 207 31.81 -32.35 -61.82
C ASN E 207 31.22 -31.01 -61.38
N GLU E 208 31.28 -30.74 -60.07
CA GLU E 208 30.80 -29.49 -59.53
C GLU E 208 31.61 -28.33 -60.09
N GLY E 209 30.98 -27.17 -60.23
CA GLY E 209 31.64 -26.03 -60.85
C GLY E 209 30.64 -25.13 -61.56
N LEU E 210 31.10 -24.45 -62.60
CA LEU E 210 30.27 -23.52 -63.35
C LEU E 210 29.77 -24.13 -64.65
N THR E 211 28.58 -23.75 -65.06
CA THR E 211 28.05 -24.13 -66.36
C THR E 211 27.46 -22.94 -67.10
N THR E 212 27.52 -23.00 -68.43
CA THR E 212 26.87 -22.02 -69.28
C THR E 212 25.77 -22.68 -70.09
N THR E 213 25.58 -23.99 -69.88
CA THR E 213 24.56 -24.75 -70.57
C THR E 213 23.85 -25.70 -69.62
N ASP E 214 22.68 -26.18 -70.02
CA ASP E 214 21.95 -27.17 -69.22
C ASP E 214 22.79 -28.42 -69.09
N LYS E 215 22.83 -28.98 -67.88
CA LYS E 215 23.64 -30.17 -67.65
C LYS E 215 22.98 -31.09 -66.63
N VAL E 216 22.78 -32.34 -67.01
CA VAL E 216 22.14 -33.28 -66.11
C VAL E 216 23.14 -33.99 -65.23
N ILE E 217 22.87 -33.97 -63.93
CA ILE E 217 23.71 -34.67 -62.96
C ILE E 217 23.08 -36.02 -62.64
N ASN E 218 23.76 -37.08 -63.04
CA ASN E 218 23.21 -38.42 -62.97
C ASN E 218 23.25 -39.00 -61.56
N ASN E 219 22.23 -39.79 -61.23
CA ASN E 219 22.12 -40.47 -59.94
C ASN E 219 22.17 -39.47 -58.79
N CYS E 220 21.48 -38.34 -58.94
CA CYS E 220 21.46 -37.29 -57.92
C CYS E 220 20.08 -36.64 -57.86
N LYS E 221 19.63 -36.32 -56.65
CA LYS E 221 18.33 -35.69 -56.47
C LYS E 221 18.45 -34.22 -56.10
N VAL E 222 17.38 -33.48 -56.35
CA VAL E 222 17.38 -32.02 -56.13
C VAL E 222 17.64 -31.66 -54.68
N ASP E 223 17.24 -32.52 -53.75
CA ASP E 223 17.42 -32.24 -52.34
C ASP E 223 18.89 -32.25 -51.95
N GLN E 224 19.71 -32.84 -52.80
CA GLN E 224 21.14 -32.95 -52.55
C GLN E 224 21.96 -31.83 -53.22
N CYS E 225 21.30 -30.96 -54.01
CA CYS E 225 21.99 -29.96 -54.82
C CYS E 225 21.70 -28.53 -54.39
N HIS E 226 22.66 -27.66 -54.65
CA HIS E 226 22.52 -26.22 -54.49
C HIS E 226 23.08 -25.51 -55.72
N ALA E 227 22.42 -24.44 -56.15
CA ALA E 227 22.90 -23.70 -57.32
C ALA E 227 22.58 -22.22 -57.21
N ALA E 228 23.44 -21.40 -57.83
CA ALA E 228 23.29 -19.96 -57.81
C ALA E 228 23.82 -19.33 -59.10
N VAL E 229 23.29 -18.16 -59.45
CA VAL E 229 23.74 -17.43 -60.62
C VAL E 229 25.00 -16.61 -60.32
N THR E 230 26.01 -16.74 -61.17
CA THR E 230 27.28 -16.05 -60.98
C THR E 230 27.53 -14.94 -61.99
N ASN E 231 26.78 -14.96 -63.10
CA ASN E 231 27.06 -14.00 -64.17
C ASN E 231 26.38 -12.66 -63.90
N HIS E 232 27.06 -11.84 -63.08
CA HIS E 232 26.51 -10.56 -62.70
C HIS E 232 27.44 -9.48 -63.19
N LYS E 233 27.10 -8.87 -64.31
CA LYS E 233 27.94 -7.83 -64.87
C LYS E 233 27.73 -6.49 -64.22
N LYS E 234 26.71 -6.35 -63.40
CA LYS E 234 26.39 -5.03 -62.84
C LYS E 234 26.52 -4.94 -61.34
N TRP E 235 27.00 -3.81 -60.85
CA TRP E 235 27.23 -3.65 -59.43
C TRP E 235 26.02 -3.34 -58.54
N GLN E 236 26.15 -3.55 -57.23
CA GLN E 236 25.06 -3.28 -56.30
C GLN E 236 25.58 -2.48 -55.14
N TYR E 237 24.72 -1.73 -54.47
CA TYR E 237 25.13 -0.98 -53.29
C TYR E 237 25.66 -1.88 -52.21
N ASN E 238 26.70 -1.41 -51.52
CA ASN E 238 27.33 -2.16 -50.44
C ASN E 238 26.44 -2.14 -49.21
N SER E 239 25.31 -2.84 -49.31
CA SER E 239 24.30 -2.89 -48.26
C SER E 239 24.64 -3.94 -47.21
N PRO E 240 24.30 -3.66 -45.94
CA PRO E 240 24.46 -4.55 -44.80
C PRO E 240 23.56 -5.78 -44.92
N LEU E 241 22.62 -5.74 -45.87
CA LEU E 241 21.70 -6.85 -46.07
C LEU E 241 22.13 -7.75 -47.24
N VAL E 242 23.25 -7.45 -47.86
CA VAL E 242 23.72 -8.22 -49.02
C VAL E 242 25.14 -8.75 -48.79
N PRO E 243 25.32 -10.07 -48.70
CA PRO E 243 26.58 -10.77 -48.47
C PRO E 243 27.67 -10.45 -49.49
N ARG E 244 28.91 -10.42 -49.02
CA ARG E 244 30.08 -10.22 -49.87
C ARG E 244 30.56 -11.51 -50.54
N ASN E 245 31.21 -11.37 -51.68
CA ASN E 245 31.82 -12.51 -52.36
C ASN E 245 33.06 -13.01 -51.65
N ALA E 246 33.70 -12.11 -50.91
CA ALA E 246 34.99 -12.40 -50.29
C ALA E 246 35.17 -11.56 -49.04
N GLU E 247 36.18 -11.92 -48.24
CA GLU E 247 36.49 -11.16 -47.04
C GLU E 247 36.99 -9.77 -47.41
N LEU E 248 37.37 -9.59 -48.67
CA LEU E 248 37.76 -8.28 -49.19
C LEU E 248 36.68 -7.76 -50.13
N GLY E 249 36.57 -6.45 -50.29
CA GLY E 249 35.52 -5.89 -51.13
C GLY E 249 35.87 -5.50 -52.55
N ASP E 250 34.99 -5.78 -53.50
CA ASP E 250 35.23 -5.46 -54.91
C ASP E 250 35.33 -3.99 -55.33
N ARG E 251 34.52 -3.10 -54.76
CA ARG E 251 34.47 -1.70 -55.18
C ARG E 251 34.03 -1.60 -56.62
N LYS E 252 34.70 -0.82 -57.47
CA LYS E 252 34.32 -0.58 -58.87
C LYS E 252 33.39 0.60 -59.11
N GLY E 253 32.95 1.26 -58.06
CA GLY E 253 32.12 2.44 -58.24
C GLY E 253 31.90 3.25 -57.00
N LYS E 254 31.26 4.40 -57.13
CA LYS E 254 30.95 5.21 -55.98
C LYS E 254 29.82 6.13 -56.35
N ILE E 255 28.57 5.73 -56.09
CA ILE E 255 27.45 6.55 -56.51
C ILE E 255 27.32 7.75 -55.59
N HIS E 256 27.17 8.93 -56.18
CA HIS E 256 27.05 10.15 -55.40
C HIS E 256 25.68 10.22 -54.71
N ILE E 257 25.63 10.91 -53.58
CA ILE E 257 24.37 11.05 -52.83
C ILE E 257 23.74 12.42 -53.05
N PRO E 258 22.57 12.47 -53.68
CA PRO E 258 21.84 13.67 -54.05
C PRO E 258 21.23 14.33 -52.83
N PHE E 259 20.85 15.60 -52.98
CA PHE E 259 20.13 16.30 -51.93
C PHE E 259 20.95 16.49 -50.64
N PRO E 260 22.03 17.26 -50.70
CA PRO E 260 22.89 17.63 -49.59
C PRO E 260 22.18 18.57 -48.62
N LEU E 261 22.61 18.54 -47.37
CA LEU E 261 22.07 19.42 -46.33
C LEU E 261 22.60 20.85 -46.52
N ALA E 262 21.74 21.84 -46.31
CA ALA E 262 22.13 23.23 -46.53
C ALA E 262 21.48 24.19 -45.54
N ASN E 263 22.12 25.36 -45.39
CA ASN E 263 21.65 26.41 -44.50
C ASN E 263 20.56 27.26 -45.14
N VAL E 264 19.36 27.19 -44.57
CA VAL E 264 18.21 27.92 -45.07
C VAL E 264 17.46 28.59 -43.92
N THR E 265 16.54 29.50 -44.25
CA THR E 265 15.67 30.06 -43.23
C THR E 265 14.29 29.40 -43.30
N CYS E 266 13.51 29.55 -42.23
CA CYS E 266 12.17 29.00 -42.13
C CYS E 266 11.24 29.97 -41.39
N ARG E 267 9.98 29.99 -41.81
CA ARG E 267 8.98 30.88 -41.22
C ARG E 267 8.30 30.26 -40.01
N VAL E 268 8.21 31.04 -38.93
CA VAL E 268 7.48 30.62 -37.73
C VAL E 268 6.49 31.70 -37.33
N PRO E 269 5.34 31.32 -36.78
CA PRO E 269 4.24 32.18 -36.38
C PRO E 269 4.55 33.00 -35.15
N LYS E 270 3.77 34.04 -34.93
CA LYS E 270 3.85 34.82 -33.70
C LYS E 270 2.54 34.74 -32.93
N ALA E 271 2.64 34.46 -31.65
CA ALA E 271 1.48 34.36 -30.76
C ALA E 271 0.78 35.71 -30.63
N ARG E 272 -0.52 35.66 -30.40
CA ARG E 272 -1.33 36.87 -30.26
C ARG E 272 -0.88 37.73 -29.10
N ASN E 273 -1.01 39.04 -29.27
CA ASN E 273 -0.71 39.97 -28.19
C ASN E 273 -1.63 39.68 -27.00
N PRO E 274 -1.06 39.54 -25.80
CA PRO E 274 -1.75 39.27 -24.56
C PRO E 274 -2.52 40.48 -24.08
N THR E 275 -3.56 40.26 -23.30
CA THR E 275 -4.26 41.36 -22.66
C THR E 275 -3.57 41.66 -21.34
N VAL E 276 -3.15 42.89 -21.16
CA VAL E 276 -2.33 43.23 -20.00
C VAL E 276 -2.94 44.29 -19.12
N THR E 277 -3.00 44.00 -17.82
CA THR E 277 -3.41 44.98 -16.82
C THR E 277 -2.37 45.04 -15.72
N TYR E 278 -2.42 46.06 -14.88
CA TYR E 278 -1.36 46.25 -13.90
C TYR E 278 -1.86 46.37 -12.48
N GLY E 279 -1.03 45.92 -11.54
CA GLY E 279 -1.29 46.08 -10.10
C GLY E 279 -0.02 46.57 -9.43
N LYS E 280 0.00 46.57 -8.10
CA LYS E 280 1.17 47.06 -7.40
C LYS E 280 2.31 46.06 -7.49
N ASN E 281 3.34 46.43 -8.23
CA ASN E 281 4.47 45.55 -8.52
C ASN E 281 4.00 44.26 -9.18
N GLN E 282 2.96 44.36 -10.01
CA GLN E 282 2.46 43.19 -10.73
C GLN E 282 2.11 43.48 -12.17
N VAL E 283 2.34 42.49 -13.03
CA VAL E 283 1.84 42.52 -14.39
C VAL E 283 0.96 41.30 -14.62
N ILE E 284 -0.29 41.53 -14.99
CA ILE E 284 -1.22 40.44 -15.18
C ILE E 284 -1.55 40.25 -16.65
N MET E 285 -1.20 39.09 -17.19
CA MET E 285 -1.39 38.84 -18.61
C MET E 285 -2.42 37.74 -18.85
N LEU E 286 -3.32 37.98 -19.80
CA LEU E 286 -4.22 36.92 -20.25
C LEU E 286 -3.78 36.46 -21.63
N LEU E 287 -3.39 35.19 -21.71
CA LEU E 287 -2.76 34.66 -22.91
C LEU E 287 -3.75 33.94 -23.81
N TYR E 288 -3.59 34.11 -25.12
CA TYR E 288 -4.48 33.48 -26.10
C TYR E 288 -3.73 32.71 -27.18
N PRO E 289 -3.13 31.57 -26.85
CA PRO E 289 -2.40 30.69 -27.76
C PRO E 289 -3.34 29.93 -28.69
N ASP E 290 -2.87 29.66 -29.91
CA ASP E 290 -3.56 28.74 -30.81
C ASP E 290 -2.95 27.36 -30.68
N HIS E 291 -1.67 27.35 -30.34
CA HIS E 291 -0.87 26.15 -30.21
C HIS E 291 0.12 26.39 -29.09
N PRO E 292 0.69 25.34 -28.49
CA PRO E 292 1.52 25.42 -27.31
C PRO E 292 2.59 26.47 -27.51
N THR E 293 2.66 27.40 -26.58
CA THR E 293 3.55 28.55 -26.68
C THR E 293 4.37 28.70 -25.42
N LEU E 294 5.67 28.89 -25.57
CA LEU E 294 6.53 29.04 -24.41
C LEU E 294 6.46 30.45 -23.85
N LEU E 295 6.24 30.52 -22.54
CA LEU E 295 6.30 31.79 -21.82
C LEU E 295 7.50 31.76 -20.89
N SER E 296 8.33 32.79 -20.96
CA SER E 296 9.49 32.84 -20.08
C SER E 296 9.79 34.26 -19.65
N TYR E 297 10.41 34.39 -18.50
CA TYR E 297 10.76 35.71 -17.99
C TYR E 297 11.95 35.67 -17.05
N ARG E 298 12.61 36.81 -16.94
CA ARG E 298 13.76 36.96 -16.06
C ARG E 298 13.79 38.33 -15.41
N ASN E 299 14.41 38.41 -14.25
CA ASN E 299 14.69 39.69 -13.62
C ASN E 299 15.88 40.31 -14.33
N MET E 300 15.92 41.63 -14.40
CA MET E 300 17.00 42.31 -15.10
C MET E 300 18.11 42.78 -14.18
N GLY E 301 18.17 42.19 -12.99
CA GLY E 301 19.20 42.54 -12.00
C GLY E 301 20.26 41.45 -11.86
N GLU E 302 20.84 41.36 -10.67
CA GLU E 302 21.91 40.42 -10.38
C GLU E 302 21.47 38.97 -10.46
N GLU E 303 20.25 38.70 -10.01
CA GLU E 303 19.73 37.35 -9.97
C GLU E 303 18.46 37.22 -10.81
N PRO E 304 18.57 36.73 -12.06
CA PRO E 304 17.53 36.70 -13.06
C PRO E 304 16.37 35.81 -12.65
N ASN E 305 16.62 34.83 -11.79
CA ASN E 305 15.55 33.95 -11.35
C ASN E 305 14.73 33.46 -12.52
N TYR E 306 15.40 32.94 -13.55
CA TYR E 306 14.72 32.56 -14.77
C TYR E 306 13.66 31.50 -14.55
N GLN E 307 12.48 31.74 -15.11
CA GLN E 307 11.40 30.77 -15.06
C GLN E 307 10.73 30.64 -16.43
N GLU E 308 10.22 29.46 -16.73
CA GLU E 308 9.51 29.26 -17.99
C GLU E 308 8.43 28.20 -17.87
N GLU E 309 7.40 28.32 -18.70
CA GLU E 309 6.37 27.31 -18.80
C GLU E 309 5.75 27.28 -20.19
N TRP E 310 5.24 26.12 -20.58
CA TRP E 310 4.49 26.02 -21.83
C TRP E 310 3.02 26.24 -21.59
N VAL E 311 2.41 27.11 -22.38
CA VAL E 311 0.99 27.40 -22.24
C VAL E 311 0.20 26.81 -23.40
N MET E 312 -0.66 25.85 -23.10
CA MET E 312 -1.43 25.16 -24.13
C MET E 312 -2.85 25.69 -24.25
N HIS E 313 -3.30 26.43 -23.24
CA HIS E 313 -4.68 26.90 -23.17
C HIS E 313 -4.73 28.34 -22.68
N LYS E 314 -5.85 29.01 -22.91
CA LYS E 314 -5.99 30.35 -22.39
C LYS E 314 -5.70 30.36 -20.90
N LYS E 315 -4.82 31.25 -20.49
CA LYS E 315 -4.40 31.29 -19.09
C LYS E 315 -4.14 32.71 -18.61
N GLU E 316 -4.44 32.95 -17.34
CA GLU E 316 -4.09 34.22 -16.71
C GLU E 316 -2.85 34.05 -15.85
N VAL E 317 -1.81 34.80 -16.17
CA VAL E 317 -0.55 34.69 -15.47
C VAL E 317 -0.20 35.98 -14.74
N VAL E 318 0.05 35.86 -13.43
CA VAL E 318 0.42 37.01 -12.64
C VAL E 318 1.91 37.02 -12.34
N LEU E 319 2.61 38.04 -12.82
CA LEU E 319 4.05 38.12 -12.65
C LEU E 319 4.44 39.22 -11.67
N THR E 320 5.37 38.91 -10.78
CA THR E 320 5.88 39.89 -9.83
C THR E 320 7.00 40.69 -10.46
N VAL E 321 6.96 42.00 -10.28
CA VAL E 321 7.97 42.88 -10.86
C VAL E 321 8.94 43.41 -9.79
N PRO E 322 10.23 43.08 -9.90
CA PRO E 322 11.35 43.56 -9.11
C PRO E 322 11.58 45.05 -9.36
N THR E 323 12.25 45.71 -8.42
CA THR E 323 12.53 47.14 -8.56
C THR E 323 13.44 47.42 -9.74
N GLU E 324 14.26 46.44 -10.10
CA GLU E 324 15.17 46.58 -11.24
C GLU E 324 14.47 46.34 -12.57
N GLY E 325 13.24 45.84 -12.53
CA GLY E 325 12.47 45.58 -13.74
C GLY E 325 12.41 44.10 -14.13
N LEU E 326 11.37 43.76 -14.88
CA LEU E 326 11.11 42.39 -15.34
C LEU E 326 11.05 42.32 -16.85
N GLU E 327 11.68 41.31 -17.44
CA GLU E 327 11.57 41.08 -18.88
C GLU E 327 10.77 39.82 -19.18
N VAL E 328 9.76 39.94 -20.03
CA VAL E 328 8.88 38.82 -20.34
C VAL E 328 8.84 38.51 -21.83
N THR E 329 9.09 37.25 -22.18
CA THR E 329 9.05 36.83 -23.58
C THR E 329 7.90 35.86 -23.84
N TRP E 330 7.03 36.25 -24.77
CA TRP E 330 5.85 35.45 -25.10
C TRP E 330 5.96 34.85 -26.49
N GLY E 331 6.23 33.56 -26.56
CA GLY E 331 6.38 32.87 -27.83
C GLY E 331 7.51 33.46 -28.65
N ASN E 332 7.25 33.72 -29.92
CA ASN E 332 8.26 34.25 -30.83
C ASN E 332 8.22 35.76 -30.93
N ASN E 333 7.44 36.39 -30.05
CA ASN E 333 7.33 37.84 -30.04
C ASN E 333 8.52 38.47 -29.33
N GLU E 334 8.82 39.70 -29.70
CA GLU E 334 9.88 40.46 -29.04
C GLU E 334 9.50 40.64 -27.57
N PRO E 335 10.49 40.61 -26.67
CA PRO E 335 10.34 40.66 -25.23
C PRO E 335 9.76 41.97 -24.76
N TYR E 336 8.97 41.90 -23.69
CA TYR E 336 8.39 43.08 -23.08
C TYR E 336 9.17 43.42 -21.82
N LYS E 337 9.35 44.71 -21.56
CA LYS E 337 10.04 45.10 -20.33
C LYS E 337 9.14 45.96 -19.46
N TYR E 338 9.13 45.66 -18.17
CA TYR E 338 8.30 46.40 -17.23
C TYR E 338 9.10 46.90 -16.03
N TRP E 339 8.80 48.11 -15.60
CA TRP E 339 9.38 48.67 -14.38
C TRP E 339 8.27 49.24 -13.51
N PRO E 340 8.38 49.11 -12.18
CA PRO E 340 7.50 49.66 -11.19
C PRO E 340 7.72 51.15 -11.02
N GLN E 341 6.66 51.85 -10.64
CA GLN E 341 6.77 53.25 -10.23
C GLN E 341 6.54 53.37 -8.75
N LEU E 342 6.94 54.49 -8.17
CA LEU E 342 6.78 54.70 -6.75
C LEU E 342 5.36 55.14 -6.42
N SER E 343 4.41 54.24 -6.70
CA SER E 343 3.00 54.49 -6.40
C SER E 343 2.69 54.05 -4.97
N THR E 344 1.68 54.66 -4.37
CA THR E 344 1.26 54.30 -3.02
C THR E 344 -0.14 54.79 -2.70
N ASN E 345 -0.79 54.13 -1.76
CA ASN E 345 -2.10 54.59 -1.29
C ASN E 345 -1.95 55.49 -0.06
N GLY E 346 -0.70 55.69 0.36
CA GLY E 346 -0.40 56.59 1.47
C GLY E 346 -0.02 57.95 0.92
N THR E 347 0.44 58.85 1.77
CA THR E 347 0.85 60.15 1.27
C THR E 347 1.92 60.79 2.14
N ALA E 348 2.79 61.56 1.51
CA ALA E 348 3.78 62.34 2.22
C ALA E 348 3.20 63.69 2.58
N HIS E 349 3.81 64.36 3.54
CA HIS E 349 3.37 65.70 3.93
C HIS E 349 2.02 65.67 4.64
N GLY E 350 1.61 64.47 5.06
CA GLY E 350 0.33 64.29 5.73
C GLY E 350 0.49 63.95 7.21
N HIS E 351 -0.47 63.21 7.73
CA HIS E 351 -0.46 62.81 9.13
C HIS E 351 0.60 61.72 9.35
N PRO E 352 1.16 61.61 10.55
CA PRO E 352 2.22 60.68 10.92
C PRO E 352 1.92 59.25 10.47
N HIS E 353 0.66 58.83 10.54
CA HIS E 353 0.33 57.47 10.11
C HIS E 353 0.26 57.35 8.60
N GLU E 354 0.03 58.48 7.92
CA GLU E 354 -0.03 58.50 6.48
C GLU E 354 1.38 58.51 5.91
N ILE E 355 2.31 59.11 6.66
CA ILE E 355 3.70 59.18 6.27
C ILE E 355 4.37 57.81 6.39
N ILE E 356 4.07 57.10 7.48
CA ILE E 356 4.62 55.76 7.64
C ILE E 356 4.09 54.83 6.56
N LEU E 357 2.81 54.95 6.25
CA LEU E 357 2.23 54.13 5.19
C LEU E 357 2.87 54.45 3.86
N TYR E 358 3.12 55.74 3.61
CA TYR E 358 3.75 56.17 2.37
C TYR E 358 5.09 55.47 2.18
N TYR E 359 5.93 55.52 3.20
CA TYR E 359 7.26 54.93 3.09
C TYR E 359 7.24 53.42 3.21
N TYR E 360 6.28 52.90 3.96
CA TYR E 360 6.18 51.45 4.12
C TYR E 360 5.88 50.76 2.79
N GLU E 361 4.90 51.29 2.06
CA GLU E 361 4.53 50.68 0.79
C GLU E 361 5.62 50.82 -0.25
N LEU E 362 6.34 51.93 -0.23
CA LEU E 362 7.40 52.14 -1.20
C LEU E 362 8.66 51.35 -0.85
N TYR E 363 8.96 51.25 0.45
CA TYR E 363 10.16 50.56 0.92
C TYR E 363 9.86 49.61 2.08
N PRO E 364 9.24 48.46 1.81
CA PRO E 364 8.65 47.54 2.76
C PRO E 364 9.65 46.98 3.78
N THR E 365 10.93 47.00 3.43
CA THR E 365 11.94 46.45 4.33
C THR E 365 12.76 47.53 5.02
N MET E 366 13.10 48.58 4.29
CA MET E 366 13.89 49.67 4.84
C MET E 366 13.11 50.40 5.92
N THR E 367 11.83 50.64 5.64
CA THR E 367 10.97 51.37 6.56
C THR E 367 10.80 50.62 7.86
N VAL E 368 10.63 49.31 7.78
CA VAL E 368 10.44 48.50 8.97
C VAL E 368 11.68 48.50 9.85
N VAL E 369 12.85 48.38 9.23
CA VAL E 369 14.09 48.37 9.99
C VAL E 369 14.34 49.71 10.66
N VAL E 370 14.12 50.80 9.93
CA VAL E 370 14.36 52.12 10.50
C VAL E 370 13.40 52.43 11.64
N VAL E 371 12.13 52.10 11.47
CA VAL E 371 11.15 52.37 12.50
C VAL E 371 11.38 51.50 13.73
N SER E 372 11.70 50.23 13.51
CA SER E 372 11.92 49.31 14.62
C SER E 372 13.15 49.71 15.44
N VAL E 373 14.21 50.10 14.74
CA VAL E 373 15.44 50.52 15.42
C VAL E 373 15.26 51.86 16.10
N ALA E 374 14.63 52.80 15.42
CA ALA E 374 14.43 54.12 15.99
C ALA E 374 13.56 54.04 17.24
N SER E 375 12.55 53.17 17.20
CA SER E 375 11.67 53.01 18.34
C SER E 375 12.43 52.43 19.52
N PHE E 376 13.27 51.44 19.26
CA PHE E 376 14.08 50.82 20.29
C PHE E 376 15.01 51.83 20.95
N VAL E 377 15.71 52.61 20.13
CA VAL E 377 16.67 53.57 20.66
C VAL E 377 15.99 54.66 21.48
N LEU E 378 14.87 55.16 20.99
CA LEU E 378 14.16 56.22 21.71
C LEU E 378 13.63 55.71 23.05
N LEU E 379 13.12 54.48 23.07
CA LEU E 379 12.63 53.89 24.30
C LEU E 379 13.78 53.62 25.26
N SER E 380 14.92 53.22 24.72
CA SER E 380 16.09 52.95 25.54
C SER E 380 16.57 54.23 26.22
N MET E 381 16.57 55.33 25.47
CA MET E 381 16.97 56.62 26.02
C MET E 381 16.07 57.04 27.18
N VAL E 382 14.76 56.80 27.03
CA VAL E 382 13.84 57.14 28.10
C VAL E 382 14.09 56.29 29.34
N GLY E 383 14.32 55.00 29.14
CA GLY E 383 14.58 54.10 30.25
C GLY E 383 15.83 54.53 31.02
N VAL E 384 16.83 55.00 30.28
CA VAL E 384 18.06 55.50 30.91
C VAL E 384 17.78 56.77 31.69
N ALA E 385 17.00 57.67 31.12
CA ALA E 385 16.66 58.92 31.80
C ALA E 385 15.94 58.64 33.11
N VAL E 386 15.08 57.64 33.10
CA VAL E 386 14.36 57.27 34.32
C VAL E 386 15.32 56.67 35.33
N GLY E 387 16.21 55.79 34.86
CA GLY E 387 17.18 55.17 35.76
C GLY E 387 18.06 56.21 36.43
N MET E 388 18.42 57.26 35.69
CA MET E 388 19.23 58.33 36.27
C MET E 388 18.45 59.08 37.34
N CYS E 389 17.17 59.33 37.07
CA CYS E 389 16.33 60.04 38.03
C CYS E 389 16.09 59.19 39.28
N MET E 390 15.88 57.89 39.08
CA MET E 390 15.60 57.00 40.21
C MET E 390 16.81 56.86 41.13
N CYS E 391 18.01 56.75 40.55
CA CYS E 391 19.19 56.64 41.40
C CYS E 391 19.51 57.98 42.06
N ALA E 392 19.15 59.07 41.38
CA ALA E 392 19.32 60.39 41.97
C ALA E 392 18.39 60.55 43.17
N ARG E 393 17.20 59.97 43.06
CA ARG E 393 16.22 60.02 44.14
C ARG E 393 16.73 59.29 45.38
N ARG E 394 17.34 58.12 45.17
CA ARG E 394 17.86 57.35 46.28
C ARG E 394 18.99 58.11 46.99
N ARG E 395 19.80 58.79 46.21
CA ARG E 395 20.90 59.59 46.77
C ARG E 395 20.37 60.78 47.55
N CYS E 396 19.26 61.36 47.09
CA CYS E 396 18.65 62.50 47.77
C CYS E 396 18.02 62.09 49.09
N ILE E 397 17.52 60.86 49.16
CA ILE E 397 16.84 60.36 50.34
C ILE E 397 17.78 59.82 51.40
N THR E 398 18.80 59.08 50.96
CA THR E 398 19.67 58.36 51.89
C THR E 398 20.13 59.19 53.10
N PRO E 399 20.64 60.42 52.91
CA PRO E 399 21.21 61.25 53.96
C PRO E 399 20.20 61.56 55.05
N TYR E 400 18.91 61.41 54.73
CA TYR E 400 17.84 61.68 55.67
C TYR E 400 17.40 60.42 56.40
N GLU E 401 17.46 59.28 55.72
CA GLU E 401 17.03 58.02 56.33
C GLU E 401 18.11 57.46 57.24
N LEU E 402 19.27 58.09 57.20
CA LEU E 402 20.37 57.72 58.08
C LEU E 402 20.41 58.63 59.32
N THR E 403 19.43 59.53 59.42
CA THR E 403 19.33 60.47 60.53
C THR E 403 18.20 60.07 61.48
N PRO E 404 18.48 59.88 62.78
CA PRO E 404 17.57 59.41 63.81
C PRO E 404 16.42 60.37 64.06
N GLY E 405 16.60 61.65 63.69
CA GLY E 405 15.53 62.63 63.84
C GLY E 405 14.46 62.41 62.79
N ALA E 406 13.20 62.62 63.16
CA ALA E 406 12.10 62.45 62.23
C ALA E 406 11.87 63.74 61.44
N THR E 407 12.86 64.10 60.63
CA THR E 407 12.78 65.34 59.86
C THR E 407 12.85 65.10 58.36
N VAL E 408 11.82 65.56 57.66
CA VAL E 408 11.78 65.47 56.20
C VAL E 408 11.35 66.82 55.63
N PRO E 409 12.19 67.47 54.81
CA PRO E 409 11.92 68.70 54.11
C PRO E 409 10.70 68.55 53.22
N PHE E 410 9.87 69.58 53.17
CA PHE E 410 8.64 69.53 52.37
C PHE E 410 9.00 69.41 50.89
N LEU E 411 10.02 70.14 50.46
CA LEU E 411 10.43 70.12 49.07
C LEU E 411 10.89 68.73 48.66
N LEU E 412 11.56 68.04 49.57
CA LEU E 412 12.03 66.69 49.29
C LEU E 412 10.85 65.76 49.06
N SER E 413 9.82 65.91 49.88
CA SER E 413 8.63 65.08 49.77
C SER E 413 7.89 65.33 48.45
N LEU E 414 7.96 66.56 47.96
CA LEU E 414 7.32 66.90 46.70
C LEU E 414 8.04 66.30 45.51
N ILE E 415 9.36 66.19 45.61
CA ILE E 415 10.18 65.70 44.50
C ILE E 415 10.36 64.19 44.52
N CYS E 416 10.68 63.64 45.69
CA CYS E 416 10.95 62.21 45.80
C CYS E 416 9.67 61.40 45.81
N CYS E 417 8.56 62.10 46.01
CA CYS E 417 7.26 61.45 46.10
C CYS E 417 7.25 60.46 47.28
N ILE E 418 6.76 59.25 47.04
CA ILE E 418 6.62 58.23 48.09
C ILE E 418 6.19 58.83 49.43
N ARG E 419 5.23 59.76 49.37
CA ARG E 419 4.71 60.46 50.54
C ARG E 419 3.23 60.75 50.37
N THR E 420 2.57 61.08 51.47
CA THR E 420 1.15 61.42 51.44
C THR E 420 0.93 62.82 50.87
N ALA E 421 -0.31 63.13 50.52
CA ALA E 421 -0.63 64.40 49.88
C ALA E 421 -0.77 65.52 50.89
N LYS E 422 0.34 65.89 51.50
CA LYS E 422 0.37 67.00 52.46
C LYS E 422 0.27 68.33 51.72
N ALA E 423 -0.53 69.26 52.26
CA ALA E 423 -0.71 70.59 51.69
C ALA E 423 -1.29 71.54 52.74
N LYS F 3 -30.95 25.54 -58.94
CA LYS F 3 -30.33 26.00 -60.17
C LYS F 3 -30.55 27.47 -60.34
N ASP F 4 -31.75 27.91 -60.01
CA ASP F 4 -32.03 29.33 -60.05
C ASP F 4 -31.16 30.00 -59.01
N ASN F 5 -30.87 29.29 -57.93
CA ASN F 5 -30.08 29.83 -56.84
C ASN F 5 -28.72 30.21 -57.34
N PHE F 6 -28.18 29.45 -58.27
CA PHE F 6 -26.84 29.69 -58.75
C PHE F 6 -26.68 30.94 -59.60
N ASN F 7 -27.76 31.60 -59.93
CA ASN F 7 -27.67 32.74 -60.81
C ASN F 7 -26.77 33.81 -60.24
N VAL F 8 -26.80 34.04 -58.94
CA VAL F 8 -26.00 35.12 -58.37
C VAL F 8 -24.55 35.04 -58.80
N TYR F 9 -24.12 33.87 -59.24
CA TYR F 9 -22.76 33.69 -59.70
C TYR F 9 -22.56 33.87 -61.18
N LYS F 10 -23.60 34.20 -61.93
CA LYS F 10 -23.45 34.26 -63.39
C LYS F 10 -22.47 35.31 -63.90
N ALA F 11 -22.44 36.46 -63.28
CA ALA F 11 -21.56 37.51 -63.76
C ALA F 11 -20.29 37.48 -62.98
N THR F 12 -20.08 36.45 -62.18
CA THR F 12 -18.93 36.43 -61.30
C THR F 12 -17.75 35.59 -61.79
N ARG F 13 -16.60 35.71 -61.12
CA ARG F 13 -15.40 35.03 -61.55
C ARG F 13 -14.61 34.44 -60.36
N PRO F 14 -13.97 33.28 -60.54
CA PRO F 14 -12.92 32.72 -59.72
C PRO F 14 -11.69 33.61 -59.70
N TYR F 15 -10.90 33.51 -58.65
CA TYR F 15 -9.69 34.33 -58.55
C TYR F 15 -8.52 33.59 -57.91
N LEU F 16 -7.31 34.07 -58.16
CA LEU F 16 -6.13 33.51 -57.54
C LEU F 16 -5.80 34.26 -56.26
N ALA F 17 -5.21 33.58 -55.30
CA ALA F 17 -4.85 34.22 -54.04
C ALA F 17 -3.64 33.55 -53.42
N HIS F 18 -2.93 34.31 -52.58
CA HIS F 18 -1.75 33.81 -51.90
C HIS F 18 -2.09 32.72 -50.88
N CYS F 19 -1.27 31.68 -50.82
CA CYS F 19 -1.41 30.57 -49.89
C CYS F 19 -0.09 30.29 -49.19
N PRO F 20 -0.06 30.27 -47.86
CA PRO F 20 1.10 30.17 -47.01
C PRO F 20 1.84 28.84 -47.18
N ASP F 21 1.12 27.80 -47.60
CA ASP F 21 1.73 26.49 -47.83
C ASP F 21 0.97 25.73 -48.91
N CYS F 22 1.63 25.53 -50.06
CA CYS F 22 1.01 24.90 -51.22
C CYS F 22 1.30 23.40 -51.25
N GLY F 23 1.71 22.86 -50.11
CA GLY F 23 1.90 21.42 -49.93
C GLY F 23 3.35 20.99 -49.89
N GLU F 24 4.25 21.86 -50.36
CA GLU F 24 5.67 21.55 -50.35
C GLU F 24 6.41 22.26 -49.23
N GLY F 25 5.67 22.98 -48.38
CA GLY F 25 6.31 23.75 -47.31
C GLY F 25 6.69 25.14 -47.81
N HIS F 26 6.22 25.48 -49.00
CA HIS F 26 6.50 26.77 -49.62
C HIS F 26 5.20 27.44 -50.06
N SER F 27 5.18 28.76 -49.99
CA SER F 27 4.01 29.53 -50.39
C SER F 27 3.97 29.73 -51.90
N CYS F 28 2.77 30.01 -52.43
CA CYS F 28 2.57 30.31 -53.84
C CYS F 28 1.22 31.00 -54.05
N HIS F 29 0.97 31.41 -55.27
CA HIS F 29 -0.35 31.93 -55.64
C HIS F 29 -1.17 30.80 -56.22
N SER F 30 -2.24 30.43 -55.54
CA SER F 30 -2.99 29.23 -55.88
C SER F 30 -4.36 29.53 -56.46
N PRO F 31 -4.85 28.68 -57.38
CA PRO F 31 -6.21 28.64 -57.89
C PRO F 31 -7.18 28.21 -56.81
N VAL F 32 -6.64 27.57 -55.79
CA VAL F 32 -7.44 27.19 -54.63
C VAL F 32 -6.79 27.73 -53.37
N ALA F 33 -7.54 28.50 -52.60
CA ALA F 33 -7.01 29.08 -51.38
C ALA F 33 -8.14 29.23 -50.37
N LEU F 34 -7.77 29.16 -49.09
CA LEU F 34 -8.73 29.28 -48.02
C LEU F 34 -8.89 30.72 -47.55
N GLU F 35 -10.12 31.21 -47.59
CA GLU F 35 -10.42 32.57 -47.15
C GLU F 35 -10.89 32.58 -45.70
N ARG F 36 -11.83 31.69 -45.41
CA ARG F 36 -12.40 31.60 -44.08
C ARG F 36 -12.82 30.18 -43.73
N ILE F 37 -12.58 29.78 -42.50
CA ILE F 37 -13.07 28.51 -42.00
C ILE F 37 -14.07 28.79 -40.90
N ARG F 38 -15.31 28.40 -41.12
CA ARG F 38 -16.39 28.72 -40.17
C ARG F 38 -16.89 27.47 -39.46
N ASN F 39 -16.88 27.52 -38.14
CA ASN F 39 -17.26 26.37 -37.32
C ASN F 39 -18.32 26.71 -36.28
N GLU F 40 -19.30 27.53 -36.68
CA GLU F 40 -20.35 27.94 -35.76
C GLU F 40 -21.21 26.76 -35.32
N ALA F 41 -21.39 25.79 -36.21
CA ALA F 41 -22.18 24.61 -35.91
C ALA F 41 -21.54 23.81 -34.79
N THR F 42 -22.37 23.20 -33.94
CA THR F 42 -21.85 22.43 -32.81
C THR F 42 -21.82 20.94 -33.10
N ASP F 43 -22.36 20.54 -34.24
CA ASP F 43 -22.37 19.13 -34.59
C ASP F 43 -21.05 18.71 -35.25
N GLY F 44 -20.13 19.67 -35.36
CA GLY F 44 -18.80 19.40 -35.87
C GLY F 44 -18.64 19.65 -37.37
N THR F 45 -19.71 20.07 -38.03
CA THR F 45 -19.65 20.35 -39.46
C THR F 45 -18.90 21.64 -39.72
N LEU F 46 -18.01 21.63 -40.70
CA LEU F 46 -17.28 22.85 -41.06
C LEU F 46 -17.81 23.46 -42.35
N LYS F 47 -17.83 24.79 -42.39
CA LYS F 47 -18.13 25.52 -43.62
C LYS F 47 -16.85 26.20 -44.11
N ILE F 48 -16.39 25.80 -45.28
CA ILE F 48 -15.12 26.28 -45.79
C ILE F 48 -15.30 27.18 -46.99
N GLN F 49 -14.73 28.38 -46.92
CA GLN F 49 -14.81 29.32 -48.03
C GLN F 49 -13.52 29.34 -48.84
N VAL F 50 -13.64 29.07 -50.14
CA VAL F 50 -12.49 28.98 -51.04
C VAL F 50 -12.63 29.87 -52.26
N SER F 51 -11.50 30.11 -52.94
CA SER F 51 -11.45 30.92 -54.15
C SER F 51 -12.04 30.21 -55.38
N LEU F 52 -12.29 28.92 -55.24
CA LEU F 52 -12.88 28.11 -56.30
C LEU F 52 -14.39 28.31 -56.35
N GLN F 53 -14.99 28.13 -57.52
CA GLN F 53 -16.44 28.16 -57.63
C GLN F 53 -16.99 26.81 -58.08
N ILE F 54 -17.77 26.17 -57.21
CA ILE F 54 -18.23 24.81 -57.43
C ILE F 54 -19.70 24.75 -57.79
N GLY F 55 -20.02 23.97 -58.82
CA GLY F 55 -21.41 23.79 -59.26
C GLY F 55 -21.70 24.62 -60.50
N ILE F 56 -20.75 25.50 -60.83
CA ILE F 56 -20.86 26.33 -62.02
C ILE F 56 -19.62 26.16 -62.87
N LYS F 57 -19.81 26.00 -64.17
CA LYS F 57 -18.70 25.82 -65.09
C LYS F 57 -18.53 27.05 -65.97
N THR F 58 -17.55 27.02 -66.86
CA THR F 58 -17.31 28.18 -67.72
C THR F 58 -18.48 28.38 -68.65
N ASP F 59 -18.53 29.55 -69.29
CA ASP F 59 -19.68 29.96 -70.10
C ASP F 59 -20.91 30.17 -69.23
N ASP F 60 -20.67 30.38 -67.93
CA ASP F 60 -21.71 30.75 -66.97
C ASP F 60 -22.90 29.80 -66.98
N SER F 61 -22.61 28.51 -67.02
CA SER F 61 -23.66 27.49 -67.01
C SER F 61 -23.58 26.60 -65.79
N HIS F 62 -24.72 26.17 -65.29
CA HIS F 62 -24.75 25.29 -64.11
C HIS F 62 -24.33 23.87 -64.45
N ASP F 63 -23.49 23.30 -63.58
CA ASP F 63 -23.08 21.92 -63.72
C ASP F 63 -22.58 21.37 -62.39
N TRP F 64 -23.38 20.52 -61.76
CA TRP F 64 -23.07 20.05 -60.41
C TRP F 64 -21.89 19.09 -60.39
N THR F 65 -21.43 18.65 -61.56
CA THR F 65 -20.31 17.72 -61.63
C THR F 65 -18.99 18.45 -61.89
N LYS F 66 -19.06 19.77 -62.05
CA LYS F 66 -17.88 20.54 -62.41
C LYS F 66 -17.63 21.72 -61.47
N LEU F 67 -16.37 22.11 -61.37
CA LEU F 67 -16.00 23.36 -60.72
C LEU F 67 -15.22 24.22 -61.70
N ARG F 68 -15.22 25.52 -61.48
CA ARG F 68 -14.42 26.39 -62.30
C ARG F 68 -13.42 27.17 -61.45
N TYR F 69 -12.25 27.40 -62.01
CA TYR F 69 -11.15 28.03 -61.29
C TYR F 69 -10.40 28.99 -62.20
N MET F 70 -9.70 29.94 -61.61
CA MET F 70 -8.90 30.87 -62.39
C MET F 70 -7.58 30.24 -62.78
N ASP F 71 -7.16 30.50 -64.02
CA ASP F 71 -5.89 29.99 -64.53
C ASP F 71 -4.95 31.16 -64.85
N ASN F 72 -5.04 31.70 -66.05
CA ASN F 72 -4.22 32.83 -66.45
C ASN F 72 -5.04 33.87 -67.21
N HIS F 73 -5.61 34.81 -66.46
CA HIS F 73 -6.50 35.84 -67.02
C HIS F 73 -7.76 35.23 -67.61
N MET F 74 -8.11 34.04 -67.16
CA MET F 74 -9.33 33.38 -67.60
C MET F 74 -9.66 32.20 -66.70
N PRO F 75 -10.95 31.90 -66.51
CA PRO F 75 -11.49 30.74 -65.83
C PRO F 75 -11.30 29.48 -66.64
N ALA F 76 -11.28 28.34 -65.95
CA ALA F 76 -11.16 27.04 -66.60
C ALA F 76 -11.93 26.00 -65.80
N ASP F 77 -12.34 24.92 -66.48
CA ASP F 77 -13.12 23.88 -65.83
C ASP F 77 -12.28 22.75 -65.26
N ALA F 78 -12.81 22.10 -64.24
CA ALA F 78 -12.20 20.91 -63.64
C ALA F 78 -13.28 20.00 -63.06
N GLU F 79 -12.98 18.71 -62.94
CA GLU F 79 -13.94 17.76 -62.41
C GLU F 79 -14.15 17.97 -60.92
N ARG F 80 -15.41 17.94 -60.48
CA ARG F 80 -15.74 18.07 -59.07
C ARG F 80 -15.25 16.85 -58.30
N ALA F 81 -15.14 15.73 -58.98
CA ALA F 81 -14.70 14.48 -58.38
C ALA F 81 -13.27 14.60 -57.86
N GLY F 82 -12.52 15.56 -58.40
CA GLY F 82 -11.12 15.73 -58.01
C GLY F 82 -10.99 16.61 -56.77
N LEU F 83 -12.12 17.16 -56.31
CA LEU F 83 -12.12 18.04 -55.14
C LEU F 83 -11.97 17.24 -53.86
N PHE F 84 -11.07 17.68 -52.98
CA PHE F 84 -10.93 17.00 -51.70
C PHE F 84 -10.73 17.99 -50.56
N VAL F 85 -11.17 17.57 -49.37
CA VAL F 85 -10.93 18.29 -48.12
C VAL F 85 -10.37 17.32 -47.10
N ARG F 86 -9.30 17.70 -46.43
CA ARG F 86 -8.72 16.84 -45.40
C ARG F 86 -8.15 17.65 -44.24
N THR F 87 -8.05 17.00 -43.08
CA THR F 87 -7.36 17.58 -41.93
C THR F 87 -6.23 16.67 -41.51
N SER F 88 -6.48 15.85 -40.51
CA SER F 88 -5.54 14.81 -40.11
C SER F 88 -5.82 13.56 -40.93
N ALA F 89 -6.98 13.58 -41.58
CA ALA F 89 -7.47 12.50 -42.42
C ALA F 89 -8.52 13.08 -43.37
N PRO F 90 -8.84 12.39 -44.47
CA PRO F 90 -9.81 12.81 -45.47
C PRO F 90 -11.17 13.11 -44.84
N CYS F 91 -11.78 14.22 -45.27
CA CYS F 91 -13.08 14.67 -44.78
C CYS F 91 -14.19 14.25 -45.72
N THR F 92 -15.41 14.11 -45.20
CA THR F 92 -16.54 13.80 -46.05
C THR F 92 -17.30 15.07 -46.40
N ILE F 93 -17.41 15.36 -47.69
CA ILE F 93 -18.12 16.54 -48.15
C ILE F 93 -19.61 16.25 -48.23
N THR F 94 -20.43 17.08 -47.61
CA THR F 94 -21.86 16.83 -47.57
C THR F 94 -22.55 17.61 -48.68
N GLY F 95 -21.89 18.65 -49.17
CA GLY F 95 -22.42 19.42 -50.28
C GLY F 95 -21.56 20.65 -50.57
N THR F 96 -21.74 21.21 -51.76
CA THR F 96 -20.99 22.39 -52.18
C THR F 96 -21.86 23.36 -52.95
N MET F 97 -21.48 24.63 -52.92
CA MET F 97 -22.10 25.65 -53.75
C MET F 97 -21.24 26.88 -53.85
N GLY F 98 -20.84 27.23 -55.06
CA GLY F 98 -20.05 28.44 -55.26
C GLY F 98 -18.74 28.35 -54.50
N HIS F 99 -18.51 29.32 -53.63
CA HIS F 99 -17.27 29.40 -52.87
C HIS F 99 -17.32 28.64 -51.56
N PHE F 100 -18.44 27.99 -51.26
CA PHE F 100 -18.60 27.38 -49.96
C PHE F 100 -18.72 25.86 -49.99
N ILE F 101 -17.97 25.19 -49.12
CA ILE F 101 -17.97 23.75 -48.98
C ILE F 101 -18.40 23.29 -47.60
N LEU F 102 -19.34 22.36 -47.53
CA LEU F 102 -19.69 21.74 -46.24
C LEU F 102 -19.03 20.39 -46.12
N ALA F 103 -18.26 20.20 -45.05
CA ALA F 103 -17.56 18.93 -44.85
C ALA F 103 -17.49 18.55 -43.39
N ARG F 104 -17.53 17.24 -43.12
CA ARG F 104 -17.36 16.71 -41.78
C ARG F 104 -15.94 16.14 -41.63
N CYS F 105 -15.10 16.83 -40.88
CA CYS F 105 -13.69 16.46 -40.72
C CYS F 105 -13.39 15.79 -39.38
N PRO F 106 -12.48 14.82 -39.38
CA PRO F 106 -11.78 14.25 -38.25
C PRO F 106 -10.92 15.30 -37.55
N LYS F 107 -10.74 15.13 -36.24
CA LYS F 107 -9.97 16.08 -35.44
C LYS F 107 -8.55 16.22 -35.97
N GLY F 108 -8.07 17.46 -35.98
CA GLY F 108 -6.72 17.75 -36.48
C GLY F 108 -6.35 19.20 -36.23
N GLU F 109 -5.11 19.55 -36.56
CA GLU F 109 -4.61 20.90 -36.30
C GLU F 109 -4.49 21.75 -37.56
N THR F 110 -4.70 21.13 -38.72
CA THR F 110 -4.58 21.84 -39.99
C THR F 110 -5.75 21.48 -40.92
N LEU F 111 -6.01 22.35 -41.90
CA LEU F 111 -7.00 22.06 -42.92
C LEU F 111 -6.42 22.24 -44.31
N THR F 112 -6.59 21.23 -45.16
CA THR F 112 -6.10 21.30 -46.53
C THR F 112 -7.21 21.06 -47.54
N VAL F 113 -7.30 21.93 -48.52
CA VAL F 113 -8.28 21.80 -49.60
C VAL F 113 -7.60 21.88 -50.95
N GLY F 114 -8.04 21.05 -51.89
CA GLY F 114 -7.42 21.06 -53.21
C GLY F 114 -8.26 20.38 -54.28
N PHE F 115 -7.77 20.42 -55.52
CA PHE F 115 -8.49 19.88 -56.66
C PHE F 115 -7.52 19.51 -57.78
N THR F 116 -8.01 18.76 -58.77
CA THR F 116 -7.20 18.40 -59.93
C THR F 116 -7.43 19.38 -61.07
N ASP F 117 -6.35 19.85 -61.68
CA ASP F 117 -6.42 20.85 -62.75
C ASP F 117 -6.85 20.22 -64.08
N SER F 118 -6.99 21.06 -65.10
CA SER F 118 -7.37 20.59 -66.43
C SER F 118 -6.18 19.92 -67.11
N ARG F 119 -5.01 20.12 -66.53
CA ARG F 119 -3.77 19.55 -67.04
C ARG F 119 -3.36 18.34 -66.20
N LYS F 120 -4.28 17.87 -65.37
CA LYS F 120 -4.03 16.76 -64.46
C LYS F 120 -2.92 17.10 -63.46
N ILE F 121 -2.91 18.35 -63.02
CA ILE F 121 -1.97 18.80 -62.01
C ILE F 121 -2.69 19.05 -60.70
N SER F 122 -2.19 18.47 -59.62
CA SER F 122 -2.83 18.63 -58.33
C SER F 122 -2.52 20.01 -57.74
N HIS F 123 -3.55 20.65 -57.21
CA HIS F 123 -3.38 21.92 -56.50
C HIS F 123 -4.01 21.82 -55.13
N SER F 124 -3.34 22.35 -54.13
CA SER F 124 -3.88 22.34 -52.77
C SER F 124 -3.37 23.54 -51.98
N CYS F 125 -4.09 23.88 -50.91
CA CYS F 125 -3.68 24.93 -49.98
C CYS F 125 -3.88 24.47 -48.55
N THR F 126 -2.82 24.56 -47.76
CA THR F 126 -2.87 24.17 -46.35
C THR F 126 -2.81 25.39 -45.45
N HIS F 127 -3.78 25.47 -44.55
CA HIS F 127 -3.86 26.58 -43.61
C HIS F 127 -4.09 26.02 -42.21
N PRO F 128 -3.41 26.54 -41.19
CA PRO F 128 -3.53 26.12 -39.81
C PRO F 128 -4.94 26.33 -39.31
N PHE F 129 -5.48 25.35 -38.61
CA PHE F 129 -6.83 25.43 -38.09
C PHE F 129 -7.05 24.40 -37.02
N HIS F 130 -7.40 24.84 -35.82
CA HIS F 130 -7.63 23.91 -34.74
C HIS F 130 -9.04 23.36 -34.83
N HIS F 131 -9.15 22.06 -35.05
CA HIS F 131 -10.46 21.44 -35.20
C HIS F 131 -10.68 20.38 -34.14
N ASP F 132 -11.57 20.70 -33.21
CA ASP F 132 -11.88 19.83 -32.09
C ASP F 132 -13.28 20.16 -31.59
N PRO F 133 -14.31 19.56 -32.18
CA PRO F 133 -15.71 19.85 -31.97
C PRO F 133 -16.07 19.77 -30.48
N PRO F 134 -17.02 20.59 -30.03
CA PRO F 134 -17.49 20.70 -28.68
C PRO F 134 -18.22 19.43 -28.27
N VAL F 135 -18.22 19.14 -26.98
CA VAL F 135 -18.91 17.97 -26.49
C VAL F 135 -20.39 18.22 -26.31
N ILE F 136 -21.20 17.36 -26.90
CA ILE F 136 -22.64 17.44 -26.73
C ILE F 136 -23.07 16.39 -25.73
N GLY F 137 -23.66 16.83 -24.63
CA GLY F 137 -24.02 15.92 -23.57
C GLY F 137 -22.86 15.73 -22.60
N ARG F 138 -22.92 14.67 -21.80
CA ARG F 138 -21.97 14.45 -20.73
C ARG F 138 -20.99 13.32 -21.04
N GLU F 139 -20.97 12.88 -22.29
CA GLU F 139 -20.07 11.81 -22.71
C GLU F 139 -19.30 12.22 -23.96
N LYS F 140 -18.04 11.81 -24.04
CA LYS F 140 -17.23 12.11 -25.22
C LYS F 140 -17.19 10.92 -26.16
N PHE F 141 -17.88 11.02 -27.28
CA PHE F 141 -17.98 9.90 -28.21
C PHE F 141 -17.45 10.28 -29.58
N HIS F 142 -17.02 9.29 -30.34
CA HIS F 142 -16.40 9.52 -31.64
C HIS F 142 -17.34 9.24 -32.81
N SER F 143 -18.45 8.57 -32.53
CA SER F 143 -19.44 8.28 -33.56
C SER F 143 -20.83 8.15 -32.93
N ARG F 144 -21.86 8.40 -33.73
CA ARG F 144 -23.22 8.25 -33.22
C ARG F 144 -23.59 6.78 -33.08
N PRO F 145 -24.17 6.40 -31.93
CA PRO F 145 -24.59 5.06 -31.56
C PRO F 145 -25.88 4.64 -32.22
N GLN F 146 -26.12 3.33 -32.26
CA GLN F 146 -27.41 2.79 -32.66
C GLN F 146 -28.48 3.13 -31.63
N HIS F 147 -28.08 3.15 -30.36
CA HIS F 147 -29.01 3.39 -29.26
C HIS F 147 -28.52 4.55 -28.40
N GLY F 148 -29.43 5.46 -28.03
CA GLY F 148 -29.03 6.60 -27.23
C GLY F 148 -30.14 7.64 -27.04
N LYS F 149 -29.73 8.79 -26.54
CA LYS F 149 -30.62 9.91 -26.21
C LYS F 149 -30.42 11.05 -27.19
N GLU F 150 -31.38 11.95 -27.32
CA GLU F 150 -31.23 13.07 -28.24
C GLU F 150 -31.18 14.41 -27.52
N LEU F 151 -30.21 15.23 -27.91
CA LEU F 151 -30.00 16.56 -27.34
C LEU F 151 -29.98 17.62 -28.44
N PRO F 152 -30.36 18.87 -28.11
CA PRO F 152 -30.25 20.05 -28.96
C PRO F 152 -28.81 20.32 -29.40
N CYS F 153 -28.66 20.68 -30.69
CA CYS F 153 -27.38 21.06 -31.29
C CYS F 153 -27.60 21.90 -32.53
N SER F 154 -26.53 22.46 -33.10
CA SER F 154 -26.66 23.27 -34.30
C SER F 154 -25.95 22.62 -35.48
N THR F 155 -26.56 22.74 -36.65
CA THR F 155 -25.99 22.20 -37.89
C THR F 155 -26.12 23.17 -39.03
N TYR F 156 -25.43 22.89 -40.14
CA TYR F 156 -25.62 23.65 -41.35
C TYR F 156 -26.61 22.94 -42.25
N VAL F 157 -27.60 23.67 -42.74
CA VAL F 157 -28.63 23.10 -43.60
C VAL F 157 -28.08 22.97 -45.02
N GLN F 158 -28.43 21.87 -45.68
CA GLN F 158 -27.93 21.57 -47.02
C GLN F 158 -28.45 22.52 -48.10
N SER F 159 -29.49 23.26 -47.77
CA SER F 159 -30.12 24.18 -48.71
C SER F 159 -29.19 25.30 -49.15
N THR F 160 -29.30 25.67 -50.43
CA THR F 160 -28.52 26.74 -51.03
C THR F 160 -29.38 27.96 -51.29
N ALA F 161 -30.59 27.96 -50.74
CA ALA F 161 -31.52 29.06 -50.92
C ALA F 161 -31.00 30.30 -50.20
N ALA F 162 -31.47 31.47 -50.60
CA ALA F 162 -30.99 32.71 -50.01
C ALA F 162 -31.11 32.67 -48.49
N THR F 163 -30.04 33.07 -47.82
CA THR F 163 -29.96 33.05 -46.37
C THR F 163 -30.00 34.44 -45.77
N THR F 164 -30.11 35.44 -46.64
CA THR F 164 -30.11 36.87 -46.30
C THR F 164 -28.72 37.37 -45.91
N GLU F 165 -27.77 36.46 -45.73
CA GLU F 165 -26.38 36.86 -45.50
C GLU F 165 -25.68 36.94 -46.84
N GLU F 166 -24.93 38.02 -47.07
CA GLU F 166 -24.31 38.22 -48.37
C GLU F 166 -22.83 38.54 -48.30
N ILE F 167 -22.11 38.13 -49.33
CA ILE F 167 -20.70 38.43 -49.48
C ILE F 167 -20.53 39.41 -50.65
N GLU F 168 -19.79 40.49 -50.55
CA GLU F 168 -19.82 41.44 -51.70
C GLU F 168 -18.84 41.34 -52.85
N VAL F 169 -19.32 41.09 -54.07
CA VAL F 169 -18.44 41.11 -55.23
C VAL F 169 -18.06 42.52 -55.64
N HIS F 170 -16.85 42.71 -56.13
CA HIS F 170 -16.36 44.03 -56.46
C HIS F 170 -15.62 43.89 -57.75
N MET F 171 -15.33 44.99 -58.40
CA MET F 171 -14.56 44.97 -59.63
C MET F 171 -13.14 44.51 -59.38
N PRO F 172 -12.58 43.72 -60.28
CA PRO F 172 -11.18 43.32 -60.12
C PRO F 172 -10.08 44.40 -60.32
N PRO F 173 -8.88 44.33 -59.64
CA PRO F 173 -7.79 45.26 -59.85
C PRO F 173 -6.99 44.89 -61.08
N ASP F 174 -6.23 45.86 -61.60
CA ASP F 174 -5.36 45.57 -62.72
C ASP F 174 -4.45 44.42 -62.36
N THR F 175 -4.36 43.43 -63.24
CA THR F 175 -3.56 42.24 -62.96
C THR F 175 -2.24 42.26 -63.74
N PRO F 176 -1.11 42.38 -63.06
CA PRO F 176 0.23 42.49 -63.62
C PRO F 176 0.63 41.18 -64.25
N ASP F 177 1.38 41.26 -65.34
CA ASP F 177 1.88 40.05 -65.97
C ASP F 177 3.16 40.31 -66.76
N ARG F 178 4.26 39.74 -66.30
CA ARG F 178 5.57 39.93 -66.92
C ARG F 178 5.62 39.30 -68.30
N THR F 179 4.68 38.39 -68.58
CA THR F 179 4.66 37.65 -69.83
C THR F 179 4.20 38.54 -70.98
N LEU F 180 3.61 39.69 -70.65
CA LEU F 180 3.10 40.61 -71.65
C LEU F 180 4.22 41.38 -72.34
N MET F 181 5.41 41.35 -71.77
CA MET F 181 6.51 42.14 -72.32
C MET F 181 7.68 41.29 -72.79
N SER F 182 8.21 41.63 -73.96
CA SER F 182 9.38 40.95 -74.52
C SER F 182 10.36 41.95 -75.13
N GLN F 183 11.63 41.83 -74.78
CA GLN F 183 12.66 42.76 -75.25
C GLN F 183 13.38 42.25 -76.48
N GLN F 184 13.18 42.94 -77.60
CA GLN F 184 13.80 42.55 -78.86
C GLN F 184 14.78 43.61 -79.35
N SER F 185 16.06 43.43 -79.03
CA SER F 185 17.11 44.35 -79.46
C SER F 185 16.79 45.80 -79.14
N GLY F 186 16.29 46.06 -77.94
CA GLY F 186 15.99 47.42 -77.49
C GLY F 186 14.54 47.80 -77.73
N ASN F 187 13.82 46.97 -78.48
CA ASN F 187 12.42 47.21 -78.75
C ASN F 187 11.53 46.31 -77.90
N VAL F 188 10.83 46.88 -76.93
CA VAL F 188 10.01 46.08 -76.05
C VAL F 188 8.60 45.97 -76.56
N LYS F 189 8.17 44.74 -76.83
CA LYS F 189 6.84 44.50 -77.35
C LYS F 189 5.86 44.19 -76.23
N ILE F 190 4.74 44.90 -76.23
CA ILE F 190 3.68 44.65 -75.27
C ILE F 190 2.51 43.98 -75.97
N THR F 191 2.21 42.75 -75.57
CA THR F 191 1.14 42.02 -76.22
C THR F 191 -0.19 42.33 -75.55
N VAL F 192 -1.27 42.11 -76.28
CA VAL F 192 -2.60 42.34 -75.74
C VAL F 192 -3.42 41.04 -75.67
N ASN F 193 -3.43 40.29 -76.75
CA ASN F 193 -4.16 39.02 -76.81
C ASN F 193 -5.63 39.17 -76.48
N GLY F 194 -6.23 40.29 -76.90
CA GLY F 194 -7.67 40.49 -76.74
C GLY F 194 -8.04 41.20 -75.44
N GLN F 195 -7.10 41.35 -74.52
CA GLN F 195 -7.40 41.98 -73.24
C GLN F 195 -6.64 43.29 -73.08
N THR F 196 -7.35 44.39 -72.89
CA THR F 196 -6.73 45.70 -72.80
C THR F 196 -5.65 45.73 -71.73
N VAL F 197 -4.49 46.27 -72.10
CA VAL F 197 -3.34 46.32 -71.21
C VAL F 197 -2.91 47.74 -70.87
N ARG F 198 -2.67 47.98 -69.58
CA ARG F 198 -2.10 49.24 -69.13
C ARG F 198 -0.60 49.07 -69.00
N TYR F 199 0.15 50.05 -69.49
CA TYR F 199 1.60 49.98 -69.40
C TYR F 199 2.24 51.29 -68.98
N LYS F 200 3.36 51.18 -68.29
CA LYS F 200 4.21 52.32 -67.96
C LYS F 200 5.67 51.93 -68.05
N CYS F 201 6.52 52.82 -68.57
CA CYS F 201 7.94 52.53 -68.73
C CYS F 201 8.81 53.64 -68.15
N ASN F 202 10.02 53.26 -67.74
CA ASN F 202 11.06 54.19 -67.29
C ASN F 202 12.08 54.46 -68.40
N CYS F 203 11.65 54.25 -69.65
CA CYS F 203 12.48 54.33 -70.83
C CYS F 203 11.64 54.69 -72.05
N GLY F 204 12.30 55.05 -73.15
CA GLY F 204 11.57 55.34 -74.38
C GLY F 204 10.60 56.49 -74.15
N GLY F 205 9.34 56.29 -74.54
CA GLY F 205 8.33 57.31 -74.31
C GLY F 205 7.97 57.38 -72.83
N SER F 206 7.78 58.59 -72.33
CA SER F 206 7.46 58.79 -70.92
C SER F 206 5.95 58.73 -70.66
N ASN F 207 5.19 58.61 -71.73
CA ASN F 207 3.73 58.63 -71.64
C ASN F 207 3.13 57.24 -71.44
N GLU F 208 2.58 57.01 -70.26
CA GLU F 208 1.89 55.76 -69.95
C GLU F 208 0.52 55.77 -70.59
N GLY F 209 -0.06 54.59 -70.79
CA GLY F 209 -1.38 54.54 -71.42
C GLY F 209 -1.93 53.13 -71.56
N LEU F 210 -3.04 53.03 -72.28
CA LEU F 210 -3.71 51.76 -72.52
C LEU F 210 -3.58 51.36 -73.98
N THR F 211 -3.53 50.06 -74.23
CA THR F 211 -3.58 49.58 -75.61
C THR F 211 -4.55 48.43 -75.78
N THR F 212 -5.14 48.34 -76.96
CA THR F 212 -6.00 47.23 -77.33
C THR F 212 -5.34 46.39 -78.43
N THR F 213 -4.19 46.85 -78.90
CA THR F 213 -3.43 46.14 -79.92
C THR F 213 -1.96 46.05 -79.51
N ASP F 214 -1.25 45.09 -80.09
CA ASP F 214 0.15 44.93 -79.76
C ASP F 214 0.94 46.19 -80.10
N LYS F 215 1.78 46.63 -79.18
CA LYS F 215 2.58 47.84 -79.37
C LYS F 215 4.04 47.61 -79.04
N VAL F 216 4.92 48.35 -79.71
CA VAL F 216 6.35 48.23 -79.46
C VAL F 216 6.97 49.57 -79.04
N ILE F 217 7.69 49.55 -77.92
CA ILE F 217 8.36 50.76 -77.45
C ILE F 217 9.87 50.66 -77.67
N ASN F 218 10.42 51.64 -78.37
CA ASN F 218 11.83 51.67 -78.71
C ASN F 218 12.68 52.19 -77.57
N ASN F 219 13.97 51.88 -77.62
CA ASN F 219 14.93 52.33 -76.61
C ASN F 219 14.53 51.92 -75.19
N CYS F 220 14.06 50.67 -75.04
CA CYS F 220 13.62 50.14 -73.76
C CYS F 220 14.15 48.74 -73.47
N LYS F 221 14.30 48.46 -72.18
CA LYS F 221 14.60 47.14 -71.69
C LYS F 221 13.39 46.60 -70.94
N VAL F 222 13.26 45.28 -70.87
CA VAL F 222 12.08 44.70 -70.25
C VAL F 222 11.98 45.04 -68.76
N ASP F 223 13.12 45.21 -68.11
CA ASP F 223 13.14 45.49 -66.68
C ASP F 223 12.70 46.91 -66.36
N GLN F 224 12.62 47.76 -67.39
CA GLN F 224 12.23 49.14 -67.20
C GLN F 224 10.74 49.40 -67.48
N CYS F 225 10.00 48.34 -67.85
CA CYS F 225 8.57 48.47 -68.17
C CYS F 225 7.72 47.59 -67.27
N HIS F 226 6.50 48.05 -67.00
CA HIS F 226 5.52 47.33 -66.23
C HIS F 226 4.18 47.31 -66.96
N ALA F 227 3.46 46.20 -66.88
CA ALA F 227 2.18 46.11 -67.58
C ALA F 227 1.20 45.24 -66.83
N ALA F 228 -0.09 45.55 -66.98
CA ALA F 228 -1.17 44.81 -66.34
C ALA F 228 -2.43 44.82 -67.20
N VAL F 229 -3.26 43.80 -67.03
CA VAL F 229 -4.52 43.72 -67.75
C VAL F 229 -5.61 44.52 -67.06
N THR F 230 -6.29 45.39 -67.82
CA THR F 230 -7.35 46.24 -67.27
C THR F 230 -8.73 45.79 -67.72
N ASN F 231 -8.80 44.97 -68.77
CA ASN F 231 -10.09 44.57 -69.31
C ASN F 231 -10.69 43.43 -68.52
N HIS F 232 -11.69 43.75 -67.71
CA HIS F 232 -12.39 42.75 -66.90
C HIS F 232 -13.89 42.96 -67.00
N LYS F 233 -14.63 41.87 -67.18
CA LYS F 233 -16.07 41.96 -67.35
C LYS F 233 -16.83 41.39 -66.16
N LYS F 234 -16.19 40.53 -65.39
CA LYS F 234 -16.88 39.82 -64.31
C LYS F 234 -16.45 40.30 -62.93
N TRP F 235 -17.32 40.09 -61.95
CA TRP F 235 -17.10 40.53 -60.57
C TRP F 235 -16.55 39.39 -59.71
N GLN F 236 -15.71 39.74 -58.73
CA GLN F 236 -15.16 38.73 -57.83
C GLN F 236 -15.25 39.18 -56.37
N TYR F 237 -15.20 38.22 -55.46
CA TYR F 237 -15.21 38.54 -54.03
C TYR F 237 -14.08 39.48 -53.68
N ASN F 238 -14.40 40.51 -52.90
CA ASN F 238 -13.38 41.48 -52.49
C ASN F 238 -12.56 40.94 -51.35
N SER F 239 -11.81 39.89 -51.66
CA SER F 239 -10.98 39.18 -50.69
C SER F 239 -9.88 40.05 -50.11
N PRO F 240 -9.53 39.86 -48.83
CA PRO F 240 -8.45 40.50 -48.11
C PRO F 240 -7.10 40.10 -48.69
N LEU F 241 -7.10 39.07 -49.55
CA LEU F 241 -5.87 38.58 -50.15
C LEU F 241 -5.59 39.20 -51.52
N VAL F 242 -6.46 40.11 -51.96
CA VAL F 242 -6.23 40.83 -53.22
C VAL F 242 -6.40 42.33 -52.98
N PRO F 243 -5.67 43.17 -53.73
CA PRO F 243 -5.69 44.61 -53.66
C PRO F 243 -7.01 45.21 -54.13
N ARG F 244 -7.40 46.34 -53.53
CA ARG F 244 -8.60 47.08 -53.89
C ARG F 244 -8.33 48.03 -55.05
N ASN F 245 -9.37 48.33 -55.82
CA ASN F 245 -9.25 49.17 -57.02
C ASN F 245 -8.95 50.63 -56.68
N ALA F 246 -9.48 51.10 -55.56
CA ALA F 246 -9.41 52.52 -55.22
C ALA F 246 -9.60 52.70 -53.72
N GLU F 247 -9.48 53.94 -53.26
CA GLU F 247 -9.72 54.24 -51.86
C GLU F 247 -11.10 53.75 -51.46
N LEU F 248 -12.05 53.86 -52.38
CA LEU F 248 -13.40 53.36 -52.14
C LEU F 248 -13.65 52.13 -53.01
N GLY F 249 -14.43 51.18 -52.50
CA GLY F 249 -14.79 50.00 -53.26
C GLY F 249 -15.88 50.31 -54.28
N ASP F 250 -15.95 49.51 -55.34
CA ASP F 250 -16.95 49.70 -56.38
C ASP F 250 -18.24 48.93 -56.12
N ARG F 251 -18.13 47.77 -55.45
CA ARG F 251 -19.28 46.90 -55.25
C ARG F 251 -19.91 46.49 -56.58
N LYS F 252 -21.11 46.99 -56.85
CA LYS F 252 -21.84 46.63 -58.06
C LYS F 252 -22.20 45.15 -58.13
N GLY F 253 -22.60 44.58 -56.98
CA GLY F 253 -23.09 43.21 -56.96
C GLY F 253 -22.87 42.53 -55.61
N LYS F 254 -23.70 41.52 -55.33
CA LYS F 254 -23.59 40.73 -54.10
C LYS F 254 -23.95 39.27 -54.35
N ILE F 255 -23.35 38.38 -53.56
CA ILE F 255 -23.67 36.95 -53.60
C ILE F 255 -24.15 36.48 -52.23
N HIS F 256 -25.25 35.74 -52.19
CA HIS F 256 -25.73 35.22 -50.91
C HIS F 256 -24.86 34.05 -50.46
N ILE F 257 -24.78 33.85 -49.15
CA ILE F 257 -24.01 32.73 -48.61
C ILE F 257 -24.92 31.57 -48.23
N PRO F 258 -24.77 30.41 -48.88
CA PRO F 258 -25.59 29.22 -48.79
C PRO F 258 -25.34 28.49 -47.49
N PHE F 259 -26.21 27.54 -47.18
CA PHE F 259 -26.04 26.69 -46.01
C PHE F 259 -26.15 27.46 -44.70
N PRO F 260 -27.36 27.86 -44.31
CA PRO F 260 -27.70 28.57 -43.09
C PRO F 260 -27.57 27.66 -41.87
N LEU F 261 -27.37 28.25 -40.71
CA LEU F 261 -27.31 27.52 -39.46
C LEU F 261 -28.73 27.26 -38.94
N ALA F 262 -28.96 26.09 -38.33
CA ALA F 262 -30.31 25.76 -37.88
C ALA F 262 -30.32 24.91 -36.61
N ASN F 263 -31.45 24.94 -35.91
CA ASN F 263 -31.66 24.18 -34.68
C ASN F 263 -32.11 22.75 -34.96
N VAL F 264 -31.24 21.80 -34.63
CA VAL F 264 -31.52 20.38 -34.82
C VAL F 264 -31.13 19.61 -33.58
N THR F 265 -31.44 18.31 -33.56
CA THR F 265 -31.01 17.48 -32.44
C THR F 265 -29.91 16.51 -32.88
N CYS F 266 -29.10 16.07 -31.91
CA CYS F 266 -28.00 15.13 -32.12
C CYS F 266 -28.18 13.91 -31.21
N ARG F 267 -27.82 12.74 -31.73
CA ARG F 267 -27.90 11.51 -30.96
C ARG F 267 -26.63 11.31 -30.14
N VAL F 268 -26.80 11.01 -28.85
CA VAL F 268 -25.68 10.75 -27.96
C VAL F 268 -25.90 9.42 -27.25
N PRO F 269 -24.82 8.69 -26.94
CA PRO F 269 -24.79 7.40 -26.30
C PRO F 269 -25.14 7.49 -24.82
N LYS F 270 -25.54 6.36 -24.26
CA LYS F 270 -25.78 6.26 -22.83
C LYS F 270 -24.87 5.19 -22.24
N ALA F 271 -24.07 5.60 -21.26
CA ALA F 271 -23.07 4.73 -20.64
C ALA F 271 -23.73 3.52 -19.98
N ARG F 272 -22.99 2.41 -19.96
CA ARG F 272 -23.48 1.17 -19.38
C ARG F 272 -23.84 1.33 -17.91
N ASN F 273 -24.89 0.62 -17.50
CA ASN F 273 -25.29 0.63 -16.11
C ASN F 273 -24.16 0.09 -15.24
N PRO F 274 -23.77 0.80 -14.19
CA PRO F 274 -22.72 0.46 -13.25
C PRO F 274 -23.14 -0.68 -12.36
N THR F 275 -22.18 -1.42 -11.83
CA THR F 275 -22.48 -2.44 -10.84
C THR F 275 -22.47 -1.77 -9.47
N VAL F 276 -23.57 -1.91 -8.73
CA VAL F 276 -23.70 -1.17 -7.49
C VAL F 276 -23.88 -2.07 -6.28
N THR F 277 -23.06 -1.84 -5.27
CA THR F 277 -23.18 -2.52 -3.98
C THR F 277 -23.28 -1.48 -2.88
N TYR F 278 -23.76 -1.89 -1.71
CA TYR F 278 -24.00 -0.91 -0.65
C TYR F 278 -23.28 -1.24 0.65
N GLY F 279 -22.91 -0.18 1.36
CA GLY F 279 -22.34 -0.29 2.69
C GLY F 279 -23.05 0.67 3.64
N LYS F 280 -22.50 0.87 4.83
CA LYS F 280 -23.17 1.74 5.79
C LYS F 280 -22.99 3.20 5.38
N ASN F 281 -24.11 3.83 5.02
CA ASN F 281 -24.11 5.19 4.50
C ASN F 281 -23.13 5.31 3.34
N GLN F 282 -23.06 4.26 2.53
CA GLN F 282 -22.08 4.23 1.45
C GLN F 282 -22.61 3.54 0.20
N VAL F 283 -22.30 4.12 -0.95
CA VAL F 283 -22.64 3.50 -2.23
C VAL F 283 -21.38 3.25 -3.05
N ILE F 284 -21.19 2.00 -3.45
CA ILE F 284 -20.00 1.65 -4.20
C ILE F 284 -20.35 1.30 -5.63
N MET F 285 -19.77 2.00 -6.58
CA MET F 285 -20.09 1.77 -7.98
C MET F 285 -18.86 1.33 -8.77
N LEU F 286 -19.05 0.32 -9.62
CA LEU F 286 -18.01 -0.06 -10.56
C LEU F 286 -18.43 0.38 -11.96
N LEU F 287 -17.65 1.30 -12.52
CA LEU F 287 -18.00 1.95 -13.77
C LEU F 287 -17.41 1.24 -14.98
N TYR F 288 -18.17 1.18 -16.08
CA TYR F 288 -17.72 0.53 -17.30
C TYR F 288 -17.88 1.42 -18.52
N PRO F 289 -17.09 2.48 -18.66
CA PRO F 289 -17.08 3.40 -19.78
C PRO F 289 -16.44 2.78 -21.01
N ASP F 290 -16.93 3.17 -22.19
CA ASP F 290 -16.28 2.84 -23.46
C ASP F 290 -15.39 4.01 -23.88
N HIS F 291 -15.80 5.18 -23.47
CA HIS F 291 -15.18 6.45 -23.82
C HIS F 291 -15.34 7.38 -22.63
N PRO F 292 -14.54 8.45 -22.54
CA PRO F 292 -14.51 9.32 -21.39
C PRO F 292 -15.92 9.74 -21.03
N THR F 293 -16.29 9.50 -19.78
CA THR F 293 -17.63 9.74 -19.30
C THR F 293 -17.62 10.57 -18.04
N LEU F 294 -18.47 11.59 -17.98
CA LEU F 294 -18.51 12.46 -16.82
C LEU F 294 -19.36 11.87 -15.71
N LEU F 295 -18.79 11.78 -14.53
CA LEU F 295 -19.50 11.37 -13.34
C LEU F 295 -19.62 12.54 -12.39
N SER F 296 -20.83 12.81 -11.91
CA SER F 296 -21.00 13.90 -10.96
C SER F 296 -22.09 13.59 -9.97
N TYR F 297 -22.00 14.23 -8.81
CA TYR F 297 -23.00 14.02 -7.77
C TYR F 297 -23.14 15.21 -6.86
N ARG F 298 -24.30 15.33 -6.24
CA ARG F 298 -24.60 16.40 -5.30
C ARG F 298 -25.43 15.88 -4.13
N ASN F 299 -25.29 16.54 -2.99
CA ASN F 299 -26.17 16.30 -1.86
C ASN F 299 -27.49 17.00 -2.14
N MET F 300 -28.58 16.45 -1.61
CA MET F 300 -29.89 17.02 -1.85
C MET F 300 -30.36 17.92 -0.70
N GLY F 301 -29.41 18.35 0.13
CA GLY F 301 -29.71 19.22 1.25
C GLY F 301 -29.26 20.67 1.02
N GLU F 302 -28.96 21.37 2.09
CA GLU F 302 -28.59 22.78 2.05
C GLU F 302 -27.28 23.01 1.31
N GLU F 303 -26.33 22.11 1.50
CA GLU F 303 -25.00 22.24 0.90
C GLU F 303 -24.69 21.07 -0.04
N PRO F 304 -24.88 21.25 -1.35
CA PRO F 304 -24.83 20.22 -2.36
C PRO F 304 -23.44 19.61 -2.49
N ASN F 305 -22.41 20.36 -2.10
CA ASN F 305 -21.06 19.84 -2.16
C ASN F 305 -20.79 19.19 -3.52
N TYR F 306 -21.10 19.90 -4.58
CA TYR F 306 -21.00 19.31 -5.91
C TYR F 306 -19.58 18.88 -6.25
N GLN F 307 -19.47 17.66 -6.76
CA GLN F 307 -18.19 17.14 -7.22
C GLN F 307 -18.35 16.44 -8.56
N GLU F 308 -17.32 16.49 -9.38
CA GLU F 308 -17.36 15.81 -10.67
C GLU F 308 -15.98 15.33 -11.11
N GLU F 309 -15.96 14.26 -11.90
CA GLU F 309 -14.72 13.78 -12.49
C GLU F 309 -14.98 13.09 -13.82
N TRP F 310 -13.99 13.10 -14.70
CA TRP F 310 -14.08 12.33 -15.93
C TRP F 310 -13.44 10.96 -15.75
N VAL F 311 -14.12 9.93 -16.22
CA VAL F 311 -13.62 8.57 -16.11
C VAL F 311 -13.31 8.00 -17.48
N MET F 312 -12.06 7.63 -17.71
CA MET F 312 -11.63 7.12 -19.01
C MET F 312 -11.38 5.62 -19.02
N HIS F 313 -11.67 4.97 -17.90
CA HIS F 313 -11.42 3.54 -17.78
C HIS F 313 -12.27 2.92 -16.69
N LYS F 314 -12.28 1.59 -16.63
CA LYS F 314 -13.03 0.92 -15.58
C LYS F 314 -12.49 1.36 -14.24
N LYS F 315 -13.39 1.80 -13.37
CA LYS F 315 -13.00 2.36 -12.09
C LYS F 315 -14.01 2.06 -11.00
N GLU F 316 -13.51 1.88 -9.78
CA GLU F 316 -14.39 1.73 -8.63
C GLU F 316 -14.47 3.03 -7.84
N VAL F 317 -15.68 3.56 -7.71
CA VAL F 317 -15.88 4.82 -7.02
C VAL F 317 -16.74 4.63 -5.78
N VAL F 318 -16.25 5.11 -4.65
CA VAL F 318 -16.98 5.00 -3.40
C VAL F 318 -17.54 6.34 -2.96
N LEU F 319 -18.87 6.42 -2.86
CA LEU F 319 -19.52 7.66 -2.50
C LEU F 319 -20.15 7.59 -1.12
N THR F 320 -20.08 8.69 -0.39
CA THR F 320 -20.70 8.78 0.92
C THR F 320 -22.09 9.38 0.82
N VAL F 321 -23.07 8.72 1.45
CA VAL F 321 -24.44 9.18 1.39
C VAL F 321 -24.87 9.82 2.70
N PRO F 322 -25.21 11.11 2.70
CA PRO F 322 -25.66 11.90 3.83
C PRO F 322 -27.10 11.58 4.17
N THR F 323 -27.55 12.03 5.33
CA THR F 323 -28.92 11.77 5.78
C THR F 323 -29.96 12.27 4.79
N GLU F 324 -29.71 13.44 4.21
CA GLU F 324 -30.65 14.04 3.27
C GLU F 324 -30.71 13.32 1.92
N GLY F 325 -29.73 12.46 1.66
CA GLY F 325 -29.71 11.72 0.40
C GLY F 325 -28.72 12.29 -0.61
N LEU F 326 -28.27 11.41 -1.51
CA LEU F 326 -27.29 11.76 -2.54
C LEU F 326 -27.85 11.52 -3.94
N GLU F 327 -27.60 12.46 -4.86
CA GLU F 327 -27.98 12.27 -6.25
C GLU F 327 -26.76 12.09 -7.14
N VAL F 328 -26.74 11.02 -7.93
CA VAL F 328 -25.59 10.70 -8.76
C VAL F 328 -25.96 10.61 -10.24
N THR F 329 -25.21 11.34 -11.08
CA THR F 329 -25.44 11.29 -12.52
C THR F 329 -24.27 10.68 -13.25
N TRP F 330 -24.54 9.60 -13.98
CA TRP F 330 -23.50 8.87 -14.71
C TRP F 330 -23.65 9.06 -16.22
N GLY F 331 -22.77 9.86 -16.80
CA GLY F 331 -22.83 10.15 -18.23
C GLY F 331 -24.15 10.81 -18.60
N ASN F 332 -24.80 10.28 -19.64
CA ASN F 332 -26.06 10.83 -20.12
C ASN F 332 -27.27 10.10 -19.53
N ASN F 333 -27.01 9.22 -18.57
CA ASN F 333 -28.09 8.47 -17.93
C ASN F 333 -28.87 9.34 -16.97
N GLU F 334 -30.14 9.01 -16.78
CA GLU F 334 -30.95 9.68 -15.79
C GLU F 334 -30.35 9.45 -14.40
N PRO F 335 -30.38 10.47 -13.54
CA PRO F 335 -29.75 10.53 -12.24
C PRO F 335 -30.34 9.50 -11.28
N TYR F 336 -29.48 8.97 -10.41
CA TYR F 336 -29.89 8.02 -9.39
C TYR F 336 -29.99 8.73 -8.06
N LYS F 337 -30.97 8.37 -7.24
CA LYS F 337 -31.06 8.96 -5.91
C LYS F 337 -30.94 7.89 -4.85
N TYR F 338 -30.14 8.18 -3.82
CA TYR F 338 -29.93 7.24 -2.74
C TYR F 338 -30.20 7.86 -1.37
N TRP F 339 -30.84 7.08 -0.50
CA TRP F 339 -31.04 7.46 0.90
C TRP F 339 -30.61 6.33 1.81
N PRO F 340 -30.02 6.64 2.97
CA PRO F 340 -29.61 5.71 4.00
C PRO F 340 -30.79 5.18 4.78
N GLN F 341 -30.64 3.95 5.28
CA GLN F 341 -31.57 3.36 6.22
C GLN F 341 -30.94 3.25 7.59
N LEU F 342 -31.76 3.13 8.62
CA LEU F 342 -31.25 3.00 9.98
C LEU F 342 -30.89 1.55 10.29
N SER F 343 -29.91 1.03 9.55
CA SER F 343 -29.44 -0.34 9.76
C SER F 343 -28.35 -0.38 10.82
N THR F 344 -28.24 -1.51 11.51
CA THR F 344 -27.19 -1.70 12.50
C THR F 344 -26.60 -3.10 12.44
N ASN F 345 -25.40 -3.25 12.99
CA ASN F 345 -24.82 -4.56 13.22
C ASN F 345 -25.12 -4.95 14.66
N GLY F 346 -25.42 -3.94 15.47
CA GLY F 346 -25.85 -4.14 16.84
C GLY F 346 -27.37 -4.30 16.85
N THR F 347 -27.98 -4.28 18.03
CA THR F 347 -29.42 -4.47 18.10
C THR F 347 -30.04 -3.75 19.29
N ALA F 348 -31.30 -3.37 19.15
CA ALA F 348 -32.05 -2.79 20.25
C ALA F 348 -32.46 -3.90 21.19
N HIS F 349 -32.73 -3.55 22.45
CA HIS F 349 -33.10 -4.54 23.45
C HIS F 349 -31.90 -5.43 23.74
N GLY F 350 -32.14 -6.60 24.32
CA GLY F 350 -31.04 -7.50 24.63
C GLY F 350 -30.14 -6.93 25.71
N HIS F 351 -28.84 -7.19 25.59
CA HIS F 351 -27.86 -6.77 26.59
C HIS F 351 -27.52 -5.28 26.44
N PRO F 352 -27.20 -4.59 27.52
CA PRO F 352 -26.82 -3.18 27.58
C PRO F 352 -25.75 -2.81 26.56
N HIS F 353 -24.78 -3.69 26.33
CA HIS F 353 -23.72 -3.36 25.38
C HIS F 353 -24.20 -3.47 23.94
N GLU F 354 -25.25 -4.27 23.73
CA GLU F 354 -25.83 -4.40 22.40
C GLU F 354 -26.66 -3.18 22.08
N ILE F 355 -27.25 -2.59 23.12
CA ILE F 355 -28.07 -1.40 23.00
C ILE F 355 -27.22 -0.18 22.69
N ILE F 356 -26.08 -0.05 23.37
CA ILE F 356 -25.18 1.07 23.12
C ILE F 356 -24.64 1.00 21.70
N LEU F 357 -24.30 -0.20 21.25
CA LEU F 357 -23.80 -0.36 19.89
C LEU F 357 -24.87 0.02 18.87
N TYR F 358 -26.11 -0.39 19.15
CA TYR F 358 -27.22 -0.07 18.26
C TYR F 358 -27.35 1.42 18.05
N TYR F 359 -27.37 2.17 19.15
CA TYR F 359 -27.54 3.62 19.05
C TYR F 359 -26.27 4.32 18.60
N TYR F 360 -25.12 3.75 18.92
CA TYR F 360 -23.86 4.34 18.47
C TYR F 360 -23.76 4.33 16.96
N GLU F 361 -24.10 3.20 16.36
CA GLU F 361 -24.02 3.04 14.92
C GLU F 361 -25.00 3.97 14.18
N LEU F 362 -26.17 4.20 14.77
CA LEU F 362 -27.16 5.06 14.13
C LEU F 362 -26.90 6.54 14.40
N TYR F 363 -26.58 6.86 15.65
CA TYR F 363 -26.40 8.24 16.06
C TYR F 363 -25.12 8.43 16.87
N PRO F 364 -23.95 8.28 16.25
CA PRO F 364 -22.64 8.22 16.87
C PRO F 364 -22.28 9.53 17.56
N THR F 365 -22.91 10.63 17.16
CA THR F 365 -22.62 11.91 17.75
C THR F 365 -23.41 12.11 19.04
N MET F 366 -24.70 11.80 18.99
CA MET F 366 -25.54 11.95 20.17
C MET F 366 -25.22 10.89 21.20
N THR F 367 -24.85 9.69 20.74
CA THR F 367 -24.60 8.59 21.66
C THR F 367 -23.43 8.90 22.56
N VAL F 368 -22.37 9.44 21.99
CA VAL F 368 -21.18 9.76 22.77
C VAL F 368 -21.46 10.90 23.75
N VAL F 369 -22.17 11.92 23.29
CA VAL F 369 -22.47 13.04 24.16
C VAL F 369 -23.40 12.65 25.29
N VAL F 370 -24.45 11.90 24.99
CA VAL F 370 -25.41 11.51 26.01
C VAL F 370 -24.80 10.56 27.03
N VAL F 371 -24.03 9.58 26.56
CA VAL F 371 -23.41 8.63 27.46
C VAL F 371 -22.34 9.29 28.31
N SER F 372 -21.52 10.16 27.71
CA SER F 372 -20.47 10.82 28.45
C SER F 372 -21.03 11.75 29.52
N VAL F 373 -22.08 12.49 29.17
CA VAL F 373 -22.70 13.40 30.11
C VAL F 373 -23.47 12.65 31.19
N ALA F 374 -24.22 11.62 30.79
CA ALA F 374 -25.00 10.86 31.75
C ALA F 374 -24.09 10.19 32.76
N SER F 375 -22.94 9.69 32.28
CA SER F 375 -21.99 9.05 33.17
C SER F 375 -21.42 10.04 34.16
N PHE F 376 -21.08 11.23 33.66
CA PHE F 376 -20.56 12.30 34.50
C PHE F 376 -21.56 12.68 35.59
N VAL F 377 -22.81 12.89 35.21
CA VAL F 377 -23.82 13.33 36.16
C VAL F 377 -24.09 12.27 37.21
N LEU F 378 -24.17 11.00 36.80
CA LEU F 378 -24.43 9.94 37.75
C LEU F 378 -23.28 9.78 38.72
N LEU F 379 -22.05 9.90 38.23
CA LEU F 379 -20.88 9.83 39.10
C LEU F 379 -20.83 11.00 40.05
N SER F 380 -21.22 12.18 39.55
CA SER F 380 -21.25 13.38 40.38
C SER F 380 -22.25 13.23 41.52
N MET F 381 -23.42 12.67 41.21
CA MET F 381 -24.44 12.45 42.22
C MET F 381 -23.95 11.51 43.31
N VAL F 382 -23.23 10.47 42.91
CA VAL F 382 -22.68 9.54 43.89
C VAL F 382 -21.64 10.22 44.77
N GLY F 383 -20.78 11.02 44.16
CA GLY F 383 -19.76 11.74 44.91
C GLY F 383 -20.38 12.68 45.93
N VAL F 384 -21.52 13.28 45.58
CA VAL F 384 -22.23 14.15 46.49
C VAL F 384 -22.83 13.35 47.65
N ALA F 385 -23.41 12.20 47.33
CA ALA F 385 -23.99 11.34 48.36
C ALA F 385 -22.93 10.91 49.35
N VAL F 386 -21.73 10.64 48.85
CA VAL F 386 -20.63 10.25 49.73
C VAL F 386 -20.19 11.43 50.58
N GLY F 387 -20.11 12.61 49.97
CA GLY F 387 -19.72 13.80 50.70
C GLY F 387 -20.71 14.11 51.82
N MET F 388 -22.00 13.91 51.55
CA MET F 388 -23.01 14.14 52.58
C MET F 388 -22.88 13.13 53.71
N CYS F 389 -22.57 11.89 53.37
CA CYS F 389 -22.38 10.86 54.37
C CYS F 389 -21.18 11.16 55.24
N MET F 390 -20.10 11.65 54.63
CA MET F 390 -18.89 11.99 55.37
C MET F 390 -19.13 13.20 56.27
N CYS F 391 -19.95 14.13 55.82
CA CYS F 391 -20.28 15.29 56.63
C CYS F 391 -21.06 14.85 57.86
N ALA F 392 -22.02 13.96 57.65
CA ALA F 392 -22.82 13.43 58.74
C ALA F 392 -21.95 12.64 59.71
N ARG F 393 -20.97 11.91 59.16
CA ARG F 393 -20.07 11.11 59.97
C ARG F 393 -19.22 11.97 60.89
N ARG F 394 -18.79 13.12 60.40
CA ARG F 394 -17.99 14.02 61.22
C ARG F 394 -18.87 14.75 62.25
N ARG F 395 -20.02 15.23 61.82
CA ARG F 395 -20.87 16.06 62.67
C ARG F 395 -21.43 15.31 63.87
N CYS F 396 -21.75 14.03 63.69
CA CYS F 396 -22.33 13.27 64.80
C CYS F 396 -21.28 12.60 65.69
N ILE F 397 -20.02 12.68 65.29
CA ILE F 397 -18.96 12.03 66.05
C ILE F 397 -18.03 13.01 66.73
N THR F 398 -17.76 14.13 66.08
CA THR F 398 -16.81 15.09 66.62
C THR F 398 -17.03 15.38 68.11
N PRO F 399 -18.27 15.60 68.57
CA PRO F 399 -18.61 15.88 69.96
C PRO F 399 -18.14 14.77 70.90
N TYR F 400 -18.02 13.55 70.39
CA TYR F 400 -17.54 12.44 71.21
C TYR F 400 -16.04 12.55 71.39
N GLU F 401 -15.36 13.00 70.35
CA GLU F 401 -13.91 13.18 70.41
C GLU F 401 -13.56 14.35 71.32
N LEU F 402 -14.39 15.38 71.26
CA LEU F 402 -14.17 16.58 72.08
C LEU F 402 -14.37 16.27 73.56
N THR F 403 -15.33 15.41 73.86
CA THR F 403 -15.64 15.01 75.22
C THR F 403 -14.57 14.03 75.76
N PRO F 404 -13.99 14.31 76.93
CA PRO F 404 -13.02 13.47 77.60
C PRO F 404 -13.54 12.05 77.76
N GLY F 405 -12.68 11.07 77.47
CA GLY F 405 -13.02 9.66 77.57
C GLY F 405 -13.48 9.06 76.25
N ALA F 406 -13.86 9.91 75.28
CA ALA F 406 -14.28 9.44 73.96
C ALA F 406 -15.25 8.27 74.10
N THR F 407 -16.25 8.43 74.95
CA THR F 407 -17.16 7.34 75.30
C THR F 407 -18.21 7.07 74.23
N VAL F 408 -17.74 6.62 73.07
CA VAL F 408 -18.62 6.26 71.96
C VAL F 408 -19.27 4.90 72.22
N PRO F 409 -20.60 4.80 72.13
CA PRO F 409 -21.39 3.59 72.31
C PRO F 409 -21.11 2.59 71.19
N PHE F 410 -21.25 1.31 71.51
CA PHE F 410 -20.91 0.24 70.58
C PHE F 410 -21.64 0.33 69.25
N LEU F 411 -22.94 0.58 69.30
CA LEU F 411 -23.74 0.58 68.08
C LEU F 411 -23.32 1.72 67.15
N LEU F 412 -23.00 2.86 67.73
CA LEU F 412 -22.59 4.01 66.92
C LEU F 412 -21.25 3.74 66.24
N SER F 413 -20.37 3.02 66.93
CA SER F 413 -19.07 2.70 66.39
C SER F 413 -19.19 1.83 65.15
N LEU F 414 -20.18 0.94 65.14
CA LEU F 414 -20.42 0.09 63.97
C LEU F 414 -21.03 0.87 62.82
N ILE F 415 -21.92 1.80 63.15
CA ILE F 415 -22.64 2.57 62.14
C ILE F 415 -21.74 3.57 61.42
N CYS F 416 -20.92 4.27 62.17
CA CYS F 416 -20.09 5.33 61.60
C CYS F 416 -18.69 4.84 61.23
N CYS F 417 -18.44 3.55 61.43
CA CYS F 417 -17.14 2.98 61.12
C CYS F 417 -16.01 3.73 61.82
N ILE F 418 -16.11 3.83 63.14
CA ILE F 418 -15.14 4.56 63.94
C ILE F 418 -14.58 3.68 65.06
N ARG F 419 -13.46 4.11 65.63
CA ARG F 419 -12.79 3.35 66.67
C ARG F 419 -13.13 3.85 68.06
N THR F 420 -12.99 2.97 69.05
CA THR F 420 -13.31 3.28 70.44
C THR F 420 -12.19 4.02 71.16
N ALA F 421 -12.48 4.45 72.39
CA ALA F 421 -11.58 5.27 73.19
C ALA F 421 -10.26 4.58 73.46
N LYS F 422 -10.28 3.26 73.58
CA LYS F 422 -9.09 2.49 73.91
C LYS F 422 -8.41 1.85 72.69
N ALA F 423 -8.82 2.25 71.48
CA ALA F 423 -8.27 1.72 70.23
C ALA F 423 -6.87 2.26 69.96
N LYS G 3 -14.01 -22.76 -55.18
CA LYS G 3 -15.27 -23.35 -54.79
C LYS G 3 -14.99 -24.13 -53.55
N ASP G 4 -13.87 -23.79 -52.93
CA ASP G 4 -13.49 -24.57 -51.78
C ASP G 4 -14.24 -24.09 -50.56
N ASN G 5 -15.20 -24.87 -50.08
CA ASN G 5 -15.94 -24.58 -48.85
C ASN G 5 -16.94 -23.44 -48.92
N PHE G 6 -17.22 -22.94 -50.11
CA PHE G 6 -18.15 -21.82 -50.27
C PHE G 6 -19.52 -22.38 -50.51
N ASN G 7 -19.65 -23.68 -50.41
CA ASN G 7 -20.91 -24.35 -50.67
C ASN G 7 -21.98 -23.92 -49.71
N VAL G 8 -21.62 -23.70 -48.46
CA VAL G 8 -22.61 -23.39 -47.46
C VAL G 8 -23.39 -22.12 -47.74
N TYR G 9 -23.11 -21.45 -48.84
CA TYR G 9 -23.78 -20.19 -49.12
C TYR G 9 -24.75 -20.29 -50.30
N LYS G 10 -24.81 -21.45 -50.96
CA LYS G 10 -25.59 -21.56 -52.18
C LYS G 10 -27.08 -21.31 -51.95
N ALA G 11 -27.59 -21.60 -50.78
CA ALA G 11 -28.99 -21.32 -50.58
C ALA G 11 -29.18 -20.14 -49.68
N THR G 12 -28.21 -19.23 -49.64
CA THR G 12 -28.29 -18.12 -48.71
C THR G 12 -28.19 -16.79 -49.36
N ARG G 13 -28.69 -15.77 -48.68
CA ARG G 13 -28.70 -14.47 -49.29
C ARG G 13 -28.22 -13.23 -48.52
N PRO G 14 -27.41 -12.32 -49.14
CA PRO G 14 -27.12 -11.05 -48.49
C PRO G 14 -28.39 -10.38 -48.00
N TYR G 15 -28.26 -9.53 -47.00
CA TYR G 15 -29.43 -8.83 -46.47
C TYR G 15 -29.14 -7.37 -46.12
N LEU G 16 -30.19 -6.57 -46.07
CA LEU G 16 -30.08 -5.19 -45.64
C LEU G 16 -30.37 -5.07 -44.16
N ALA G 17 -29.70 -4.15 -43.48
CA ALA G 17 -29.94 -3.92 -42.06
C ALA G 17 -29.62 -2.49 -41.68
N HIS G 18 -30.16 -2.05 -40.56
CA HIS G 18 -29.98 -0.67 -40.11
C HIS G 18 -28.53 -0.39 -39.71
N CYS G 19 -28.04 0.80 -40.07
CA CYS G 19 -26.72 1.29 -39.72
C CYS G 19 -26.80 2.71 -39.14
N PRO G 20 -26.26 2.92 -37.94
CA PRO G 20 -26.34 4.15 -37.16
C PRO G 20 -25.69 5.33 -37.86
N ASP G 21 -24.72 5.07 -38.72
CA ASP G 21 -24.04 6.13 -39.46
C ASP G 21 -23.61 5.64 -40.82
N CYS G 22 -24.25 6.17 -41.86
CA CYS G 22 -24.01 5.75 -43.24
C CYS G 22 -22.97 6.63 -43.92
N GLY G 23 -22.21 7.36 -43.11
CA GLY G 23 -21.07 8.14 -43.58
C GLY G 23 -21.33 9.65 -43.56
N GLU G 24 -22.59 10.04 -43.50
CA GLU G 24 -22.94 11.45 -43.47
C GLU G 24 -23.35 11.93 -42.08
N GLY G 25 -23.22 11.07 -41.08
CA GLY G 25 -23.63 11.42 -39.72
C GLY G 25 -25.10 11.11 -39.51
N HIS G 26 -25.72 10.47 -40.50
CA HIS G 26 -27.12 10.10 -40.46
C HIS G 26 -27.28 8.60 -40.62
N SER G 27 -28.31 8.05 -39.98
CA SER G 27 -28.56 6.62 -40.06
C SER G 27 -29.39 6.27 -41.29
N CYS G 28 -29.29 5.01 -41.73
CA CYS G 28 -30.09 4.48 -42.82
C CYS G 28 -30.01 2.95 -42.84
N HIS G 29 -30.83 2.32 -43.67
CA HIS G 29 -30.69 0.90 -43.93
C HIS G 29 -29.61 0.71 -44.99
N SER G 30 -28.70 -0.22 -44.76
CA SER G 30 -27.53 -0.31 -45.61
C SER G 30 -27.10 -1.75 -45.94
N PRO G 31 -26.62 -1.98 -47.17
CA PRO G 31 -26.10 -3.22 -47.69
C PRO G 31 -24.77 -3.60 -47.06
N VAL G 32 -24.14 -2.65 -46.38
CA VAL G 32 -22.87 -2.90 -45.74
C VAL G 32 -22.99 -2.86 -44.24
N ALA G 33 -24.21 -3.04 -43.74
CA ALA G 33 -24.44 -2.97 -42.31
C ALA G 33 -23.48 -3.91 -41.60
N LEU G 34 -22.90 -3.41 -40.52
CA LEU G 34 -21.91 -4.14 -39.75
C LEU G 34 -22.55 -4.81 -38.54
N GLU G 35 -22.34 -6.12 -38.42
CA GLU G 35 -22.98 -6.89 -37.36
C GLU G 35 -22.14 -6.99 -36.09
N ARG G 36 -20.88 -7.37 -36.25
CA ARG G 36 -20.03 -7.59 -35.10
C ARG G 36 -18.55 -7.45 -35.42
N ILE G 37 -17.77 -7.03 -34.44
CA ILE G 37 -16.32 -7.03 -34.56
C ILE G 37 -15.72 -7.96 -33.52
N ARG G 38 -14.95 -8.93 -33.98
CA ARG G 38 -14.32 -9.88 -33.08
C ARG G 38 -12.83 -9.61 -32.96
N ASN G 39 -12.34 -9.47 -31.74
CA ASN G 39 -10.94 -9.16 -31.50
C ASN G 39 -10.31 -10.09 -30.48
N GLU G 40 -10.59 -11.40 -30.61
CA GLU G 40 -10.05 -12.37 -29.66
C GLU G 40 -8.56 -12.58 -29.87
N ALA G 41 -8.07 -12.24 -31.05
CA ALA G 41 -6.65 -12.37 -31.37
C ALA G 41 -5.86 -11.38 -30.54
N THR G 42 -4.65 -11.78 -30.16
CA THR G 42 -3.80 -10.91 -29.34
C THR G 42 -2.70 -10.29 -30.18
N ASP G 43 -2.65 -10.64 -31.46
CA ASP G 43 -1.66 -10.05 -32.36
C ASP G 43 -2.21 -8.80 -33.02
N GLY G 44 -3.43 -8.41 -32.65
CA GLY G 44 -4.04 -7.19 -33.15
C GLY G 44 -4.93 -7.38 -34.38
N THR G 45 -5.03 -8.60 -34.88
CA THR G 45 -5.87 -8.86 -36.05
C THR G 45 -7.35 -8.77 -35.70
N LEU G 46 -8.13 -8.10 -36.55
CA LEU G 46 -9.56 -8.01 -36.35
C LEU G 46 -10.32 -8.93 -37.29
N LYS G 47 -11.42 -9.48 -36.80
CA LYS G 47 -12.31 -10.32 -37.59
C LYS G 47 -13.70 -9.68 -37.63
N ILE G 48 -14.08 -9.20 -38.81
CA ILE G 48 -15.25 -8.34 -38.96
C ILE G 48 -16.39 -9.06 -39.68
N GLN G 49 -17.59 -9.03 -39.09
CA GLN G 49 -18.76 -9.68 -39.68
C GLN G 49 -19.73 -8.67 -40.27
N VAL G 50 -20.00 -8.79 -41.58
CA VAL G 50 -20.86 -7.85 -42.30
C VAL G 50 -21.99 -8.56 -43.05
N SER G 51 -23.00 -7.78 -43.46
CA SER G 51 -24.16 -8.30 -44.17
C SER G 51 -23.85 -8.70 -45.63
N LEU G 52 -22.67 -8.34 -46.11
CA LEU G 52 -22.22 -8.67 -47.46
C LEU G 52 -21.78 -10.12 -47.54
N GLN G 53 -21.87 -10.71 -48.73
CA GLN G 53 -21.28 -12.03 -48.95
C GLN G 53 -20.17 -11.95 -49.99
N ILE G 54 -18.93 -12.09 -49.54
CA ILE G 54 -17.75 -11.86 -50.36
C ILE G 54 -17.20 -13.15 -50.97
N GLY G 55 -16.90 -13.10 -52.27
CA GLY G 55 -16.33 -14.24 -52.99
C GLY G 55 -17.42 -15.08 -53.64
N ILE G 56 -18.65 -14.59 -53.54
CA ILE G 56 -19.80 -15.30 -54.08
C ILE G 56 -20.59 -14.41 -55.02
N LYS G 57 -20.96 -14.95 -56.17
CA LYS G 57 -21.76 -14.21 -57.15
C LYS G 57 -23.25 -14.51 -56.98
N THR G 58 -24.08 -13.70 -57.62
CA THR G 58 -25.53 -13.87 -57.51
C THR G 58 -26.02 -15.13 -58.21
N ASP G 59 -25.16 -15.73 -59.01
CA ASP G 59 -25.48 -16.98 -59.70
C ASP G 59 -25.04 -18.19 -58.87
N ASP G 60 -24.62 -17.91 -57.64
CA ASP G 60 -24.19 -18.91 -56.66
C ASP G 60 -22.86 -19.57 -57.01
N SER G 61 -22.17 -19.06 -58.01
CA SER G 61 -20.83 -19.55 -58.32
C SER G 61 -19.80 -18.87 -57.42
N HIS G 62 -18.61 -19.46 -57.35
CA HIS G 62 -17.53 -18.87 -56.57
C HIS G 62 -16.63 -18.01 -57.45
N ASP G 63 -16.37 -16.79 -56.98
CA ASP G 63 -15.46 -15.86 -57.65
C ASP G 63 -14.84 -14.93 -56.65
N TRP G 64 -13.57 -15.13 -56.36
CA TRP G 64 -12.89 -14.39 -55.30
C TRP G 64 -12.73 -12.91 -55.62
N THR G 65 -12.97 -12.54 -56.88
CA THR G 65 -12.82 -11.14 -57.29
C THR G 65 -14.13 -10.37 -57.15
N LYS G 66 -15.20 -11.07 -56.78
CA LYS G 66 -16.52 -10.45 -56.69
C LYS G 66 -17.18 -10.64 -55.33
N LEU G 67 -18.02 -9.69 -54.95
CA LEU G 67 -18.88 -9.83 -53.78
C LEU G 67 -20.32 -9.67 -54.22
N ARG G 68 -21.24 -10.22 -53.44
CA ARG G 68 -22.65 -9.99 -53.73
C ARG G 68 -23.34 -9.34 -52.53
N TYR G 69 -24.27 -8.45 -52.84
CA TYR G 69 -24.95 -7.65 -51.83
C TYR G 69 -26.43 -7.54 -52.18
N MET G 70 -27.24 -7.22 -51.19
CA MET G 70 -28.66 -7.06 -51.44
C MET G 70 -28.95 -5.67 -52.00
N ASP G 71 -29.82 -5.63 -52.99
CA ASP G 71 -30.27 -4.39 -53.60
C ASP G 71 -31.79 -4.40 -53.73
N ASN G 72 -32.47 -3.72 -52.82
CA ASN G 72 -33.91 -3.82 -52.74
C ASN G 72 -34.35 -5.26 -52.51
N HIS G 73 -34.97 -5.88 -53.50
CA HIS G 73 -35.47 -7.24 -53.36
C HIS G 73 -34.58 -8.29 -54.03
N MET G 74 -33.49 -7.86 -54.64
CA MET G 74 -32.61 -8.78 -55.36
C MET G 74 -31.15 -8.60 -54.97
N PRO G 75 -30.38 -9.69 -54.92
CA PRO G 75 -28.93 -9.74 -54.88
C PRO G 75 -28.32 -9.10 -56.12
N ALA G 76 -27.14 -8.51 -55.95
CA ALA G 76 -26.42 -7.89 -57.05
C ALA G 76 -24.92 -8.06 -56.87
N ASP G 77 -24.17 -8.04 -57.97
CA ASP G 77 -22.72 -8.22 -57.92
C ASP G 77 -21.97 -6.89 -57.84
N ALA G 78 -20.79 -6.92 -57.23
CA ALA G 78 -19.88 -5.79 -57.21
C ALA G 78 -18.44 -6.28 -57.08
N GLU G 79 -17.48 -5.46 -57.53
CA GLU G 79 -16.09 -5.85 -57.47
C GLU G 79 -15.56 -5.91 -56.04
N ARG G 80 -14.84 -6.99 -55.72
CA ARG G 80 -14.23 -7.15 -54.41
C ARG G 80 -13.10 -6.15 -54.22
N ALA G 81 -12.56 -5.67 -55.33
CA ALA G 81 -11.46 -4.72 -55.30
C ALA G 81 -11.90 -3.40 -54.68
N GLY G 82 -13.20 -3.14 -54.67
CA GLY G 82 -13.71 -1.89 -54.14
C GLY G 82 -14.00 -1.98 -52.64
N LEU G 83 -13.78 -3.14 -52.06
CA LEU G 83 -14.04 -3.36 -50.64
C LEU G 83 -12.95 -2.73 -49.78
N PHE G 84 -13.35 -2.02 -48.73
CA PHE G 84 -12.37 -1.41 -47.84
C PHE G 84 -12.78 -1.47 -46.38
N VAL G 85 -11.77 -1.38 -45.52
CA VAL G 85 -11.95 -1.26 -44.08
C VAL G 85 -11.13 -0.07 -43.59
N ARG G 86 -11.67 0.71 -42.66
CA ARG G 86 -10.94 1.85 -42.14
C ARG G 86 -11.21 2.09 -40.66
N THR G 87 -10.21 2.61 -39.96
CA THR G 87 -10.40 3.05 -38.58
C THR G 87 -10.00 4.51 -38.45
N SER G 88 -8.80 4.74 -37.91
CA SER G 88 -8.24 6.08 -37.85
C SER G 88 -7.47 6.36 -39.13
N ALA G 89 -7.23 5.30 -39.87
CA ALA G 89 -6.48 5.31 -41.11
C ALA G 89 -6.86 4.07 -41.91
N PRO G 90 -6.58 4.00 -43.21
CA PRO G 90 -6.88 2.88 -44.08
C PRO G 90 -6.35 1.59 -43.48
N CYS G 91 -7.19 0.55 -43.50
CA CYS G 91 -6.89 -0.74 -42.88
C CYS G 91 -6.58 -1.78 -43.96
N THR G 92 -5.65 -2.68 -43.65
CA THR G 92 -5.26 -3.70 -44.61
C THR G 92 -6.09 -4.97 -44.43
N ILE G 93 -6.71 -5.42 -45.52
CA ILE G 93 -7.49 -6.65 -45.49
C ILE G 93 -6.58 -7.82 -45.83
N THR G 94 -6.60 -8.84 -44.97
CA THR G 94 -5.71 -9.98 -45.14
C THR G 94 -6.41 -11.14 -45.82
N GLY G 95 -7.73 -11.12 -45.80
CA GLY G 95 -8.51 -12.14 -46.49
C GLY G 95 -10.00 -11.99 -46.22
N THR G 96 -10.82 -12.60 -47.07
CA THR G 96 -12.27 -12.51 -46.93
C THR G 96 -12.96 -13.83 -47.26
N MET G 97 -14.14 -14.02 -46.69
CA MET G 97 -15.02 -15.12 -47.07
C MET G 97 -16.43 -14.92 -46.57
N GLY G 98 -17.39 -14.86 -47.48
CA GLY G 98 -18.78 -14.74 -47.07
C GLY G 98 -18.99 -13.46 -46.27
N HIS G 99 -19.47 -13.62 -45.04
CA HIS G 99 -19.77 -12.47 -44.19
C HIS G 99 -18.59 -12.02 -43.36
N PHE G 100 -17.46 -12.70 -43.47
CA PHE G 100 -16.35 -12.42 -42.58
C PHE G 100 -15.11 -11.85 -43.27
N ILE G 101 -14.56 -10.80 -42.68
CA ILE G 101 -13.36 -10.13 -43.20
C ILE G 101 -12.23 -10.13 -42.16
N LEU G 102 -11.03 -10.53 -42.57
CA LEU G 102 -9.86 -10.38 -41.71
C LEU G 102 -9.09 -9.15 -42.11
N ALA G 103 -8.71 -8.33 -41.14
CA ALA G 103 -7.96 -7.14 -41.44
C ALA G 103 -7.06 -6.72 -40.27
N ARG G 104 -5.99 -6.00 -40.60
CA ARG G 104 -5.06 -5.48 -39.61
C ARG G 104 -5.13 -3.95 -39.60
N CYS G 105 -5.85 -3.39 -38.62
CA CYS G 105 -6.14 -1.96 -38.58
C CYS G 105 -5.25 -1.24 -37.56
N PRO G 106 -4.93 0.03 -37.83
CA PRO G 106 -4.27 0.97 -36.96
C PRO G 106 -5.21 1.40 -35.83
N LYS G 107 -4.63 1.81 -34.70
CA LYS G 107 -5.39 2.19 -33.52
C LYS G 107 -6.36 3.32 -33.80
N GLY G 108 -7.56 3.21 -33.23
CA GLY G 108 -8.59 4.22 -33.39
C GLY G 108 -9.84 3.87 -32.59
N GLU G 109 -10.73 4.84 -32.45
CA GLU G 109 -11.95 4.66 -31.65
C GLU G 109 -13.17 4.27 -32.47
N THR G 110 -13.03 4.25 -33.79
CA THR G 110 -14.13 3.87 -34.66
C THR G 110 -13.67 2.88 -35.72
N LEU G 111 -14.62 2.14 -36.28
CA LEU G 111 -14.33 1.24 -37.40
C LEU G 111 -15.44 1.31 -38.43
N THR G 112 -15.05 1.38 -39.69
CA THR G 112 -16.04 1.43 -40.77
C THR G 112 -15.69 0.49 -41.90
N VAL G 113 -16.71 0.08 -42.64
CA VAL G 113 -16.55 -0.78 -43.81
C VAL G 113 -17.34 -0.21 -44.98
N GLY G 114 -16.99 -0.60 -46.20
CA GLY G 114 -17.79 -0.19 -47.35
C GLY G 114 -17.29 -0.74 -48.67
N PHE G 115 -18.06 -0.47 -49.74
CA PHE G 115 -17.71 -0.92 -51.08
C PHE G 115 -18.40 -0.03 -52.12
N THR G 116 -17.96 -0.14 -53.38
CA THR G 116 -18.59 0.61 -54.47
C THR G 116 -19.69 -0.22 -55.13
N ASP G 117 -20.85 0.38 -55.33
CA ASP G 117 -22.01 -0.31 -55.88
C ASP G 117 -21.90 -0.49 -57.39
N SER G 118 -22.88 -1.16 -57.99
CA SER G 118 -22.90 -1.43 -59.43
C SER G 118 -23.22 -0.17 -60.21
N ARG G 119 -23.72 0.83 -59.50
CA ARG G 119 -24.08 2.11 -60.08
C ARG G 119 -22.99 3.12 -59.74
N LYS G 120 -21.88 2.63 -59.24
CA LYS G 120 -20.76 3.46 -58.78
C LYS G 120 -21.18 4.39 -57.66
N ILE G 121 -22.03 3.87 -56.77
CA ILE G 121 -22.44 4.59 -55.58
C ILE G 121 -21.72 4.02 -54.37
N SER G 122 -21.08 4.88 -53.59
CA SER G 122 -20.35 4.41 -52.43
C SER G 122 -21.30 4.07 -51.29
N HIS G 123 -21.05 2.94 -50.64
CA HIS G 123 -21.80 2.56 -49.44
C HIS G 123 -20.85 2.31 -48.29
N SER G 124 -21.17 2.85 -47.13
CA SER G 124 -20.34 2.65 -45.95
C SER G 124 -21.19 2.58 -44.70
N CYS G 125 -20.63 1.97 -43.64
CA CYS G 125 -21.27 1.89 -42.34
C CYS G 125 -20.22 2.06 -41.24
N THR G 126 -20.49 2.95 -40.30
CA THR G 126 -19.54 3.22 -39.24
C THR G 126 -20.13 2.92 -37.86
N HIS G 127 -19.35 2.21 -37.06
CA HIS G 127 -19.70 1.93 -35.67
C HIS G 127 -18.56 2.33 -34.76
N PRO G 128 -18.86 2.70 -33.52
CA PRO G 128 -17.90 2.94 -32.46
C PRO G 128 -17.20 1.64 -32.13
N PHE G 129 -15.89 1.69 -31.97
CA PHE G 129 -15.12 0.51 -31.63
C PHE G 129 -13.74 0.89 -31.14
N HIS G 130 -13.41 0.49 -29.92
CA HIS G 130 -12.11 0.84 -29.39
C HIS G 130 -11.08 -0.19 -29.82
N HIS G 131 -10.21 0.21 -30.73
CA HIS G 131 -9.19 -0.69 -31.24
C HIS G 131 -7.84 -0.31 -30.67
N ASP G 132 -7.35 -1.15 -29.77
CA ASP G 132 -6.09 -0.90 -29.09
C ASP G 132 -5.50 -2.23 -28.62
N PRO G 133 -4.74 -2.91 -29.49
CA PRO G 133 -4.19 -4.23 -29.29
C PRO G 133 -3.36 -4.28 -28.01
N PRO G 134 -3.35 -5.42 -27.33
CA PRO G 134 -2.66 -5.69 -26.10
C PRO G 134 -1.17 -5.69 -26.34
N VAL G 135 -0.40 -5.40 -25.30
CA VAL G 135 1.04 -5.40 -25.41
C VAL G 135 1.60 -6.80 -25.26
N ILE G 136 2.41 -7.22 -26.21
CA ILE G 136 3.08 -8.51 -26.13
C ILE G 136 4.51 -8.28 -25.67
N GLY G 137 4.85 -8.85 -24.53
CA GLY G 137 6.17 -8.63 -23.96
C GLY G 137 6.19 -7.38 -23.10
N ARG G 138 7.37 -6.86 -22.86
CA ARG G 138 7.58 -5.76 -21.92
C ARG G 138 7.90 -4.45 -22.63
N GLU G 139 7.71 -4.42 -23.94
CA GLU G 139 7.97 -3.22 -24.72
C GLU G 139 6.77 -2.88 -25.61
N LYS G 140 6.49 -1.60 -25.77
CA LYS G 140 5.39 -1.17 -26.63
C LYS G 140 5.92 -0.74 -27.99
N PHE G 141 5.65 -1.54 -29.01
CA PHE G 141 6.18 -1.26 -30.34
C PHE G 141 5.07 -1.16 -31.37
N HIS G 142 5.33 -0.44 -32.46
CA HIS G 142 4.31 -0.18 -33.46
C HIS G 142 4.47 -1.05 -34.71
N SER G 143 5.63 -1.70 -34.84
CA SER G 143 5.89 -2.58 -35.96
C SER G 143 6.88 -3.66 -35.57
N ARG G 144 6.84 -4.80 -36.27
CA ARG G 144 7.79 -5.87 -35.98
C ARG G 144 9.18 -5.50 -36.46
N PRO G 145 10.20 -5.73 -35.62
CA PRO G 145 11.60 -5.40 -35.81
C PRO G 145 12.31 -6.37 -36.75
N GLN G 146 13.46 -5.94 -37.25
CA GLN G 146 14.35 -6.81 -38.00
C GLN G 146 14.94 -7.90 -37.11
N HIS G 147 15.21 -7.54 -35.86
CA HIS G 147 15.80 -8.44 -34.88
C HIS G 147 15.10 -8.33 -33.55
N GLY G 148 14.88 -9.47 -32.88
CA GLY G 148 14.22 -9.44 -31.59
C GLY G 148 13.93 -10.84 -31.04
N LYS G 149 13.16 -10.86 -29.97
CA LYS G 149 12.79 -12.08 -29.26
C LYS G 149 11.44 -12.58 -29.73
N GLU G 150 11.14 -13.86 -29.50
CA GLU G 150 9.87 -14.41 -29.92
C GLU G 150 9.01 -14.85 -28.74
N LEU G 151 7.76 -14.39 -28.71
CA LEU G 151 6.80 -14.69 -27.65
C LEU G 151 5.49 -15.20 -28.23
N PRO G 152 4.78 -16.07 -27.50
CA PRO G 152 3.51 -16.66 -27.87
C PRO G 152 2.40 -15.62 -27.96
N CYS G 153 1.52 -15.80 -28.95
CA CYS G 153 0.36 -14.93 -29.19
C CYS G 153 -0.72 -15.66 -29.96
N SER G 154 -1.87 -15.04 -30.12
CA SER G 154 -2.98 -15.69 -30.82
C SER G 154 -3.43 -14.90 -32.03
N THR G 155 -3.63 -15.60 -33.14
CA THR G 155 -4.03 -14.98 -34.40
C THR G 155 -5.19 -15.71 -35.04
N TYR G 156 -5.73 -15.14 -36.10
CA TYR G 156 -6.73 -15.82 -36.90
C TYR G 156 -6.06 -16.41 -38.13
N VAL G 157 -6.27 -17.70 -38.35
CA VAL G 157 -5.64 -18.38 -39.46
C VAL G 157 -6.44 -18.19 -40.74
N GLN G 158 -5.87 -18.59 -41.87
CA GLN G 158 -6.50 -18.37 -43.16
C GLN G 158 -7.43 -19.52 -43.55
N SER G 159 -7.53 -20.53 -42.68
CA SER G 159 -8.39 -21.68 -42.97
C SER G 159 -9.83 -21.25 -43.20
N THR G 160 -10.45 -21.84 -44.22
CA THR G 160 -11.80 -21.49 -44.61
C THR G 160 -12.81 -22.59 -44.34
N ALA G 161 -12.42 -23.64 -43.62
CA ALA G 161 -13.31 -24.78 -43.43
C ALA G 161 -13.06 -25.53 -42.14
N ALA G 162 -14.06 -26.31 -41.73
CA ALA G 162 -13.96 -27.19 -40.57
C ALA G 162 -13.58 -26.42 -39.30
N THR G 163 -14.23 -25.29 -39.09
CA THR G 163 -13.95 -24.47 -37.91
C THR G 163 -14.85 -24.83 -36.73
N THR G 164 -15.92 -25.59 -37.02
CA THR G 164 -16.87 -26.12 -36.05
C THR G 164 -17.79 -25.05 -35.41
N GLU G 165 -17.43 -23.78 -35.57
CA GLU G 165 -18.29 -22.70 -35.08
C GLU G 165 -19.23 -22.27 -36.19
N GLU G 166 -20.52 -22.16 -35.89
CA GLU G 166 -21.50 -21.89 -36.93
C GLU G 166 -22.51 -20.79 -36.57
N ILE G 167 -23.00 -20.11 -37.60
CA ILE G 167 -24.09 -19.14 -37.44
C ILE G 167 -25.37 -19.70 -38.03
N GLU G 168 -26.49 -19.50 -37.34
CA GLU G 168 -27.77 -20.01 -37.81
C GLU G 168 -28.30 -19.16 -38.96
N VAL G 169 -28.84 -19.82 -39.98
CA VAL G 169 -29.43 -19.13 -41.12
C VAL G 169 -30.89 -19.49 -41.12
N HIS G 170 -31.78 -18.51 -41.20
CA HIS G 170 -33.19 -18.75 -41.07
C HIS G 170 -33.93 -18.10 -42.19
N MET G 171 -35.20 -18.46 -42.36
CA MET G 171 -36.01 -17.88 -43.40
C MET G 171 -36.28 -16.42 -43.16
N PRO G 172 -36.37 -15.64 -44.22
CA PRO G 172 -36.61 -14.23 -43.89
C PRO G 172 -38.05 -13.68 -43.62
N PRO G 173 -38.26 -12.54 -42.88
CA PRO G 173 -39.55 -11.91 -42.69
C PRO G 173 -40.08 -11.31 -43.98
N ASP G 174 -41.37 -11.08 -44.03
CA ASP G 174 -41.95 -10.39 -45.17
C ASP G 174 -41.28 -9.04 -45.33
N THR G 175 -40.94 -8.68 -46.55
CA THR G 175 -40.23 -7.43 -46.80
C THR G 175 -41.18 -6.33 -47.31
N PRO G 176 -41.43 -5.30 -46.51
CA PRO G 176 -42.28 -4.16 -46.80
C PRO G 176 -41.74 -3.38 -47.96
N ASP G 177 -42.63 -2.88 -48.80
CA ASP G 177 -42.20 -2.02 -49.89
C ASP G 177 -43.31 -1.09 -50.35
N ARG G 178 -43.16 0.19 -50.06
CA ARG G 178 -44.18 1.19 -50.40
C ARG G 178 -44.24 1.43 -51.91
N THR G 179 -43.24 0.93 -52.63
CA THR G 179 -43.18 1.12 -54.07
C THR G 179 -44.05 0.09 -54.79
N LEU G 180 -44.48 -0.95 -54.09
CA LEU G 180 -45.33 -1.96 -54.68
C LEU G 180 -46.70 -1.39 -55.01
N MET G 181 -47.18 -0.50 -54.17
CA MET G 181 -48.51 0.05 -54.34
C MET G 181 -48.46 1.47 -54.89
N SER G 182 -49.37 1.75 -55.82
CA SER G 182 -49.52 3.08 -56.39
C SER G 182 -50.99 3.35 -56.62
N GLN G 183 -51.35 4.63 -56.65
CA GLN G 183 -52.76 5.00 -56.77
C GLN G 183 -53.08 5.54 -58.15
N GLN G 184 -53.93 4.81 -58.87
CA GLN G 184 -54.35 5.21 -60.21
C GLN G 184 -55.86 5.44 -60.23
N SER G 185 -56.25 6.68 -60.53
CA SER G 185 -57.66 7.05 -60.55
C SER G 185 -58.36 6.68 -59.25
N GLY G 186 -57.66 6.88 -58.13
CA GLY G 186 -58.22 6.64 -56.81
C GLY G 186 -58.16 5.16 -56.39
N ASN G 187 -57.58 4.32 -57.23
CA ASN G 187 -57.51 2.88 -56.94
C ASN G 187 -56.08 2.41 -56.73
N VAL G 188 -55.89 1.41 -55.89
CA VAL G 188 -54.58 0.84 -55.66
C VAL G 188 -54.35 -0.40 -56.52
N LYS G 189 -53.28 -0.38 -57.30
CA LYS G 189 -53.01 -1.43 -58.29
C LYS G 189 -52.30 -2.66 -57.74
N ILE G 190 -51.47 -2.48 -56.72
CA ILE G 190 -50.63 -3.55 -56.18
C ILE G 190 -49.80 -4.21 -57.27
N THR G 191 -48.59 -3.70 -57.49
CA THR G 191 -47.68 -4.29 -58.46
C THR G 191 -46.93 -5.44 -57.80
N VAL G 192 -46.88 -6.58 -58.48
CA VAL G 192 -46.25 -7.77 -57.91
C VAL G 192 -44.83 -8.00 -58.43
N ASN G 193 -44.64 -7.83 -59.74
CA ASN G 193 -43.35 -8.03 -60.38
C ASN G 193 -42.79 -9.43 -60.16
N GLY G 194 -43.66 -10.43 -60.11
CA GLY G 194 -43.24 -11.83 -60.05
C GLY G 194 -42.98 -12.33 -58.62
N GLN G 195 -43.02 -11.43 -57.64
CA GLN G 195 -42.76 -11.83 -56.26
C GLN G 195 -44.03 -11.77 -55.44
N THR G 196 -44.44 -12.90 -54.86
CA THR G 196 -45.71 -12.95 -54.14
C THR G 196 -45.78 -11.86 -53.08
N VAL G 197 -46.90 -11.13 -53.08
CA VAL G 197 -47.11 -10.02 -52.16
C VAL G 197 -48.27 -10.26 -51.20
N ARG G 198 -48.02 -10.01 -49.93
CA ARG G 198 -49.06 -10.03 -48.92
C ARG G 198 -49.55 -8.62 -48.66
N TYR G 199 -50.86 -8.44 -48.65
CA TYR G 199 -51.41 -7.13 -48.36
C TYR G 199 -52.64 -7.22 -47.47
N LYS G 200 -52.85 -6.19 -46.66
CA LYS G 200 -54.05 -6.09 -45.84
C LYS G 200 -54.22 -4.66 -45.36
N CYS G 201 -55.44 -4.28 -44.99
CA CYS G 201 -55.67 -2.97 -44.41
C CYS G 201 -57.06 -2.83 -43.80
N ASN G 202 -57.27 -1.74 -43.06
CA ASN G 202 -58.56 -1.40 -42.50
C ASN G 202 -59.31 -0.53 -43.50
N CYS G 203 -60.20 -1.14 -44.26
CA CYS G 203 -60.87 -0.50 -45.39
C CYS G 203 -62.25 -1.09 -45.62
N GLY G 204 -63.13 -0.30 -46.22
CA GLY G 204 -64.50 -0.74 -46.48
C GLY G 204 -64.53 -1.86 -47.52
N GLY G 205 -63.46 -1.98 -48.29
CA GLY G 205 -63.37 -3.02 -49.32
C GLY G 205 -63.05 -4.38 -48.71
N SER G 206 -62.57 -4.38 -47.47
CA SER G 206 -62.21 -5.63 -46.79
C SER G 206 -61.38 -6.53 -47.68
N ASN G 207 -60.41 -5.94 -48.38
CA ASN G 207 -59.61 -6.68 -49.34
C ASN G 207 -58.22 -6.99 -48.79
N GLU G 208 -57.99 -8.27 -48.46
CA GLU G 208 -56.72 -8.71 -47.92
C GLU G 208 -56.37 -10.10 -48.44
N GLY G 209 -55.09 -10.45 -48.44
CA GLY G 209 -54.68 -11.78 -48.85
C GLY G 209 -53.35 -11.77 -49.61
N LEU G 210 -53.08 -12.85 -50.32
CA LEU G 210 -51.86 -12.99 -51.10
C LEU G 210 -52.15 -12.89 -52.58
N THR G 211 -51.21 -12.32 -53.33
CA THR G 211 -51.32 -12.31 -54.78
C THR G 211 -50.01 -12.66 -55.46
N THR G 212 -50.11 -13.26 -56.63
CA THR G 212 -48.95 -13.54 -57.47
C THR G 212 -48.99 -12.71 -58.74
N THR G 213 -50.08 -11.96 -58.92
CA THR G 213 -50.26 -11.11 -60.08
C THR G 213 -50.77 -9.73 -59.67
N ASP G 214 -50.62 -8.75 -60.53
CA ASP G 214 -51.09 -7.41 -60.23
C ASP G 214 -52.59 -7.45 -59.93
N LYS G 215 -52.98 -6.89 -58.80
CA LYS G 215 -54.37 -6.95 -58.37
C LYS G 215 -54.90 -5.60 -57.93
N VAL G 216 -55.93 -5.12 -58.60
CA VAL G 216 -56.48 -3.81 -58.29
C VAL G 216 -57.61 -3.92 -57.28
N ILE G 217 -57.52 -3.14 -56.20
CA ILE G 217 -58.53 -3.17 -55.14
C ILE G 217 -59.83 -2.49 -55.58
N ASN G 218 -59.69 -1.38 -56.32
CA ASN G 218 -60.83 -0.61 -56.79
C ASN G 218 -61.73 -0.12 -55.65
N ASN G 219 -61.10 0.31 -54.56
CA ASN G 219 -61.84 0.81 -53.40
C ASN G 219 -60.96 1.64 -52.47
N CYS G 220 -59.93 0.99 -51.92
CA CYS G 220 -59.06 1.55 -50.90
C CYS G 220 -57.99 2.47 -51.50
N LYS G 221 -57.54 3.44 -50.72
CA LYS G 221 -56.49 4.36 -51.15
C LYS G 221 -55.11 3.84 -50.76
N VAL G 222 -54.09 4.28 -51.48
CA VAL G 222 -52.73 3.78 -51.27
C VAL G 222 -52.19 4.12 -49.89
N ASP G 223 -52.60 5.26 -49.36
CA ASP G 223 -52.09 5.71 -48.07
C ASP G 223 -52.81 5.01 -46.91
N GLN G 224 -53.78 4.18 -47.26
CA GLN G 224 -54.56 3.46 -46.26
C GLN G 224 -54.11 2.00 -46.06
N CYS G 225 -53.27 1.47 -46.97
CA CYS G 225 -52.95 0.04 -46.95
C CYS G 225 -51.47 -0.27 -46.88
N HIS G 226 -51.16 -1.48 -46.41
CA HIS G 226 -49.80 -1.97 -46.23
C HIS G 226 -49.55 -3.23 -47.05
N ALA G 227 -48.34 -3.40 -47.58
CA ALA G 227 -48.00 -4.60 -48.33
C ALA G 227 -46.52 -4.96 -48.22
N ALA G 228 -46.22 -6.25 -48.35
CA ALA G 228 -44.85 -6.76 -48.26
C ALA G 228 -44.67 -8.01 -49.12
N VAL G 229 -43.43 -8.28 -49.51
CA VAL G 229 -43.11 -9.47 -50.30
C VAL G 229 -42.92 -10.71 -49.43
N THR G 230 -43.61 -11.80 -49.80
CA THR G 230 -43.54 -13.05 -49.04
C THR G 230 -42.73 -14.12 -49.77
N ASN G 231 -42.49 -13.92 -51.06
CA ASN G 231 -41.80 -14.95 -51.84
C ASN G 231 -40.29 -14.87 -51.67
N HIS G 232 -39.74 -15.79 -50.86
CA HIS G 232 -38.31 -15.83 -50.62
C HIS G 232 -37.81 -17.26 -50.74
N LYS G 233 -36.79 -17.51 -51.52
CA LYS G 233 -36.30 -18.88 -51.57
C LYS G 233 -35.03 -18.99 -50.80
N LYS G 234 -34.18 -17.97 -50.93
CA LYS G 234 -32.91 -17.97 -50.24
C LYS G 234 -33.10 -17.62 -48.77
N TRP G 235 -32.15 -17.99 -47.92
CA TRP G 235 -32.31 -17.76 -46.50
C TRP G 235 -31.18 -16.92 -45.94
N GLN G 236 -31.40 -16.20 -44.85
CA GLN G 236 -30.38 -15.27 -44.36
C GLN G 236 -30.02 -15.38 -42.90
N TYR G 237 -28.80 -15.01 -42.53
CA TYR G 237 -28.38 -15.03 -41.14
C TYR G 237 -29.41 -14.33 -40.26
N ASN G 238 -29.73 -14.95 -39.12
CA ASN G 238 -30.74 -14.40 -38.24
C ASN G 238 -30.18 -13.29 -37.38
N SER G 239 -29.86 -12.19 -38.04
CA SER G 239 -29.28 -11.01 -37.39
C SER G 239 -30.24 -10.39 -36.39
N PRO G 240 -29.73 -9.83 -35.30
CA PRO G 240 -30.44 -9.11 -34.26
C PRO G 240 -31.02 -7.81 -34.83
N LEU G 241 -30.58 -7.43 -36.02
CA LEU G 241 -31.05 -6.22 -36.68
C LEU G 241 -32.17 -6.53 -37.67
N VAL G 242 -32.56 -7.80 -37.76
CA VAL G 242 -33.63 -8.21 -38.66
C VAL G 242 -34.71 -8.96 -37.88
N PRO G 243 -35.96 -8.51 -37.91
CA PRO G 243 -37.12 -9.10 -37.26
C PRO G 243 -37.33 -10.56 -37.64
N ARG G 244 -37.73 -11.34 -36.65
CA ARG G 244 -38.05 -12.76 -36.80
C ARG G 244 -39.37 -12.90 -37.52
N ASN G 245 -39.49 -13.90 -38.39
CA ASN G 245 -40.72 -14.07 -39.18
C ASN G 245 -41.77 -14.90 -38.48
N ALA G 246 -41.42 -15.43 -37.32
CA ALA G 246 -42.31 -16.27 -36.54
C ALA G 246 -41.73 -16.40 -35.14
N GLU G 247 -42.52 -16.88 -34.19
CA GLU G 247 -41.96 -17.11 -32.87
C GLU G 247 -40.77 -18.04 -32.98
N LEU G 248 -40.84 -19.02 -33.83
CA LEU G 248 -39.72 -19.90 -33.98
C LEU G 248 -39.23 -19.76 -35.39
N GLY G 249 -37.97 -19.47 -35.55
CA GLY G 249 -37.42 -19.40 -36.89
C GLY G 249 -37.29 -20.75 -37.57
N ASP G 250 -37.36 -20.77 -38.88
CA ASP G 250 -37.31 -22.03 -39.62
C ASP G 250 -36.02 -22.83 -39.54
N ARG G 251 -34.87 -22.19 -39.55
CA ARG G 251 -33.55 -22.84 -39.48
C ARG G 251 -33.23 -23.63 -40.68
N LYS G 252 -33.07 -22.94 -41.78
CA LYS G 252 -32.84 -23.64 -43.02
C LYS G 252 -31.39 -24.08 -43.23
N GLY G 253 -30.44 -23.53 -42.51
CA GLY G 253 -29.07 -24.03 -42.63
C GLY G 253 -28.09 -23.65 -41.53
N LYS G 254 -26.77 -23.69 -41.79
CA LYS G 254 -25.85 -23.40 -40.70
C LYS G 254 -24.53 -23.16 -41.37
N ILE G 255 -24.05 -21.93 -41.40
CA ILE G 255 -22.81 -21.55 -42.06
C ILE G 255 -21.67 -21.54 -41.05
N HIS G 256 -20.57 -22.21 -41.36
CA HIS G 256 -19.43 -22.20 -40.46
C HIS G 256 -18.70 -20.88 -40.55
N ILE G 257 -18.07 -20.48 -39.45
CA ILE G 257 -17.31 -19.24 -39.44
C ILE G 257 -15.84 -19.50 -39.74
N PRO G 258 -15.30 -18.92 -40.82
CA PRO G 258 -13.95 -19.09 -41.30
C PRO G 258 -12.96 -18.36 -40.41
N PHE G 259 -11.68 -18.71 -40.55
CA PHE G 259 -10.62 -18.01 -39.83
C PHE G 259 -10.71 -18.19 -38.31
N PRO G 260 -10.52 -19.40 -37.81
CA PRO G 260 -10.51 -19.78 -36.41
C PRO G 260 -9.26 -19.24 -35.71
N LEU G 261 -9.37 -19.07 -34.40
CA LEU G 261 -8.26 -18.59 -33.58
C LEU G 261 -7.24 -19.71 -33.35
N ALA G 262 -5.95 -19.38 -33.37
CA ALA G 262 -4.91 -20.39 -33.21
C ALA G 262 -3.67 -19.84 -32.49
N ASN G 263 -2.89 -20.76 -31.93
CA ASN G 263 -1.66 -20.43 -31.22
C ASN G 263 -0.48 -20.23 -32.16
N VAL G 264 0.04 -19.00 -32.19
CA VAL G 264 1.17 -18.66 -33.03
C VAL G 264 2.21 -17.87 -32.24
N THR G 265 3.37 -17.62 -32.85
CA THR G 265 4.43 -16.88 -32.17
C THR G 265 4.68 -15.52 -32.83
N CYS G 266 4.72 -14.46 -32.00
CA CYS G 266 4.95 -13.09 -32.43
C CYS G 266 6.38 -12.62 -32.15
N ARG G 267 6.92 -11.81 -33.04
CA ARG G 267 8.25 -11.22 -32.86
C ARG G 267 8.16 -9.89 -32.11
N VAL G 268 8.99 -9.74 -31.08
CA VAL G 268 9.05 -8.49 -30.33
C VAL G 268 10.49 -8.00 -30.26
N PRO G 269 10.71 -6.68 -30.23
CA PRO G 269 11.98 -6.00 -30.21
C PRO G 269 12.68 -6.15 -28.87
N LYS G 270 14.00 -5.98 -28.90
CA LYS G 270 14.78 -5.94 -27.67
C LYS G 270 15.47 -4.60 -27.53
N ALA G 271 15.22 -3.92 -26.43
CA ALA G 271 15.78 -2.59 -26.19
C ALA G 271 17.30 -2.64 -26.19
N ARG G 272 17.92 -1.60 -26.72
CA ARG G 272 19.37 -1.53 -26.79
C ARG G 272 20.00 -1.43 -25.41
N ASN G 273 21.22 -1.93 -25.29
CA ASN G 273 21.91 -1.96 -24.02
C ASN G 273 22.10 -0.55 -23.45
N PRO G 274 21.84 -0.36 -22.16
CA PRO G 274 22.02 0.85 -21.40
C PRO G 274 23.49 1.08 -21.12
N THR G 275 23.85 2.33 -20.84
CA THR G 275 25.21 2.63 -20.39
C THR G 275 25.25 2.50 -18.88
N VAL G 276 26.16 1.68 -18.37
CA VAL G 276 26.17 1.37 -16.95
C VAL G 276 27.50 1.72 -16.28
N THR G 277 27.40 2.45 -15.17
CA THR G 277 28.57 2.76 -14.35
C THR G 277 28.25 2.42 -12.91
N TYR G 278 29.29 2.32 -12.08
CA TYR G 278 29.06 1.86 -10.71
C TYR G 278 29.58 2.82 -9.65
N GLY G 279 28.84 2.89 -8.56
CA GLY G 279 29.25 3.61 -7.35
C GLY G 279 29.39 2.63 -6.20
N LYS G 280 29.26 3.11 -4.98
CA LYS G 280 29.35 2.22 -3.82
C LYS G 280 27.99 1.64 -3.49
N ASN G 281 27.83 0.35 -3.73
CA ASN G 281 26.54 -0.32 -3.57
C ASN G 281 25.47 0.38 -4.39
N GLN G 282 25.87 0.86 -5.57
CA GLN G 282 24.97 1.63 -6.42
C GLN G 282 25.23 1.38 -7.90
N VAL G 283 24.16 1.18 -8.66
CA VAL G 283 24.27 1.02 -10.10
C VAL G 283 23.57 2.15 -10.83
N ILE G 284 24.28 2.82 -11.71
CA ILE G 284 23.70 3.93 -12.45
C ILE G 284 23.55 3.55 -13.91
N MET G 285 22.32 3.58 -14.41
CA MET G 285 22.06 3.21 -15.78
C MET G 285 21.50 4.38 -16.58
N LEU G 286 22.02 4.57 -17.78
CA LEU G 286 21.44 5.56 -18.69
C LEU G 286 20.69 4.83 -19.79
N LEU G 287 19.38 5.01 -19.81
CA LEU G 287 18.50 4.25 -20.69
C LEU G 287 18.27 4.97 -22.01
N TYR G 288 18.21 4.22 -23.11
CA TYR G 288 17.97 4.81 -24.41
C TYR G 288 16.85 4.12 -25.19
N PRO G 289 15.60 4.21 -24.73
CA PRO G 289 14.42 3.66 -25.36
C PRO G 289 14.05 4.42 -26.63
N ASP G 290 13.55 3.69 -27.63
CA ASP G 290 12.97 4.32 -28.82
C ASP G 290 11.46 4.40 -28.67
N HIS G 291 10.94 3.48 -27.88
CA HIS G 291 9.52 3.35 -27.63
C HIS G 291 9.35 2.93 -26.18
N PRO G 292 8.19 3.14 -25.56
CA PRO G 292 7.96 2.95 -24.15
C PRO G 292 8.45 1.57 -23.75
N THR G 293 9.31 1.54 -22.75
CA THR G 293 9.95 0.31 -22.31
C THR G 293 9.80 0.12 -20.81
N LEU G 294 9.41 -1.06 -20.39
CA LEU G 294 9.23 -1.33 -18.98
C LEU G 294 10.54 -1.69 -18.30
N LEU G 295 10.84 -1.00 -17.22
CA LEU G 295 11.99 -1.29 -16.39
C LEU G 295 11.53 -1.80 -15.04
N SER G 296 12.08 -2.92 -14.60
CA SER G 296 11.72 -3.42 -13.28
C SER G 296 12.88 -4.13 -12.62
N TYR G 297 12.85 -4.19 -11.31
CA TYR G 297 13.92 -4.83 -10.56
C TYR G 297 13.45 -5.39 -9.23
N ARG G 298 14.17 -6.38 -8.74
CA ARG G 298 13.88 -7.01 -7.45
C ARG G 298 15.16 -7.38 -6.72
N ASN G 299 15.08 -7.41 -5.40
CA ASN G 299 16.18 -7.92 -4.58
C ASN G 299 16.12 -9.44 -4.57
N MET G 300 17.27 -10.07 -4.71
CA MET G 300 17.32 -11.53 -4.69
C MET G 300 17.44 -12.04 -3.26
N GLY G 301 16.38 -11.84 -2.48
CA GLY G 301 16.38 -12.19 -1.07
C GLY G 301 14.97 -12.33 -0.52
N GLU G 302 14.84 -12.28 0.80
CA GLU G 302 13.56 -12.49 1.47
C GLU G 302 12.54 -11.44 1.10
N GLU G 303 12.99 -10.20 0.95
CA GLU G 303 12.10 -9.09 0.62
C GLU G 303 12.53 -8.42 -0.69
N PRO G 304 11.91 -8.80 -1.80
CA PRO G 304 12.28 -8.42 -3.16
C PRO G 304 12.06 -6.94 -3.42
N ASN G 305 11.18 -6.31 -2.66
CA ASN G 305 10.92 -4.89 -2.85
C ASN G 305 10.72 -4.56 -4.31
N TYR G 306 9.86 -5.31 -4.98
CA TYR G 306 9.68 -5.15 -6.41
C TYR G 306 9.21 -3.75 -6.78
N GLN G 307 9.88 -3.16 -7.76
CA GLN G 307 9.49 -1.86 -8.29
C GLN G 307 9.55 -1.86 -9.80
N GLU G 308 8.67 -1.10 -10.44
CA GLU G 308 8.69 -0.99 -11.90
C GLU G 308 8.25 0.38 -12.38
N GLU G 309 8.73 0.77 -13.54
CA GLU G 309 8.31 2.00 -14.18
C GLU G 309 8.39 1.90 -15.71
N TRP G 310 7.56 2.66 -16.40
CA TRP G 310 7.68 2.76 -17.85
C TRP G 310 8.52 3.97 -18.22
N VAL G 311 9.45 3.78 -19.14
CA VAL G 311 10.31 4.85 -19.58
C VAL G 311 10.07 5.18 -21.04
N MET G 312 9.69 6.43 -21.32
CA MET G 312 9.37 6.85 -22.68
C MET G 312 10.42 7.77 -23.28
N HIS G 313 11.53 7.95 -22.58
CA HIS G 313 12.57 8.85 -23.03
C HIS G 313 13.90 8.53 -22.36
N LYS G 314 14.98 9.13 -22.86
CA LYS G 314 16.27 8.91 -22.22
C LYS G 314 16.19 9.32 -20.75
N LYS G 315 16.62 8.42 -19.89
CA LYS G 315 16.53 8.67 -18.45
C LYS G 315 17.71 8.08 -17.71
N GLU G 316 18.15 8.76 -16.66
CA GLU G 316 19.18 8.23 -15.79
C GLU G 316 18.55 7.63 -14.54
N VAL G 317 18.77 6.35 -14.32
CA VAL G 317 18.17 5.66 -13.20
C VAL G 317 19.23 5.14 -12.25
N VAL G 318 19.10 5.48 -10.98
CA VAL G 318 20.05 5.04 -9.97
C VAL G 318 19.42 4.00 -9.06
N LEU G 319 20.01 2.80 -9.05
CA LEU G 319 19.48 1.70 -8.27
C LEU G 319 20.41 1.34 -7.12
N THR G 320 19.82 0.97 -5.98
CA THR G 320 20.59 0.55 -4.82
C THR G 320 20.76 -0.96 -4.81
N VAL G 321 22.00 -1.42 -4.62
CA VAL G 321 22.25 -2.85 -4.62
C VAL G 321 22.53 -3.36 -3.21
N PRO G 322 21.69 -4.26 -2.70
CA PRO G 322 21.77 -4.89 -1.40
C PRO G 322 22.83 -5.98 -1.39
N THR G 323 23.19 -6.44 -0.21
CA THR G 323 24.19 -7.50 -0.08
C THR G 323 23.78 -8.75 -0.85
N GLU G 324 22.49 -9.05 -0.83
CA GLU G 324 21.96 -10.25 -1.48
C GLU G 324 22.07 -10.18 -3.01
N GLY G 325 22.20 -8.96 -3.53
CA GLY G 325 22.28 -8.75 -4.97
C GLY G 325 20.97 -8.23 -5.56
N LEU G 326 21.08 -7.52 -6.68
CA LEU G 326 19.93 -6.93 -7.35
C LEU G 326 19.76 -7.49 -8.75
N GLU G 327 18.52 -7.81 -9.13
CA GLU G 327 18.23 -8.25 -10.48
C GLU G 327 17.42 -7.21 -11.24
N VAL G 328 17.91 -6.80 -12.40
CA VAL G 328 17.27 -5.74 -13.17
C VAL G 328 16.87 -6.21 -14.56
N THR G 329 15.60 -6.01 -14.92
CA THR G 329 15.11 -6.39 -16.23
C THR G 329 14.76 -5.17 -17.07
N TRP G 330 15.42 -5.04 -18.22
CA TRP G 330 15.22 -3.90 -19.10
C TRP G 330 14.49 -4.31 -20.36
N GLY G 331 13.20 -3.95 -20.44
CA GLY G 331 12.39 -4.32 -21.59
C GLY G 331 12.31 -5.83 -21.75
N ASN G 332 12.58 -6.30 -22.97
CA ASN G 332 12.51 -7.73 -23.27
C ASN G 332 13.86 -8.40 -23.15
N ASN G 333 14.86 -7.68 -22.66
CA ASN G 333 16.20 -8.24 -22.51
C ASN G 333 16.28 -9.17 -21.33
N GLU G 334 17.20 -10.13 -21.42
CA GLU G 334 17.47 -11.00 -20.29
C GLU G 334 17.98 -10.16 -19.12
N PRO G 335 17.58 -10.51 -17.90
CA PRO G 335 17.83 -9.78 -16.67
C PRO G 335 19.31 -9.71 -16.34
N TYR G 336 19.71 -8.59 -15.74
CA TYR G 336 21.08 -8.38 -15.30
C TYR G 336 21.16 -8.60 -13.79
N LYS G 337 22.26 -9.15 -13.32
CA LYS G 337 22.42 -9.33 -11.88
C LYS G 337 23.65 -8.61 -11.37
N TYR G 338 23.52 -7.95 -10.23
CA TYR G 338 24.63 -7.22 -9.66
C TYR G 338 24.86 -7.57 -8.18
N TRP G 339 26.14 -7.69 -7.81
CA TRP G 339 26.54 -7.87 -6.43
C TRP G 339 27.68 -6.93 -6.09
N PRO G 340 27.70 -6.39 -4.87
CA PRO G 340 28.71 -5.50 -4.33
C PRO G 340 30.00 -6.22 -4.01
N GLN G 341 31.11 -5.51 -4.15
CA GLN G 341 32.42 -5.98 -3.71
C GLN G 341 32.84 -5.22 -2.46
N LEU G 342 33.78 -5.79 -1.72
CA LEU G 342 34.24 -5.14 -0.49
C LEU G 342 35.32 -4.11 -0.80
N SER G 343 34.96 -3.08 -1.55
CA SER G 343 35.88 -2.00 -1.90
C SER G 343 35.94 -0.93 -0.82
N THR G 344 37.13 -0.41 -0.58
CA THR G 344 37.33 0.66 0.39
C THR G 344 38.31 1.71 -0.11
N ASN G 345 38.25 2.90 0.48
CA ASN G 345 39.27 3.92 0.26
C ASN G 345 40.31 3.88 1.37
N GLY G 346 39.93 3.35 2.53
CA GLY G 346 40.84 3.24 3.67
C GLY G 346 41.73 2.01 3.54
N THR G 347 42.72 1.91 4.43
CA THR G 347 43.64 0.77 4.40
C THR G 347 43.55 -0.05 5.69
N ALA G 348 43.27 -1.35 5.53
CA ALA G 348 43.09 -2.25 6.66
C ALA G 348 44.34 -2.38 7.52
N HIS G 349 45.49 -2.17 6.90
CA HIS G 349 46.78 -2.35 7.57
C HIS G 349 47.54 -1.06 7.70
N GLY G 350 46.84 0.06 7.66
CA GLY G 350 47.46 1.38 7.73
C GLY G 350 47.42 1.96 9.14
N HIS G 351 47.33 3.27 9.23
CA HIS G 351 47.28 3.96 10.51
C HIS G 351 45.95 3.68 11.21
N PRO G 352 45.90 3.72 12.54
CA PRO G 352 44.73 3.42 13.36
C PRO G 352 43.45 4.10 12.86
N HIS G 353 43.57 5.34 12.38
CA HIS G 353 42.38 6.01 11.86
C HIS G 353 41.99 5.49 10.48
N GLU G 354 42.96 4.93 9.76
CA GLU G 354 42.70 4.37 8.45
C GLU G 354 42.08 2.99 8.61
N ILE G 355 42.48 2.30 9.67
CA ILE G 355 41.96 0.98 9.98
C ILE G 355 40.47 1.04 10.29
N ILE G 356 40.08 2.02 11.11
CA ILE G 356 38.67 2.18 11.44
C ILE G 356 37.87 2.54 10.19
N LEU G 357 38.44 3.40 9.34
CA LEU G 357 37.77 3.77 8.11
C LEU G 357 37.53 2.55 7.23
N TYR G 358 38.53 1.69 7.12
CA TYR G 358 38.40 0.50 6.30
C TYR G 358 37.22 -0.34 6.74
N TYR G 359 37.11 -0.61 8.04
CA TYR G 359 36.03 -1.44 8.53
C TYR G 359 34.69 -0.74 8.43
N TYR G 360 34.68 0.57 8.69
CA TYR G 360 33.45 1.34 8.63
C TYR G 360 32.85 1.31 7.24
N GLU G 361 33.69 1.46 6.22
CA GLU G 361 33.22 1.47 4.85
C GLU G 361 32.54 0.16 4.48
N LEU G 362 33.05 -0.95 4.99
CA LEU G 362 32.49 -2.25 4.63
C LEU G 362 31.35 -2.67 5.56
N TYR G 363 31.48 -2.36 6.84
CA TYR G 363 30.51 -2.81 7.82
C TYR G 363 30.09 -1.67 8.74
N PRO G 364 29.34 -0.70 8.22
CA PRO G 364 29.08 0.62 8.77
C PRO G 364 28.28 0.57 10.08
N THR G 365 27.59 -0.54 10.32
CA THR G 365 26.81 -0.67 11.54
C THR G 365 27.52 -1.55 12.55
N MET G 366 28.18 -2.60 12.06
CA MET G 366 28.92 -3.49 12.93
C MET G 366 30.13 -2.79 13.51
N THR G 367 30.76 -1.94 12.69
CA THR G 367 31.97 -1.24 13.10
C THR G 367 31.66 -0.26 14.22
N VAL G 368 30.54 0.44 14.10
CA VAL G 368 30.16 1.43 15.10
C VAL G 368 29.85 0.77 16.42
N VAL G 369 29.13 -0.34 16.39
CA VAL G 369 28.79 -1.04 17.63
C VAL G 369 30.02 -1.59 18.32
N VAL G 370 30.92 -2.20 17.55
CA VAL G 370 32.12 -2.78 18.14
C VAL G 370 33.02 -1.71 18.74
N VAL G 371 33.20 -0.61 18.02
CA VAL G 371 34.05 0.47 18.50
C VAL G 371 33.43 1.18 19.70
N SER G 372 32.13 1.43 19.64
CA SER G 372 31.44 2.12 20.73
C SER G 372 31.47 1.30 22.01
N VAL G 373 31.23 0.00 21.88
CA VAL G 373 31.23 -0.87 23.05
C VAL G 373 32.63 -1.07 23.59
N ALA G 374 33.60 -1.28 22.71
CA ALA G 374 34.98 -1.47 23.15
C ALA G 374 35.48 -0.25 23.88
N SER G 375 35.11 0.93 23.38
CA SER G 375 35.52 2.17 24.02
C SER G 375 34.90 2.29 25.41
N PHE G 376 33.62 1.95 25.52
CA PHE G 376 32.93 2.00 26.80
C PHE G 376 33.56 1.07 27.82
N VAL G 377 33.85 -0.16 27.41
CA VAL G 377 34.41 -1.14 28.32
C VAL G 377 35.81 -0.74 28.78
N LEU G 378 36.63 -0.26 27.87
CA LEU G 378 37.98 0.15 28.22
C LEU G 378 37.97 1.34 29.17
N LEU G 379 37.06 2.27 28.93
CA LEU G 379 36.93 3.44 29.82
C LEU G 379 36.44 3.02 31.19
N SER G 380 35.53 2.04 31.22
CA SER G 380 35.02 1.53 32.49
C SER G 380 36.12 0.87 33.29
N MET G 381 36.98 0.12 32.60
CA MET G 381 38.11 -0.55 33.25
C MET G 381 39.07 0.47 33.84
N VAL G 382 39.30 1.57 33.14
CA VAL G 382 40.16 2.61 33.68
C VAL G 382 39.52 3.29 34.88
N GLY G 383 38.22 3.58 34.76
CA GLY G 383 37.51 4.25 35.84
C GLY G 383 37.50 3.44 37.14
N VAL G 384 37.30 2.13 37.03
CA VAL G 384 37.30 1.30 38.22
C VAL G 384 38.70 1.17 38.79
N ALA G 385 39.70 1.12 37.93
CA ALA G 385 41.08 1.03 38.38
C ALA G 385 41.45 2.25 39.23
N VAL G 386 40.94 3.41 38.82
CA VAL G 386 41.19 4.63 39.56
C VAL G 386 40.44 4.61 40.89
N GLY G 387 39.20 4.15 40.85
CA GLY G 387 38.38 4.09 42.06
C GLY G 387 39.02 3.16 43.09
N MET G 388 39.56 2.04 42.63
CA MET G 388 40.22 1.10 43.54
C MET G 388 41.48 1.69 44.13
N CYS G 389 42.24 2.43 43.32
CA CYS G 389 43.45 3.07 43.80
C CYS G 389 43.14 4.13 44.84
N MET G 390 42.10 4.92 44.60
CA MET G 390 41.72 5.96 45.53
C MET G 390 41.19 5.37 46.84
N CYS G 391 40.48 4.25 46.75
CA CYS G 391 39.98 3.58 47.94
C CYS G 391 41.15 3.06 48.76
N ALA G 392 42.13 2.49 48.08
CA ALA G 392 43.30 1.93 48.74
C ALA G 392 44.08 3.02 49.46
N ARG G 393 44.19 4.18 48.83
CA ARG G 393 44.91 5.30 49.44
C ARG G 393 44.18 5.81 50.68
N ARG G 394 42.86 5.90 50.60
CA ARG G 394 42.11 6.39 51.75
C ARG G 394 42.23 5.43 52.93
N ARG G 395 42.19 4.14 52.65
CA ARG G 395 42.23 3.13 53.71
C ARG G 395 43.57 3.14 54.45
N CYS G 396 44.66 3.31 53.72
CA CYS G 396 45.98 3.30 54.35
C CYS G 396 46.29 4.61 55.09
N ILE G 397 45.61 5.70 54.70
CA ILE G 397 45.82 7.00 55.34
C ILE G 397 44.85 7.28 56.47
N THR G 398 43.63 6.78 56.36
CA THR G 398 42.59 7.10 57.34
C THR G 398 43.10 7.05 58.79
N PRO G 399 43.84 6.03 59.23
CA PRO G 399 44.33 5.87 60.59
C PRO G 399 45.20 7.05 61.04
N TYR G 400 45.82 7.73 60.08
CA TYR G 400 46.66 8.87 60.39
C TYR G 400 45.83 10.12 60.62
N GLU G 401 44.69 10.18 59.95
CA GLU G 401 43.77 11.30 60.13
C GLU G 401 42.97 11.12 61.41
N LEU G 402 42.75 9.87 61.80
CA LEU G 402 41.99 9.56 63.00
C LEU G 402 42.84 9.64 64.26
N THR G 403 44.12 9.31 64.16
CA THR G 403 45.01 9.28 65.32
C THR G 403 45.59 10.65 65.62
N PRO G 404 45.38 11.20 66.82
CA PRO G 404 45.88 12.49 67.25
C PRO G 404 47.40 12.47 67.35
N GLY G 405 48.03 13.50 66.79
CA GLY G 405 49.49 13.62 66.86
C GLY G 405 50.19 12.74 65.83
N ALA G 406 49.43 12.02 65.03
CA ALA G 406 49.99 11.11 64.03
C ALA G 406 50.68 11.87 62.91
N THR G 407 51.76 11.30 62.40
CA THR G 407 52.47 11.88 61.27
C THR G 407 52.68 10.86 60.17
N VAL G 408 52.31 11.24 58.94
CA VAL G 408 52.50 10.37 57.79
C VAL G 408 53.96 10.35 57.38
N PRO G 409 54.58 9.16 57.28
CA PRO G 409 55.93 8.91 56.82
C PRO G 409 56.13 9.44 55.41
N PHE G 410 57.33 9.91 55.13
CA PHE G 410 57.65 10.48 53.82
C PHE G 410 57.30 9.53 52.68
N LEU G 411 57.66 8.27 52.84
CA LEU G 411 57.41 7.29 51.79
C LEU G 411 55.91 7.09 51.58
N LEU G 412 55.14 7.16 52.66
CA LEU G 412 53.70 6.99 52.56
C LEU G 412 53.05 8.20 51.92
N SER G 413 53.66 9.37 52.13
CA SER G 413 53.18 10.60 51.50
C SER G 413 53.34 10.54 49.99
N LEU G 414 54.38 9.84 49.55
CA LEU G 414 54.61 9.66 48.11
C LEU G 414 53.59 8.68 47.52
N ILE G 415 53.24 7.66 48.29
CA ILE G 415 52.29 6.65 47.85
C ILE G 415 50.86 7.20 47.78
N CYS G 416 50.48 7.98 48.79
CA CYS G 416 49.13 8.51 48.87
C CYS G 416 49.02 9.88 48.23
N CYS G 417 47.98 10.64 48.63
CA CYS G 417 47.69 11.92 48.01
C CYS G 417 48.09 13.10 48.89
N ILE G 418 48.95 12.85 49.87
CA ILE G 418 49.42 13.91 50.76
C ILE G 418 50.80 14.40 50.35
N ARG G 419 50.87 15.63 49.90
CA ARG G 419 52.14 16.21 49.47
C ARG G 419 52.37 17.56 50.14
N THR G 420 51.96 17.66 51.39
CA THR G 420 52.10 18.88 52.17
C THR G 420 53.47 18.95 52.83
N ALA G 421 54.19 17.83 52.85
CA ALA G 421 55.53 17.79 53.41
C ALA G 421 56.51 18.53 52.50
N LYS G 422 57.46 19.24 53.11
CA LYS G 422 58.48 19.96 52.36
C LYS G 422 59.87 19.71 52.94
N ALA G 423 60.89 19.77 52.08
CA ALA G 423 62.29 19.61 52.48
C ALA G 423 63.21 20.17 51.41
N LYS H 3 -6.56 -69.97 -36.17
CA LYS H 3 -6.02 -71.02 -35.30
C LYS H 3 -4.64 -71.45 -35.75
N ASP H 4 -4.29 -71.15 -36.99
CA ASP H 4 -2.95 -71.47 -37.44
C ASP H 4 -2.01 -70.35 -37.06
N ASN H 5 -1.75 -70.21 -35.77
CA ASN H 5 -0.80 -69.23 -35.30
C ASN H 5 0.39 -70.10 -35.07
N PHE H 6 0.28 -71.36 -35.47
CA PHE H 6 1.35 -72.31 -35.29
C PHE H 6 2.49 -72.08 -36.25
N ASN H 7 2.28 -71.21 -37.22
CA ASN H 7 3.30 -70.95 -38.20
C ASN H 7 4.56 -70.34 -37.63
N VAL H 8 4.83 -70.55 -36.35
CA VAL H 8 6.04 -70.05 -35.80
C VAL H 8 6.80 -71.28 -35.41
N TYR H 9 6.20 -72.43 -35.63
CA TYR H 9 6.83 -73.67 -35.23
C TYR H 9 7.25 -74.47 -36.44
N LYS H 10 6.84 -74.04 -37.63
CA LYS H 10 7.14 -74.76 -38.87
C LYS H 10 8.64 -74.92 -39.10
N ALA H 11 9.42 -73.97 -38.65
CA ALA H 11 10.86 -74.01 -38.87
C ALA H 11 11.60 -74.52 -37.64
N THR H 12 10.86 -75.10 -36.69
CA THR H 12 11.45 -75.51 -35.43
C THR H 12 11.26 -76.99 -35.13
N ARG H 13 11.93 -77.44 -34.08
CA ARG H 13 11.87 -78.83 -33.66
C ARG H 13 11.68 -78.94 -32.14
N PRO H 14 11.19 -80.09 -31.67
CA PRO H 14 11.20 -80.54 -30.29
C PRO H 14 12.62 -80.92 -29.90
N TYR H 15 12.91 -80.92 -28.61
CA TYR H 15 14.27 -81.25 -28.16
C TYR H 15 14.29 -82.05 -26.87
N LEU H 16 15.41 -82.75 -26.65
CA LEU H 16 15.63 -83.48 -25.41
C LEU H 16 16.40 -82.61 -24.43
N ALA H 17 16.14 -82.79 -23.14
CA ALA H 17 16.84 -82.03 -22.11
C ALA H 17 16.90 -82.81 -20.81
N HIS H 18 17.84 -82.45 -19.95
CA HIS H 18 18.04 -83.16 -18.68
C HIS H 18 16.82 -83.04 -17.75
N CYS H 19 16.49 -84.16 -17.09
CA CYS H 19 15.40 -84.23 -16.12
C CYS H 19 15.89 -84.84 -14.81
N PRO H 20 15.73 -84.14 -13.68
CA PRO H 20 16.23 -84.49 -12.36
C PRO H 20 15.60 -85.76 -11.80
N ASP H 21 14.40 -86.09 -12.27
CA ASP H 21 13.72 -87.31 -11.85
C ASP H 21 12.78 -87.80 -12.93
N CYS H 22 13.13 -88.91 -13.58
CA CYS H 22 12.41 -89.43 -14.73
C CYS H 22 11.32 -90.42 -14.29
N GLY H 23 11.00 -90.40 -13.00
CA GLY H 23 9.91 -91.20 -12.45
C GLY H 23 10.41 -92.44 -11.72
N GLU H 24 11.68 -92.78 -11.93
CA GLU H 24 12.28 -93.92 -11.27
C GLU H 24 13.06 -93.52 -10.03
N GLY H 25 13.09 -92.22 -9.73
CA GLY H 25 13.90 -91.72 -8.62
C GLY H 25 15.32 -91.44 -9.08
N HIS H 26 15.52 -91.51 -10.40
CA HIS H 26 16.82 -91.27 -11.00
C HIS H 26 16.70 -90.28 -12.15
N SER H 27 17.74 -89.48 -12.34
CA SER H 27 17.75 -88.50 -13.42
C SER H 27 18.11 -89.13 -14.75
N CYS H 28 17.71 -88.49 -15.85
CA CYS H 28 18.05 -88.91 -17.21
C CYS H 28 17.75 -87.78 -18.18
N HIS H 29 18.15 -87.94 -19.43
CA HIS H 29 17.72 -87.02 -20.48
C HIS H 29 16.33 -87.42 -20.93
N SER H 30 15.44 -86.45 -21.06
CA SER H 30 14.04 -86.77 -21.32
C SER H 30 13.34 -85.74 -22.21
N PRO H 31 12.47 -86.19 -23.12
CA PRO H 31 11.68 -85.41 -24.04
C PRO H 31 10.61 -84.57 -23.35
N VAL H 32 10.37 -84.86 -22.08
CA VAL H 32 9.33 -84.17 -21.33
C VAL H 32 9.87 -83.32 -20.19
N ALA H 33 11.17 -83.01 -20.24
CA ALA H 33 11.75 -82.16 -19.20
C ALA H 33 11.06 -80.81 -19.19
N LEU H 34 10.88 -80.23 -18.00
CA LEU H 34 10.21 -78.93 -17.89
C LEU H 34 11.22 -77.81 -17.91
N GLU H 35 10.85 -76.70 -18.52
CA GLU H 35 11.73 -75.54 -18.55
C GLU H 35 11.34 -74.52 -17.50
N ARG H 36 10.07 -74.18 -17.46
CA ARG H 36 9.57 -73.17 -16.54
C ARG H 36 8.17 -73.45 -16.07
N ILE H 37 7.91 -73.16 -14.80
CA ILE H 37 6.56 -73.22 -14.28
C ILE H 37 6.11 -71.82 -13.88
N ARG H 38 5.05 -71.35 -14.52
CA ARG H 38 4.60 -69.99 -14.31
C ARG H 38 3.25 -69.94 -13.58
N ASN H 39 3.21 -69.17 -12.50
CA ASN H 39 2.00 -69.06 -11.70
C ASN H 39 1.62 -67.61 -11.41
N GLU H 40 1.71 -66.75 -12.42
CA GLU H 40 1.38 -65.34 -12.24
C GLU H 40 -0.10 -65.15 -11.95
N ALA H 41 -0.93 -66.02 -12.51
CA ALA H 41 -2.37 -65.94 -12.31
C ALA H 41 -2.71 -66.14 -10.84
N THR H 42 -3.74 -65.44 -10.38
CA THR H 42 -4.15 -65.51 -8.99
C THR H 42 -5.38 -66.39 -8.82
N ASP H 43 -5.92 -66.86 -9.93
CA ASP H 43 -7.09 -67.74 -9.86
C ASP H 43 -6.64 -69.20 -9.72
N GLY H 44 -5.33 -69.39 -9.63
CA GLY H 44 -4.76 -70.73 -9.40
C GLY H 44 -4.37 -71.46 -10.68
N THR H 45 -4.65 -70.88 -11.84
CA THR H 45 -4.31 -71.54 -13.09
C THR H 45 -2.79 -71.63 -13.24
N LEU H 46 -2.30 -72.80 -13.62
CA LEU H 46 -0.87 -73.02 -13.74
C LEU H 46 -0.44 -73.13 -15.21
N LYS H 47 0.64 -72.44 -15.57
CA LYS H 47 1.13 -72.45 -16.94
C LYS H 47 2.51 -73.12 -17.02
N ILE H 48 2.60 -74.20 -17.78
CA ILE H 48 3.81 -75.02 -17.79
C ILE H 48 4.50 -75.01 -19.15
N GLN H 49 5.80 -74.73 -19.16
CA GLN H 49 6.59 -74.78 -20.40
C GLN H 49 7.42 -76.05 -20.46
N VAL H 50 7.24 -76.81 -21.54
CA VAL H 50 7.91 -78.11 -21.71
C VAL H 50 8.64 -78.21 -23.05
N SER H 51 9.53 -79.19 -23.15
CA SER H 51 10.31 -79.44 -24.36
C SER H 51 9.48 -80.06 -25.50
N LEU H 52 8.27 -80.51 -25.19
CA LEU H 52 7.36 -81.06 -26.19
C LEU H 52 6.73 -79.95 -27.01
N GLN H 53 6.35 -80.26 -28.24
CA GLN H 53 5.58 -79.30 -29.04
C GLN H 53 4.20 -79.87 -29.35
N ILE H 54 3.17 -79.25 -28.81
CA ILE H 54 1.80 -79.76 -28.88
C ILE H 54 0.98 -79.06 -29.96
N GLY H 55 0.28 -79.86 -30.78
CA GLY H 55 -0.61 -79.31 -31.79
C GLY H 55 0.03 -79.28 -33.17
N ILE H 56 1.30 -79.63 -33.24
CA ILE H 56 2.02 -79.67 -34.51
C ILE H 56 2.67 -81.02 -34.73
N LYS H 57 2.53 -81.54 -35.94
CA LYS H 57 3.09 -82.84 -36.31
C LYS H 57 4.50 -82.72 -36.87
N THR H 58 5.16 -83.86 -37.03
CA THR H 58 6.53 -83.90 -37.56
C THR H 58 6.59 -83.49 -39.02
N ASP H 59 5.44 -83.47 -39.68
CA ASP H 59 5.37 -83.05 -41.08
C ASP H 59 4.98 -81.58 -41.19
N ASP H 60 4.99 -80.90 -40.04
CA ASP H 60 4.66 -79.48 -39.94
C ASP H 60 3.20 -79.17 -40.21
N SER H 61 2.38 -80.21 -40.26
CA SER H 61 0.94 -80.02 -40.39
C SER H 61 0.32 -79.80 -39.01
N HIS H 62 -0.69 -78.94 -38.93
CA HIS H 62 -1.36 -78.70 -37.66
C HIS H 62 -2.33 -79.82 -37.34
N ASP H 63 -2.28 -80.29 -36.08
CA ASP H 63 -3.19 -81.32 -35.61
C ASP H 63 -3.35 -81.23 -34.10
N TRP H 64 -4.52 -80.77 -33.67
CA TRP H 64 -4.76 -80.53 -32.25
C TRP H 64 -4.83 -81.82 -31.43
N THR H 65 -4.86 -82.96 -32.11
CA THR H 65 -4.92 -84.24 -31.42
C THR H 65 -3.54 -84.90 -31.32
N LYS H 66 -2.52 -84.25 -31.86
CA LYS H 66 -1.18 -84.83 -31.90
C LYS H 66 -0.11 -83.91 -31.29
N LEU H 67 0.93 -84.54 -30.75
CA LEU H 67 2.12 -83.83 -30.30
C LEU H 67 3.35 -84.38 -31.01
N ARG H 68 4.41 -83.58 -31.09
CA ARG H 68 5.66 -84.09 -31.61
C ARG H 68 6.78 -83.94 -30.59
N TYR H 69 7.66 -84.92 -30.57
CA TYR H 69 8.75 -84.99 -29.61
C TYR H 69 10.02 -85.49 -30.26
N MET H 70 11.16 -85.21 -29.64
CA MET H 70 12.42 -85.68 -30.21
C MET H 70 12.70 -87.12 -29.81
N ASP H 71 12.99 -87.94 -30.83
CA ASP H 71 13.32 -89.34 -30.65
C ASP H 71 14.69 -89.61 -31.26
N ASN H 72 15.71 -89.74 -30.40
CA ASN H 72 17.08 -89.81 -30.89
C ASN H 72 17.41 -88.58 -31.72
N HIS H 73 17.65 -88.74 -33.02
CA HIS H 73 18.03 -87.61 -33.87
C HIS H 73 16.88 -87.09 -34.73
N MET H 74 15.68 -87.62 -34.54
CA MET H 74 14.54 -87.20 -35.35
C MET H 74 13.32 -86.94 -34.49
N PRO H 75 12.47 -85.99 -34.88
CA PRO H 75 11.12 -85.76 -34.39
C PRO H 75 10.23 -86.98 -34.62
N ALA H 76 9.29 -87.20 -33.70
CA ALA H 76 8.34 -88.30 -33.81
C ALA H 76 6.97 -87.85 -33.30
N ASP H 77 5.91 -88.45 -33.82
CA ASP H 77 4.55 -88.07 -33.45
C ASP H 77 3.98 -88.97 -32.36
N ALA H 78 3.05 -88.42 -31.58
CA ALA H 78 2.30 -89.18 -30.58
C ALA H 78 0.94 -88.53 -30.32
N GLU H 79 0.06 -89.24 -29.64
CA GLU H 79 -1.27 -88.71 -29.39
C GLU H 79 -1.41 -87.76 -28.21
N ARG H 80 -2.26 -86.75 -28.33
CA ARG H 80 -2.46 -85.78 -27.27
C ARG H 80 -3.09 -86.36 -26.06
N ALA H 81 -3.84 -87.44 -26.23
CA ALA H 81 -4.53 -88.04 -25.13
C ALA H 81 -3.51 -88.46 -24.10
N GLY H 82 -2.36 -88.90 -24.57
CA GLY H 82 -1.34 -89.34 -23.65
C GLY H 82 -0.93 -88.23 -22.73
N LEU H 83 -0.87 -87.02 -23.24
CA LEU H 83 -0.43 -85.90 -22.43
C LEU H 83 -1.19 -85.74 -21.15
N PHE H 84 -0.50 -85.87 -20.05
CA PHE H 84 -1.08 -85.62 -18.73
C PHE H 84 -0.24 -84.67 -17.89
N VAL H 85 -0.91 -83.98 -16.98
CA VAL H 85 -0.27 -83.15 -15.97
C VAL H 85 -0.84 -83.52 -14.60
N ARG H 86 0.04 -83.73 -13.62
CA ARG H 86 -0.43 -84.02 -12.27
C ARG H 86 0.49 -83.45 -11.20
N THR H 87 -0.06 -83.21 -10.01
CA THR H 87 0.73 -82.80 -8.86
C THR H 87 0.59 -83.82 -7.76
N SER H 88 -0.26 -83.53 -6.79
CA SER H 88 -0.63 -84.48 -5.75
C SER H 88 -1.75 -85.35 -6.27
N ALA H 89 -2.36 -84.89 -7.35
CA ALA H 89 -3.47 -85.54 -8.02
C ALA H 89 -3.52 -85.03 -9.46
N PRO H 90 -4.18 -85.74 -10.37
CA PRO H 90 -4.33 -85.39 -11.77
C PRO H 90 -4.90 -83.98 -11.96
N CYS H 91 -4.31 -83.23 -12.89
CA CYS H 91 -4.72 -81.86 -13.19
C CYS H 91 -5.64 -81.83 -14.40
N THR H 92 -6.47 -80.80 -14.49
CA THR H 92 -7.31 -80.62 -15.65
C THR H 92 -6.66 -79.64 -16.63
N ILE H 93 -6.45 -80.09 -17.86
CA ILE H 93 -5.86 -79.23 -18.88
C ILE H 93 -6.92 -78.37 -19.53
N THR H 94 -6.68 -77.07 -19.57
CA THR H 94 -7.67 -76.12 -20.06
C THR H 94 -7.32 -75.64 -21.47
N GLY H 95 -6.22 -76.16 -21.99
CA GLY H 95 -5.76 -75.83 -23.33
C GLY H 95 -4.25 -75.88 -23.42
N THR H 96 -3.74 -76.04 -24.63
CA THR H 96 -2.30 -76.10 -24.84
C THR H 96 -1.93 -75.80 -26.28
N MET H 97 -0.73 -75.25 -26.47
CA MET H 97 -0.19 -75.01 -27.80
C MET H 97 1.33 -74.95 -27.75
N GLY H 98 1.98 -75.66 -28.66
CA GLY H 98 3.43 -75.57 -28.75
C GLY H 98 4.08 -76.08 -27.47
N HIS H 99 4.91 -75.24 -26.88
CA HIS H 99 5.64 -75.62 -25.67
C HIS H 99 4.88 -75.34 -24.39
N PHE H 100 3.68 -74.79 -24.49
CA PHE H 100 2.98 -74.35 -23.29
C PHE H 100 1.68 -75.09 -23.02
N ILE H 101 1.56 -75.60 -21.78
CA ILE H 101 0.37 -76.31 -21.33
C ILE H 101 -0.30 -75.58 -20.18
N LEU H 102 -1.60 -75.33 -20.29
CA LEU H 102 -2.34 -74.69 -19.21
C LEU H 102 -3.21 -75.70 -18.48
N ALA H 103 -3.03 -75.74 -17.17
CA ALA H 103 -3.71 -76.71 -16.36
C ALA H 103 -4.15 -76.12 -15.07
N ARG H 104 -5.22 -76.64 -14.51
CA ARG H 104 -5.67 -76.18 -13.22
C ARG H 104 -5.30 -77.30 -12.32
N CYS H 105 -4.52 -77.02 -11.29
CA CYS H 105 -4.02 -78.10 -10.46
C CYS H 105 -4.28 -78.17 -8.93
N PRO H 106 -4.55 -79.35 -8.33
CA PRO H 106 -4.64 -79.55 -6.89
C PRO H 106 -3.32 -79.20 -6.20
N LYS H 107 -3.43 -78.74 -4.95
CA LYS H 107 -2.26 -78.36 -4.16
C LYS H 107 -1.31 -79.53 -3.97
N GLY H 108 -0.01 -79.24 -4.02
CA GLY H 108 1.00 -80.28 -3.85
C GLY H 108 2.42 -79.73 -3.80
N GLU H 109 3.38 -80.64 -3.59
CA GLU H 109 4.79 -80.29 -3.46
C GLU H 109 5.55 -80.41 -4.77
N THR H 110 5.09 -81.28 -5.66
CA THR H 110 5.79 -81.55 -6.92
C THR H 110 4.85 -81.46 -8.12
N LEU H 111 5.43 -81.29 -9.30
CA LEU H 111 4.68 -81.26 -10.55
C LEU H 111 5.25 -82.25 -11.55
N THR H 112 4.38 -83.11 -12.11
CA THR H 112 4.81 -84.11 -13.07
C THR H 112 4.05 -83.99 -14.39
N VAL H 113 4.80 -84.03 -15.49
CA VAL H 113 4.20 -84.01 -16.82
C VAL H 113 4.75 -85.15 -17.65
N GLY H 114 3.91 -85.73 -18.51
CA GLY H 114 4.37 -86.83 -19.36
C GLY H 114 3.39 -87.19 -20.47
N PHE H 115 3.80 -88.14 -21.32
CA PHE H 115 3.00 -88.58 -22.45
C PHE H 115 3.39 -90.01 -22.84
N THR H 116 2.58 -90.63 -23.70
CA THR H 116 2.88 -91.97 -24.18
C THR H 116 3.56 -91.93 -25.55
N ASP H 117 4.69 -92.62 -25.66
CA ASP H 117 5.47 -92.71 -26.91
C ASP H 117 4.73 -93.50 -27.98
N SER H 118 5.11 -93.30 -29.24
CA SER H 118 4.51 -94.04 -30.34
C SER H 118 4.83 -95.53 -30.23
N ARG H 119 5.85 -95.85 -29.45
CA ARG H 119 6.26 -97.22 -29.18
C ARG H 119 5.60 -97.77 -27.92
N LYS H 120 4.62 -97.02 -27.40
CA LYS H 120 3.90 -97.38 -26.18
C LYS H 120 4.81 -97.41 -24.96
N ILE H 121 5.73 -96.46 -24.92
CA ILE H 121 6.62 -96.29 -23.78
C ILE H 121 6.26 -95.02 -23.03
N SER H 122 6.03 -95.14 -21.73
CA SER H 122 5.66 -93.97 -20.93
C SER H 122 6.85 -93.08 -20.66
N HIS H 123 6.66 -91.77 -20.80
CA HIS H 123 7.69 -90.80 -20.46
C HIS H 123 7.13 -89.73 -19.54
N SER H 124 7.85 -89.44 -18.47
CA SER H 124 7.43 -88.42 -17.53
C SER H 124 8.65 -87.75 -16.90
N CYS H 125 8.45 -86.53 -16.40
CA CYS H 125 9.49 -85.80 -15.67
C CYS H 125 8.89 -85.06 -14.48
N THR H 126 9.52 -85.20 -13.33
CA THR H 126 9.03 -84.57 -12.12
C THR H 126 9.98 -83.49 -11.62
N HIS H 127 9.43 -82.30 -11.38
CA HIS H 127 10.19 -81.21 -10.79
C HIS H 127 9.52 -80.81 -9.48
N PRO H 128 10.28 -80.43 -8.46
CA PRO H 128 9.83 -79.78 -7.26
C PRO H 128 9.11 -78.49 -7.61
N PHE H 129 7.95 -78.27 -7.01
CA PHE H 129 7.19 -77.05 -7.24
C PHE H 129 6.12 -76.87 -6.18
N HIS H 130 6.18 -75.76 -5.47
CA HIS H 130 5.20 -75.53 -4.43
C HIS H 130 3.96 -74.89 -5.01
N HIS H 131 2.89 -75.67 -5.08
CA HIS H 131 1.65 -75.17 -5.66
C HIS H 131 0.61 -74.97 -4.57
N ASP H 132 0.30 -73.72 -4.31
CA ASP H 132 -0.62 -73.35 -3.25
C ASP H 132 -1.19 -71.96 -3.53
N PRO H 133 -2.23 -71.86 -4.34
CA PRO H 133 -2.83 -70.64 -4.86
C PRO H 133 -3.21 -69.71 -3.72
N PRO H 134 -3.15 -68.40 -3.95
CA PRO H 134 -3.46 -67.34 -3.02
C PRO H 134 -4.94 -67.31 -2.72
N VAL H 135 -5.30 -66.79 -1.57
CA VAL H 135 -6.70 -66.69 -1.20
C VAL H 135 -7.34 -65.45 -1.80
N ILE H 136 -8.46 -65.65 -2.48
CA ILE H 136 -9.22 -64.54 -3.02
C ILE H 136 -10.39 -64.27 -2.10
N GLY H 137 -10.44 -63.06 -1.55
CA GLY H 137 -11.45 -62.73 -0.56
C GLY H 137 -11.00 -63.15 0.83
N ARG H 138 -11.94 -63.27 1.75
CA ARG H 138 -11.63 -63.55 3.14
C ARG H 138 -12.04 -64.95 3.57
N GLU H 139 -12.37 -65.79 2.61
CA GLU H 139 -12.75 -67.18 2.91
C GLU H 139 -11.89 -68.17 2.14
N LYS H 140 -11.37 -69.17 2.83
CA LYS H 140 -10.53 -70.18 2.19
C LYS H 140 -11.33 -71.33 1.63
N PHE H 141 -11.99 -71.08 0.51
CA PHE H 141 -12.87 -72.08 -0.09
C PHE H 141 -12.11 -73.03 -0.99
N HIS H 142 -12.64 -74.24 -1.16
CA HIS H 142 -11.97 -75.26 -1.95
C HIS H 142 -12.56 -75.45 -3.34
N SER H 143 -13.74 -74.90 -3.57
CA SER H 143 -14.41 -75.06 -4.86
C SER H 143 -15.32 -73.89 -5.16
N ARG H 144 -15.66 -73.72 -6.44
CA ARG H 144 -16.53 -72.63 -6.86
C ARG H 144 -17.98 -72.93 -6.49
N PRO H 145 -18.63 -72.03 -5.73
CA PRO H 145 -20.00 -72.10 -5.27
C PRO H 145 -20.98 -71.73 -6.37
N GLN H 146 -22.26 -72.04 -6.16
CA GLN H 146 -23.30 -71.63 -7.09
C GLN H 146 -23.89 -70.28 -6.69
N HIS H 147 -23.43 -69.76 -5.56
CA HIS H 147 -23.90 -68.49 -5.03
C HIS H 147 -22.77 -67.77 -4.29
N GLY H 148 -22.66 -66.47 -4.49
CA GLY H 148 -21.60 -65.72 -3.81
C GLY H 148 -21.30 -64.38 -4.48
N LYS H 149 -20.13 -63.84 -4.15
CA LYS H 149 -19.69 -62.53 -4.62
C LYS H 149 -18.63 -62.68 -5.71
N GLU H 150 -18.52 -61.71 -6.60
CA GLU H 150 -17.47 -61.74 -7.61
C GLU H 150 -16.38 -60.71 -7.33
N LEU H 151 -15.16 -61.19 -7.16
CA LEU H 151 -14.01 -60.33 -6.86
C LEU H 151 -13.01 -60.36 -8.03
N PRO H 152 -12.23 -59.28 -8.21
CA PRO H 152 -11.14 -59.18 -9.16
C PRO H 152 -10.07 -60.26 -8.95
N CYS H 153 -9.58 -60.84 -10.04
CA CYS H 153 -8.52 -61.83 -10.04
C CYS H 153 -7.84 -61.89 -11.41
N SER H 154 -6.73 -62.61 -11.49
CA SER H 154 -6.00 -62.70 -12.75
C SER H 154 -5.92 -64.13 -13.28
N THR H 155 -6.21 -64.29 -14.57
CA THR H 155 -6.23 -65.61 -15.21
C THR H 155 -5.45 -65.60 -16.51
N TYR H 156 -5.28 -66.78 -17.09
CA TYR H 156 -4.70 -66.89 -18.42
C TYR H 156 -5.82 -67.17 -19.40
N VAL H 157 -5.84 -66.43 -20.50
CA VAL H 157 -6.89 -66.63 -21.50
C VAL H 157 -6.53 -67.83 -22.37
N GLN H 158 -7.52 -68.38 -23.06
CA GLN H 158 -7.30 -69.56 -23.89
C GLN H 158 -6.81 -69.20 -25.29
N SER H 159 -6.70 -67.90 -25.57
CA SER H 159 -6.23 -67.44 -26.87
C SER H 159 -4.77 -67.79 -27.12
N THR H 160 -4.48 -68.19 -28.36
CA THR H 160 -3.12 -68.49 -28.79
C THR H 160 -2.61 -67.44 -29.76
N ALA H 161 -3.34 -66.34 -29.85
CA ALA H 161 -3.01 -65.25 -30.76
C ALA H 161 -1.67 -64.64 -30.39
N ALA H 162 -0.96 -64.12 -31.39
CA ALA H 162 0.36 -63.56 -31.19
C ALA H 162 0.32 -62.45 -30.15
N THR H 163 1.30 -62.45 -29.26
CA THR H 163 1.43 -61.45 -28.21
C THR H 163 2.85 -60.93 -28.10
N THR H 164 3.05 -59.96 -27.23
CA THR H 164 4.36 -59.33 -27.04
C THR H 164 5.38 -60.28 -26.46
N GLU H 165 4.96 -61.10 -25.50
CA GLU H 165 5.88 -62.03 -24.84
C GLU H 165 6.35 -63.10 -25.81
N GLU H 166 7.66 -63.35 -25.84
CA GLU H 166 8.24 -64.29 -26.80
C GLU H 166 9.48 -64.99 -26.27
N ILE H 167 9.84 -66.10 -26.92
CA ILE H 167 11.06 -66.83 -26.61
C ILE H 167 11.99 -66.89 -27.82
N GLU H 168 13.29 -66.94 -27.56
CA GLU H 168 14.29 -67.00 -28.61
C GLU H 168 14.48 -68.42 -29.14
N VAL H 169 14.67 -68.54 -30.45
CA VAL H 169 14.90 -69.84 -31.09
C VAL H 169 16.25 -69.93 -31.80
N HIS H 170 17.30 -70.36 -31.13
CA HIS H 170 18.62 -70.51 -31.71
C HIS H 170 18.79 -71.84 -32.44
N MET H 171 19.92 -72.07 -33.11
CA MET H 171 20.18 -73.37 -33.74
C MET H 171 20.89 -74.34 -32.77
N PRO H 172 20.57 -75.66 -32.82
CA PRO H 172 21.15 -76.47 -31.77
C PRO H 172 22.62 -76.77 -32.03
N PRO H 173 23.36 -77.14 -30.98
CA PRO H 173 24.74 -77.58 -30.97
C PRO H 173 24.88 -78.97 -31.56
N ASP H 174 26.10 -79.32 -31.94
CA ASP H 174 26.36 -80.66 -32.44
C ASP H 174 25.94 -81.68 -31.38
N THR H 175 25.24 -82.72 -31.81
CA THR H 175 24.74 -83.73 -30.89
C THR H 175 25.57 -85.01 -30.93
N PRO H 176 26.28 -85.35 -29.85
CA PRO H 176 27.09 -86.54 -29.67
C PRO H 176 26.25 -87.79 -29.84
N ASP H 177 26.83 -88.81 -30.46
CA ASP H 177 26.15 -90.09 -30.59
C ASP H 177 27.11 -91.26 -30.65
N ARG H 178 27.17 -92.02 -29.55
CA ARG H 178 28.06 -93.17 -29.46
C ARG H 178 27.60 -94.31 -30.34
N THR H 179 26.34 -94.26 -30.77
CA THR H 179 25.74 -95.33 -31.55
C THR H 179 26.32 -95.37 -32.96
N LEU H 180 26.92 -94.27 -33.40
CA LEU H 180 27.48 -94.20 -34.74
C LEU H 180 28.92 -94.70 -34.74
N MET H 181 29.46 -94.93 -33.55
CA MET H 181 30.85 -95.33 -33.40
C MET H 181 31.01 -96.84 -33.37
N SER H 182 30.75 -97.48 -34.50
CA SER H 182 30.91 -98.93 -34.62
C SER H 182 32.36 -99.28 -34.87
N GLN H 183 32.82 -100.40 -34.29
CA GLN H 183 34.20 -100.82 -34.48
C GLN H 183 34.29 -102.04 -35.38
N GLN H 184 34.91 -101.87 -36.54
CA GLN H 184 35.05 -102.93 -37.52
C GLN H 184 36.51 -103.33 -37.67
N SER H 185 36.87 -104.48 -37.11
CA SER H 185 38.24 -104.97 -37.18
C SER H 185 39.26 -103.92 -36.72
N GLY H 186 38.93 -103.22 -35.65
CA GLY H 186 39.84 -102.22 -35.07
C GLY H 186 39.73 -100.86 -35.73
N ASN H 187 38.81 -100.72 -36.67
CA ASN H 187 38.62 -99.44 -37.37
C ASN H 187 37.31 -98.78 -36.93
N VAL H 188 37.27 -97.45 -36.96
CA VAL H 188 36.05 -96.74 -36.61
C VAL H 188 35.21 -96.46 -37.84
N LYS H 189 33.98 -96.96 -37.86
CA LYS H 189 33.13 -96.85 -39.04
C LYS H 189 32.67 -95.43 -39.35
N ILE H 190 32.37 -94.66 -38.30
CA ILE H 190 31.78 -93.32 -38.45
C ILE H 190 30.54 -93.39 -39.34
N THR H 191 29.47 -93.95 -38.80
CA THR H 191 28.21 -94.05 -39.54
C THR H 191 27.53 -92.69 -39.63
N VAL H 192 27.03 -92.36 -40.80
CA VAL H 192 26.37 -91.06 -41.01
C VAL H 192 24.85 -91.16 -41.08
N ASN H 193 24.35 -92.11 -41.86
CA ASN H 193 22.90 -92.31 -42.03
C ASN H 193 22.18 -91.04 -42.48
N GLY H 194 22.82 -90.26 -43.34
CA GLY H 194 22.18 -89.07 -43.93
C GLY H 194 22.36 -87.81 -43.09
N GLN H 195 22.89 -87.95 -41.88
CA GLN H 195 23.08 -86.80 -41.02
C GLN H 195 24.56 -86.52 -40.82
N THR H 196 25.03 -85.40 -41.39
CA THR H 196 26.45 -85.09 -41.44
C THR H 196 27.11 -85.24 -40.08
N VAL H 197 28.25 -85.93 -40.06
CA VAL H 197 28.96 -86.23 -38.81
C VAL H 197 30.34 -85.61 -38.74
N ARG H 198 30.65 -85.04 -37.58
CA ARG H 198 31.99 -84.55 -37.28
C ARG H 198 32.62 -85.46 -36.23
N TYR H 199 33.91 -85.74 -36.36
CA TYR H 199 34.60 -86.58 -35.39
C TYR H 199 35.99 -86.05 -35.05
N LYS H 200 36.47 -86.37 -33.85
CA LYS H 200 37.80 -85.96 -33.41
C LYS H 200 38.51 -87.03 -32.58
N CYS H 201 39.79 -87.27 -32.88
CA CYS H 201 40.65 -88.15 -32.07
C CYS H 201 42.11 -88.04 -32.46
N ASN H 202 42.97 -88.63 -31.63
CA ASN H 202 44.42 -88.60 -31.83
C ASN H 202 44.95 -89.81 -32.62
N CYS H 203 44.24 -90.94 -32.57
CA CYS H 203 44.66 -92.15 -33.26
C CYS H 203 44.05 -92.21 -34.66
N GLY H 204 43.23 -91.23 -34.98
CA GLY H 204 42.57 -91.16 -36.27
C GLY H 204 43.29 -90.19 -37.20
N GLY H 205 42.55 -89.53 -38.07
CA GLY H 205 43.15 -88.60 -39.01
C GLY H 205 43.71 -87.40 -38.26
N SER H 206 44.81 -86.84 -38.78
CA SER H 206 45.44 -85.68 -38.17
C SER H 206 44.63 -84.42 -38.37
N ASN H 207 43.70 -84.47 -39.33
CA ASN H 207 42.85 -83.33 -39.63
C ASN H 207 41.38 -83.73 -39.58
N GLU H 208 40.68 -83.26 -38.55
CA GLU H 208 39.26 -83.54 -38.38
C GLU H 208 38.41 -82.72 -39.35
N GLY H 209 37.21 -83.21 -39.61
CA GLY H 209 36.30 -82.52 -40.52
C GLY H 209 34.94 -83.21 -40.55
N LEU H 210 34.09 -82.76 -41.46
CA LEU H 210 32.73 -83.29 -41.56
C LEU H 210 32.59 -84.25 -42.73
N THR H 211 31.75 -85.26 -42.56
CA THR H 211 31.45 -86.19 -43.65
C THR H 211 29.96 -86.38 -43.85
N THR H 212 29.57 -86.61 -45.08
CA THR H 212 28.18 -86.91 -45.41
C THR H 212 28.01 -88.39 -45.76
N THR H 213 29.14 -89.11 -45.75
CA THR H 213 29.13 -90.54 -46.02
C THR H 213 29.97 -91.27 -44.98
N ASP H 214 29.72 -92.57 -44.83
CA ASP H 214 30.47 -93.34 -43.85
C ASP H 214 31.96 -93.27 -44.16
N LYS H 215 32.76 -92.94 -43.15
CA LYS H 215 34.20 -92.82 -43.33
C LYS H 215 34.95 -93.65 -42.31
N VAL H 216 35.70 -94.63 -42.79
CA VAL H 216 36.39 -95.55 -41.90
C VAL H 216 37.74 -95.01 -41.44
N ILE H 217 37.98 -95.02 -40.13
CA ILE H 217 39.25 -94.61 -39.58
C ILE H 217 40.06 -95.84 -39.23
N ASN H 218 41.17 -96.04 -39.94
CA ASN H 218 41.96 -97.25 -39.78
C ASN H 218 42.84 -97.23 -38.54
N ASN H 219 43.01 -98.39 -37.92
CA ASN H 219 43.93 -98.54 -36.80
C ASN H 219 43.66 -97.55 -35.66
N CYS H 220 42.38 -97.40 -35.31
CA CYS H 220 41.93 -96.47 -34.27
C CYS H 220 40.70 -97.04 -33.60
N LYS H 221 40.67 -97.02 -32.28
CA LYS H 221 39.56 -97.61 -31.54
C LYS H 221 38.42 -96.61 -31.34
N VAL H 222 37.20 -97.13 -31.23
CA VAL H 222 36.02 -96.28 -31.06
C VAL H 222 36.01 -95.55 -29.73
N ASP H 223 36.62 -96.13 -28.70
CA ASP H 223 36.62 -95.51 -27.39
C ASP H 223 37.55 -94.31 -27.36
N GLN H 224 38.37 -94.19 -28.39
CA GLN H 224 39.32 -93.09 -28.49
C GLN H 224 38.84 -91.94 -29.38
N CYS H 225 37.62 -92.05 -29.93
CA CYS H 225 37.08 -91.02 -30.82
C CYS H 225 35.71 -90.53 -30.38
N HIS H 226 35.51 -89.23 -30.54
CA HIS H 226 34.22 -88.58 -30.29
C HIS H 226 33.58 -88.22 -31.62
N ALA H 227 32.26 -88.28 -31.68
CA ALA H 227 31.56 -87.90 -32.89
C ALA H 227 30.19 -87.32 -32.58
N ALA H 228 29.73 -86.42 -33.43
CA ALA H 228 28.45 -85.75 -33.25
C ALA H 228 27.81 -85.39 -34.58
N VAL H 229 26.48 -85.27 -34.58
CA VAL H 229 25.74 -84.84 -35.76
C VAL H 229 25.71 -83.32 -35.89
N THR H 230 26.09 -82.83 -37.07
CA THR H 230 26.15 -81.40 -37.35
C THR H 230 25.02 -80.96 -38.27
N ASN H 231 24.26 -81.92 -38.80
CA ASN H 231 23.23 -81.61 -39.78
C ASN H 231 21.93 -81.20 -39.11
N HIS H 232 21.77 -79.90 -38.88
CA HIS H 232 20.57 -79.39 -38.23
C HIS H 232 19.97 -78.26 -39.04
N LYS H 233 18.73 -78.45 -39.50
CA LYS H 233 18.03 -77.44 -40.28
C LYS H 233 16.91 -76.78 -39.48
N LYS H 234 16.35 -77.54 -38.55
CA LYS H 234 15.30 -77.02 -37.72
C LYS H 234 15.97 -76.32 -36.56
N TRP H 235 15.29 -75.37 -35.95
CA TRP H 235 15.91 -74.61 -34.88
C TRP H 235 15.15 -74.83 -33.59
N GLN H 236 15.80 -74.71 -32.44
CA GLN H 236 15.14 -75.02 -31.18
C GLN H 236 15.29 -73.94 -30.13
N TYR H 237 14.34 -73.88 -29.21
CA TYR H 237 14.38 -72.90 -28.14
C TYR H 237 15.69 -72.95 -27.47
N ASN H 238 16.22 -71.80 -27.14
CA ASN H 238 17.55 -71.76 -26.54
C ASN H 238 17.48 -71.99 -25.05
N SER H 239 17.12 -73.22 -24.69
CA SER H 239 16.97 -73.64 -23.31
C SER H 239 18.28 -73.61 -22.55
N PRO H 240 18.25 -73.28 -21.25
CA PRO H 240 19.36 -73.27 -20.32
C PRO H 240 19.91 -74.68 -20.10
N LEU H 241 19.17 -75.68 -20.57
CA LEU H 241 19.57 -77.07 -20.44
C LEU H 241 20.26 -77.59 -21.70
N VAL H 242 20.45 -76.70 -22.68
CA VAL H 242 21.11 -77.05 -23.93
C VAL H 242 22.18 -76.01 -24.26
N PRO H 243 23.44 -76.43 -24.47
CA PRO H 243 24.60 -75.58 -24.70
C PRO H 243 24.53 -74.83 -26.02
N ARG H 244 25.17 -73.67 -26.07
CA ARG H 244 25.26 -72.87 -27.29
C ARG H 244 26.33 -73.41 -28.23
N ASN H 245 26.14 -73.18 -29.52
CA ASN H 245 27.10 -73.60 -30.53
C ASN H 245 28.14 -72.52 -30.83
N ALA H 246 28.03 -71.39 -30.15
CA ALA H 246 28.95 -70.28 -30.35
C ALA H 246 28.97 -69.36 -29.14
N GLU H 247 30.07 -68.63 -28.98
CA GLU H 247 30.23 -67.71 -27.86
C GLU H 247 29.17 -66.62 -27.86
N LEU H 248 28.59 -66.40 -29.03
CA LEU H 248 27.54 -65.40 -29.15
C LEU H 248 26.15 -65.98 -29.40
N GLY H 249 26.02 -66.94 -30.31
CA GLY H 249 24.73 -67.56 -30.56
C GLY H 249 23.98 -67.16 -31.82
N ASP H 250 23.24 -68.11 -32.40
CA ASP H 250 22.54 -67.86 -33.67
C ASP H 250 21.38 -66.91 -33.81
N ARG H 251 20.45 -66.94 -32.88
CA ARG H 251 19.28 -66.06 -32.92
C ARG H 251 18.43 -66.15 -34.20
N LYS H 252 18.17 -67.36 -34.70
CA LYS H 252 17.33 -67.46 -35.87
C LYS H 252 15.88 -67.69 -35.56
N GLY H 253 15.05 -66.65 -35.57
CA GLY H 253 13.61 -66.82 -35.35
C GLY H 253 13.06 -66.63 -33.95
N LYS H 254 11.75 -66.43 -33.83
CA LYS H 254 11.12 -66.23 -32.52
C LYS H 254 9.71 -66.79 -32.40
N ILE H 255 9.29 -67.15 -31.19
CA ILE H 255 7.99 -67.76 -30.92
C ILE H 255 7.28 -67.00 -29.81
N HIS H 256 6.04 -66.59 -30.07
CA HIS H 256 5.28 -65.89 -29.05
C HIS H 256 4.79 -66.87 -28.00
N ILE H 257 4.59 -66.38 -26.79
CA ILE H 257 4.03 -67.21 -25.74
C ILE H 257 2.52 -67.00 -25.62
N PRO H 258 1.72 -68.04 -25.88
CA PRO H 258 0.27 -68.06 -25.90
C PRO H 258 -0.31 -67.98 -24.50
N PHE H 259 -1.61 -67.75 -24.41
CA PHE H 259 -2.31 -67.73 -23.14
C PHE H 259 -1.78 -66.65 -22.20
N PRO H 260 -1.87 -65.38 -22.58
CA PRO H 260 -1.47 -64.20 -21.83
C PRO H 260 -2.34 -63.97 -20.62
N LEU H 261 -1.78 -63.30 -19.62
CA LEU H 261 -2.48 -62.97 -18.38
C LEU H 261 -3.50 -61.85 -18.62
N ALA H 262 -4.67 -61.96 -17.97
CA ALA H 262 -5.73 -60.97 -18.18
C ALA H 262 -6.53 -60.72 -16.89
N ASN H 263 -7.18 -59.57 -16.84
CA ASN H 263 -8.01 -59.17 -15.70
C ASN H 263 -9.43 -59.71 -15.80
N VAL H 264 -9.77 -60.61 -14.89
CA VAL H 264 -11.09 -61.22 -14.84
C VAL H 264 -11.62 -61.23 -13.41
N THR H 265 -12.86 -61.67 -13.22
CA THR H 265 -13.38 -61.81 -11.88
C THR H 265 -13.53 -63.29 -11.49
N CYS H 266 -13.51 -63.55 -10.18
CA CYS H 266 -13.66 -64.89 -9.61
C CYS H 266 -14.81 -64.92 -8.62
N ARG H 267 -15.57 -66.01 -8.63
CA ARG H 267 -16.68 -66.17 -7.70
C ARG H 267 -16.21 -66.72 -6.37
N VAL H 268 -16.62 -66.08 -5.28
CA VAL H 268 -16.30 -66.55 -3.94
C VAL H 268 -17.58 -66.67 -3.12
N PRO H 269 -17.66 -67.64 -2.22
CA PRO H 269 -18.80 -67.97 -1.38
C PRO H 269 -19.00 -66.96 -0.27
N LYS H 270 -20.19 -66.98 0.29
CA LYS H 270 -20.48 -66.19 1.49
C LYS H 270 -20.80 -67.10 2.67
N ALA H 271 -20.12 -66.86 3.79
CA ALA H 271 -20.31 -67.64 5.00
C ALA H 271 -21.73 -67.46 5.55
N ARG H 272 -22.22 -68.50 6.21
CA ARG H 272 -23.56 -68.48 6.77
C ARG H 272 -23.77 -67.35 7.77
N ASN H 273 -24.96 -66.77 7.76
CA ASN H 273 -25.31 -65.77 8.74
C ASN H 273 -25.19 -66.36 10.15
N PRO H 274 -24.47 -65.71 11.05
CA PRO H 274 -24.22 -66.12 12.41
C PRO H 274 -25.46 -65.94 13.26
N THR H 275 -25.55 -66.70 14.36
CA THR H 275 -26.62 -66.48 15.32
C THR H 275 -26.19 -65.41 16.30
N VAL H 276 -27.00 -64.38 16.45
CA VAL H 276 -26.59 -63.24 17.26
C VAL H 276 -27.53 -62.97 18.41
N THR H 277 -26.96 -62.86 19.61
CA THR H 277 -27.69 -62.47 20.80
C THR H 277 -27.01 -61.27 21.43
N TYR H 278 -27.72 -60.55 22.29
CA TYR H 278 -27.16 -59.32 22.83
C TYR H 278 -27.13 -59.29 24.35
N GLY H 279 -26.11 -58.62 24.88
CA GLY H 279 -26.00 -58.35 26.30
C GLY H 279 -25.68 -56.87 26.51
N LYS H 280 -25.35 -56.48 27.73
CA LYS H 280 -25.08 -55.07 27.98
C LYS H 280 -23.76 -54.66 27.36
N ASN H 281 -23.83 -53.78 26.37
CA ASN H 281 -22.66 -53.36 25.61
C ASN H 281 -21.92 -54.57 25.07
N GLN H 282 -22.66 -55.60 24.67
CA GLN H 282 -22.04 -56.83 24.24
C GLN H 282 -22.80 -57.51 23.10
N VAL H 283 -22.05 -57.99 22.11
CA VAL H 283 -22.64 -58.77 21.03
C VAL H 283 -22.04 -60.17 20.99
N ILE H 284 -22.91 -61.17 21.06
CA ILE H 284 -22.45 -62.54 21.07
C ILE H 284 -22.82 -63.25 19.78
N MET H 285 -21.81 -63.75 19.07
CA MET H 285 -22.06 -64.40 17.80
C MET H 285 -21.67 -65.87 17.82
N LEU H 286 -22.52 -66.71 17.27
CA LEU H 286 -22.17 -68.10 17.06
C LEU H 286 -21.93 -68.35 15.58
N LEU H 287 -20.70 -68.72 15.24
CA LEU H 287 -20.28 -68.80 13.85
C LEU H 287 -20.37 -70.21 13.30
N TYR H 288 -20.80 -70.34 12.05
CA TYR H 288 -20.95 -71.65 11.41
C TYR H 288 -20.25 -71.73 10.06
N PRO H 289 -18.91 -71.76 10.03
CA PRO H 289 -18.08 -71.86 8.85
C PRO H 289 -18.12 -73.26 8.24
N ASP H 290 -17.98 -73.33 6.91
CA ASP H 290 -17.76 -74.60 6.22
C ASP H 290 -16.27 -74.80 5.98
N HIS H 291 -15.58 -73.69 5.82
CA HIS H 291 -14.17 -73.63 5.53
C HIS H 291 -13.61 -72.41 6.26
N PRO H 292 -12.30 -72.35 6.53
CA PRO H 292 -11.69 -71.34 7.36
C PRO H 292 -12.13 -69.98 6.88
N THR H 293 -12.67 -69.20 7.80
CA THR H 293 -13.25 -67.91 7.49
C THR H 293 -12.68 -66.84 8.38
N LEU H 294 -12.25 -65.73 7.78
CA LEU H 294 -11.67 -64.66 8.56
C LEU H 294 -12.75 -63.82 9.24
N LEU H 295 -12.58 -63.63 10.53
CA LEU H 295 -13.43 -62.72 11.30
C LEU H 295 -12.62 -61.52 11.72
N SER H 296 -13.12 -60.33 11.45
CA SER H 296 -12.40 -59.14 11.86
C SER H 296 -13.35 -58.05 12.29
N TYR H 297 -12.89 -57.19 13.17
CA TYR H 297 -13.72 -56.10 13.64
C TYR H 297 -12.90 -54.91 14.09
N ARG H 298 -13.53 -53.74 14.03
CA ARG H 298 -12.91 -52.50 14.45
C ARG H 298 -13.90 -51.60 15.15
N ASN H 299 -13.41 -50.76 16.04
CA ASN H 299 -14.22 -49.71 16.62
C ASN H 299 -14.40 -48.62 15.58
N MET H 300 -15.53 -47.95 15.61
CA MET H 300 -15.80 -46.87 14.65
C MET H 300 -15.41 -45.51 15.22
N GLY H 301 -14.68 -45.52 16.33
CA GLY H 301 -14.21 -44.30 16.96
C GLY H 301 -12.78 -43.96 16.53
N GLU H 302 -12.13 -43.10 17.31
CA GLU H 302 -10.78 -42.64 17.00
C GLU H 302 -9.76 -43.76 17.01
N GLU H 303 -9.92 -44.71 17.92
CA GLU H 303 -9.00 -45.82 18.04
C GLU H 303 -9.68 -47.14 17.71
N PRO H 304 -9.51 -47.66 16.49
CA PRO H 304 -10.22 -48.79 15.93
C PRO H 304 -9.89 -50.09 16.64
N ASN H 305 -8.72 -50.17 17.28
CA ASN H 305 -8.36 -51.38 18.00
C ASN H 305 -8.60 -52.62 17.15
N TYR H 306 -8.10 -52.60 15.93
CA TYR H 306 -8.40 -53.67 14.98
C TYR H 306 -7.92 -55.02 15.47
N GLN H 307 -8.81 -56.01 15.38
CA GLN H 307 -8.47 -57.39 15.71
C GLN H 307 -9.02 -58.33 14.66
N GLU H 308 -8.33 -59.45 14.44
CA GLU H 308 -8.81 -60.45 13.50
C GLU H 308 -8.39 -61.85 13.91
N GLU H 309 -9.18 -62.84 13.50
CA GLU H 309 -8.82 -64.25 13.69
C GLU H 309 -9.42 -65.12 12.60
N TRP H 310 -8.77 -66.23 12.31
CA TRP H 310 -9.35 -67.22 11.40
C TRP H 310 -10.17 -68.23 12.18
N VAL H 311 -11.40 -68.46 11.74
CA VAL H 311 -12.27 -69.40 12.42
C VAL H 311 -12.44 -70.66 11.58
N MET H 312 -11.95 -71.78 12.09
CA MET H 312 -11.97 -73.04 11.35
C MET H 312 -13.09 -73.96 11.80
N HIS H 313 -13.66 -73.67 12.97
CA HIS H 313 -14.66 -74.53 13.59
C HIS H 313 -15.78 -73.71 14.19
N LYS H 314 -16.93 -74.33 14.42
CA LYS H 314 -18.01 -73.61 15.07
C LYS H 314 -17.50 -72.99 16.34
N LYS H 315 -17.72 -71.70 16.50
CA LYS H 315 -17.19 -70.98 17.65
C LYS H 315 -18.13 -69.89 18.14
N GLU H 316 -18.14 -69.67 19.45
CA GLU H 316 -18.87 -68.54 20.02
C GLU H 316 -17.92 -67.41 20.34
N VAL H 317 -18.17 -66.26 19.74
CA VAL H 317 -17.31 -65.10 19.93
C VAL H 317 -18.05 -63.97 20.63
N VAL H 318 -17.47 -63.48 21.71
CA VAL H 318 -18.09 -62.40 22.46
C VAL H 318 -17.34 -61.09 22.22
N LEU H 319 -18.05 -60.11 21.67
CA LEU H 319 -17.45 -58.85 21.33
C LEU H 319 -17.97 -57.71 22.19
N THR H 320 -17.06 -56.89 22.70
CA THR H 320 -17.43 -55.71 23.48
C THR H 320 -17.73 -54.55 22.56
N VAL H 321 -18.85 -53.88 22.80
CA VAL H 321 -19.24 -52.76 21.96
C VAL H 321 -19.07 -51.42 22.68
N PRO H 322 -18.23 -50.52 22.15
CA PRO H 322 -17.95 -49.19 22.64
C PRO H 322 -19.07 -48.25 22.28
N THR H 323 -19.09 -47.07 22.89
CA THR H 323 -20.16 -46.11 22.64
C THR H 323 -20.09 -45.54 21.23
N GLU H 324 -18.92 -45.61 20.61
CA GLU H 324 -18.75 -45.15 19.23
C GLU H 324 -19.34 -46.15 18.24
N GLY H 325 -19.58 -47.37 18.69
CA GLY H 325 -20.11 -48.43 17.83
C GLY H 325 -19.03 -49.38 17.35
N LEU H 326 -19.43 -50.60 17.01
CA LEU H 326 -18.52 -51.64 16.54
C LEU H 326 -18.89 -52.14 15.16
N GLU H 327 -17.90 -52.29 14.29
CA GLU H 327 -18.13 -52.87 12.96
C GLU H 327 -17.51 -54.26 12.86
N VAL H 328 -18.31 -55.24 12.48
CA VAL H 328 -17.85 -56.62 12.40
C VAL H 328 -17.98 -57.20 11.00
N THR H 329 -16.88 -57.73 10.47
CA THR H 329 -16.91 -58.34 9.15
C THR H 329 -16.70 -59.84 9.23
N TRP H 330 -17.68 -60.59 8.71
CA TRP H 330 -17.64 -62.04 8.74
C TRP H 330 -17.46 -62.63 7.35
N GLY H 331 -16.26 -63.10 7.07
CA GLY H 331 -15.96 -63.67 5.77
C GLY H 331 -16.16 -62.66 4.66
N ASN H 332 -16.86 -63.07 3.61
CA ASN H 332 -17.09 -62.21 2.46
C ASN H 332 -18.42 -61.47 2.53
N ASN H 333 -19.07 -61.56 3.69
CA ASN H 333 -20.35 -60.88 3.89
C ASN H 333 -20.15 -59.40 4.16
N GLU H 334 -21.17 -58.61 3.84
CA GLU H 334 -21.15 -57.19 4.15
C GLU H 334 -21.05 -57.02 5.66
N PRO H 335 -20.30 -56.03 6.12
CA PRO H 335 -19.99 -55.75 7.51
C PRO H 335 -21.24 -55.38 8.29
N TYR H 336 -21.28 -55.80 9.55
CA TYR H 336 -22.38 -55.49 10.44
C TYR H 336 -21.99 -54.32 11.34
N LYS H 337 -22.93 -53.44 11.61
CA LYS H 337 -22.63 -52.33 12.52
C LYS H 337 -23.54 -52.38 13.74
N TYR H 338 -22.93 -52.24 14.91
CA TYR H 338 -23.69 -52.29 16.16
C TYR H 338 -23.41 -51.07 17.02
N TRP H 339 -24.47 -50.54 17.62
CA TRP H 339 -24.37 -49.47 18.59
C TRP H 339 -25.12 -49.85 19.86
N PRO H 340 -24.59 -49.50 21.03
CA PRO H 340 -25.20 -49.66 22.32
C PRO H 340 -26.26 -48.59 22.53
N GLN H 341 -27.27 -48.90 23.31
CA GLN H 341 -28.21 -47.89 23.73
C GLN H 341 -28.36 -47.92 25.25
N LEU H 342 -29.14 -46.99 25.79
CA LEU H 342 -29.19 -46.81 27.23
C LEU H 342 -30.11 -47.79 27.92
N SER H 343 -29.77 -49.07 27.88
CA SER H 343 -30.51 -50.09 28.61
C SER H 343 -30.06 -50.13 30.06
N THR H 344 -30.97 -50.45 30.96
CA THR H 344 -30.65 -50.55 32.38
C THR H 344 -31.72 -51.32 33.14
N ASN H 345 -31.33 -51.90 34.28
CA ASN H 345 -32.28 -52.60 35.13
C ASN H 345 -32.76 -51.73 36.28
N GLY H 346 -32.32 -50.47 36.30
CA GLY H 346 -32.71 -49.53 37.35
C GLY H 346 -33.78 -48.57 36.86
N THR H 347 -34.09 -47.57 37.67
CA THR H 347 -35.06 -46.55 37.31
C THR H 347 -34.67 -45.19 37.89
N ALA H 348 -34.87 -44.14 37.11
CA ALA H 348 -34.53 -42.80 37.57
C ALA H 348 -35.65 -42.18 38.38
N HIS H 349 -36.79 -42.85 38.43
CA HIS H 349 -37.96 -42.30 39.09
C HIS H 349 -38.42 -43.15 40.27
N GLY H 350 -37.51 -43.97 40.78
CA GLY H 350 -37.82 -44.86 41.89
C GLY H 350 -37.14 -44.40 43.18
N HIS H 351 -36.79 -45.38 44.02
CA HIS H 351 -36.14 -45.11 45.28
C HIS H 351 -34.70 -44.67 45.04
N PRO H 352 -34.11 -43.87 45.94
CA PRO H 352 -32.77 -43.31 45.83
C PRO H 352 -31.72 -44.34 45.44
N HIS H 353 -31.83 -45.57 45.95
CA HIS H 353 -30.85 -46.59 45.58
C HIS H 353 -31.09 -47.11 44.17
N GLU H 354 -32.33 -46.99 43.69
CA GLU H 354 -32.69 -47.42 42.35
C GLU H 354 -32.24 -46.38 41.34
N ILE H 355 -32.24 -45.13 41.78
CA ILE H 355 -31.81 -44.00 40.97
C ILE H 355 -30.30 -44.06 40.73
N ILE H 356 -29.55 -44.39 41.76
CA ILE H 356 -28.11 -44.52 41.62
C ILE H 356 -27.77 -45.66 40.68
N LEU H 357 -28.50 -46.77 40.80
CA LEU H 357 -28.28 -47.91 39.91
C LEU H 357 -28.55 -47.52 38.46
N TYR H 358 -29.61 -46.75 38.25
CA TYR H 358 -29.97 -46.32 36.91
C TYR H 358 -28.82 -45.57 36.25
N TYR H 359 -28.30 -44.58 36.94
CA TYR H 359 -27.25 -43.75 36.36
C TYR H 359 -25.90 -44.48 36.35
N TYR H 360 -25.68 -45.35 37.33
CA TYR H 360 -24.43 -46.09 37.38
C TYR H 360 -24.29 -47.03 36.20
N GLU H 361 -25.35 -47.76 35.88
CA GLU H 361 -25.28 -48.71 34.78
C GLU H 361 -25.08 -48.00 33.44
N LEU H 362 -25.69 -46.82 33.30
CA LEU H 362 -25.58 -46.09 32.05
C LEU H 362 -24.29 -45.28 31.97
N TYR H 363 -23.84 -44.73 33.09
CA TYR H 363 -22.66 -43.88 33.13
C TYR H 363 -21.72 -44.27 34.27
N PRO H 364 -21.07 -45.44 34.19
CA PRO H 364 -20.41 -46.16 35.25
C PRO H 364 -19.18 -45.44 35.81
N THR H 365 -18.61 -44.52 35.05
CA THR H 365 -17.43 -43.81 35.51
C THR H 365 -17.78 -42.39 35.95
N MET H 366 -18.70 -41.77 35.22
CA MET H 366 -19.12 -40.42 35.54
C MET H 366 -19.96 -40.40 36.80
N THR H 367 -20.75 -41.45 37.00
CA THR H 367 -21.62 -41.54 38.17
C THR H 367 -20.81 -41.64 39.44
N VAL H 368 -19.75 -42.41 39.40
CA VAL H 368 -18.92 -42.61 40.58
C VAL H 368 -18.22 -41.33 40.98
N VAL H 369 -17.71 -40.60 40.00
CA VAL H 369 -17.02 -39.36 40.29
C VAL H 369 -17.98 -38.30 40.85
N VAL H 370 -19.16 -38.19 40.26
CA VAL H 370 -20.12 -37.20 40.72
C VAL H 370 -20.62 -37.52 42.12
N VAL H 371 -20.93 -38.78 42.37
CA VAL H 371 -21.42 -39.19 43.68
C VAL H 371 -20.34 -39.07 44.75
N SER H 372 -19.12 -39.49 44.42
CA SER H 372 -18.03 -39.44 45.38
C SER H 372 -17.70 -38.01 45.78
N VAL H 373 -17.68 -37.11 44.79
CA VAL H 373 -17.39 -35.71 45.06
C VAL H 373 -18.52 -35.04 45.81
N ALA H 374 -19.76 -35.31 45.39
CA ALA H 374 -20.91 -34.70 46.04
C ALA H 374 -20.98 -35.13 47.50
N SER H 375 -20.66 -36.40 47.76
CA SER H 375 -20.69 -36.90 49.13
C SER H 375 -19.62 -36.22 49.96
N PHE H 376 -18.43 -36.07 49.39
CA PHE H 376 -17.33 -35.40 50.08
C PHE H 376 -17.69 -33.96 50.43
N VAL H 377 -18.24 -33.24 49.47
CA VAL H 377 -18.56 -31.83 49.68
C VAL H 377 -19.65 -31.66 50.74
N LEU H 378 -20.67 -32.50 50.68
CA LEU H 378 -21.76 -32.39 51.65
C LEU H 378 -21.26 -32.72 53.06
N LEU H 379 -20.40 -33.72 53.17
CA LEU H 379 -19.83 -34.07 54.46
C LEU H 379 -18.91 -32.98 54.98
N SER H 380 -18.17 -32.37 54.06
CA SER H 380 -17.27 -31.28 54.43
C SER H 380 -18.05 -30.09 54.95
N MET H 381 -19.17 -29.77 54.29
CA MET H 381 -20.01 -28.67 54.73
C MET H 381 -20.53 -28.89 56.14
N VAL H 382 -20.91 -30.12 56.44
CA VAL H 382 -21.40 -30.43 57.77
C VAL H 382 -20.28 -30.29 58.80
N GLY H 383 -19.10 -30.79 58.47
CA GLY H 383 -17.97 -30.70 59.36
C GLY H 383 -17.62 -29.24 59.68
N VAL H 384 -17.77 -28.38 58.67
CA VAL H 384 -17.52 -26.95 58.86
C VAL H 384 -18.58 -26.32 59.75
N ALA H 385 -19.85 -26.68 59.51
CA ALA H 385 -20.94 -26.14 60.30
C ALA H 385 -20.78 -26.51 61.77
N VAL H 386 -20.31 -27.73 62.02
CA VAL H 386 -20.09 -28.18 63.38
C VAL H 386 -18.91 -27.44 64.00
N GLY H 387 -17.84 -27.27 63.22
CA GLY H 387 -16.67 -26.53 63.70
C GLY H 387 -17.01 -25.10 64.06
N MET H 388 -17.87 -24.47 63.25
CA MET H 388 -18.29 -23.10 63.54
C MET H 388 -19.12 -23.04 64.81
N CYS H 389 -19.95 -24.06 65.03
CA CYS H 389 -20.78 -24.11 66.23
C CYS H 389 -19.92 -24.28 67.48
N MET H 390 -18.90 -25.14 67.38
CA MET H 390 -18.01 -25.34 68.51
C MET H 390 -17.20 -24.10 68.82
N CYS H 391 -16.79 -23.37 67.78
CA CYS H 391 -16.04 -22.14 67.98
C CYS H 391 -16.93 -21.10 68.63
N ALA H 392 -18.18 -21.01 68.17
CA ALA H 392 -19.13 -20.08 68.72
C ALA H 392 -19.43 -20.41 70.17
N ARG H 393 -19.52 -21.70 70.47
CA ARG H 393 -19.83 -22.14 71.83
C ARG H 393 -18.71 -21.76 72.78
N ARG H 394 -17.48 -21.95 72.35
CA ARG H 394 -16.34 -21.62 73.21
C ARG H 394 -16.25 -20.12 73.46
N ARG H 395 -16.45 -19.33 72.41
CA ARG H 395 -16.34 -17.87 72.56
C ARG H 395 -17.46 -17.32 73.43
N CYS H 396 -18.65 -17.87 73.29
CA CYS H 396 -19.81 -17.42 74.04
C CYS H 396 -19.70 -17.74 75.53
N ILE H 397 -19.19 -18.92 75.85
CA ILE H 397 -19.14 -19.38 77.24
C ILE H 397 -17.87 -18.99 77.98
N THR H 398 -16.79 -18.74 77.24
CA THR H 398 -15.51 -18.44 77.89
C THR H 398 -15.61 -17.41 79.02
N PRO H 399 -16.28 -16.27 78.83
CA PRO H 399 -16.36 -15.18 79.79
C PRO H 399 -16.97 -15.63 81.12
N TYR H 400 -17.72 -16.72 81.08
CA TYR H 400 -18.37 -17.23 82.28
C TYR H 400 -17.50 -18.28 82.98
N GLU H 401 -16.82 -19.11 82.19
CA GLU H 401 -15.98 -20.16 82.75
C GLU H 401 -14.59 -19.63 83.10
N LEU H 402 -14.27 -18.46 82.57
CA LEU H 402 -12.98 -17.82 82.81
C LEU H 402 -13.03 -16.94 84.04
N THR H 403 -14.25 -16.62 84.49
CA THR H 403 -14.50 -15.67 85.57
C THR H 403 -14.73 -16.39 86.91
N PRO H 404 -14.00 -16.01 87.97
CA PRO H 404 -14.14 -16.53 89.32
C PRO H 404 -15.47 -16.10 89.91
N GLY H 405 -16.16 -17.03 90.56
CA GLY H 405 -17.42 -16.71 91.23
C GLY H 405 -18.60 -16.64 90.28
N ALA H 406 -18.35 -16.77 88.98
CA ALA H 406 -19.41 -16.64 87.99
C ALA H 406 -20.25 -17.91 87.92
N THR H 407 -21.52 -17.73 87.61
CA THR H 407 -22.42 -18.86 87.39
C THR H 407 -23.07 -18.72 86.02
N VAL H 408 -23.04 -19.81 85.25
CA VAL H 408 -23.64 -19.82 83.92
C VAL H 408 -25.17 -19.81 84.02
N PRO H 409 -25.84 -18.88 83.34
CA PRO H 409 -27.27 -18.76 83.22
C PRO H 409 -27.88 -20.06 82.71
N PHE H 410 -29.04 -20.42 83.25
CA PHE H 410 -29.68 -21.68 82.91
C PHE H 410 -29.91 -21.83 81.42
N LEU H 411 -30.43 -20.79 80.79
CA LEU H 411 -30.72 -20.87 79.36
C LEU H 411 -29.44 -21.00 78.56
N LEU H 412 -28.37 -20.35 79.01
CA LEU H 412 -27.11 -20.39 78.27
C LEU H 412 -26.50 -21.78 78.30
N SER H 413 -26.62 -22.47 79.44
CA SER H 413 -26.05 -23.79 79.57
C SER H 413 -26.77 -24.79 78.66
N LEU H 414 -28.05 -24.56 78.42
CA LEU H 414 -28.82 -25.40 77.51
C LEU H 414 -28.41 -25.15 76.07
N ILE H 415 -28.18 -23.87 75.74
CA ILE H 415 -27.78 -23.47 74.39
C ILE H 415 -26.37 -23.95 74.07
N CYS H 416 -25.48 -23.80 75.04
CA CYS H 416 -24.08 -24.18 74.86
C CYS H 416 -23.87 -25.69 75.01
N CYS H 417 -24.92 -26.39 75.40
CA CYS H 417 -24.84 -27.84 75.60
C CYS H 417 -23.74 -28.21 76.58
N ILE H 418 -23.75 -27.56 77.74
CA ILE H 418 -22.74 -27.79 78.78
C ILE H 418 -23.38 -28.13 80.11
N ARG H 419 -22.59 -28.63 81.04
CA ARG H 419 -23.06 -28.96 82.37
C ARG H 419 -23.45 -27.71 83.16
N THR H 420 -24.43 -27.84 84.04
CA THR H 420 -24.93 -26.72 84.82
C THR H 420 -23.90 -26.16 85.79
N ALA H 421 -23.76 -24.84 85.78
CA ALA H 421 -22.88 -24.13 86.71
C ALA H 421 -21.48 -24.71 86.72
N LYS H 422 -21.00 -25.06 87.92
CA LYS H 422 -19.63 -25.53 88.10
C LYS H 422 -19.52 -27.03 88.40
N ALA H 423 -20.63 -27.78 88.26
CA ALA H 423 -20.67 -29.20 88.63
C ALA H 423 -21.36 -30.03 87.54
N ASN I 1 24.66 54.65 78.33
CA ASN I 1 25.08 53.28 78.57
C ASN I 1 23.95 52.32 78.19
N ASP I 2 24.19 51.00 78.34
CA ASP I 2 23.21 49.96 78.05
C ASP I 2 22.61 50.05 76.64
N CYS I 3 23.48 50.28 75.66
CA CYS I 3 23.08 50.42 74.25
C CYS I 3 24.03 49.64 73.35
N ILE I 4 24.13 48.33 73.58
CA ILE I 4 24.98 47.50 72.75
C ILE I 4 24.32 46.20 72.34
N PHE I 5 24.40 45.90 71.05
CA PHE I 5 24.03 44.59 70.53
C PHE I 5 25.22 44.06 69.74
N GLU I 6 25.48 42.76 69.84
CA GLU I 6 26.64 42.19 69.19
C GLU I 6 26.40 41.94 67.70
N VAL I 7 27.43 42.18 66.90
CA VAL I 7 27.42 41.80 65.50
C VAL I 7 28.51 40.78 65.23
N LYS I 8 28.11 39.61 64.73
CA LYS I 8 29.06 38.51 64.51
C LYS I 8 28.79 37.78 63.21
N HIS I 9 29.87 37.34 62.56
CA HIS I 9 29.77 36.59 61.31
C HIS I 9 30.20 35.14 61.50
N GLU I 10 31.36 34.94 62.11
CA GLU I 10 31.95 33.63 62.27
C GLU I 10 31.67 33.05 63.65
N GLY I 11 30.82 33.74 64.41
CA GLY I 11 30.49 33.36 65.78
C GLY I 11 31.23 34.26 66.76
N LYS I 12 32.21 34.99 66.26
CA LYS I 12 32.95 35.94 67.07
C LYS I 12 32.45 37.35 66.78
N VAL I 13 32.52 38.23 67.77
CA VAL I 13 32.04 39.59 67.58
C VAL I 13 32.99 40.38 66.72
N THR I 14 32.44 41.01 65.68
CA THR I 14 33.22 41.80 64.74
C THR I 14 32.95 43.29 64.96
N GLY I 15 31.84 43.59 65.62
CA GLY I 15 31.47 44.97 65.90
C GLY I 15 30.16 45.04 66.67
N TYR I 16 29.65 46.26 66.87
CA TYR I 16 28.45 46.46 67.65
C TYR I 16 27.39 47.24 66.89
N ALA I 17 26.15 47.13 67.36
CA ALA I 17 25.00 47.84 66.79
C ALA I 17 24.04 48.21 67.91
N CYS I 18 23.20 49.23 67.70
CA CYS I 18 22.19 49.60 68.70
C CYS I 18 21.03 50.37 68.12
N LEU I 19 20.03 50.62 68.97
CA LEU I 19 18.82 51.34 68.60
C LEU I 19 18.91 52.80 69.01
N VAL I 20 18.91 53.69 68.02
CA VAL I 20 18.97 55.12 68.28
C VAL I 20 17.77 55.80 67.63
N GLY I 21 16.99 56.53 68.43
CA GLY I 21 15.79 57.15 67.88
C GLY I 21 14.84 56.07 67.37
N ASP I 22 14.41 56.18 66.12
CA ASP I 22 13.51 55.19 65.55
C ASP I 22 14.20 54.24 64.56
N LYS I 23 15.53 54.26 64.54
CA LYS I 23 16.27 53.40 63.61
C LYS I 23 17.40 52.60 64.26
N VAL I 24 17.62 51.41 63.71
CA VAL I 24 18.70 50.53 64.12
C VAL I 24 19.95 50.88 63.34
N MET I 25 21.04 51.12 64.04
CA MET I 25 22.26 51.55 63.36
C MET I 25 23.42 50.61 63.63
N LYS I 26 24.15 50.29 62.57
CA LYS I 26 25.36 49.51 62.66
C LYS I 26 26.37 50.04 61.64
N PRO I 27 27.67 49.81 61.86
CA PRO I 27 28.74 50.00 60.89
C PRO I 27 28.52 49.16 59.65
N ALA I 28 28.76 49.74 58.48
CA ALA I 28 28.64 49.02 57.22
C ALA I 28 29.92 48.26 56.90
N HIS I 29 31.00 48.59 57.60
CA HIS I 29 32.29 47.97 57.33
C HIS I 29 32.45 46.69 58.14
N VAL I 30 31.52 46.47 59.06
CA VAL I 30 31.54 45.28 59.90
C VAL I 30 30.72 44.15 59.28
N LYS I 31 31.34 42.99 59.15
CA LYS I 31 30.69 41.82 58.58
C LYS I 31 29.91 41.05 59.64
N GLY I 32 28.87 40.35 59.22
CA GLY I 32 28.08 39.53 60.14
C GLY I 32 26.71 40.13 60.39
N THR I 33 25.97 39.52 61.30
CA THR I 33 24.60 39.94 61.58
C THR I 33 24.42 40.25 63.06
N ILE I 34 23.33 40.95 63.37
CA ILE I 34 23.02 41.33 64.74
C ILE I 34 22.53 40.13 65.54
N ASP I 35 23.03 40.00 66.77
CA ASP I 35 22.72 38.87 67.63
C ASP I 35 21.23 38.72 67.89
N ASN I 36 20.53 39.84 68.00
CA ASN I 36 19.09 39.83 68.22
C ASN I 36 18.36 39.59 66.91
N ALA I 37 17.63 38.48 66.84
CA ALA I 37 16.97 38.05 65.61
C ALA I 37 15.99 39.09 65.10
N ASP I 38 15.38 39.85 66.02
CA ASP I 38 14.39 40.84 65.64
C ASP I 38 15.03 42.01 64.90
N LEU I 39 16.33 42.18 65.09
CA LEU I 39 17.06 43.24 64.41
C LEU I 39 17.75 42.70 63.16
N ALA I 40 18.20 41.45 63.24
CA ALA I 40 18.91 40.81 62.14
C ALA I 40 18.00 40.61 60.93
N LYS I 41 16.71 40.42 61.19
CA LYS I 41 15.75 40.16 60.13
C LYS I 41 15.31 41.43 59.40
N LEU I 42 15.75 42.58 59.88
CA LEU I 42 15.37 43.85 59.28
C LEU I 42 16.05 44.06 57.94
N ALA I 43 15.37 44.77 57.04
CA ALA I 43 15.96 45.13 55.77
C ALA I 43 16.75 46.43 55.90
N PHE I 44 18.05 46.35 55.70
CA PHE I 44 18.93 47.49 55.91
C PHE I 44 19.35 48.14 54.61
N LYS I 45 19.55 49.46 54.66
CA LYS I 45 20.14 50.19 53.56
C LYS I 45 21.57 50.56 53.90
N ARG I 46 22.41 50.66 52.89
CA ARG I 46 23.83 50.93 53.13
C ARG I 46 24.32 52.16 52.38
N SER I 47 25.21 52.91 53.02
CA SER I 47 25.87 54.03 52.36
C SER I 47 27.38 53.99 52.57
N SER I 48 28.10 53.75 51.49
CA SER I 48 29.56 53.64 51.54
C SER I 48 30.19 54.99 51.84
N LYS I 49 29.40 56.05 51.68
CA LYS I 49 29.86 57.39 51.96
C LYS I 49 30.09 57.60 53.45
N TYR I 50 29.27 56.95 54.28
CA TYR I 50 29.35 57.12 55.72
C TYR I 50 29.76 55.83 56.42
N ASP I 51 29.88 54.75 55.66
CA ASP I 51 30.14 53.43 56.24
C ASP I 51 29.08 53.11 57.27
N LEU I 52 27.84 53.47 56.96
CA LEU I 52 26.72 53.30 57.88
C LEU I 52 25.60 52.46 57.26
N GLU I 53 25.09 51.51 58.03
CA GLU I 53 23.98 50.66 57.62
C GLU I 53 22.81 50.81 58.60
N CYS I 54 21.61 51.07 58.07
CA CYS I 54 20.46 51.36 58.93
C CYS I 54 19.15 50.67 58.52
N ALA I 55 18.30 50.42 59.52
CA ALA I 55 16.95 49.87 59.31
C ALA I 55 16.01 50.36 60.39
N GLN I 56 14.70 50.33 60.13
CA GLN I 56 13.71 50.81 61.10
C GLN I 56 13.56 49.90 62.31
N ILE I 57 13.40 50.50 63.49
CA ILE I 57 13.19 49.77 64.73
C ILE I 57 11.78 49.18 64.82
N PRO I 58 11.66 47.87 65.15
CA PRO I 58 10.43 47.17 65.46
C PRO I 58 9.67 47.86 66.57
N VAL I 59 8.36 47.92 66.46
CA VAL I 59 7.56 48.66 67.43
C VAL I 59 7.72 48.14 68.85
N HIS I 60 7.91 46.83 69.01
CA HIS I 60 7.99 46.26 70.34
C HIS I 60 9.35 46.52 70.99
N MET I 61 10.30 47.01 70.19
CA MET I 61 11.63 47.33 70.71
C MET I 61 11.83 48.84 70.82
N LYS I 62 10.76 49.61 70.67
CA LYS I 62 10.88 51.07 70.70
C LYS I 62 11.37 51.56 72.06
N SER I 63 11.03 50.82 73.11
CA SER I 63 11.40 51.21 74.46
C SER I 63 12.89 51.04 74.73
N ASP I 64 13.57 50.29 73.86
CA ASP I 64 14.99 50.06 74.02
C ASP I 64 15.83 51.05 73.22
N ALA I 65 15.17 51.98 72.54
CA ALA I 65 15.87 52.97 71.75
C ALA I 65 16.48 54.05 72.65
N SER I 66 17.68 54.48 72.32
CA SER I 66 18.34 55.53 73.08
C SER I 66 17.92 56.92 72.61
N LYS I 67 18.11 57.90 73.48
CA LYS I 67 17.89 59.29 73.13
C LYS I 67 19.12 59.85 72.43
N PHE I 68 18.93 60.89 71.64
CA PHE I 68 20.02 61.45 70.84
C PHE I 68 19.88 62.95 70.68
N THR I 69 20.99 63.60 70.33
CA THR I 69 20.98 65.02 70.01
C THR I 69 22.02 65.36 68.96
N HIS I 70 21.76 66.42 68.20
CA HIS I 70 22.71 66.90 67.20
C HIS I 70 23.69 67.90 67.81
N GLU I 71 23.39 68.36 69.03
CA GLU I 71 24.22 69.35 69.69
C GLU I 71 25.45 68.73 70.32
N LYS I 72 26.60 69.34 70.07
CA LYS I 72 27.86 68.84 70.61
C LYS I 72 28.76 69.94 71.17
N PRO I 73 28.51 70.39 72.41
CA PRO I 73 29.33 71.30 73.17
C PRO I 73 30.69 70.66 73.45
N GLU I 74 31.72 71.48 73.56
CA GLU I 74 33.05 70.96 73.90
C GLU I 74 33.04 70.45 75.33
N GLY I 75 33.74 69.35 75.58
CA GLY I 75 33.77 68.74 76.89
C GLY I 75 33.96 67.24 76.79
N TYR I 76 33.68 66.53 77.87
CA TYR I 76 33.86 65.08 77.89
C TYR I 76 32.54 64.34 77.70
N TYR I 77 32.60 63.25 76.94
CA TYR I 77 31.45 62.42 76.64
C TYR I 77 31.66 61.01 77.17
N ASN I 78 30.58 60.33 77.53
CA ASN I 78 30.68 59.01 78.13
C ASN I 78 30.64 57.89 77.10
N TRP I 79 31.37 56.82 77.39
CA TRP I 79 31.25 55.57 76.63
C TRP I 79 31.86 54.45 77.46
N HIS I 80 31.87 53.24 76.92
CA HIS I 80 32.31 52.10 77.71
C HIS I 80 33.78 52.20 78.11
N HIS I 81 34.63 52.65 77.20
CA HIS I 81 36.05 52.76 77.49
C HIS I 81 36.41 54.14 78.06
N GLY I 82 36.00 54.37 79.31
CA GLY I 82 36.23 55.65 79.96
C GLY I 82 35.39 56.77 79.37
N ALA I 83 36.04 57.83 78.90
CA ALA I 83 35.32 58.98 78.35
C ALA I 83 36.05 59.53 77.13
N VAL I 84 35.27 60.17 76.25
CA VAL I 84 35.80 60.76 75.03
C VAL I 84 35.87 62.27 75.15
N GLN I 85 37.01 62.85 74.84
CA GLN I 85 37.13 64.30 74.89
C GLN I 85 36.76 64.92 73.55
N TYR I 86 35.89 65.92 73.59
CA TYR I 86 35.49 66.59 72.36
C TYR I 86 35.97 68.03 72.35
N SER I 87 36.81 68.37 71.38
CA SER I 87 37.29 69.74 71.24
C SER I 87 37.67 70.01 69.80
N GLY I 88 37.45 71.24 69.35
CA GLY I 88 37.86 71.64 68.00
C GLY I 88 36.92 71.03 66.97
N GLY I 89 35.81 70.46 67.45
CA GLY I 89 34.85 69.79 66.60
C GLY I 89 35.19 68.30 66.40
N ARG I 90 36.28 67.85 67.02
CA ARG I 90 36.74 66.47 66.85
C ARG I 90 36.71 65.67 68.15
N PHE I 91 36.36 64.38 68.04
CA PHE I 91 36.37 63.47 69.19
C PHE I 91 37.71 62.75 69.31
N THR I 92 38.24 62.68 70.53
CA THR I 92 39.50 61.98 70.76
C THR I 92 39.58 61.26 72.11
N ILE I 93 40.38 60.20 72.16
CA ILE I 93 40.65 59.45 73.39
C ILE I 93 42.17 59.27 73.50
N PRO I 94 42.70 58.88 74.67
CA PRO I 94 44.10 58.61 74.92
C PRO I 94 44.64 57.54 73.98
N THR I 95 45.90 57.68 73.57
CA THR I 95 46.52 56.74 72.65
C THR I 95 46.51 55.33 73.18
N GLY I 96 46.07 54.39 72.34
CA GLY I 96 46.03 52.98 72.70
C GLY I 96 44.77 52.61 73.47
N ALA I 97 43.94 53.60 73.77
CA ALA I 97 42.72 53.38 74.55
C ALA I 97 41.70 52.56 73.76
N GLY I 98 41.63 52.79 72.45
CA GLY I 98 40.67 52.10 71.61
C GLY I 98 41.23 50.79 71.05
N LYS I 99 40.34 49.86 70.72
CA LYS I 99 40.74 48.59 70.14
C LYS I 99 39.84 48.23 68.95
N PRO I 100 40.32 47.38 68.04
CA PRO I 100 39.55 46.69 67.04
C PRO I 100 38.41 45.93 67.69
N GLY I 101 37.24 45.98 67.08
CA GLY I 101 36.05 45.36 67.65
C GLY I 101 35.20 46.37 68.40
N ASP I 102 35.72 47.58 68.60
CA ASP I 102 34.98 48.63 69.29
C ASP I 102 34.05 49.40 68.35
N SER I 103 34.16 49.12 67.05
CA SER I 103 33.31 49.82 66.10
C SER I 103 31.85 49.55 66.38
N GLY I 104 31.03 50.61 66.33
CA GLY I 104 29.61 50.51 66.59
C GLY I 104 29.24 51.03 67.98
N ARG I 105 30.24 51.26 68.82
CA ARG I 105 29.98 51.80 70.15
C ARG I 105 29.58 53.28 70.07
N PRO I 106 28.48 53.67 70.73
CA PRO I 106 27.97 55.02 70.84
C PRO I 106 28.75 55.90 71.81
N ILE I 107 28.72 57.21 71.55
CA ILE I 107 29.24 58.22 72.46
C ILE I 107 28.07 59.03 73.04
N PHE I 108 28.02 59.12 74.37
CA PHE I 108 26.90 59.79 75.04
C PHE I 108 27.30 61.11 75.69
N ASP I 109 26.37 62.05 75.70
CA ASP I 109 26.59 63.30 76.42
C ASP I 109 26.21 63.14 77.88
N ASN I 110 26.23 64.23 78.63
CA ASN I 110 26.01 64.18 80.07
C ASN I 110 24.54 63.97 80.42
N LYS I 111 23.69 63.93 79.41
CA LYS I 111 22.27 63.67 79.60
C LYS I 111 21.93 62.25 79.16
N GLY I 112 22.95 61.50 78.74
CA GLY I 112 22.76 60.12 78.31
C GLY I 112 22.31 60.03 76.86
N ARG I 113 22.41 61.13 76.13
CA ARG I 113 21.98 61.15 74.73
C ARG I 113 23.14 60.83 73.79
N VAL I 114 22.86 60.08 72.74
CA VAL I 114 23.87 59.72 71.75
C VAL I 114 24.18 60.87 70.82
N VAL I 115 25.47 61.16 70.66
CA VAL I 115 25.90 62.20 69.74
C VAL I 115 26.66 61.64 68.56
N ALA I 116 27.32 60.50 68.76
CA ALA I 116 28.12 59.92 67.68
C ALA I 116 28.33 58.42 67.86
N ILE I 117 28.59 57.74 66.75
CA ILE I 117 28.94 56.32 66.76
C ILE I 117 30.39 56.13 66.31
N VAL I 118 31.17 55.39 67.08
CA VAL I 118 32.59 55.20 66.76
C VAL I 118 32.80 54.08 65.75
N LEU I 119 33.51 54.39 64.66
CA LEU I 119 33.84 53.38 63.66
C LEU I 119 35.31 53.01 63.69
N GLY I 120 36.17 53.96 64.06
CA GLY I 120 37.61 53.75 63.98
C GLY I 120 38.40 54.91 64.57
N GLY I 121 39.69 54.97 64.27
CA GLY I 121 40.56 56.04 64.78
C GLY I 121 42.02 55.84 64.41
N ALA I 122 42.86 56.78 64.83
CA ALA I 122 44.31 56.73 64.57
C ALA I 122 45.09 57.33 65.73
N ASN I 123 46.27 56.76 66.00
CA ASN I 123 47.11 57.21 67.11
C ASN I 123 48.07 58.32 66.69
N GLU I 124 47.85 59.52 67.21
CA GLU I 124 48.71 60.66 66.91
C GLU I 124 49.36 61.19 68.18
N GLY I 125 50.59 60.77 68.43
CA GLY I 125 51.28 61.16 69.64
C GLY I 125 50.60 60.60 70.88
N ALA I 126 50.30 61.49 71.84
CA ALA I 126 49.71 61.09 73.11
C ALA I 126 48.22 60.76 72.99
N ARG I 127 47.58 61.19 71.90
CA ARG I 127 46.14 61.02 71.76
C ARG I 127 45.78 60.38 70.43
N THR I 128 44.62 59.72 70.38
CA THR I 128 44.12 59.15 69.15
C THR I 128 42.80 59.78 68.72
N ALA I 129 42.72 60.18 67.46
CA ALA I 129 41.51 60.77 66.93
C ALA I 129 40.51 59.68 66.57
N LEU I 130 39.23 59.95 66.74
CA LEU I 130 38.21 58.98 66.39
C LEU I 130 37.52 59.30 65.07
N SER I 131 37.22 58.25 64.32
CA SER I 131 36.37 58.34 63.15
C SER I 131 34.96 57.99 63.56
N VAL I 132 34.05 58.94 63.47
CA VAL I 132 32.72 58.74 64.02
C VAL I 132 31.61 59.16 63.07
N VAL I 133 30.42 58.64 63.32
CA VAL I 133 29.22 59.06 62.62
C VAL I 133 28.37 59.94 63.52
N THR I 134 28.14 61.17 63.09
CA THR I 134 27.37 62.12 63.87
C THR I 134 26.39 62.87 62.99
N TRP I 135 25.59 63.74 63.58
CA TRP I 135 24.60 64.49 62.81
C TRP I 135 24.71 65.97 63.09
N ASN I 136 24.50 66.77 62.04
CA ASN I 136 24.55 68.22 62.20
C ASN I 136 23.16 68.77 62.49
N LYS I 137 22.17 68.19 61.82
CA LYS I 137 20.77 68.57 61.93
C LYS I 137 19.91 67.40 61.46
N ASP I 138 19.40 67.53 60.24
CA ASP I 138 18.65 66.45 59.62
C ASP I 138 19.52 65.60 58.70
N ILE I 139 20.79 66.01 58.56
CA ILE I 139 21.73 65.32 57.68
C ILE I 139 22.83 64.61 58.46
N VAL I 140 23.04 63.34 58.13
CA VAL I 140 24.12 62.55 58.71
C VAL I 140 25.46 62.96 58.13
N THR I 141 26.48 63.04 58.97
CA THR I 141 27.83 63.39 58.54
C THR I 141 28.87 62.48 59.19
N LYS I 142 30.01 62.34 58.55
CA LYS I 142 31.10 61.53 59.12
C LYS I 142 32.34 62.38 59.36
N ILE I 143 33.00 62.13 60.49
CA ILE I 143 34.23 62.83 60.81
C ILE I 143 35.44 61.95 60.51
N THR I 144 36.31 62.45 59.64
CA THR I 144 37.48 61.71 59.19
C THR I 144 38.76 62.47 59.50
N PRO I 145 39.38 62.22 60.65
CA PRO I 145 40.41 63.01 61.29
C PRO I 145 41.77 62.82 60.64
N GLU I 146 41.87 63.21 59.37
CA GLU I 146 43.11 63.09 58.61
C GLU I 146 43.62 61.65 58.57
N GLY I 147 42.70 60.70 58.42
CA GLY I 147 43.06 59.30 58.32
C GLY I 147 42.72 58.53 59.59
N ALA I 148 42.09 57.37 59.42
CA ALA I 148 41.72 56.52 60.54
C ALA I 148 41.64 55.07 60.11
N GLU I 149 41.88 54.16 61.04
CA GLU I 149 41.75 52.74 60.77
C GLU I 149 40.42 52.23 61.30
N GLU I 150 39.85 51.26 60.60
CA GLU I 150 38.62 50.64 61.05
C GLU I 150 38.86 49.80 62.29
N TRP I 151 37.93 49.83 63.25
CA TRP I 151 38.03 49.05 64.47
C TRP I 151 36.97 47.94 64.51
N ASN J 1 -5.18 26.02 89.97
CA ASN J 1 -4.73 26.83 91.10
C ASN J 1 -3.25 26.55 91.40
N ASP J 2 -2.96 25.35 91.91
CA ASP J 2 -1.60 24.95 92.30
C ASP J 2 -0.93 24.12 91.20
N CYS J 3 -1.60 24.00 90.06
CA CYS J 3 -1.06 23.24 88.94
C CYS J 3 -1.13 24.03 87.64
N ILE J 4 -0.08 23.94 86.84
CA ILE J 4 -0.06 24.64 85.56
C ILE J 4 -0.11 23.67 84.39
N PHE J 5 -1.14 23.81 83.58
CA PHE J 5 -1.30 23.01 82.37
C PHE J 5 -1.37 23.94 81.17
N GLU J 6 -1.33 25.24 81.45
CA GLU J 6 -1.59 26.28 80.47
C GLU J 6 -0.39 26.55 79.58
N VAL J 7 -0.31 25.80 78.49
CA VAL J 7 0.79 25.92 77.54
C VAL J 7 0.47 26.98 76.48
N LYS J 8 1.40 27.91 76.29
CA LYS J 8 1.20 28.96 75.30
C LYS J 8 1.35 28.40 73.89
N HIS J 9 0.59 28.93 72.95
CA HIS J 9 0.66 28.48 71.56
C HIS J 9 1.14 29.56 70.60
N GLU J 10 1.57 30.70 71.14
CA GLU J 10 2.03 31.79 70.28
C GLU J 10 3.04 32.69 71.01
N GLY J 11 3.87 33.39 70.23
CA GLY J 11 4.81 34.34 70.80
C GLY J 11 4.07 35.47 71.50
N LYS J 12 3.00 35.94 70.86
CA LYS J 12 2.07 36.87 71.48
C LYS J 12 0.89 36.05 71.96
N VAL J 13 0.82 35.84 73.27
CA VAL J 13 -0.10 34.86 73.81
C VAL J 13 -1.53 35.38 73.87
N THR J 14 -2.44 34.60 73.29
CA THR J 14 -3.86 34.90 73.32
C THR J 14 -4.61 33.66 73.76
N GLY J 15 -4.60 33.39 75.05
CA GLY J 15 -5.20 32.17 75.59
C GLY J 15 -4.17 31.05 75.72
N TYR J 16 -4.57 29.95 76.34
CA TYR J 16 -3.66 28.84 76.58
C TYR J 16 -4.28 27.48 76.24
N ALA J 17 -3.43 26.52 75.88
CA ALA J 17 -3.85 25.13 75.72
C ALA J 17 -3.74 24.41 77.07
N CYS J 18 -4.53 23.37 77.27
CA CYS J 18 -4.47 22.64 78.52
C CYS J 18 -4.75 21.15 78.35
N LEU J 19 -4.35 20.37 79.35
CA LEU J 19 -4.57 18.94 79.34
C LEU J 19 -5.73 18.57 80.26
N VAL J 20 -6.82 18.09 79.69
CA VAL J 20 -7.98 17.70 80.49
C VAL J 20 -8.34 16.26 80.19
N GLY J 21 -8.30 15.41 81.22
CA GLY J 21 -8.57 14.00 80.99
C GLY J 21 -7.54 13.43 80.01
N ASP J 22 -8.01 12.80 78.94
CA ASP J 22 -7.11 12.22 77.95
C ASP J 22 -6.99 13.07 76.70
N LYS J 23 -7.50 14.30 76.72
CA LYS J 23 -7.49 15.14 75.52
C LYS J 23 -6.80 16.49 75.75
N VAL J 24 -6.13 16.97 74.72
CA VAL J 24 -5.53 18.29 74.69
C VAL J 24 -6.57 19.29 74.20
N MET J 25 -6.77 20.36 74.95
CA MET J 25 -7.83 21.30 74.59
C MET J 25 -7.34 22.73 74.44
N LYS J 26 -7.88 23.42 73.45
CA LYS J 26 -7.70 24.86 73.31
C LYS J 26 -8.91 25.45 72.58
N PRO J 27 -9.24 26.72 72.82
CA PRO J 27 -10.26 27.49 72.11
C PRO J 27 -9.97 27.52 70.62
N ALA J 28 -11.02 27.36 69.82
CA ALA J 28 -10.85 27.33 68.37
C ALA J 28 -10.64 28.73 67.81
N HIS J 29 -10.95 29.75 68.60
CA HIS J 29 -10.87 31.12 68.11
C HIS J 29 -9.49 31.74 68.31
N VAL J 30 -8.57 30.99 68.93
CA VAL J 30 -7.24 31.53 69.16
C VAL J 30 -6.20 30.85 68.28
N LYS J 31 -5.40 31.66 67.60
CA LYS J 31 -4.41 31.15 66.64
C LYS J 31 -3.05 30.95 67.28
N GLY J 32 -2.27 30.04 66.70
CA GLY J 32 -0.90 29.78 67.16
C GLY J 32 -0.65 28.28 67.30
N THR J 33 0.63 27.92 67.39
CA THR J 33 1.03 26.51 67.52
C THR J 33 1.46 26.21 68.94
N ILE J 34 0.89 25.16 69.52
CA ILE J 34 1.16 24.83 70.91
C ILE J 34 2.64 24.53 71.11
N ASP J 35 3.20 25.04 72.20
CA ASP J 35 4.62 24.88 72.49
C ASP J 35 4.93 23.50 73.05
N ASN J 36 6.21 23.27 73.34
CA ASN J 36 6.72 22.03 73.91
C ASN J 36 6.76 20.86 72.93
N ALA J 37 6.62 21.14 71.64
CA ALA J 37 6.86 20.17 70.55
C ALA J 37 5.85 19.03 70.52
N ASP J 38 5.77 18.26 71.60
CA ASP J 38 4.92 17.07 71.64
C ASP J 38 3.47 17.41 71.37
N LEU J 39 3.06 18.60 71.80
CA LEU J 39 1.70 19.05 71.53
C LEU J 39 1.62 19.78 70.20
N ALA J 40 2.75 20.35 69.79
CA ALA J 40 2.81 21.16 68.57
C ALA J 40 2.46 20.35 67.33
N LYS J 41 2.86 19.07 67.35
CA LYS J 41 2.68 18.21 66.19
C LYS J 41 1.35 17.47 66.15
N LEU J 42 0.52 17.69 67.17
CA LEU J 42 -0.77 17.00 67.23
C LEU J 42 -1.76 17.55 66.23
N ALA J 43 -2.54 16.66 65.62
CA ALA J 43 -3.66 17.07 64.78
C ALA J 43 -4.87 17.32 65.67
N PHE J 44 -5.62 18.36 65.36
CA PHE J 44 -6.79 18.70 66.16
C PHE J 44 -8.08 18.63 65.38
N LYS J 45 -9.14 18.21 66.06
CA LYS J 45 -10.48 18.23 65.48
C LYS J 45 -11.20 19.49 65.92
N ARG J 46 -11.74 20.22 64.96
CA ARG J 46 -12.37 21.51 65.26
C ARG J 46 -13.88 21.44 65.14
N SER J 47 -14.56 22.06 66.10
CA SER J 47 -16.01 22.24 66.01
C SER J 47 -16.38 23.70 66.21
N SER J 48 -16.89 24.32 65.15
CA SER J 48 -17.18 25.74 65.15
C SER J 48 -18.36 26.09 66.03
N LYS J 49 -19.16 25.10 66.40
CA LYS J 49 -20.31 25.37 67.25
C LYS J 49 -19.94 25.30 68.73
N TYR J 50 -18.76 24.79 69.03
CA TYR J 50 -18.29 24.71 70.42
C TYR J 50 -17.09 25.62 70.64
N ASP J 51 -16.57 26.19 69.56
CA ASP J 51 -15.36 27.00 69.64
C ASP J 51 -14.24 26.24 70.31
N LEU J 52 -14.17 24.95 70.01
CA LEU J 52 -13.21 24.07 70.68
C LEU J 52 -12.45 23.19 69.72
N GLU J 53 -11.13 23.08 69.96
CA GLU J 53 -10.30 22.13 69.24
C GLU J 53 -9.69 21.12 70.20
N CYS J 54 -9.71 19.85 69.82
CA CYS J 54 -9.14 18.82 70.68
C CYS J 54 -8.24 17.84 69.95
N ALA J 55 -7.28 17.28 70.70
CA ALA J 55 -6.37 16.26 70.18
C ALA J 55 -6.02 15.27 71.28
N GLN J 56 -5.58 14.08 70.89
CA GLN J 56 -5.23 13.06 71.88
C GLN J 56 -3.92 13.37 72.57
N ILE J 57 -3.91 13.27 73.91
CA ILE J 57 -2.69 13.45 74.68
C ILE J 57 -1.75 12.26 74.48
N PRO J 58 -0.48 12.51 74.11
CA PRO J 58 0.59 11.54 73.97
C PRO J 58 0.75 10.76 75.27
N VAL J 59 1.00 9.48 75.17
CA VAL J 59 1.02 8.62 76.35
C VAL J 59 2.06 9.07 77.37
N HIS J 60 3.24 9.46 76.90
CA HIS J 60 4.34 9.75 77.81
C HIS J 60 4.12 11.00 78.66
N MET J 61 3.17 11.83 78.26
CA MET J 61 2.87 13.03 79.04
C MET J 61 1.45 12.97 79.60
N LYS J 62 0.85 11.79 79.53
CA LYS J 62 -0.52 11.58 79.98
C LYS J 62 -0.66 11.77 81.49
N SER J 63 0.40 11.45 82.23
CA SER J 63 0.38 11.55 83.68
C SER J 63 0.29 13.00 84.16
N ASP J 64 0.54 13.93 83.25
CA ASP J 64 0.49 15.35 83.59
C ASP J 64 -0.86 15.96 83.28
N ALA J 65 -1.81 15.14 82.85
CA ALA J 65 -3.15 15.62 82.52
C ALA J 65 -3.92 15.97 83.78
N SER J 66 -4.74 17.01 83.69
CA SER J 66 -5.60 17.42 84.79
C SER J 66 -6.76 16.46 84.99
N LYS J 67 -7.19 16.30 86.24
CA LYS J 67 -8.35 15.48 86.55
C LYS J 67 -9.62 16.17 86.06
N PHE J 68 -10.58 15.38 85.60
CA PHE J 68 -11.80 15.92 85.00
C PHE J 68 -13.08 15.34 85.59
N THR J 69 -14.09 16.19 85.75
CA THR J 69 -15.43 15.74 86.13
C THR J 69 -16.50 16.57 85.43
N HIS J 70 -17.66 15.96 85.23
CA HIS J 70 -18.79 16.67 84.64
C HIS J 70 -19.69 17.26 85.71
N GLU J 71 -19.46 16.86 86.96
CA GLU J 71 -20.31 17.28 88.07
C GLU J 71 -20.15 18.76 88.37
N LYS J 72 -21.26 19.46 88.52
CA LYS J 72 -21.23 20.89 88.81
C LYS J 72 -22.30 21.31 89.82
N PRO J 73 -22.05 21.10 91.11
CA PRO J 73 -22.83 21.61 92.23
C PRO J 73 -22.74 23.13 92.27
N GLU J 74 -23.79 23.78 92.78
CA GLU J 74 -23.77 25.23 92.95
C GLU J 74 -22.75 25.58 94.03
N GLY J 75 -22.02 26.67 93.84
CA GLY J 75 -20.97 27.04 94.79
C GLY J 75 -19.82 27.75 94.11
N TYR J 76 -18.66 27.79 94.78
CA TYR J 76 -17.51 28.49 94.23
C TYR J 76 -16.47 27.53 93.65
N TYR J 77 -15.83 27.97 92.57
CA TYR J 77 -14.81 27.22 91.86
C TYR J 77 -13.53 28.03 91.74
N ASN J 78 -12.41 27.34 91.56
CA ASN J 78 -11.11 28.01 91.53
C ASN J 78 -10.56 28.20 90.13
N TRP J 79 -9.78 29.27 89.95
CA TRP J 79 -8.99 29.46 88.73
C TRP J 79 -7.80 30.35 89.04
N HIS J 80 -6.89 30.51 88.08
CA HIS J 80 -5.61 31.14 88.35
C HIS J 80 -5.73 32.64 88.60
N HIS J 81 -6.86 33.22 88.26
CA HIS J 81 -7.03 34.66 88.45
C HIS J 81 -7.98 35.01 89.60
N GLY J 82 -8.35 34.01 90.41
CA GLY J 82 -9.26 34.28 91.52
C GLY J 82 -10.24 33.15 91.75
N ALA J 83 -11.43 33.50 92.26
CA ALA J 83 -12.50 32.54 92.48
C ALA J 83 -13.58 32.73 91.41
N VAL J 84 -14.39 31.69 91.20
CA VAL J 84 -15.52 31.75 90.28
C VAL J 84 -16.79 31.41 91.02
N GLN J 85 -17.82 32.23 90.88
CA GLN J 85 -19.10 31.94 91.51
C GLN J 85 -20.00 31.21 90.53
N TYR J 86 -20.41 30.01 90.89
CA TYR J 86 -21.30 29.24 90.05
C TYR J 86 -22.72 29.34 90.58
N SER J 87 -23.58 30.02 89.84
CA SER J 87 -24.93 30.28 90.30
C SER J 87 -25.94 30.20 89.16
N GLY J 88 -26.96 29.38 89.34
CA GLY J 88 -28.01 29.24 88.33
C GLY J 88 -27.51 28.46 87.14
N GLY J 89 -26.48 27.63 87.35
CA GLY J 89 -25.89 26.86 86.27
C GLY J 89 -24.88 27.66 85.45
N ARG J 90 -24.61 28.90 85.85
CA ARG J 90 -23.69 29.75 85.11
C ARG J 90 -22.48 30.16 85.95
N PHE J 91 -21.32 30.25 85.32
CA PHE J 91 -20.11 30.70 85.99
C PHE J 91 -19.95 32.22 85.87
N THR J 92 -19.73 32.88 87.01
CA THR J 92 -19.57 34.33 87.04
C THR J 92 -18.34 34.75 87.86
N ILE J 93 -17.66 35.78 87.39
CA ILE J 93 -16.51 36.35 88.10
C ILE J 93 -16.69 37.86 88.27
N PRO J 94 -15.98 38.50 89.21
CA PRO J 94 -15.88 39.93 89.37
C PRO J 94 -15.32 40.57 88.11
N THR J 95 -15.88 41.73 87.72
CA THR J 95 -15.39 42.43 86.55
C THR J 95 -13.94 42.84 86.75
N GLY J 96 -13.11 42.54 85.76
CA GLY J 96 -11.69 42.86 85.83
C GLY J 96 -10.87 41.66 86.31
N ALA J 97 -11.55 40.63 86.82
CA ALA J 97 -10.87 39.43 87.29
C ALA J 97 -10.23 38.69 86.13
N GLY J 98 -10.84 38.79 84.96
CA GLY J 98 -10.28 38.17 83.76
C GLY J 98 -10.21 39.18 82.62
N LYS J 99 -9.25 38.96 81.73
CA LYS J 99 -9.05 39.84 80.58
C LYS J 99 -8.85 39.01 79.32
N PRO J 100 -8.98 39.61 78.14
CA PRO J 100 -8.64 39.04 76.86
C PRO J 100 -7.22 38.51 76.91
N GLY J 101 -7.03 37.30 76.39
CA GLY J 101 -5.75 36.62 76.45
C GLY J 101 -5.68 35.61 77.59
N ASP J 102 -6.65 35.65 78.50
CA ASP J 102 -6.69 34.73 79.64
C ASP J 102 -7.56 33.51 79.36
N SER J 103 -8.04 33.36 78.14
CA SER J 103 -8.92 32.25 77.77
C SER J 103 -8.16 30.93 77.69
N GLY J 104 -8.89 29.84 77.73
CA GLY J 104 -8.30 28.51 77.65
C GLY J 104 -8.00 27.95 79.02
N ARG J 105 -8.15 28.78 80.05
CA ARG J 105 -7.90 28.37 81.42
C ARG J 105 -9.07 27.55 81.97
N PRO J 106 -8.80 26.36 82.51
CA PRO J 106 -9.73 25.49 83.21
C PRO J 106 -10.26 26.10 84.50
N ILE J 107 -11.50 25.77 84.83
CA ILE J 107 -12.11 26.08 86.11
C ILE J 107 -12.18 24.81 86.94
N PHE J 108 -11.63 24.88 88.16
CA PHE J 108 -11.47 23.69 88.99
C PHE J 108 -12.44 23.65 90.17
N ASP J 109 -12.87 22.44 90.51
CA ASP J 109 -13.70 22.24 91.70
C ASP J 109 -12.82 22.06 92.93
N ASN J 110 -13.43 21.71 94.06
CA ASN J 110 -12.71 21.64 95.33
C ASN J 110 -11.84 20.40 95.44
N LYS J 111 -11.92 19.53 94.44
CA LYS J 111 -11.09 18.33 94.39
C LYS J 111 -9.98 18.49 93.38
N GLY J 112 -9.91 19.67 92.75
CA GLY J 112 -8.90 19.96 91.75
C GLY J 112 -9.28 19.41 90.37
N ARG J 113 -10.54 19.10 90.18
CA ARG J 113 -11.00 18.56 88.91
C ARG J 113 -11.58 19.65 88.01
N VAL J 114 -11.35 19.52 86.71
CA VAL J 114 -11.83 20.52 85.75
C VAL J 114 -13.29 20.33 85.41
N VAL J 115 -14.06 21.42 85.48
CA VAL J 115 -15.47 21.38 85.11
C VAL J 115 -15.77 22.24 83.88
N ALA J 116 -14.94 23.24 83.62
CA ALA J 116 -15.18 24.12 82.48
C ALA J 116 -13.91 24.82 82.01
N ILE J 117 -13.91 25.24 80.75
CA ILE J 117 -12.82 26.05 80.18
C ILE J 117 -13.33 27.39 79.67
N VAL J 118 -12.65 28.47 80.05
CA VAL J 118 -13.08 29.82 79.68
C VAL J 118 -12.76 30.19 78.24
N LEU J 119 -13.77 30.68 77.52
CA LEU J 119 -13.60 31.17 76.16
C LEU J 119 -13.65 32.69 76.12
N GLY J 120 -14.45 33.27 77.02
CA GLY J 120 -14.69 34.71 77.04
C GLY J 120 -15.74 35.05 78.10
N GLY J 121 -16.39 36.19 77.97
CA GLY J 121 -17.41 36.58 78.95
C GLY J 121 -18.08 37.91 78.63
N ALA J 122 -19.15 38.21 79.38
CA ALA J 122 -19.94 39.41 79.19
C ALA J 122 -19.85 40.32 80.40
N ASN J 123 -19.42 41.56 80.19
CA ASN J 123 -19.24 42.50 81.29
C ASN J 123 -20.53 43.22 81.62
N GLU J 124 -21.15 42.86 82.74
CA GLU J 124 -22.40 43.47 83.17
C GLU J 124 -22.22 44.12 84.53
N GLY J 125 -21.90 45.40 84.53
CA GLY J 125 -21.63 46.12 85.77
C GLY J 125 -20.42 45.55 86.51
N ALA J 126 -20.62 45.25 87.78
CA ALA J 126 -19.53 44.78 88.65
C ALA J 126 -19.19 43.32 88.42
N ARG J 127 -20.03 42.60 87.68
CA ARG J 127 -19.80 41.18 87.48
C ARG J 127 -19.73 40.81 86.00
N THR J 128 -18.94 39.79 85.68
CA THR J 128 -18.80 39.31 84.33
C THR J 128 -19.25 37.86 84.19
N ALA J 129 -20.17 37.61 83.27
CA ALA J 129 -20.62 36.25 83.01
C ALA J 129 -19.61 35.58 82.10
N LEU J 130 -19.28 34.33 82.39
CA LEU J 130 -18.29 33.65 81.56
C LEU J 130 -18.89 32.79 80.48
N SER J 131 -18.29 32.87 79.30
CA SER J 131 -18.59 31.96 78.20
C SER J 131 -17.64 30.80 78.30
N VAL J 132 -18.17 29.60 78.56
CA VAL J 132 -17.29 28.48 78.84
C VAL J 132 -17.67 27.21 78.08
N VAL J 133 -16.68 26.34 77.95
CA VAL J 133 -16.92 24.97 77.51
C VAL J 133 -17.08 24.09 78.72
N THR J 134 -18.18 23.36 78.79
CA THR J 134 -18.39 22.47 79.92
C THR J 134 -18.91 21.14 79.43
N TRP J 135 -18.99 20.17 80.34
CA TRP J 135 -19.41 18.84 79.93
C TRP J 135 -20.53 18.29 80.79
N ASN J 136 -21.39 17.51 80.15
CA ASN J 136 -22.41 16.73 80.82
C ASN J 136 -22.02 15.27 80.63
N LYS J 137 -22.82 14.35 81.15
CA LYS J 137 -22.44 12.96 81.00
C LYS J 137 -22.33 12.61 79.53
N ASP J 138 -21.13 12.19 79.13
CA ASP J 138 -20.83 11.74 77.76
C ASP J 138 -21.22 12.75 76.68
N ILE J 139 -21.05 14.04 76.95
CA ILE J 139 -21.32 15.06 75.94
C ILE J 139 -20.66 16.41 76.25
N VAL J 140 -20.24 17.11 75.21
CA VAL J 140 -19.67 18.45 75.37
C VAL J 140 -20.70 19.51 75.00
N THR J 141 -20.84 20.52 75.87
CA THR J 141 -21.79 21.60 75.65
C THR J 141 -21.13 22.95 75.88
N LYS J 142 -21.75 24.02 75.40
CA LYS J 142 -21.19 25.35 75.61
C LYS J 142 -22.21 26.34 76.14
N ILE J 143 -21.75 27.22 77.02
CA ILE J 143 -22.58 28.28 77.58
C ILE J 143 -22.11 29.65 77.08
N THR J 144 -23.00 30.41 76.45
CA THR J 144 -22.67 31.71 75.90
C THR J 144 -23.63 32.80 76.34
N PRO J 145 -23.31 33.55 77.39
CA PRO J 145 -24.05 34.67 77.92
C PRO J 145 -24.19 35.75 76.86
N GLU J 146 -25.33 36.42 76.84
CA GLU J 146 -25.57 37.45 75.84
C GLU J 146 -24.57 38.59 75.97
N GLY J 147 -24.02 39.02 74.84
CA GLY J 147 -23.08 40.14 74.82
C GLY J 147 -21.66 39.71 75.16
N ALA J 148 -21.45 38.42 75.35
CA ALA J 148 -20.12 37.92 75.70
C ALA J 148 -19.14 38.15 74.57
N GLU J 149 -17.92 38.54 74.93
CA GLU J 149 -16.85 38.74 73.96
C GLU J 149 -15.83 37.64 74.07
N GLU J 150 -15.15 37.36 72.96
CA GLU J 150 -14.09 36.37 72.95
C GLU J 150 -12.83 36.89 73.65
N TRP J 151 -12.18 36.02 74.43
CA TRP J 151 -10.91 36.34 75.09
C TRP J 151 -9.78 35.48 74.53
N ASN K 1 33.60 21.26 81.08
CA ASN K 1 34.92 21.73 81.48
C ASN K 1 35.96 21.27 80.45
N ASP K 2 37.23 21.65 80.66
CA ASP K 2 38.36 21.26 79.81
C ASP K 2 38.07 21.49 78.33
N CYS K 3 38.19 20.42 77.53
CA CYS K 3 37.94 20.50 76.10
C CYS K 3 36.85 19.54 75.69
N ILE K 4 35.85 19.36 76.56
CA ILE K 4 34.76 18.44 76.29
C ILE K 4 33.54 19.19 75.79
N PHE K 5 32.99 18.76 74.67
CA PHE K 5 31.83 19.41 74.10
C PHE K 5 30.67 18.43 73.92
N GLU K 6 29.46 18.92 74.15
CA GLU K 6 28.26 18.11 73.99
C GLU K 6 27.85 17.99 72.53
N VAL K 7 27.23 16.87 72.19
CA VAL K 7 26.64 16.69 70.87
C VAL K 7 25.15 16.44 71.03
N LYS K 8 24.34 17.28 70.39
CA LYS K 8 22.90 17.15 70.49
C LYS K 8 22.27 16.75 69.16
N HIS K 9 21.15 16.04 69.24
CA HIS K 9 20.38 15.66 68.07
C HIS K 9 18.90 15.89 68.33
N GLU K 10 18.23 16.59 67.43
CA GLU K 10 16.82 16.91 67.63
C GLU K 10 16.62 17.60 68.98
N GLY K 11 15.84 16.99 69.86
CA GLY K 11 15.54 17.58 71.16
C GLY K 11 16.27 16.89 72.31
N LYS K 12 17.21 16.01 71.99
CA LYS K 12 17.89 15.22 73.02
C LYS K 12 19.41 15.19 72.83
N VAL K 13 20.14 15.01 73.93
CA VAL K 13 21.58 14.83 73.85
C VAL K 13 21.89 13.43 73.30
N THR K 14 22.77 13.38 72.31
CA THR K 14 23.06 12.12 71.61
C THR K 14 24.42 11.55 71.97
N GLY K 15 25.34 12.41 72.42
CA GLY K 15 26.69 11.95 72.74
C GLY K 15 27.63 13.11 73.02
N TYR K 16 28.93 12.80 73.09
CA TYR K 16 29.95 13.80 73.41
C TYR K 16 31.11 13.75 72.42
N ALA K 17 31.84 14.87 72.36
CA ALA K 17 33.03 14.99 71.51
C ALA K 17 34.08 15.80 72.25
N CYS K 18 35.34 15.64 71.87
CA CYS K 18 36.40 16.36 72.57
C CYS K 18 37.60 16.67 71.69
N LEU K 19 38.42 17.61 72.16
CA LEU K 19 39.63 17.98 71.45
C LEU K 19 40.84 17.27 72.04
N VAL K 20 41.48 16.42 71.25
CA VAL K 20 42.64 15.68 71.73
C VAL K 20 43.82 15.93 70.81
N GLY K 21 44.92 16.44 71.35
CA GLY K 21 46.06 16.75 70.52
C GLY K 21 45.68 17.77 69.46
N ASP K 22 45.95 17.44 68.19
CA ASP K 22 45.65 18.33 67.07
C ASP K 22 44.37 17.94 66.32
N LYS K 23 43.64 16.95 66.85
CA LYS K 23 42.46 16.42 66.14
C LYS K 23 41.21 16.41 67.02
N VAL K 24 40.06 16.58 66.38
CA VAL K 24 38.77 16.52 67.06
C VAL K 24 38.27 15.08 67.08
N MET K 25 37.94 14.59 68.26
CA MET K 25 37.46 13.21 68.41
C MET K 25 35.96 13.15 68.58
N LYS K 26 35.32 12.24 67.85
CA LYS K 26 33.90 11.98 67.99
C LYS K 26 33.58 10.57 67.48
N PRO K 27 32.72 9.81 68.17
CA PRO K 27 32.14 8.55 67.75
C PRO K 27 31.35 8.70 66.45
N ALA K 28 31.49 7.72 65.56
CA ALA K 28 30.74 7.72 64.31
C ALA K 28 29.33 7.22 64.56
N HIS K 29 29.17 6.36 65.57
CA HIS K 29 27.87 5.83 65.95
C HIS K 29 26.92 6.93 66.38
N VAL K 30 27.46 7.94 67.05
CA VAL K 30 26.62 9.02 67.55
C VAL K 30 26.17 9.94 66.43
N LYS K 31 24.86 10.09 66.31
CA LYS K 31 24.27 10.97 65.31
C LYS K 31 23.84 12.28 65.95
N GLY K 32 24.26 13.39 65.37
CA GLY K 32 23.91 14.70 65.90
C GLY K 32 24.57 15.81 65.09
N THR K 33 24.34 17.05 65.50
CA THR K 33 24.85 18.21 64.77
C THR K 33 25.97 18.92 65.50
N ILE K 34 26.29 18.46 66.72
CA ILE K 34 27.31 19.08 67.55
C ILE K 34 26.86 20.46 68.05
N ASP K 35 26.86 20.64 69.37
CA ASP K 35 26.39 21.89 69.96
C ASP K 35 27.37 23.05 69.72
N ASN K 36 28.66 22.73 69.62
CA ASN K 36 29.66 23.75 69.38
C ASN K 36 29.77 24.08 67.90
N ALA K 37 29.31 25.26 67.53
CA ALA K 37 29.25 25.66 66.12
C ALA K 37 30.65 25.64 65.51
N ASP K 38 31.67 25.90 66.32
CA ASP K 38 33.03 25.95 65.83
C ASP K 38 33.50 24.59 65.33
N LEU K 39 32.90 23.53 65.87
CA LEU K 39 33.24 22.18 65.46
C LEU K 39 32.19 21.62 64.51
N ALA K 40 30.95 22.06 64.67
CA ALA K 40 29.83 21.57 63.87
C ALA K 40 30.02 21.87 62.39
N LYS K 41 30.67 23.00 62.11
CA LYS K 41 30.88 23.45 60.74
C LYS K 41 32.02 22.71 60.04
N LEU K 42 32.76 21.91 60.79
CA LEU K 42 33.93 21.22 60.24
C LEU K 42 33.52 19.99 59.45
N ALA K 43 34.33 19.65 58.44
CA ALA K 43 34.18 18.37 57.77
C ALA K 43 34.87 17.30 58.60
N PHE K 44 34.28 16.11 58.62
CA PHE K 44 34.85 15.00 59.38
C PHE K 44 35.11 13.79 58.50
N LYS K 45 36.16 13.05 58.82
CA LYS K 45 36.45 11.80 58.14
C LYS K 45 35.85 10.63 58.89
N ARG K 46 34.85 10.00 58.28
CA ARG K 46 34.12 8.91 58.91
C ARG K 46 34.75 7.55 58.60
N SER K 47 34.99 6.76 59.63
CA SER K 47 35.51 5.41 59.46
C SER K 47 34.73 4.41 60.31
N SER K 48 33.95 3.57 59.64
CA SER K 48 33.10 2.60 60.32
C SER K 48 33.93 1.51 60.98
N LYS K 49 35.18 1.37 60.52
CA LYS K 49 36.09 0.38 61.07
C LYS K 49 36.46 0.71 62.50
N TYR K 50 36.57 2.01 62.80
CA TYR K 50 36.99 2.44 64.14
C TYR K 50 35.88 3.20 64.85
N ASP K 51 34.75 3.34 64.19
CA ASP K 51 33.63 4.10 64.74
C ASP K 51 34.03 5.51 65.09
N LEU K 52 34.79 6.16 64.22
CA LEU K 52 35.24 7.53 64.46
C LEU K 52 34.88 8.50 63.34
N GLU K 53 34.58 9.72 63.74
CA GLU K 53 34.49 10.86 62.83
C GLU K 53 35.44 11.95 63.32
N CYS K 54 36.57 12.10 62.66
CA CYS K 54 37.60 13.03 63.13
C CYS K 54 37.82 14.21 62.20
N ALA K 55 38.24 15.33 62.77
CA ALA K 55 38.50 16.55 62.01
C ALA K 55 39.66 17.33 62.62
N GLN K 56 40.27 18.18 61.81
CA GLN K 56 41.35 19.03 62.30
C GLN K 56 40.82 20.08 63.27
N ILE K 57 41.51 20.24 64.40
CA ILE K 57 41.11 21.26 65.37
C ILE K 57 41.34 22.66 64.83
N PRO K 58 40.32 23.54 64.88
CA PRO K 58 40.36 24.91 64.45
C PRO K 58 41.10 25.75 65.48
N VAL K 59 42.41 25.53 65.54
CA VAL K 59 43.28 26.12 66.56
C VAL K 59 43.36 27.64 66.46
N HIS K 60 42.95 28.18 65.34
CA HIS K 60 42.94 29.62 65.15
C HIS K 60 41.84 30.27 66.00
N MET K 61 40.90 29.47 66.46
CA MET K 61 39.86 29.93 67.38
C MET K 61 40.03 29.29 68.74
N LYS K 62 40.22 27.97 68.75
CA LYS K 62 40.41 27.21 69.97
C LYS K 62 41.64 26.33 69.91
N SER K 63 42.78 26.86 70.35
CA SER K 63 44.04 26.14 70.29
C SER K 63 44.15 25.09 71.39
N ASP K 64 43.31 25.24 72.42
CA ASP K 64 43.33 24.33 73.55
C ASP K 64 42.91 22.92 73.16
N ALA K 65 43.63 21.93 73.67
CA ALA K 65 43.30 20.53 73.45
C ALA K 65 43.81 19.70 74.61
N SER K 66 43.18 18.56 74.84
CA SER K 66 43.59 17.67 75.92
C SER K 66 44.92 17.00 75.63
N LYS K 67 45.70 16.78 76.68
CA LYS K 67 46.93 16.01 76.58
C LYS K 67 46.58 14.55 76.44
N PHE K 68 47.43 13.79 75.75
CA PHE K 68 47.11 12.40 75.48
C PHE K 68 48.36 11.53 75.41
N THR K 69 48.16 10.23 75.62
CA THR K 69 49.26 9.27 75.54
C THR K 69 48.78 7.90 75.10
N HIS K 70 49.69 7.13 74.52
CA HIS K 70 49.39 5.77 74.12
C HIS K 70 49.73 4.79 75.24
N GLU K 71 50.40 5.28 76.27
CA GLU K 71 50.82 4.42 77.37
C GLU K 71 49.62 3.97 78.21
N LYS K 72 49.55 2.67 78.46
CA LYS K 72 48.45 2.10 79.22
C LYS K 72 48.91 1.02 80.19
N PRO K 73 49.57 1.39 81.28
CA PRO K 73 50.01 0.53 82.37
C PRO K 73 48.83 0.03 83.19
N GLU K 74 49.00 -1.10 83.87
CA GLU K 74 47.97 -1.63 84.74
C GLU K 74 47.71 -0.67 85.90
N GLY K 75 46.43 -0.50 86.24
CA GLY K 75 46.05 0.42 87.30
C GLY K 75 44.67 1.00 87.05
N TYR K 76 44.36 2.11 87.72
CA TYR K 76 43.07 2.75 87.55
C TYR K 76 43.18 4.05 86.79
N TYR K 77 42.15 4.32 85.98
CA TYR K 77 42.07 5.52 85.16
C TYR K 77 40.85 6.34 85.53
N ASN K 78 40.90 7.64 85.29
CA ASN K 78 39.81 8.52 85.68
C ASN K 78 38.82 8.80 84.54
N TRP K 79 37.57 9.00 84.90
CA TRP K 79 36.57 9.47 83.94
C TRP K 79 35.45 10.19 84.68
N HIS K 80 34.50 10.72 83.93
CA HIS K 80 33.50 11.62 84.48
C HIS K 80 32.59 10.98 85.52
N HIS K 81 32.39 9.67 85.43
CA HIS K 81 31.50 9.00 86.37
C HIS K 81 32.22 8.14 87.41
N GLY K 82 33.53 8.29 87.52
CA GLY K 82 34.27 7.49 88.49
C GLY K 82 35.64 7.07 87.99
N ALA K 83 36.09 5.91 88.44
CA ALA K 83 37.37 5.34 88.02
C ALA K 83 37.15 4.20 87.03
N VAL K 84 38.19 3.87 86.27
CA VAL K 84 38.16 2.75 85.35
C VAL K 84 39.27 1.77 85.68
N GLN K 85 38.95 0.50 85.81
CA GLN K 85 39.97 -0.50 86.10
C GLN K 85 40.54 -1.05 84.81
N TYR K 86 41.86 -1.06 84.70
CA TYR K 86 42.51 -1.64 83.52
C TYR K 86 42.92 -3.07 83.82
N SER K 87 42.03 -4.00 83.47
CA SER K 87 42.18 -5.41 83.87
C SER K 87 43.06 -6.19 82.92
N GLY K 88 44.35 -5.85 82.91
CA GLY K 88 45.32 -6.58 82.11
C GLY K 88 45.19 -6.32 80.61
N GLY K 89 44.76 -5.12 80.25
CA GLY K 89 44.60 -4.78 78.83
C GLY K 89 43.16 -4.42 78.46
N ARG K 90 42.26 -4.45 79.43
CA ARG K 90 40.87 -4.09 79.17
C ARG K 90 40.32 -3.12 80.20
N PHE K 91 39.59 -2.11 79.74
CA PHE K 91 39.00 -1.12 80.63
C PHE K 91 37.64 -1.59 81.13
N THR K 92 37.47 -1.60 82.46
CA THR K 92 36.22 -2.05 83.07
C THR K 92 35.72 -1.08 84.15
N ILE K 93 34.40 -0.90 84.19
CA ILE K 93 33.75 -0.07 85.21
C ILE K 93 32.60 -0.84 85.84
N PRO K 94 32.08 -0.40 86.97
CA PRO K 94 30.83 -0.82 87.58
C PRO K 94 29.66 -0.62 86.64
N THR K 95 28.70 -1.53 86.68
CA THR K 95 27.53 -1.46 85.79
C THR K 95 26.66 -0.25 86.11
N GLY K 96 26.74 0.23 87.34
CA GLY K 96 25.96 1.39 87.75
C GLY K 96 26.58 2.68 87.24
N ALA K 97 27.84 2.63 86.82
CA ALA K 97 28.54 3.84 86.37
C ALA K 97 28.33 4.07 84.88
N GLY K 98 28.29 2.99 84.12
CA GLY K 98 28.11 3.10 82.67
C GLY K 98 26.68 3.49 82.31
N LYS K 99 26.55 4.35 81.31
CA LYS K 99 25.23 4.77 80.82
C LYS K 99 25.23 4.91 79.30
N PRO K 100 24.09 4.67 78.66
CA PRO K 100 23.80 4.95 77.26
C PRO K 100 23.70 6.45 77.03
N GLY K 101 24.15 6.91 75.87
CA GLY K 101 24.04 8.32 75.51
C GLY K 101 25.27 9.10 75.96
N ASP K 102 26.17 8.42 76.65
CA ASP K 102 27.40 9.05 77.15
C ASP K 102 28.62 8.66 76.33
N SER K 103 28.39 8.06 75.17
CA SER K 103 29.47 7.71 74.28
C SER K 103 30.24 8.94 73.86
N GLY K 104 31.56 8.81 73.78
CA GLY K 104 32.43 9.92 73.40
C GLY K 104 33.20 10.49 74.59
N ARG K 105 32.82 10.10 75.81
CA ARG K 105 33.57 10.54 76.99
C ARG K 105 34.93 9.84 77.05
N PRO K 106 36.02 10.60 77.20
CA PRO K 106 37.41 10.15 77.30
C PRO K 106 37.75 9.51 78.64
N ILE K 107 38.76 8.65 78.63
CA ILE K 107 39.37 8.08 79.82
C ILE K 107 40.76 8.67 80.03
N PHE K 108 41.01 9.17 81.23
CA PHE K 108 42.27 9.85 81.55
C PHE K 108 43.16 9.04 82.47
N ASP K 109 44.47 9.17 82.31
CA ASP K 109 45.42 8.55 83.23
C ASP K 109 45.66 9.48 84.42
N ASN K 110 46.62 9.11 85.26
CA ASN K 110 46.87 9.84 86.50
C ASN K 110 47.61 11.15 86.25
N LYS K 111 47.96 11.41 85.00
CA LYS K 111 48.61 12.65 84.62
C LYS K 111 47.63 13.57 83.90
N GLY K 112 46.38 13.12 83.79
CA GLY K 112 45.34 13.89 83.13
C GLY K 112 45.36 13.71 81.61
N ARG K 113 46.11 12.72 81.13
CA ARG K 113 46.23 12.47 79.70
C ARG K 113 45.19 11.46 79.23
N VAL K 114 44.63 11.69 78.06
CA VAL K 114 43.64 10.77 77.48
C VAL K 114 44.30 9.53 76.92
N VAL K 115 43.78 8.36 77.29
CA VAL K 115 44.30 7.09 76.78
C VAL K 115 43.28 6.38 75.89
N ALA K 116 42.01 6.61 76.14
CA ALA K 116 40.95 5.93 75.40
C ALA K 116 39.65 6.72 75.42
N ILE K 117 38.80 6.46 74.43
CA ILE K 117 37.46 7.05 74.39
C ILE K 117 36.39 5.97 74.40
N VAL K 118 35.37 6.13 75.25
CA VAL K 118 34.34 5.12 75.42
C VAL K 118 33.25 5.17 74.34
N LEU K 119 32.99 4.03 73.71
CA LEU K 119 31.92 3.90 72.72
C LEU K 119 30.72 3.16 73.28
N GLY K 120 31.00 2.19 74.17
CA GLY K 120 29.96 1.28 74.67
C GLY K 120 30.54 0.31 75.69
N GLY K 121 29.85 -0.81 75.91
CA GLY K 121 30.32 -1.80 76.87
C GLY K 121 29.42 -3.04 76.96
N ALA K 122 29.86 -4.01 77.76
CA ALA K 122 29.14 -5.27 77.93
C ALA K 122 28.95 -5.56 79.42
N ASN K 123 27.79 -6.11 79.77
CA ASN K 123 27.49 -6.39 81.18
C ASN K 123 27.88 -7.80 81.59
N GLU K 124 28.90 -7.90 82.44
CA GLU K 124 29.37 -9.18 82.95
C GLU K 124 29.30 -9.21 84.47
N GLY K 125 28.23 -9.78 85.00
CA GLY K 125 28.01 -9.78 86.44
C GLY K 125 27.80 -8.36 86.96
N ALA K 126 28.55 -7.99 87.99
CA ALA K 126 28.42 -6.68 88.61
C ALA K 126 29.28 -5.62 87.92
N ARG K 127 30.04 -6.04 86.91
CA ARG K 127 30.95 -5.14 86.22
C ARG K 127 30.66 -5.12 84.72
N THR K 128 30.98 -4.02 84.06
CA THR K 128 30.81 -3.95 82.62
C THR K 128 32.11 -3.61 81.91
N ALA K 129 32.48 -4.43 80.94
CA ALA K 129 33.67 -4.19 80.13
C ALA K 129 33.37 -3.08 79.15
N LEU K 130 34.33 -2.20 78.91
CA LEU K 130 34.08 -1.10 78.01
C LEU K 130 34.59 -1.34 76.60
N SER K 131 33.81 -0.88 75.63
CA SER K 131 34.23 -0.82 74.24
C SER K 131 34.83 0.55 74.01
N VAL K 132 36.13 0.59 73.76
CA VAL K 132 36.83 1.85 73.70
C VAL K 132 37.71 2.00 72.48
N VAL K 133 38.06 3.24 72.17
CA VAL K 133 39.03 3.52 71.14
C VAL K 133 40.33 4.02 71.73
N THR K 134 41.41 3.30 71.44
CA THR K 134 42.73 3.66 71.93
C THR K 134 43.70 3.63 70.77
N TRP K 135 44.95 3.95 71.02
CA TRP K 135 45.91 4.00 69.92
C TRP K 135 47.33 3.70 70.35
N ASN K 136 48.13 3.29 69.38
CA ASN K 136 49.58 3.26 69.48
C ASN K 136 50.09 4.40 68.62
N LYS K 137 51.39 4.59 68.54
CA LYS K 137 51.85 5.67 67.68
C LYS K 137 51.37 5.43 66.26
N ASP K 138 50.62 6.40 65.74
CA ASP K 138 50.10 6.38 64.37
C ASP K 138 49.14 5.21 64.07
N ILE K 139 48.68 4.52 65.11
CA ILE K 139 47.77 3.38 64.89
C ILE K 139 46.50 3.46 65.73
N VAL K 140 45.35 3.33 65.08
CA VAL K 140 44.07 3.32 65.79
C VAL K 140 43.67 1.88 66.12
N THR K 141 43.31 1.64 67.38
CA THR K 141 42.86 0.32 67.79
C THR K 141 41.48 0.39 68.45
N LYS K 142 40.53 -0.36 67.92
CA LYS K 142 39.20 -0.43 68.52
C LYS K 142 39.07 -1.69 69.35
N ILE K 143 38.83 -1.53 70.64
CA ILE K 143 38.73 -2.67 71.54
C ILE K 143 37.28 -2.89 71.96
N THR K 144 36.71 -4.00 71.55
CA THR K 144 35.31 -4.30 71.83
C THR K 144 35.15 -5.67 72.48
N PRO K 145 34.65 -5.72 73.73
CA PRO K 145 34.27 -6.91 74.46
C PRO K 145 33.12 -7.61 73.75
N GLU K 146 33.10 -8.94 73.82
CA GLU K 146 32.03 -9.69 73.19
C GLU K 146 30.70 -9.36 73.84
N GLY K 147 29.68 -9.12 73.01
CA GLY K 147 28.34 -8.82 73.51
C GLY K 147 28.18 -7.35 73.87
N ALA K 148 29.22 -6.55 73.63
CA ALA K 148 29.17 -5.12 73.97
C ALA K 148 28.18 -4.39 73.09
N GLU K 149 27.49 -3.43 73.68
CA GLU K 149 26.55 -2.58 72.96
C GLU K 149 27.02 -1.14 72.95
N GLU K 150 26.68 -0.41 71.90
CA GLU K 150 27.02 1.00 71.80
C GLU K 150 26.20 1.82 72.80
N TRP K 151 26.83 2.82 73.41
CA TRP K 151 26.18 3.69 74.40
C TRP K 151 25.94 5.10 73.85
N ASN L 1 -3.68 -13.16 101.76
CA ASN L 1 -2.23 -13.20 101.73
C ASN L 1 -1.73 -14.63 101.54
N ASP L 2 -0.51 -14.76 101.00
CA ASP L 2 0.15 -16.04 100.76
C ASP L 2 -0.68 -17.00 99.90
N CYS L 3 -1.34 -16.43 98.89
CA CYS L 3 -2.13 -17.21 97.94
C CYS L 3 -1.49 -17.15 96.56
N ILE L 4 -0.21 -16.80 96.54
CA ILE L 4 0.53 -16.61 95.30
C ILE L 4 1.53 -17.72 95.06
N PHE L 5 1.48 -18.30 93.87
CA PHE L 5 2.37 -19.38 93.50
C PHE L 5 3.27 -18.95 92.35
N GLU L 6 4.50 -19.46 92.33
CA GLU L 6 5.44 -19.10 91.29
C GLU L 6 5.21 -19.90 90.01
N VAL L 7 5.38 -19.23 88.87
CA VAL L 7 5.36 -19.89 87.58
C VAL L 7 6.76 -19.85 87.01
N LYS L 8 7.37 -21.01 86.82
CA LYS L 8 8.77 -21.06 86.47
C LYS L 8 9.04 -21.65 85.08
N HIS L 9 10.03 -21.06 84.43
CA HIS L 9 10.61 -21.59 83.21
C HIS L 9 11.78 -22.47 83.61
N GLU L 10 12.45 -23.08 82.65
CA GLU L 10 13.54 -23.98 82.98
C GLU L 10 14.68 -23.24 83.66
N GLY L 11 14.95 -22.02 83.23
CA GLY L 11 16.09 -21.27 83.77
C GLY L 11 15.70 -19.99 84.52
N LYS L 12 14.41 -19.74 84.72
CA LYS L 12 14.00 -18.48 85.34
C LYS L 12 12.56 -18.49 85.84
N VAL L 13 12.24 -17.53 86.71
CA VAL L 13 10.85 -17.31 87.12
C VAL L 13 10.21 -16.33 86.13
N THR L 14 9.04 -16.69 85.60
CA THR L 14 8.42 -15.86 84.56
C THR L 14 7.19 -15.12 85.03
N GLY L 15 6.57 -15.56 86.11
CA GLY L 15 5.35 -14.91 86.60
C GLY L 15 4.75 -15.65 87.78
N TYR L 16 3.53 -15.24 88.17
CA TYR L 16 2.86 -15.82 89.32
C TYR L 16 1.43 -16.27 88.98
N ALA L 17 0.95 -17.26 89.73
CA ALA L 17 -0.44 -17.71 89.64
C ALA L 17 -1.13 -17.43 90.96
N CYS L 18 -2.41 -17.05 90.91
CA CYS L 18 -3.13 -16.72 92.13
C CYS L 18 -4.39 -17.55 92.30
N LEU L 19 -4.68 -17.93 93.54
CA LEU L 19 -5.92 -18.62 93.84
C LEU L 19 -7.00 -17.65 94.26
N VAL L 20 -8.01 -17.47 93.41
CA VAL L 20 -9.08 -16.52 93.68
C VAL L 20 -10.42 -17.22 93.65
N GLY L 21 -11.14 -17.20 94.76
CA GLY L 21 -12.44 -17.85 94.80
C GLY L 21 -12.33 -19.33 94.51
N ASP L 22 -13.11 -19.78 93.52
CA ASP L 22 -13.15 -21.18 93.13
C ASP L 22 -12.21 -21.52 91.98
N LYS L 23 -11.48 -20.51 91.47
CA LYS L 23 -10.65 -20.73 90.29
C LYS L 23 -9.24 -20.17 90.46
N VAL L 24 -8.28 -20.85 89.83
CA VAL L 24 -6.90 -20.39 89.82
C VAL L 24 -6.60 -19.68 88.52
N MET L 25 -6.13 -18.45 88.64
CA MET L 25 -5.92 -17.61 87.45
C MET L 25 -4.45 -17.34 87.19
N LYS L 26 -4.04 -17.54 85.95
CA LYS L 26 -2.68 -17.28 85.51
C LYS L 26 -2.72 -16.48 84.20
N PRO L 27 -1.90 -15.45 84.04
CA PRO L 27 -1.71 -14.70 82.82
C PRO L 27 -1.31 -15.61 81.68
N ALA L 28 -1.95 -15.42 80.53
CA ALA L 28 -1.72 -16.29 79.36
C ALA L 28 -0.41 -15.96 78.68
N HIS L 29 0.16 -14.80 79.00
CA HIS L 29 1.39 -14.36 78.36
C HIS L 29 2.61 -14.89 79.10
N VAL L 30 2.38 -15.55 80.23
CA VAL L 30 3.47 -16.10 81.01
C VAL L 30 3.69 -17.58 80.69
N LYS L 31 4.91 -17.91 80.30
CA LYS L 31 5.25 -19.29 79.97
C LYS L 31 6.04 -19.92 81.10
N GLY L 32 5.59 -21.09 81.54
CA GLY L 32 6.26 -21.81 82.61
C GLY L 32 5.30 -22.76 83.31
N THR L 33 5.81 -23.44 84.33
CA THR L 33 5.03 -24.40 85.10
C THR L 33 4.88 -23.94 86.53
N ILE L 34 3.69 -24.16 87.11
CA ILE L 34 3.43 -23.75 88.47
C ILE L 34 4.24 -24.59 89.46
N ASP L 35 4.86 -23.92 90.43
CA ASP L 35 5.75 -24.57 91.39
C ASP L 35 5.06 -25.66 92.19
N ASN L 36 3.79 -25.45 92.49
CA ASN L 36 3.00 -26.44 93.22
C ASN L 36 2.50 -27.52 92.29
N ALA L 37 2.95 -28.75 92.52
CA ALA L 37 2.64 -29.88 91.64
C ALA L 37 1.13 -30.10 91.54
N ASP L 38 0.41 -29.75 92.61
CA ASP L 38 -1.03 -29.96 92.63
C ASP L 38 -1.72 -29.07 91.60
N LEU L 39 -1.13 -27.92 91.32
CA LEU L 39 -1.68 -26.99 90.35
C LEU L 39 -1.04 -27.21 88.98
N ALA L 40 0.22 -27.65 88.99
CA ALA L 40 0.96 -27.86 87.75
C ALA L 40 0.31 -28.93 86.88
N LYS L 41 -0.29 -29.93 87.52
CA LYS L 41 -0.92 -31.03 86.80
C LYS L 41 -2.36 -30.70 86.42
N LEU L 42 -2.84 -29.54 86.87
CA LEU L 42 -4.21 -29.13 86.62
C LEU L 42 -4.37 -28.58 85.21
N ALA L 43 -5.39 -29.03 84.50
CA ALA L 43 -5.67 -28.53 83.16
C ALA L 43 -6.21 -27.11 83.24
N PHE L 44 -5.80 -26.27 82.28
CA PHE L 44 -6.28 -24.89 82.23
C PHE L 44 -6.95 -24.57 80.90
N LYS L 45 -7.96 -23.70 80.95
CA LYS L 45 -8.61 -23.20 79.74
C LYS L 45 -7.99 -21.87 79.34
N ARG L 46 -7.38 -21.85 78.16
CA ARG L 46 -6.69 -20.66 77.69
C ARG L 46 -7.61 -19.75 76.87
N SER L 47 -7.56 -18.46 77.17
CA SER L 47 -8.30 -17.46 76.42
C SER L 47 -7.42 -16.27 76.08
N SER L 48 -7.16 -16.09 74.79
CA SER L 48 -6.29 -15.00 74.33
C SER L 48 -6.99 -13.66 74.40
N LYS L 49 -8.31 -13.69 74.53
CA LYS L 49 -9.11 -12.47 74.59
C LYS L 49 -8.84 -11.69 75.87
N TYR L 50 -8.70 -12.40 76.98
CA TYR L 50 -8.51 -11.77 78.27
C TYR L 50 -7.11 -12.03 78.84
N ASP L 51 -6.24 -12.60 78.02
CA ASP L 51 -4.90 -12.96 78.44
C ASP L 51 -4.91 -13.83 79.70
N LEU L 52 -5.80 -14.81 79.74
CA LEU L 52 -5.93 -15.67 80.92
C LEU L 52 -5.89 -17.15 80.63
N GLU L 53 -5.33 -17.89 81.58
CA GLU L 53 -5.48 -19.33 81.67
C GLU L 53 -6.08 -19.66 83.02
N CYS L 54 -7.30 -20.21 83.03
CA CYS L 54 -7.99 -20.46 84.29
C CYS L 54 -8.37 -21.92 84.47
N ALA L 55 -8.43 -22.35 85.72
CA ALA L 55 -8.83 -23.71 86.05
C ALA L 55 -9.53 -23.76 87.40
N GLN L 56 -10.33 -24.79 87.63
CA GLN L 56 -11.01 -24.93 88.91
C GLN L 56 -10.03 -25.35 90.00
N ILE L 57 -10.15 -24.73 91.16
CA ILE L 57 -9.31 -25.05 92.30
C ILE L 57 -9.77 -26.32 93.00
N PRO L 58 -8.84 -27.22 93.33
CA PRO L 58 -9.05 -28.39 94.16
C PRO L 58 -9.31 -27.95 95.60
N VAL L 59 -10.47 -27.32 95.80
CA VAL L 59 -10.84 -26.70 97.08
C VAL L 59 -10.93 -27.69 98.22
N HIS L 60 -11.01 -28.97 97.89
CA HIS L 60 -11.05 -30.01 98.91
C HIS L 60 -9.70 -30.12 99.62
N MET L 61 -8.65 -29.63 98.96
CA MET L 61 -7.33 -29.62 99.55
C MET L 61 -6.66 -28.25 99.40
N LYS L 62 -7.39 -27.31 98.80
CA LYS L 62 -6.92 -25.94 98.65
C LYS L 62 -7.97 -24.96 99.13
N SER L 63 -8.03 -24.74 100.43
CA SER L 63 -9.04 -23.90 101.06
C SER L 63 -8.49 -22.51 101.35
N ASP L 64 -7.29 -22.24 100.86
CA ASP L 64 -6.60 -20.98 101.11
C ASP L 64 -6.79 -19.97 99.98
N ALA L 65 -7.73 -20.25 99.08
CA ALA L 65 -8.03 -19.32 98.00
C ALA L 65 -8.55 -18.01 98.59
N SER L 66 -8.16 -16.90 97.98
CA SER L 66 -8.52 -15.58 98.48
C SER L 66 -9.96 -15.19 98.15
N LYS L 67 -10.47 -14.21 98.90
CA LYS L 67 -11.77 -13.64 98.64
C LYS L 67 -11.65 -12.55 97.58
N PHE L 68 -12.74 -12.24 96.91
CA PHE L 68 -12.70 -11.29 95.81
C PHE L 68 -13.99 -10.49 95.69
N THR L 69 -13.91 -9.35 95.03
CA THR L 69 -15.06 -8.49 94.79
C THR L 69 -15.04 -7.90 93.39
N HIS L 70 -16.22 -7.56 92.88
CA HIS L 70 -16.34 -6.90 91.59
C HIS L 70 -16.36 -5.39 91.73
N GLU L 71 -16.44 -4.92 92.97
CA GLU L 71 -16.55 -3.49 93.23
C GLU L 71 -15.23 -2.77 92.98
N LYS L 72 -15.32 -1.60 92.34
CA LYS L 72 -14.15 -0.79 92.05
C LYS L 72 -14.38 0.70 92.32
N PRO L 73 -14.50 1.09 93.59
CA PRO L 73 -14.55 2.46 94.07
C PRO L 73 -13.21 3.15 93.94
N GLU L 74 -13.23 4.47 93.80
CA GLU L 74 -12.00 5.25 93.74
C GLU L 74 -11.26 5.18 95.07
N GLY L 75 -9.93 5.11 95.03
CA GLY L 75 -9.14 5.01 96.24
C GLY L 75 -7.85 4.26 95.99
N TYR L 76 -7.20 3.83 97.07
CA TYR L 76 -5.94 3.13 96.96
C TYR L 76 -6.08 1.64 97.30
N TYR L 77 -5.35 0.81 96.58
CA TYR L 77 -5.38 -0.63 96.77
C TYR L 77 -3.97 -1.18 97.01
N ASN L 78 -3.90 -2.35 97.65
CA ASN L 78 -2.61 -2.98 97.98
C ASN L 78 -2.19 -4.01 96.94
N TRP L 79 -1.13 -3.73 96.20
CA TRP L 79 -0.69 -4.63 95.15
C TRP L 79 0.68 -5.24 95.44
N HIS L 80 0.97 -5.46 96.72
CA HIS L 80 2.19 -6.15 97.18
C HIS L 80 3.41 -5.24 97.22
N HIS L 81 3.69 -4.56 96.11
CA HIS L 81 4.89 -3.73 96.02
C HIS L 81 4.62 -2.31 96.48
N GLY L 82 3.41 -2.05 96.92
CA GLY L 82 3.03 -0.73 97.39
C GLY L 82 1.54 -0.50 97.19
N ALA L 83 1.13 0.76 97.28
CA ALA L 83 -0.25 1.11 97.03
C ALA L 83 -0.42 1.46 95.56
N VAL L 84 -1.60 1.17 95.02
CA VAL L 84 -1.94 1.56 93.66
C VAL L 84 -3.16 2.47 93.67
N GLN L 85 -3.07 3.57 92.95
CA GLN L 85 -4.14 4.55 92.94
C GLN L 85 -5.16 4.22 91.86
N TYR L 86 -6.42 4.18 92.22
CA TYR L 86 -7.46 3.92 91.24
C TYR L 86 -8.34 5.14 91.04
N SER L 87 -8.50 5.54 89.79
CA SER L 87 -9.34 6.66 89.43
C SER L 87 -9.94 6.43 88.06
N GLY L 88 -11.19 6.82 87.88
CA GLY L 88 -11.83 6.60 86.59
C GLY L 88 -11.86 5.12 86.28
N GLY L 89 -11.34 4.75 85.12
CA GLY L 89 -11.30 3.36 84.69
C GLY L 89 -9.89 2.77 84.71
N ARG L 90 -8.96 3.42 85.40
CA ARG L 90 -7.56 2.97 85.35
C ARG L 90 -6.89 2.90 86.72
N PHE L 91 -5.98 1.94 86.85
CA PHE L 91 -5.10 1.82 88.01
C PHE L 91 -3.75 2.45 87.70
N THR L 92 -3.18 3.18 88.65
CA THR L 92 -1.90 3.85 88.43
C THR L 92 -0.89 3.60 89.56
N ILE L 93 0.36 3.32 89.19
CA ILE L 93 1.43 3.08 90.16
C ILE L 93 2.62 4.01 89.87
N PRO L 94 3.55 4.17 90.82
CA PRO L 94 4.84 4.82 90.66
C PRO L 94 5.65 4.15 89.55
N THR L 95 6.41 4.95 88.82
CA THR L 95 7.11 4.46 87.64
C THR L 95 8.16 3.41 87.95
N GLY L 96 8.80 3.52 89.10
CA GLY L 96 9.86 2.59 89.45
C GLY L 96 9.33 1.37 90.20
N ALA L 97 8.01 1.31 90.38
CA ALA L 97 7.42 0.23 91.15
C ALA L 97 7.14 -1.00 90.29
N GLY L 98 6.90 -0.79 88.99
CA GLY L 98 6.56 -1.90 88.10
C GLY L 98 7.80 -2.59 87.55
N LYS L 99 7.63 -3.84 87.11
CA LYS L 99 8.72 -4.57 86.50
C LYS L 99 8.22 -5.84 85.80
N PRO L 100 8.93 -6.31 84.77
CA PRO L 100 8.79 -7.60 84.12
C PRO L 100 8.91 -8.75 85.09
N GLY L 101 8.10 -9.78 84.88
CA GLY L 101 8.12 -10.97 85.72
C GLY L 101 7.17 -10.85 86.91
N ASP L 102 6.57 -9.68 87.10
CA ASP L 102 5.68 -9.46 88.23
C ASP L 102 4.21 -9.75 87.90
N SER L 103 3.95 -10.11 86.65
CA SER L 103 2.59 -10.38 86.22
C SER L 103 1.99 -11.57 86.97
N GLY L 104 0.70 -11.46 87.26
CA GLY L 104 -0.03 -12.50 87.98
C GLY L 104 -0.34 -12.11 89.41
N ARG L 105 0.32 -11.07 89.91
CA ARG L 105 0.02 -10.60 91.26
C ARG L 105 -1.31 -9.83 91.29
N PRO L 106 -2.20 -10.17 92.23
CA PRO L 106 -3.50 -9.56 92.48
C PRO L 106 -3.40 -8.20 93.16
N ILE L 107 -4.44 -7.41 92.98
CA ILE L 107 -4.63 -6.15 93.69
C ILE L 107 -5.72 -6.31 94.74
N PHE L 108 -5.39 -6.02 95.99
CA PHE L 108 -6.32 -6.21 97.11
C PHE L 108 -6.93 -4.90 97.60
N ASP L 109 -8.18 -4.96 98.01
CA ASP L 109 -8.83 -3.82 98.63
C ASP L 109 -8.58 -3.81 100.13
N ASN L 110 -9.22 -2.89 100.83
CA ASN L 110 -8.97 -2.70 102.27
C ASN L 110 -9.68 -3.75 103.10
N LYS L 111 -10.38 -4.66 102.45
CA LYS L 111 -11.06 -5.76 103.12
C LYS L 111 -10.30 -7.06 102.88
N GLY L 112 -9.20 -6.97 102.14
CA GLY L 112 -8.39 -8.13 101.83
C GLY L 112 -8.91 -8.91 100.63
N ARG L 113 -9.83 -8.32 99.89
CA ARG L 113 -10.43 -8.98 98.73
C ARG L 113 -9.69 -8.63 97.45
N VAL L 114 -9.59 -9.60 96.54
CA VAL L 114 -8.96 -9.37 95.25
C VAL L 114 -9.89 -8.62 94.32
N VAL L 115 -9.35 -7.57 93.70
CA VAL L 115 -10.10 -6.75 92.78
C VAL L 115 -9.67 -6.98 91.33
N ALA L 116 -8.36 -7.09 91.13
CA ALA L 116 -7.83 -7.24 89.77
C ALA L 116 -6.47 -7.92 89.78
N ILE L 117 -6.07 -8.46 88.63
CA ILE L 117 -4.76 -9.10 88.49
C ILE L 117 -3.87 -8.38 87.48
N VAL L 118 -2.63 -8.11 87.88
CA VAL L 118 -1.71 -7.34 87.04
C VAL L 118 -1.12 -8.14 85.88
N LEU L 119 -1.23 -7.57 84.67
CA LEU L 119 -0.64 -8.15 83.48
C LEU L 119 0.58 -7.37 83.01
N GLY L 120 0.55 -6.06 83.22
CA GLY L 120 1.57 -5.17 82.68
C GLY L 120 1.24 -3.71 82.97
N GLY L 121 1.77 -2.80 82.15
CA GLY L 121 1.51 -1.38 82.37
C GLY L 121 2.14 -0.50 81.29
N ALA L 122 1.90 0.81 81.39
CA ALA L 122 2.39 1.78 80.41
C ALA L 122 3.01 2.99 81.09
N ASN L 123 4.11 3.48 80.55
CA ASN L 123 4.80 4.61 81.15
C ASN L 123 4.19 5.93 80.68
N GLU L 124 3.49 6.62 81.59
CA GLU L 124 2.77 7.84 81.26
C GLU L 124 3.55 9.08 81.66
N GLY L 125 4.82 8.89 82.04
CA GLY L 125 5.66 10.00 82.45
C GLY L 125 6.00 9.96 83.93
N ALA L 126 5.24 10.68 84.74
CA ALA L 126 5.47 10.72 86.17
C ALA L 126 4.90 9.49 86.85
N ARG L 127 4.01 8.80 86.14
CA ARG L 127 3.32 7.64 86.66
C ARG L 127 3.22 6.54 85.61
N THR L 128 3.02 5.31 86.06
CA THR L 128 2.82 4.19 85.15
C THR L 128 1.41 3.64 85.25
N ALA L 129 0.74 3.55 84.10
CA ALA L 129 -0.59 2.97 84.03
C ALA L 129 -0.48 1.48 84.25
N LEU L 130 -1.44 0.91 84.97
CA LEU L 130 -1.36 -0.51 85.27
C LEU L 130 -2.40 -1.29 84.46
N SER L 131 -1.94 -2.30 83.71
CA SER L 131 -2.81 -3.12 82.89
C SER L 131 -3.25 -4.34 83.68
N VAL L 132 -4.56 -4.46 83.90
CA VAL L 132 -5.05 -5.50 84.80
C VAL L 132 -6.23 -6.29 84.25
N VAL L 133 -6.44 -7.45 84.84
CA VAL L 133 -7.65 -8.23 84.64
C VAL L 133 -8.64 -7.93 85.76
N THR L 134 -9.86 -7.58 85.40
CA THR L 134 -10.88 -7.29 86.38
C THR L 134 -12.16 -8.00 86.04
N TRP L 135 -13.17 -7.88 86.89
CA TRP L 135 -14.44 -8.51 86.60
C TRP L 135 -15.61 -7.71 87.09
N ASN L 136 -16.75 -7.90 86.44
CA ASN L 136 -18.01 -7.35 86.88
C ASN L 136 -18.82 -8.46 87.54
N LYS L 137 -20.04 -8.17 87.92
CA LYS L 137 -20.85 -9.14 88.65
C LYS L 137 -21.13 -10.42 87.84
N ASP L 138 -21.01 -10.34 86.52
CA ASP L 138 -21.34 -11.48 85.67
C ASP L 138 -20.13 -12.15 85.02
N ILE L 139 -19.31 -11.36 84.32
CA ILE L 139 -18.18 -11.91 83.55
C ILE L 139 -16.88 -11.14 83.78
N VAL L 140 -15.78 -11.76 83.40
CA VAL L 140 -14.46 -11.14 83.47
C VAL L 140 -14.23 -10.18 82.31
N THR L 141 -13.60 -9.05 82.61
CA THR L 141 -13.26 -8.04 81.61
C THR L 141 -11.80 -7.63 81.77
N LYS L 142 -11.26 -6.92 80.79
CA LYS L 142 -9.85 -6.52 80.87
C LYS L 142 -9.67 -5.03 80.63
N ILE L 143 -8.71 -4.44 81.36
CA ILE L 143 -8.38 -3.03 81.20
C ILE L 143 -7.00 -2.89 80.56
N THR L 144 -6.95 -2.22 79.41
CA THR L 144 -5.72 -2.10 78.64
C THR L 144 -5.36 -0.64 78.36
N PRO L 145 -4.49 -0.04 79.15
CA PRO L 145 -3.93 1.29 78.99
C PRO L 145 -3.18 1.37 77.67
N GLU L 146 -3.24 2.53 77.01
CA GLU L 146 -2.56 2.69 75.74
C GLU L 146 -1.06 2.56 75.91
N GLY L 147 -0.43 1.76 75.06
CA GLY L 147 1.01 1.62 75.06
C GLY L 147 1.49 0.62 76.12
N ALA L 148 0.55 -0.07 76.75
CA ALA L 148 0.88 -1.01 77.81
C ALA L 148 1.65 -2.20 77.27
N GLU L 149 2.61 -2.69 78.06
CA GLU L 149 3.39 -3.87 77.72
C GLU L 149 3.24 -4.93 78.79
N GLU L 150 3.32 -6.19 78.39
CA GLU L 150 3.24 -7.31 79.32
C GLU L 150 4.48 -7.35 80.22
N TRP L 151 4.27 -7.67 81.50
CA TRP L 151 5.36 -7.77 82.47
C TRP L 151 5.58 -9.22 82.94
#